data_8CMY
#
_entry.id   8CMY
#
_cell.length_a   1.00
_cell.length_b   1.00
_cell.length_c   1.00
_cell.angle_alpha   90.00
_cell.angle_beta   90.00
_cell.angle_gamma   90.00
#
_symmetry.space_group_name_H-M   'P 1'
#
loop_
_entity.id
_entity.type
_entity.pdbx_description
1 polymer 'Ribulose bisphosphate carboxylase large chain'
2 polymer 'Ribulose bisphosphate carboxylase small chain'
3 non-polymer 2-CARBOXYARABINITOL-1,5-DIPHOSPHATE
4 non-polymer 'MAGNESIUM ION'
#
loop_
_entity_poly.entity_id
_entity_poly.type
_entity_poly.pdbx_seq_one_letter_code
_entity_poly.pdbx_strand_id
1 'polypeptide(L)'
;MSKKYDAGVKEYRDTYWTPDYVPLDTDLLACFKCTGQEGVPKEEVAAAVAAESSTGTWSTVWSELLVDLDFYKGRCYRIE
DVPGDKEAFYAFIAYPLDLFEEGSVTNVLTSLVGNVFGFKALRHLRLEDIRFPMAFIKTCPGPPNGICVERDRMNKYGRP
LLGCTIKPKLGLSGKNYGRVVYECLRGGLDFTKDDENINSQPFQRWQNRFEFVAEAVALAQQETGEKKGHYLNCTAATPE
EMYERAEFAKELGQPIIMHDYITGGFTANTGLSKWCRKNGMLLHIHRAMHAVIDRHPKHGIHFRVLAKCLRLSGGDQLHT
GTVVGKLEGDRQTTLGFIDQLRESFIPEDRSRGNFFDQDWGSMPGVFAVASGGIHVWHMPALVAIFGDDSVLQFGGGTHG
HPWGSAAGAAANRVALEACVKARNAGREIEKESRDILMEAAKHSPELAIALETWKEIKFEFDTVDKLDVQ
;
A,C,E,G,I,K,M,O
2 'polypeptide(L)'
;MPFKSTVGDYQTVATLETFGFLPPMTQDEIYDQIAYIIAQGWSPLIEHVHPSRSMATYWSYWKLPFFGEKDLGVIVSELE
ACHRAYPDHHVRLVGYDAYTQSQGACFVVFEGR
;
B,D,F,H,J,L,N,P
#
loop_
_chem_comp.id
_chem_comp.type
_chem_comp.name
_chem_comp.formula
CAP saccharide 2-CARBOXYARABINITOL-1,5-DIPHOSPHATE 'C6 H14 O13 P2'
MG non-polymer 'MAGNESIUM ION' 'Mg 2'
#
# COMPACT_ATOMS: atom_id res chain seq x y z
N GLU A 11 -31.36 49.22 -5.80
CA GLU A 11 -31.58 48.09 -4.91
C GLU A 11 -32.86 48.28 -4.09
N TYR A 12 -33.99 47.90 -4.68
CA TYR A 12 -35.27 47.99 -4.01
C TYR A 12 -35.93 46.62 -4.00
N ARG A 13 -35.38 45.69 -4.76
CA ARG A 13 -35.91 44.34 -4.91
C ARG A 13 -37.32 44.36 -5.53
N ASP A 14 -38.12 43.37 -5.20
CA ASP A 14 -39.38 43.00 -5.86
C ASP A 14 -39.13 42.40 -7.23
N THR A 15 -37.88 42.34 -7.69
CA THR A 15 -37.49 41.54 -8.83
C THR A 15 -37.23 40.09 -8.46
N TYR A 16 -37.11 39.80 -7.17
CA TYR A 16 -37.10 38.44 -6.64
C TYR A 16 -38.50 37.97 -6.27
N TRP A 17 -39.49 38.85 -6.38
CA TRP A 17 -40.88 38.55 -6.08
C TRP A 17 -41.64 38.49 -7.41
N THR A 18 -41.91 37.27 -7.86
CA THR A 18 -42.67 37.02 -9.09
C THR A 18 -43.91 36.22 -8.73
N PRO A 19 -45.08 36.86 -8.61
CA PRO A 19 -46.29 36.11 -8.25
C PRO A 19 -46.86 35.29 -9.39
N ASP A 20 -46.14 35.17 -10.51
CA ASP A 20 -46.59 34.41 -11.67
C ASP A 20 -45.73 33.20 -11.97
N TYR A 21 -44.58 33.06 -11.33
CA TYR A 21 -43.67 31.95 -11.62
C TYR A 21 -44.31 30.62 -11.25
N VAL A 22 -44.13 29.63 -12.12
CA VAL A 22 -44.63 28.28 -11.88
C VAL A 22 -43.45 27.40 -11.49
N PRO A 23 -43.45 26.83 -10.28
CA PRO A 23 -42.30 26.03 -9.84
C PRO A 23 -42.08 24.83 -10.76
N LEU A 24 -40.81 24.54 -11.03
CA LEU A 24 -40.45 23.38 -11.83
C LEU A 24 -40.36 22.15 -10.95
N ASP A 25 -40.45 20.97 -11.57
CA ASP A 25 -40.24 19.72 -10.88
C ASP A 25 -38.77 19.45 -10.57
N THR A 26 -37.87 20.22 -11.16
CA THR A 26 -36.46 20.19 -10.80
C THR A 26 -36.11 21.22 -9.75
N ASP A 27 -37.04 22.12 -9.41
CA ASP A 27 -36.79 23.13 -8.40
C ASP A 27 -36.83 22.51 -7.00
N LEU A 28 -36.13 23.16 -6.08
CA LEU A 28 -36.14 22.79 -4.66
C LEU A 28 -36.87 23.89 -3.91
N LEU A 29 -38.16 23.67 -3.65
CA LEU A 29 -39.01 24.70 -3.06
C LEU A 29 -38.68 24.92 -1.59
N ALA A 30 -39.26 25.97 -1.02
CA ALA A 30 -38.97 26.36 0.35
C ALA A 30 -40.22 26.94 0.99
N CYS A 31 -40.28 26.84 2.31
CA CYS A 31 -41.33 27.48 3.11
C CYS A 31 -40.68 28.18 4.29
N PHE A 32 -41.14 29.40 4.56
CA PHE A 32 -40.58 30.22 5.64
C PHE A 32 -41.70 30.92 6.38
N LYS A 33 -41.71 30.79 7.71
CA LYS A 33 -42.61 31.53 8.58
C LYS A 33 -41.84 32.73 9.11
N CYS A 34 -42.07 33.90 8.54
CA CYS A 34 -41.25 35.07 8.79
C CYS A 34 -42.11 36.22 9.29
N THR A 35 -41.43 37.21 9.87
CA THR A 35 -42.05 38.45 10.32
C THR A 35 -41.04 39.57 10.17
N GLY A 36 -41.32 40.53 9.30
CA GLY A 36 -40.41 41.60 8.98
C GLY A 36 -40.62 42.83 9.85
N GLN A 37 -40.06 43.94 9.36
CA GLN A 37 -40.19 45.21 10.07
C GLN A 37 -41.63 45.70 10.03
N GLU A 38 -41.94 46.63 10.93
CA GLU A 38 -43.29 47.15 11.04
C GLU A 38 -43.54 48.20 9.97
N GLY A 39 -44.44 47.89 9.04
CA GLY A 39 -44.82 48.85 8.02
C GLY A 39 -44.48 48.45 6.60
N VAL A 40 -43.40 47.70 6.43
CA VAL A 40 -42.96 47.33 5.08
C VAL A 40 -43.97 46.37 4.45
N PRO A 41 -44.17 46.41 3.15
CA PRO A 41 -45.07 45.43 2.51
C PRO A 41 -44.55 44.01 2.69
N LYS A 42 -45.49 43.08 2.80
CA LYS A 42 -45.14 41.67 2.97
C LYS A 42 -44.36 41.12 1.78
N GLU A 43 -44.61 41.66 0.58
CA GLU A 43 -43.85 41.22 -0.59
C GLU A 43 -42.41 41.71 -0.53
N GLU A 44 -42.19 42.94 -0.04
CA GLU A 44 -40.85 43.48 0.01
C GLU A 44 -39.94 42.65 0.92
N VAL A 45 -40.42 42.31 2.11
CA VAL A 45 -39.63 41.47 3.00
C VAL A 45 -39.47 40.06 2.43
N ALA A 46 -40.51 39.54 1.76
CA ALA A 46 -40.36 38.25 1.08
C ALA A 46 -39.33 38.33 -0.04
N ALA A 47 -39.31 39.42 -0.79
CA ALA A 47 -38.30 39.60 -1.82
C ALA A 47 -36.91 39.67 -1.20
N ALA A 48 -36.76 40.34 -0.07
CA ALA A 48 -35.48 40.38 0.61
C ALA A 48 -35.03 39.00 1.08
N VAL A 49 -35.96 38.21 1.62
CA VAL A 49 -35.62 36.85 2.03
C VAL A 49 -35.19 36.01 0.84
N ALA A 50 -35.92 36.12 -0.27
CA ALA A 50 -35.57 35.35 -1.46
C ALA A 50 -34.21 35.77 -2.00
N ALA A 51 -33.91 37.07 -1.97
CA ALA A 51 -32.64 37.54 -2.50
C ALA A 51 -31.48 37.14 -1.62
N GLU A 52 -31.62 37.32 -0.31
CA GLU A 52 -30.52 37.09 0.62
C GLU A 52 -30.12 35.62 0.72
N SER A 53 -31.04 34.69 0.43
CA SER A 53 -30.77 33.27 0.57
C SER A 53 -30.25 32.64 -0.72
N SER A 54 -30.31 33.35 -1.83
CA SER A 54 -29.91 32.78 -3.12
C SER A 54 -28.62 33.42 -3.63
N THR A 55 -28.61 34.75 -3.73
CA THR A 55 -27.46 35.46 -4.27
C THR A 55 -27.00 36.62 -3.40
N GLY A 56 -27.90 37.27 -2.67
CA GLY A 56 -27.54 38.47 -1.95
C GLY A 56 -27.15 39.59 -2.88
N THR A 57 -28.13 40.10 -3.63
CA THR A 57 -27.90 41.01 -4.75
C THR A 57 -29.10 41.95 -4.83
N TRP A 58 -28.93 43.07 -5.53
CA TRP A 58 -27.78 43.53 -6.32
C TRP A 58 -27.04 44.71 -5.72
N SER A 59 -25.71 44.64 -5.76
CA SER A 59 -24.87 45.81 -5.59
C SER A 59 -24.69 46.49 -6.95
N THR A 60 -23.75 47.41 -7.07
CA THR A 60 -23.46 48.08 -8.33
C THR A 60 -22.03 47.70 -8.74
N VAL A 61 -21.90 46.57 -9.44
CA VAL A 61 -20.61 46.04 -9.84
C VAL A 61 -20.64 45.71 -11.31
N TRP A 62 -19.52 45.99 -11.99
CA TRP A 62 -19.37 45.58 -13.39
C TRP A 62 -19.38 44.06 -13.52
N SER A 63 -18.77 43.36 -12.57
CA SER A 63 -18.67 41.90 -12.65
C SER A 63 -20.03 41.23 -12.50
N GLU A 64 -21.03 41.94 -11.97
CA GLU A 64 -22.36 41.37 -11.79
C GLU A 64 -23.17 41.36 -13.07
N LEU A 65 -22.53 41.57 -14.23
CA LEU A 65 -23.19 41.61 -15.52
C LEU A 65 -22.59 40.63 -16.50
N LEU A 66 -21.47 39.99 -16.16
CA LEU A 66 -20.85 38.96 -16.96
C LEU A 66 -21.72 37.72 -17.11
N VAL A 67 -22.66 37.48 -16.20
CA VAL A 67 -23.41 36.24 -16.14
C VAL A 67 -24.90 36.56 -16.07
N ASP A 68 -25.70 35.78 -16.79
CA ASP A 68 -27.16 35.92 -16.76
C ASP A 68 -27.65 35.41 -15.41
N LEU A 69 -27.82 36.33 -14.46
CA LEU A 69 -28.26 35.99 -13.11
C LEU A 69 -29.75 35.70 -13.04
N ASP A 70 -30.51 35.98 -14.10
CA ASP A 70 -31.94 35.69 -14.11
C ASP A 70 -32.24 34.20 -14.02
N PHE A 71 -31.30 33.34 -14.37
CA PHE A 71 -31.48 31.90 -14.23
C PHE A 71 -31.02 31.38 -12.88
N TYR A 72 -29.96 31.96 -12.32
CA TYR A 72 -29.41 31.55 -11.04
C TYR A 72 -30.17 32.14 -9.86
N LYS A 73 -31.01 33.14 -10.08
CA LYS A 73 -31.75 33.76 -9.01
C LYS A 73 -32.95 32.91 -8.60
N GLY A 74 -33.14 32.75 -7.29
CA GLY A 74 -34.29 32.06 -6.75
C GLY A 74 -35.39 33.04 -6.39
N ARG A 75 -36.60 32.73 -6.82
CA ARG A 75 -37.73 33.65 -6.72
C ARG A 75 -38.84 33.04 -5.88
N CYS A 76 -39.68 33.92 -5.33
CA CYS A 76 -40.82 33.54 -4.50
C CYS A 76 -42.09 33.78 -5.30
N TYR A 77 -42.98 32.78 -5.33
CA TYR A 77 -44.19 32.87 -6.12
C TYR A 77 -45.47 32.98 -5.30
N ARG A 78 -45.44 32.59 -4.03
CA ARG A 78 -46.67 32.54 -3.24
C ARG A 78 -46.43 33.14 -1.87
N ILE A 79 -47.43 33.88 -1.38
CA ILE A 79 -47.43 34.43 -0.03
C ILE A 79 -48.71 33.97 0.65
N GLU A 80 -48.58 33.32 1.81
CA GLU A 80 -49.72 32.81 2.55
C GLU A 80 -49.69 33.35 3.98
N ASP A 81 -50.86 33.73 4.47
CA ASP A 81 -51.01 34.32 5.79
C ASP A 81 -51.01 33.23 6.85
N VAL A 82 -50.28 33.46 7.93
CA VAL A 82 -50.24 32.50 9.04
C VAL A 82 -51.54 32.57 9.81
N PRO A 83 -52.22 31.46 10.07
CA PRO A 83 -53.46 31.49 10.86
C PRO A 83 -53.15 31.61 12.34
N GLY A 84 -53.97 32.38 13.05
CA GLY A 84 -53.75 32.64 14.46
C GLY A 84 -52.82 33.79 14.76
N ASP A 85 -52.25 34.43 13.74
CA ASP A 85 -51.33 35.54 13.92
C ASP A 85 -51.48 36.49 12.75
N LYS A 86 -51.02 37.73 12.93
CA LYS A 86 -51.17 38.77 11.92
C LYS A 86 -49.86 39.18 11.28
N GLU A 87 -48.80 39.40 12.07
CA GLU A 87 -47.54 39.87 11.51
C GLU A 87 -46.71 38.75 10.89
N ALA A 88 -47.15 37.50 11.00
CA ALA A 88 -46.44 36.37 10.41
C ALA A 88 -47.10 35.97 9.10
N PHE A 89 -46.29 35.37 8.22
CA PHE A 89 -46.77 34.91 6.93
C PHE A 89 -45.87 33.79 6.44
N TYR A 90 -46.40 33.00 5.52
CA TYR A 90 -45.67 31.89 4.91
C TYR A 90 -45.16 32.32 3.55
N ALA A 91 -43.84 32.22 3.36
CA ALA A 91 -43.18 32.61 2.12
C ALA A 91 -42.68 31.34 1.43
N PHE A 92 -43.05 31.17 0.17
CA PHE A 92 -42.66 30.01 -0.61
C PHE A 92 -41.73 30.44 -1.73
N ILE A 93 -40.50 29.94 -1.71
CA ILE A 93 -39.45 30.35 -2.64
C ILE A 93 -38.97 29.13 -3.41
N ALA A 94 -38.84 29.30 -4.72
CA ALA A 94 -38.33 28.24 -5.60
C ALA A 94 -36.88 28.52 -5.95
N TYR A 95 -36.07 27.46 -5.97
CA TYR A 95 -34.66 27.56 -6.26
C TYR A 95 -34.30 26.62 -7.41
N PRO A 96 -33.50 27.06 -8.37
CA PRO A 96 -33.01 26.15 -9.41
C PRO A 96 -32.12 25.07 -8.83
N LEU A 97 -32.18 23.89 -9.45
CA LEU A 97 -31.36 22.76 -9.02
C LEU A 97 -29.87 22.98 -9.26
N ASP A 98 -29.50 23.91 -10.14
CA ASP A 98 -28.11 24.14 -10.48
C ASP A 98 -27.31 24.79 -9.36
N LEU A 99 -27.96 25.48 -8.43
CA LEU A 99 -27.25 26.22 -7.40
C LEU A 99 -26.63 25.33 -6.33
N PHE A 100 -26.96 24.04 -6.30
CA PHE A 100 -26.51 23.15 -5.24
C PHE A 100 -25.78 21.96 -5.84
N GLU A 101 -24.78 21.48 -5.09
CA GLU A 101 -24.05 20.27 -5.47
C GLU A 101 -24.94 19.04 -5.33
N GLU A 102 -24.73 18.07 -6.22
CA GLU A 102 -25.54 16.87 -6.22
C GLU A 102 -24.95 15.84 -5.26
N GLY A 103 -25.81 15.19 -4.48
CA GLY A 103 -25.34 14.21 -3.53
C GLY A 103 -24.65 14.78 -2.32
N SER A 104 -24.86 16.05 -2.01
CA SER A 104 -24.23 16.72 -0.88
C SER A 104 -25.29 17.42 -0.05
N VAL A 105 -25.66 16.81 1.08
CA VAL A 105 -26.59 17.46 2.01
C VAL A 105 -25.98 18.68 2.68
N THR A 106 -24.65 18.77 2.75
CA THR A 106 -24.01 19.92 3.38
C THR A 106 -24.26 21.20 2.60
N ASN A 107 -24.19 21.14 1.27
CA ASN A 107 -24.24 22.35 0.45
C ASN A 107 -25.58 23.07 0.56
N VAL A 108 -26.68 22.31 0.55
CA VAL A 108 -28.00 22.94 0.55
C VAL A 108 -28.23 23.73 1.85
N LEU A 109 -27.82 23.18 2.99
CA LEU A 109 -28.04 23.85 4.26
C LEU A 109 -27.25 25.15 4.37
N THR A 110 -25.97 25.12 4.00
CA THR A 110 -25.16 26.34 4.10
C THR A 110 -25.56 27.36 3.03
N SER A 111 -26.07 26.89 1.89
CA SER A 111 -26.47 27.81 0.84
C SER A 111 -27.80 28.48 1.17
N LEU A 112 -28.71 27.75 1.82
CA LEU A 112 -30.05 28.26 2.05
C LEU A 112 -30.09 29.17 3.28
N VAL A 113 -29.78 28.61 4.45
CA VAL A 113 -29.98 29.31 5.71
C VAL A 113 -28.65 29.88 6.22
N GLY A 114 -27.60 29.76 5.41
CA GLY A 114 -26.29 30.22 5.85
C GLY A 114 -26.21 31.70 6.14
N ASN A 115 -26.94 32.51 5.37
CA ASN A 115 -26.85 33.97 5.51
C ASN A 115 -28.17 34.65 5.83
N VAL A 116 -29.31 34.11 5.42
CA VAL A 116 -30.59 34.79 5.60
C VAL A 116 -30.90 35.02 7.08
N PHE A 117 -30.54 34.07 7.95
CA PHE A 117 -30.75 34.27 9.38
C PHE A 117 -29.96 35.45 9.93
N GLY A 118 -28.83 35.79 9.32
CA GLY A 118 -28.02 36.90 9.78
C GLY A 118 -28.48 38.25 9.27
N PHE A 119 -29.48 38.26 8.40
CA PHE A 119 -29.98 39.50 7.83
C PHE A 119 -30.66 40.34 8.91
N LYS A 120 -30.47 41.65 8.84
CA LYS A 120 -30.84 42.54 9.94
C LYS A 120 -32.32 42.89 9.98
N ALA A 121 -32.96 43.01 8.81
CA ALA A 121 -34.35 43.46 8.78
C ALA A 121 -35.35 42.40 9.25
N LEU A 122 -34.91 41.16 9.44
CA LEU A 122 -35.79 40.08 9.86
C LEU A 122 -35.72 39.91 11.37
N ARG A 123 -36.82 40.25 12.05
CA ARG A 123 -36.90 40.03 13.49
C ARG A 123 -37.06 38.54 13.82
N HIS A 124 -37.91 37.84 13.07
CA HIS A 124 -38.14 36.42 13.28
C HIS A 124 -38.10 35.71 11.94
N LEU A 125 -37.38 34.60 11.87
CA LEU A 125 -37.29 33.79 10.67
C LEU A 125 -37.23 32.32 11.06
N ARG A 126 -38.10 31.52 10.47
CA ARG A 126 -38.23 30.11 10.82
C ARG A 126 -38.41 29.30 9.56
N LEU A 127 -37.46 28.42 9.27
CA LEU A 127 -37.57 27.53 8.12
C LEU A 127 -38.39 26.30 8.52
N GLU A 128 -39.52 26.11 7.84
CA GLU A 128 -40.49 25.07 8.21
C GLU A 128 -40.35 23.81 7.37
N ASP A 129 -40.46 23.92 6.05
CA ASP A 129 -40.43 22.75 5.18
C ASP A 129 -39.59 23.06 3.96
N ILE A 130 -39.02 22.00 3.39
CA ILE A 130 -38.23 22.09 2.16
C ILE A 130 -38.67 20.96 1.25
N ARG A 131 -39.01 21.28 0.01
CA ARG A 131 -39.44 20.29 -0.97
C ARG A 131 -38.21 19.69 -1.63
N PHE A 132 -38.12 18.35 -1.62
CA PHE A 132 -36.93 17.83 -2.29
C PHE A 132 -37.30 17.34 -3.70
N PRO A 133 -36.63 17.83 -4.73
CA PRO A 133 -36.85 17.29 -6.08
C PRO A 133 -36.20 15.93 -6.24
N MET A 134 -36.87 15.08 -7.02
CA MET A 134 -36.43 13.71 -7.20
C MET A 134 -35.03 13.64 -7.81
N ALA A 135 -34.70 14.56 -8.72
CA ALA A 135 -33.36 14.58 -9.33
C ALA A 135 -32.28 14.76 -8.28
N PHE A 136 -32.51 15.61 -7.29
CA PHE A 136 -31.58 15.78 -6.18
C PHE A 136 -31.58 14.58 -5.25
N ILE A 137 -32.75 13.96 -5.06
CA ILE A 137 -32.85 12.81 -4.17
C ILE A 137 -32.03 11.64 -4.69
N LYS A 138 -32.12 11.36 -5.99
CA LYS A 138 -31.43 10.21 -6.56
C LYS A 138 -29.91 10.31 -6.52
N THR A 139 -29.36 11.52 -6.38
CA THR A 139 -27.91 11.68 -6.33
C THR A 139 -27.31 11.27 -4.99
N CYS A 140 -28.04 11.42 -3.90
CA CYS A 140 -27.55 11.12 -2.57
C CYS A 140 -27.57 9.61 -2.32
N PRO A 141 -26.71 9.13 -1.42
CA PRO A 141 -26.68 7.68 -1.16
C PRO A 141 -27.90 7.18 -0.41
N GLY A 142 -28.36 7.92 0.60
CA GLY A 142 -29.52 7.51 1.36
C GLY A 142 -29.20 6.51 2.45
N PRO A 143 -30.23 6.01 3.13
CA PRO A 143 -30.02 5.06 4.23
C PRO A 143 -29.31 3.81 3.74
N PRO A 144 -28.43 3.23 4.57
CA PRO A 144 -27.70 2.03 4.13
C PRO A 144 -28.59 0.81 3.97
N ASN A 145 -29.42 0.49 4.97
CA ASN A 145 -30.23 -0.72 4.91
C ASN A 145 -31.72 -0.39 4.82
N GLY A 146 -32.23 0.37 5.77
CA GLY A 146 -33.64 0.68 5.84
C GLY A 146 -34.39 -0.27 6.76
N ILE A 147 -35.69 0.00 6.88
CA ILE A 147 -36.53 -0.76 7.81
C ILE A 147 -36.65 -2.22 7.35
N CYS A 148 -37.00 -2.43 6.08
CA CYS A 148 -37.22 -3.78 5.59
C CYS A 148 -35.95 -4.62 5.64
N VAL A 149 -34.82 -4.05 5.21
CA VAL A 149 -33.56 -4.78 5.30
C VAL A 149 -33.17 -5.04 6.74
N GLU A 150 -33.43 -4.10 7.64
CA GLU A 150 -33.13 -4.33 9.06
C GLU A 150 -33.92 -5.52 9.59
N ARG A 151 -35.22 -5.57 9.30
CA ARG A 151 -36.02 -6.71 9.74
C ARG A 151 -35.56 -7.99 9.09
N ASP A 152 -35.13 -7.94 7.82
CA ASP A 152 -34.66 -9.14 7.15
C ASP A 152 -33.38 -9.68 7.79
N ARG A 153 -32.43 -8.80 8.08
CA ARG A 153 -31.16 -9.24 8.66
C ARG A 153 -31.29 -9.58 10.14
N MET A 154 -32.33 -9.08 10.82
CA MET A 154 -32.51 -9.35 12.23
C MET A 154 -33.60 -10.37 12.52
N ASN A 155 -34.45 -10.69 11.54
CA ASN A 155 -35.53 -11.67 11.70
C ASN A 155 -36.50 -11.26 12.80
N LYS A 156 -36.86 -9.99 12.82
CA LYS A 156 -37.90 -9.45 13.69
C LYS A 156 -39.03 -8.93 12.82
N TYR A 157 -40.19 -9.58 12.90
CA TYR A 157 -41.32 -9.23 12.05
C TYR A 157 -42.56 -8.96 12.90
N GLY A 158 -43.30 -7.91 12.53
CA GLY A 158 -44.62 -7.68 13.05
C GLY A 158 -44.71 -7.07 14.43
N ARG A 159 -43.59 -6.73 15.06
CA ARG A 159 -43.64 -6.14 16.40
C ARG A 159 -42.57 -5.06 16.50
N PRO A 160 -42.79 -4.03 17.29
CA PRO A 160 -41.73 -3.07 17.58
C PRO A 160 -40.61 -3.71 18.39
N LEU A 161 -39.41 -3.19 18.20
CA LEU A 161 -38.24 -3.71 18.88
C LEU A 161 -38.06 -3.05 20.24
N LEU A 162 -37.15 -3.60 21.04
CA LEU A 162 -36.96 -3.18 22.43
C LEU A 162 -35.53 -2.70 22.63
N GLY A 163 -35.40 -1.54 23.28
CA GLY A 163 -34.09 -0.98 23.56
C GLY A 163 -34.05 -0.33 24.92
N CYS A 164 -32.84 0.01 25.35
CA CYS A 164 -32.62 0.64 26.64
C CYS A 164 -31.30 1.36 26.63
N THR A 165 -31.10 2.22 27.63
CA THR A 165 -29.85 2.95 27.83
C THR A 165 -29.25 2.52 29.16
N ILE A 166 -27.97 2.14 29.13
CA ILE A 166 -27.31 1.61 30.32
C ILE A 166 -27.09 2.74 31.33
N LYS A 167 -27.38 2.46 32.60
CA LYS A 167 -27.08 3.36 33.69
C LYS A 167 -26.31 2.62 34.78
N PRO A 168 -25.42 3.30 35.50
CA PRO A 168 -25.06 4.72 35.40
C PRO A 168 -24.24 5.04 34.16
N LYS A 169 -24.43 6.23 33.59
CA LYS A 169 -23.66 6.62 32.42
C LYS A 169 -22.21 6.94 32.79
N LEU A 170 -21.96 7.24 34.07
CA LEU A 170 -20.63 7.58 34.56
C LEU A 170 -20.15 6.50 35.53
N GLY A 171 -18.99 5.93 35.24
CA GLY A 171 -18.27 5.18 36.25
C GLY A 171 -17.90 3.74 35.95
N LEU A 172 -18.78 3.01 35.25
CA LEU A 172 -18.58 1.58 35.09
C LEU A 172 -17.35 1.29 34.24
N SER A 173 -16.54 0.34 34.70
CA SER A 173 -15.36 -0.08 33.96
C SER A 173 -15.75 -0.96 32.78
N GLY A 174 -14.73 -1.47 32.09
CA GLY A 174 -14.98 -2.30 30.91
C GLY A 174 -15.72 -3.58 31.23
N LYS A 175 -15.30 -4.30 32.26
CA LYS A 175 -15.95 -5.55 32.63
C LYS A 175 -17.34 -5.32 33.23
N ASN A 176 -17.47 -4.32 34.10
CA ASN A 176 -18.77 -4.04 34.70
C ASN A 176 -19.78 -3.55 33.67
N TYR A 177 -19.32 -2.81 32.67
CA TYR A 177 -20.22 -2.36 31.61
C TYR A 177 -20.83 -3.56 30.88
N GLY A 178 -19.99 -4.54 30.53
CA GLY A 178 -20.50 -5.76 29.93
C GLY A 178 -21.39 -6.56 30.87
N ARG A 179 -21.06 -6.56 32.16
CA ARG A 179 -21.87 -7.27 33.14
C ARG A 179 -23.28 -6.70 33.20
N VAL A 180 -23.40 -5.37 33.22
CA VAL A 180 -24.73 -4.76 33.20
C VAL A 180 -25.41 -4.95 31.85
N VAL A 181 -24.65 -4.89 30.76
CA VAL A 181 -25.24 -5.08 29.43
C VAL A 181 -25.82 -6.50 29.30
N TYR A 182 -25.09 -7.50 29.78
CA TYR A 182 -25.52 -8.89 29.62
C TYR A 182 -26.84 -9.16 30.32
N GLU A 183 -27.04 -8.60 31.51
CA GLU A 183 -28.26 -8.87 32.28
C GLU A 183 -29.50 -8.38 31.55
N CYS A 184 -29.43 -7.21 30.91
CA CYS A 184 -30.60 -6.67 30.23
C CYS A 184 -30.91 -7.45 28.95
N LEU A 185 -29.88 -7.86 28.21
CA LEU A 185 -30.10 -8.54 26.94
C LEU A 185 -30.80 -9.88 27.14
N ARG A 186 -30.37 -10.65 28.14
CA ARG A 186 -30.94 -11.98 28.37
C ARG A 186 -32.31 -11.95 29.01
N GLY A 187 -32.85 -10.78 29.31
CA GLY A 187 -34.14 -10.70 29.97
C GLY A 187 -35.30 -10.47 29.04
N GLY A 188 -35.03 -10.20 27.77
CA GLY A 188 -36.08 -9.99 26.80
C GLY A 188 -35.81 -8.87 25.80
N LEU A 189 -34.95 -7.93 26.17
CA LEU A 189 -34.61 -6.85 25.25
C LEU A 189 -33.67 -7.36 24.16
N ASP A 190 -33.56 -6.57 23.08
CA ASP A 190 -32.64 -6.89 22.00
C ASP A 190 -31.72 -5.74 21.61
N PHE A 191 -31.88 -4.56 22.21
CA PHE A 191 -31.01 -3.44 21.96
C PHE A 191 -30.62 -2.78 23.27
N THR A 192 -29.34 -2.40 23.36
CA THR A 192 -28.83 -1.61 24.47
C THR A 192 -27.99 -0.48 23.90
N LYS A 193 -28.21 0.73 24.43
CA LYS A 193 -27.65 1.94 23.83
C LYS A 193 -26.48 2.45 24.65
N ASP A 194 -25.36 2.68 23.98
CA ASP A 194 -24.28 3.47 24.57
C ASP A 194 -24.73 4.92 24.67
N ASP A 195 -24.49 5.53 25.82
CA ASP A 195 -24.92 6.90 26.00
C ASP A 195 -24.02 7.85 25.20
N GLU A 196 -24.58 9.03 24.87
CA GLU A 196 -23.92 9.94 23.95
C GLU A 196 -22.67 10.58 24.57
N ASN A 197 -22.57 10.61 25.90
CA ASN A 197 -21.42 11.23 26.54
C ASN A 197 -20.16 10.38 26.43
N ILE A 198 -20.32 9.06 26.28
CA ILE A 198 -19.18 8.15 26.28
C ILE A 198 -18.64 8.04 24.86
N ASN A 199 -17.43 8.52 24.64
CA ASN A 199 -16.72 8.28 23.39
C ASN A 199 -15.49 7.42 23.67
N SER A 200 -14.61 7.94 24.54
CA SER A 200 -13.54 7.16 25.15
C SER A 200 -13.10 7.85 26.42
N GLN A 201 -13.59 7.39 27.57
CA GLN A 201 -13.37 8.13 28.79
C GLN A 201 -12.14 7.64 29.53
N PRO A 202 -11.52 8.49 30.37
CA PRO A 202 -10.34 8.04 31.13
C PRO A 202 -10.61 6.84 32.01
N PHE A 203 -11.82 6.73 32.57
CA PHE A 203 -12.17 5.60 33.41
C PHE A 203 -12.65 4.39 32.62
N GLN A 204 -12.81 4.52 31.31
CA GLN A 204 -13.26 3.41 30.48
C GLN A 204 -12.80 3.59 29.04
N ARG A 205 -11.75 2.88 28.65
CA ARG A 205 -11.23 2.98 27.29
C ARG A 205 -12.19 2.31 26.30
N TRP A 206 -12.20 2.86 25.08
CA TRP A 206 -13.08 2.32 24.05
C TRP A 206 -12.59 0.97 23.53
N GLN A 207 -11.29 0.71 23.60
CA GLN A 207 -10.76 -0.59 23.19
C GLN A 207 -11.12 -1.70 24.17
N ASN A 208 -11.49 -1.35 25.41
CA ASN A 208 -11.98 -2.33 26.36
C ASN A 208 -13.50 -2.34 26.44
N ARG A 209 -14.13 -1.20 26.15
CA ARG A 209 -15.59 -1.14 26.12
C ARG A 209 -16.15 -2.02 25.01
N PHE A 210 -15.53 -1.98 23.82
CA PHE A 210 -16.04 -2.75 22.69
C PHE A 210 -15.91 -4.25 22.92
N GLU A 211 -14.77 -4.68 23.47
CA GLU A 211 -14.49 -6.11 23.56
C GLU A 211 -15.36 -6.82 24.59
N PHE A 212 -15.52 -6.23 25.79
CA PHE A 212 -16.37 -6.85 26.79
C PHE A 212 -17.84 -6.83 26.42
N VAL A 213 -18.31 -5.80 25.72
CA VAL A 213 -19.70 -5.78 25.27
C VAL A 213 -19.95 -6.93 24.29
N ALA A 214 -18.97 -7.26 23.46
CA ALA A 214 -19.12 -8.35 22.52
C ALA A 214 -19.34 -9.69 23.22
N GLU A 215 -18.63 -9.95 24.31
CA GLU A 215 -18.86 -11.15 25.10
C GLU A 215 -20.26 -11.20 25.69
N ALA A 216 -20.77 -10.07 26.19
CA ALA A 216 -22.16 -10.02 26.64
C ALA A 216 -23.13 -10.26 25.49
N VAL A 217 -22.86 -9.68 24.32
CA VAL A 217 -23.70 -9.93 23.16
C VAL A 217 -23.59 -11.39 22.72
N ALA A 218 -22.37 -11.92 22.67
CA ALA A 218 -22.16 -13.29 22.21
C ALA A 218 -22.82 -14.32 23.12
N LEU A 219 -22.73 -14.14 24.44
CA LEU A 219 -23.32 -15.10 25.37
C LEU A 219 -24.84 -15.00 25.45
N ALA A 220 -25.40 -13.79 25.39
CA ALA A 220 -26.84 -13.62 25.45
C ALA A 220 -27.54 -14.01 24.16
N GLN A 221 -26.88 -13.86 23.01
CA GLN A 221 -27.47 -14.27 21.75
C GLN A 221 -27.67 -15.77 21.69
N GLN A 222 -26.69 -16.55 22.18
CA GLN A 222 -26.78 -18.00 22.12
C GLN A 222 -27.81 -18.57 23.10
N GLU A 223 -27.85 -18.04 24.34
CA GLU A 223 -28.71 -18.61 25.36
C GLU A 223 -30.20 -18.42 25.05
N THR A 224 -30.61 -17.21 24.70
CA THR A 224 -32.02 -16.91 24.48
C THR A 224 -32.56 -17.48 23.17
N GLY A 225 -31.69 -17.73 22.20
CA GLY A 225 -32.13 -18.16 20.89
C GLY A 225 -32.62 -17.06 20.00
N GLU A 226 -32.20 -15.82 20.24
CA GLU A 226 -32.60 -14.68 19.43
C GLU A 226 -31.36 -13.91 18.98
N LYS A 227 -31.56 -12.99 18.06
CA LYS A 227 -30.48 -12.12 17.60
C LYS A 227 -30.56 -10.77 18.29
N LYS A 228 -29.47 -10.39 18.94
CA LYS A 228 -29.42 -9.18 19.74
C LYS A 228 -28.23 -8.32 19.30
N GLY A 229 -28.34 -7.02 19.57
CA GLY A 229 -27.30 -6.08 19.20
C GLY A 229 -27.14 -5.02 20.27
N HIS A 230 -26.13 -4.17 20.06
CA HIS A 230 -25.82 -3.10 21.00
C HIS A 230 -25.15 -1.96 20.23
N TYR A 231 -25.77 -0.79 20.26
CA TYR A 231 -25.21 0.37 19.58
C TYR A 231 -23.89 0.77 20.23
N LEU A 232 -22.80 0.67 19.48
CA LEU A 232 -21.50 1.12 19.95
C LEU A 232 -21.25 2.54 19.46
N ASN A 233 -20.92 3.43 20.39
CA ASN A 233 -20.70 4.84 20.07
C ASN A 233 -19.40 4.98 19.28
N CYS A 234 -19.51 5.32 18.00
CA CYS A 234 -18.35 5.52 17.14
C CYS A 234 -18.08 7.01 16.89
N THR A 235 -18.72 7.90 17.65
CA THR A 235 -18.45 9.32 17.50
C THR A 235 -17.04 9.64 17.97
N ALA A 236 -16.37 10.53 17.25
CA ALA A 236 -15.00 10.91 17.57
C ALA A 236 -14.77 12.33 17.07
N ALA A 237 -13.62 12.89 17.42
CA ALA A 237 -13.27 14.24 16.99
C ALA A 237 -12.47 14.27 15.69
N THR A 238 -12.14 13.11 15.14
CA THR A 238 -11.36 13.00 13.92
C THR A 238 -11.94 11.88 13.06
N PRO A 239 -12.13 12.12 11.77
CA PRO A 239 -12.68 11.07 10.90
C PRO A 239 -11.82 9.82 10.83
N GLU A 240 -10.51 9.93 11.05
CA GLU A 240 -9.66 8.74 11.05
C GLU A 240 -9.97 7.83 12.24
N GLU A 241 -10.20 8.41 13.42
CA GLU A 241 -10.54 7.62 14.58
C GLU A 241 -11.91 6.96 14.44
N MET A 242 -12.88 7.67 13.86
CA MET A 242 -14.23 7.15 13.73
C MET A 242 -14.26 5.89 12.88
N TYR A 243 -13.53 5.90 11.76
CA TYR A 243 -13.45 4.71 10.92
C TYR A 243 -12.77 3.57 11.64
N GLU A 244 -11.78 3.87 12.48
CA GLU A 244 -11.13 2.82 13.26
C GLU A 244 -12.11 2.16 14.21
N ARG A 245 -12.94 2.96 14.90
CA ARG A 245 -13.96 2.39 15.79
C ARG A 245 -14.97 1.58 15.01
N ALA A 246 -15.39 2.07 13.84
CA ALA A 246 -16.35 1.32 13.03
C ALA A 246 -15.78 -0.02 12.58
N GLU A 247 -14.51 -0.04 12.15
CA GLU A 247 -13.88 -1.27 11.73
C GLU A 247 -13.65 -2.23 12.89
N PHE A 248 -13.33 -1.70 14.08
CA PHE A 248 -13.21 -2.56 15.25
C PHE A 248 -14.55 -3.18 15.62
N ALA A 249 -15.63 -2.40 15.52
CA ALA A 249 -16.95 -2.95 15.76
C ALA A 249 -17.30 -4.02 14.73
N LYS A 250 -16.96 -3.80 13.46
CA LYS A 250 -17.22 -4.80 12.44
C LYS A 250 -16.42 -6.08 12.68
N GLU A 251 -15.15 -5.96 13.08
CA GLU A 251 -14.31 -7.13 13.30
C GLU A 251 -14.84 -8.00 14.43
N LEU A 252 -15.59 -7.41 15.36
CA LEU A 252 -16.22 -8.18 16.43
C LEU A 252 -17.52 -8.85 15.99
N GLY A 253 -17.95 -8.65 14.76
CA GLY A 253 -19.20 -9.22 14.30
C GLY A 253 -20.44 -8.50 14.79
N GLN A 254 -20.28 -7.30 15.36
CA GLN A 254 -21.41 -6.52 15.84
C GLN A 254 -22.29 -6.07 14.68
N PRO A 255 -23.61 -6.08 14.88
CA PRO A 255 -24.52 -5.79 13.76
C PRO A 255 -24.82 -4.31 13.56
N ILE A 256 -24.62 -3.49 14.60
CA ILE A 256 -25.08 -2.11 14.55
C ILE A 256 -24.08 -1.20 15.26
N ILE A 257 -24.01 0.05 14.81
CA ILE A 257 -23.22 1.09 15.45
C ILE A 257 -24.07 2.35 15.55
N MET A 258 -23.66 3.30 16.40
CA MET A 258 -24.44 4.51 16.60
C MET A 258 -23.53 5.72 16.47
N HIS A 259 -24.09 6.80 15.95
CA HIS A 259 -23.32 8.02 15.72
C HIS A 259 -24.21 9.23 16.03
N ASP A 260 -23.57 10.34 16.40
CA ASP A 260 -24.24 11.59 16.73
C ASP A 260 -24.04 12.55 15.55
N TYR A 261 -25.03 12.62 14.67
CA TYR A 261 -24.84 13.33 13.40
C TYR A 261 -24.78 14.85 13.58
N ILE A 262 -25.60 15.42 14.45
CA ILE A 262 -25.63 16.89 14.58
C ILE A 262 -24.30 17.40 15.10
N THR A 263 -23.79 16.83 16.19
CA THR A 263 -22.52 17.25 16.74
C THR A 263 -21.34 16.73 15.95
N GLY A 264 -21.45 15.53 15.38
CA GLY A 264 -20.37 14.96 14.59
C GLY A 264 -20.25 15.51 13.18
N GLY A 265 -21.20 16.31 12.73
CA GLY A 265 -21.12 16.90 11.41
C GLY A 265 -21.82 16.05 10.36
N PHE A 266 -22.57 16.73 9.48
CA PHE A 266 -23.24 16.04 8.38
C PHE A 266 -22.23 15.38 7.46
N THR A 267 -21.09 16.02 7.21
CA THR A 267 -20.07 15.43 6.36
C THR A 267 -19.57 14.12 6.94
N ALA A 268 -19.26 14.10 8.24
CA ALA A 268 -18.79 12.87 8.86
C ALA A 268 -19.89 11.80 8.88
N ASN A 269 -21.13 12.22 9.14
CA ASN A 269 -22.24 11.26 9.14
C ASN A 269 -22.41 10.62 7.76
N THR A 270 -22.32 11.42 6.70
CA THR A 270 -22.38 10.88 5.35
C THR A 270 -21.20 9.98 5.03
N GLY A 271 -19.99 10.36 5.48
CA GLY A 271 -18.84 9.51 5.28
C GLY A 271 -18.99 8.16 5.93
N LEU A 272 -19.54 8.12 7.15
CA LEU A 272 -19.82 6.86 7.80
C LEU A 272 -21.02 6.17 7.15
N SER A 273 -21.96 6.96 6.62
CA SER A 273 -23.13 6.38 5.95
C SER A 273 -22.73 5.56 4.74
N LYS A 274 -21.82 6.06 3.91
CA LYS A 274 -21.34 5.30 2.76
C LYS A 274 -20.41 4.18 3.15
N TRP A 275 -19.86 4.20 4.37
CA TRP A 275 -19.04 3.10 4.83
C TRP A 275 -19.89 1.95 5.38
N CYS A 276 -21.06 2.27 5.96
CA CYS A 276 -21.93 1.25 6.52
C CYS A 276 -22.48 0.29 5.47
N ARG A 277 -22.91 0.80 4.31
CA ARG A 277 -23.42 -0.08 3.27
C ARG A 277 -22.31 -0.92 2.66
N LYS A 278 -21.10 -0.37 2.55
CA LYS A 278 -19.99 -1.10 1.95
C LYS A 278 -19.51 -2.24 2.84
N ASN A 279 -19.91 -2.27 4.11
CA ASN A 279 -19.51 -3.31 5.04
C ASN A 279 -20.69 -4.07 5.63
N GLY A 280 -21.90 -3.84 5.13
CA GLY A 280 -23.07 -4.55 5.64
C GLY A 280 -23.37 -4.26 7.09
N MET A 281 -23.34 -2.99 7.47
CA MET A 281 -23.59 -2.58 8.85
C MET A 281 -24.83 -1.71 8.94
N LEU A 282 -25.58 -1.91 10.02
CA LEU A 282 -26.70 -1.04 10.37
C LEU A 282 -26.16 0.21 11.06
N LEU A 283 -26.97 1.27 11.02
CA LEU A 283 -26.57 2.55 11.60
C LEU A 283 -27.68 3.07 12.49
N HIS A 284 -27.31 3.46 13.71
CA HIS A 284 -28.21 4.14 14.65
C HIS A 284 -27.79 5.58 14.76
N ILE A 285 -28.76 6.48 14.89
CA ILE A 285 -28.50 7.91 14.91
C ILE A 285 -29.09 8.51 16.17
N HIS A 286 -28.33 9.38 16.84
CA HIS A 286 -28.78 10.10 18.02
C HIS A 286 -28.71 11.58 17.74
N ARG A 287 -29.74 12.31 18.16
CA ARG A 287 -29.86 13.74 17.88
C ARG A 287 -29.34 14.57 19.06
N ALA A 288 -28.02 14.60 19.21
CA ALA A 288 -27.41 15.40 20.25
C ALA A 288 -27.49 16.89 19.91
N MET A 289 -27.66 17.72 20.95
CA MET A 289 -27.72 19.18 20.81
C MET A 289 -28.91 19.59 19.95
N HIS A 290 -29.88 18.71 19.79
CA HIS A 290 -31.02 18.98 18.94
C HIS A 290 -31.89 20.12 19.45
N ALA A 291 -32.15 20.18 20.76
CA ALA A 291 -33.13 21.10 21.32
C ALA A 291 -32.72 22.57 21.22
N VAL A 292 -31.46 22.84 20.87
CA VAL A 292 -30.99 24.22 20.80
C VAL A 292 -31.75 25.00 19.74
N ILE A 293 -32.03 24.37 18.60
CA ILE A 293 -32.49 25.09 17.41
C ILE A 293 -34.02 25.06 17.29
N ASP A 294 -34.64 23.89 17.41
CA ASP A 294 -36.01 23.70 16.97
C ASP A 294 -37.06 24.14 17.99
N ARG A 295 -36.71 24.21 19.28
CA ARG A 295 -37.72 24.32 20.33
C ARG A 295 -38.55 25.59 20.21
N HIS A 296 -37.94 26.69 19.78
CA HIS A 296 -38.66 27.95 19.75
C HIS A 296 -39.63 27.98 18.58
N PRO A 297 -40.89 28.38 18.79
CA PRO A 297 -41.87 28.38 17.69
C PRO A 297 -41.74 29.57 16.74
N LYS A 298 -40.89 30.54 17.05
CA LYS A 298 -40.68 31.68 16.16
C LYS A 298 -39.27 31.77 15.62
N HIS A 299 -38.33 31.00 16.16
CA HIS A 299 -36.92 31.11 15.82
C HIS A 299 -36.35 29.71 15.56
N GLY A 300 -35.38 29.64 14.66
CA GLY A 300 -34.66 28.41 14.40
C GLY A 300 -35.21 27.64 13.22
N ILE A 301 -34.92 26.34 13.23
CA ILE A 301 -35.31 25.43 12.17
C ILE A 301 -36.14 24.30 12.76
N HIS A 302 -37.28 24.02 12.14
CA HIS A 302 -38.09 22.87 12.54
C HIS A 302 -37.30 21.58 12.37
N PHE A 303 -37.48 20.67 13.32
CA PHE A 303 -36.76 19.40 13.29
C PHE A 303 -37.15 18.55 12.08
N ARG A 304 -38.28 18.85 11.45
CA ARG A 304 -38.72 18.09 10.28
C ARG A 304 -37.72 18.22 9.14
N VAL A 305 -37.20 19.43 8.92
CA VAL A 305 -36.17 19.62 7.91
C VAL A 305 -34.94 18.79 8.26
N LEU A 306 -34.56 18.77 9.53
CA LEU A 306 -33.48 17.90 9.99
C LEU A 306 -33.80 16.42 9.79
N ALA A 307 -35.06 16.01 9.97
CA ALA A 307 -35.43 14.63 9.70
C ALA A 307 -35.25 14.29 8.22
N LYS A 308 -35.68 15.19 7.33
CA LYS A 308 -35.48 14.97 5.90
C LYS A 308 -34.01 14.87 5.54
N CYS A 309 -33.20 15.79 6.09
CA CYS A 309 -31.76 15.74 5.81
C CYS A 309 -31.12 14.47 6.35
N LEU A 310 -31.56 14.02 7.53
CA LEU A 310 -31.02 12.79 8.09
C LEU A 310 -31.39 11.59 7.23
N ARG A 311 -32.64 11.55 6.77
CA ARG A 311 -33.04 10.46 5.87
C ARG A 311 -32.26 10.48 4.58
N LEU A 312 -31.96 11.68 4.06
CA LEU A 312 -31.13 11.76 2.86
C LEU A 312 -29.71 11.27 3.11
N SER A 313 -29.11 11.65 4.25
CA SER A 313 -27.72 11.34 4.50
C SER A 313 -27.49 9.86 4.81
N GLY A 314 -28.32 9.28 5.66
CA GLY A 314 -28.18 7.89 6.03
C GLY A 314 -28.66 7.67 7.44
N GLY A 315 -28.44 6.44 7.92
CA GLY A 315 -28.92 6.05 9.23
C GLY A 315 -30.27 5.39 9.18
N ASP A 316 -30.45 4.30 9.93
CA ASP A 316 -31.70 3.55 9.87
C ASP A 316 -32.64 3.83 11.03
N GLN A 317 -32.12 4.20 12.20
CA GLN A 317 -32.96 4.65 13.30
C GLN A 317 -32.59 6.08 13.69
N LEU A 318 -33.61 6.90 13.96
CA LEU A 318 -33.43 8.27 14.39
C LEU A 318 -34.36 8.53 15.57
N HIS A 319 -33.82 9.18 16.61
CA HIS A 319 -34.61 9.49 17.78
C HIS A 319 -35.69 10.52 17.44
N THR A 320 -36.84 10.40 18.11
CA THR A 320 -37.92 11.37 17.91
C THR A 320 -38.37 11.96 19.24
N GLY A 321 -38.38 11.15 20.30
CA GLY A 321 -38.75 11.57 21.64
C GLY A 321 -40.13 12.22 21.75
N THR A 322 -40.42 12.71 22.95
CA THR A 322 -39.59 12.54 24.15
C THR A 322 -40.38 11.74 25.18
N VAL A 323 -41.69 11.64 24.95
CA VAL A 323 -42.60 10.80 25.72
C VAL A 323 -42.52 11.12 27.21
N VAL A 324 -42.67 12.41 27.56
CA VAL A 324 -42.91 12.78 28.96
C VAL A 324 -44.05 13.78 29.04
N GLY A 325 -45.28 13.30 29.15
CA GLY A 325 -45.67 11.93 28.89
C GLY A 325 -45.71 11.73 27.38
N LYS A 326 -45.79 12.85 26.66
CA LYS A 326 -45.58 12.88 25.23
C LYS A 326 -45.06 14.27 24.85
N LEU A 327 -44.37 14.33 23.72
CA LEU A 327 -43.72 15.58 23.31
C LEU A 327 -44.75 16.67 23.01
N GLU A 328 -45.86 16.32 22.37
CA GLU A 328 -46.92 17.25 21.98
C GLU A 328 -46.46 18.18 20.87
N ASP A 330 -47.29 18.36 19.84
CA ASP A 330 -48.61 17.75 19.71
C ASP A 330 -48.53 16.44 18.94
N ARG A 331 -49.58 15.61 19.06
CA ARG A 331 -49.62 14.33 18.37
C ARG A 331 -49.62 14.50 16.86
N GLN A 332 -50.40 15.45 16.33
CA GLN A 332 -50.44 15.66 14.89
C GLN A 332 -49.10 16.18 14.37
N THR A 333 -48.43 17.03 15.15
CA THR A 333 -47.12 17.53 14.74
C THR A 333 -46.10 16.41 14.63
N THR A 334 -46.13 15.47 15.57
CA THR A 334 -45.22 14.32 15.49
C THR A 334 -45.46 13.52 14.22
N LEU A 335 -46.72 13.26 13.90
CA LEU A 335 -47.05 12.58 12.65
C LEU A 335 -46.67 13.40 11.42
N GLY A 336 -46.44 14.70 11.60
CA GLY A 336 -46.06 15.53 10.46
C GLY A 336 -44.72 15.14 9.87
N PHE A 337 -43.75 14.84 10.72
CA PHE A 337 -42.43 14.44 10.28
C PHE A 337 -42.18 12.94 10.43
N ILE A 338 -42.99 12.24 11.21
CA ILE A 338 -42.90 10.78 11.26
C ILE A 338 -43.26 10.18 9.91
N ASP A 339 -44.29 10.72 9.26
CA ASP A 339 -44.69 10.23 7.95
C ASP A 339 -43.57 10.40 6.93
N GLN A 340 -42.91 11.55 6.94
CA GLN A 340 -41.77 11.77 6.07
C GLN A 340 -40.60 10.85 6.38
N LEU A 341 -40.53 10.33 7.60
CA LEU A 341 -39.43 9.46 8.01
C LEU A 341 -39.59 8.03 7.52
N ARG A 342 -40.81 7.58 7.23
CA ARG A 342 -41.06 6.19 6.91
C ARG A 342 -41.69 5.96 5.55
N GLU A 343 -42.67 6.78 5.16
CA GLU A 343 -43.39 6.55 3.92
C GLU A 343 -42.53 6.89 2.71
N SER A 344 -43.06 6.56 1.53
CA SER A 344 -42.40 6.87 0.27
C SER A 344 -43.00 8.07 -0.44
N PHE A 345 -44.29 8.32 -0.26
CA PHE A 345 -44.95 9.50 -0.78
C PHE A 345 -45.87 10.07 0.27
N ILE A 346 -45.75 11.36 0.53
CA ILE A 346 -46.51 12.04 1.58
C ILE A 346 -47.27 13.20 0.94
N PRO A 347 -48.60 13.26 1.08
CA PRO A 347 -49.36 14.37 0.48
C PRO A 347 -49.18 15.67 1.25
N GLU A 348 -49.92 16.71 0.84
CA GLU A 348 -49.87 18.02 1.48
C GLU A 348 -50.99 18.11 2.50
N ASP A 349 -50.65 18.49 3.73
CA ASP A 349 -51.62 18.56 4.82
C ASP A 349 -51.22 19.67 5.77
N ARG A 350 -52.16 20.60 6.01
CA ARG A 350 -51.93 21.66 6.99
C ARG A 350 -52.17 21.20 8.42
N SER A 351 -53.00 20.18 8.62
CA SER A 351 -53.23 19.66 9.97
C SER A 351 -51.95 19.09 10.57
N ARG A 352 -51.20 18.33 9.76
CA ARG A 352 -49.91 17.80 10.18
C ARG A 352 -48.74 18.67 9.78
N GLY A 353 -49.01 19.83 9.16
CA GLY A 353 -47.96 20.75 8.79
C GLY A 353 -47.14 20.34 7.58
N ASN A 354 -47.67 19.47 6.73
CA ASN A 354 -47.01 19.10 5.49
C ASN A 354 -47.40 20.12 4.43
N PHE A 355 -46.49 21.05 4.13
CA PHE A 355 -46.78 22.16 3.24
C PHE A 355 -46.63 21.81 1.76
N PHE A 356 -45.94 20.72 1.44
CA PHE A 356 -45.64 20.36 0.06
C PHE A 356 -45.91 18.88 -0.18
N ASP A 357 -46.15 18.55 -1.44
CA ASP A 357 -46.28 17.15 -1.86
C ASP A 357 -44.88 16.59 -2.14
N GLN A 358 -44.34 15.83 -1.19
CA GLN A 358 -42.97 15.32 -1.28
C GLN A 358 -43.02 13.85 -1.65
N ASP A 359 -42.18 13.46 -2.61
CA ASP A 359 -42.05 12.07 -3.04
C ASP A 359 -40.61 11.61 -2.86
N TRP A 360 -40.45 10.36 -2.42
CA TRP A 360 -39.13 9.78 -2.23
C TRP A 360 -38.85 8.62 -3.17
N GLY A 361 -39.84 8.19 -3.96
CA GLY A 361 -39.65 7.12 -4.91
C GLY A 361 -39.46 5.75 -4.28
N SER A 362 -38.26 5.19 -4.41
CA SER A 362 -37.96 3.85 -3.90
C SER A 362 -36.88 3.89 -2.83
N MET A 363 -36.92 4.90 -1.96
CA MET A 363 -35.95 5.01 -0.87
C MET A 363 -36.46 4.26 0.36
N PRO A 364 -35.65 3.37 0.93
CA PRO A 364 -36.10 2.63 2.12
C PRO A 364 -36.36 3.57 3.30
N GLY A 365 -37.28 3.12 4.16
CA GLY A 365 -37.69 3.92 5.29
C GLY A 365 -36.67 3.94 6.41
N VAL A 366 -36.93 4.80 7.39
CA VAL A 366 -36.04 5.01 8.53
C VAL A 366 -36.83 4.78 9.81
N PHE A 367 -36.28 3.95 10.69
CA PHE A 367 -36.95 3.65 11.95
C PHE A 367 -37.04 4.89 12.83
N ALA A 368 -38.22 5.09 13.42
CA ALA A 368 -38.45 6.19 14.36
C ALA A 368 -38.44 5.62 15.77
N VAL A 369 -37.39 5.94 16.54
CA VAL A 369 -37.19 5.40 17.87
C VAL A 369 -37.66 6.41 18.90
N ALA A 370 -38.56 5.98 19.77
CA ALA A 370 -39.05 6.80 20.88
C ALA A 370 -38.28 6.46 22.14
N SER A 371 -38.03 7.49 22.96
CA SER A 371 -37.27 7.33 24.18
C SER A 371 -37.77 8.32 25.21
N GLY A 372 -36.99 8.49 26.29
CA GLY A 372 -37.31 9.45 27.32
C GLY A 372 -38.31 8.98 28.36
N GLY A 373 -38.01 7.89 29.07
CA GLY A 373 -38.76 7.53 30.24
C GLY A 373 -40.09 6.84 30.01
N ILE A 374 -40.11 5.78 29.21
CA ILE A 374 -41.33 4.99 29.06
C ILE A 374 -41.33 3.85 30.07
N HIS A 375 -42.45 3.70 30.77
CA HIS A 375 -42.63 2.62 31.72
C HIS A 375 -43.76 1.73 31.23
N VAL A 376 -44.13 0.75 32.06
CA VAL A 376 -44.99 -0.34 31.60
C VAL A 376 -46.41 0.10 31.27
N TRP A 377 -46.88 1.21 31.82
CA TRP A 377 -48.25 1.65 31.59
C TRP A 377 -48.40 2.45 30.30
N HIS A 378 -47.32 2.84 29.65
CA HIS A 378 -47.38 3.57 28.40
C HIS A 378 -47.23 2.68 27.17
N MET A 379 -47.17 1.37 27.35
CA MET A 379 -47.08 0.47 26.19
C MET A 379 -48.28 0.58 25.26
N PRO A 380 -49.53 0.51 25.72
CA PRO A 380 -50.66 0.67 24.79
C PRO A 380 -50.73 2.04 24.13
N ALA A 381 -50.16 3.08 24.77
CA ALA A 381 -50.17 4.41 24.19
C ALA A 381 -48.97 4.67 23.29
N LEU A 382 -48.05 3.72 23.18
CA LEU A 382 -46.91 3.85 22.29
C LEU A 382 -46.95 2.87 21.11
N VAL A 383 -47.97 2.03 21.03
CA VAL A 383 -48.11 1.12 19.90
C VAL A 383 -49.09 1.64 18.86
N ALA A 384 -50.26 2.12 19.29
CA ALA A 384 -51.22 2.70 18.36
C ALA A 384 -50.71 3.98 17.74
N ILE A 385 -49.88 4.74 18.45
CA ILE A 385 -49.35 6.00 17.95
C ILE A 385 -48.15 5.78 17.04
N PHE A 386 -47.29 4.81 17.37
CA PHE A 386 -46.07 4.58 16.61
C PHE A 386 -46.14 3.42 15.64
N GLY A 387 -47.16 2.57 15.75
CA GLY A 387 -47.26 1.44 14.85
C GLY A 387 -46.27 0.35 15.18
N ASP A 388 -45.86 -0.38 14.14
CA ASP A 388 -44.95 -1.52 14.30
C ASP A 388 -43.50 -1.18 13.99
N ASP A 389 -43.26 -0.22 13.10
CA ASP A 389 -41.90 0.14 12.70
C ASP A 389 -41.32 1.20 13.65
N SER A 390 -41.05 0.77 14.88
CA SER A 390 -40.46 1.64 15.89
C SER A 390 -39.68 0.79 16.89
N VAL A 391 -38.81 1.45 17.65
CA VAL A 391 -38.03 0.83 18.70
C VAL A 391 -38.27 1.60 19.98
N LEU A 392 -38.50 0.87 21.07
CA LEU A 392 -38.81 1.46 22.36
C LEU A 392 -37.55 1.44 23.23
N GLN A 393 -37.15 2.62 23.72
CA GLN A 393 -35.92 2.78 24.47
C GLN A 393 -36.25 3.47 25.79
N PHE A 394 -36.04 2.76 26.90
CA PHE A 394 -36.32 3.30 28.22
C PHE A 394 -35.02 3.72 28.90
N GLY A 395 -35.13 4.74 29.76
CA GLY A 395 -34.01 5.17 30.56
C GLY A 395 -33.96 4.47 31.89
N GLY A 396 -35.07 4.52 32.63
CA GLY A 396 -35.15 3.87 33.93
C GLY A 396 -36.21 2.78 34.00
N GLY A 397 -36.93 2.58 32.89
CA GLY A 397 -37.99 1.59 32.88
C GLY A 397 -37.49 0.18 33.07
N THR A 398 -36.30 -0.12 32.55
CA THR A 398 -35.74 -1.46 32.66
C THR A 398 -34.96 -1.63 33.95
N HIS A 399 -34.07 -0.67 34.25
CA HIS A 399 -33.23 -0.76 35.44
C HIS A 399 -34.02 -0.62 36.74
N GLY A 400 -35.18 0.04 36.69
CA GLY A 400 -35.93 0.34 37.90
C GLY A 400 -36.73 -0.81 38.48
N HIS A 401 -36.44 -2.03 38.06
CA HIS A 401 -37.17 -3.17 38.60
C HIS A 401 -36.55 -3.63 39.92
N PRO A 402 -37.36 -3.81 40.95
CA PRO A 402 -36.83 -4.16 42.28
C PRO A 402 -35.99 -5.44 42.29
N TRP A 403 -36.32 -6.39 41.42
CA TRP A 403 -35.58 -7.65 41.34
C TRP A 403 -34.31 -7.56 40.51
N GLY A 404 -34.00 -6.39 39.96
CA GLY A 404 -32.78 -6.18 39.22
C GLY A 404 -33.05 -5.61 37.84
N SER A 405 -32.10 -5.84 36.94
CA SER A 405 -32.23 -5.37 35.56
C SER A 405 -32.75 -6.43 34.61
N ALA A 406 -32.42 -7.70 34.84
CA ALA A 406 -32.93 -8.79 34.01
C ALA A 406 -34.44 -8.98 34.18
N ALA A 407 -34.95 -8.77 35.40
CA ALA A 407 -36.39 -8.88 35.62
C ALA A 407 -37.17 -7.76 34.95
N GLY A 408 -36.59 -6.57 34.84
CA GLY A 408 -37.29 -5.48 34.17
C GLY A 408 -37.55 -5.77 32.70
N ALA A 409 -36.56 -6.34 32.02
CA ALA A 409 -36.76 -6.71 30.62
C ALA A 409 -37.84 -7.77 30.47
N ALA A 410 -37.88 -8.75 31.38
CA ALA A 410 -38.92 -9.76 31.34
C ALA A 410 -40.31 -9.19 31.60
N ALA A 411 -40.39 -8.00 32.20
CA ALA A 411 -41.68 -7.34 32.42
C ALA A 411 -42.12 -6.54 31.21
N ASN A 412 -41.20 -5.87 30.53
CA ASN A 412 -41.57 -5.09 29.34
C ASN A 412 -41.82 -5.99 28.14
N ARG A 413 -41.05 -7.08 28.01
CA ARG A 413 -41.23 -7.99 26.89
C ARG A 413 -42.61 -8.63 26.90
N VAL A 414 -43.07 -9.08 28.07
CA VAL A 414 -44.39 -9.68 28.16
C VAL A 414 -45.49 -8.64 27.95
N ALA A 415 -45.29 -7.43 28.50
CA ALA A 415 -46.30 -6.39 28.38
C ALA A 415 -46.49 -5.92 26.94
N LEU A 416 -45.41 -5.83 26.17
CA LEU A 416 -45.51 -5.35 24.79
C LEU A 416 -46.28 -6.36 23.94
N GLU A 417 -45.91 -7.64 24.02
CA GLU A 417 -46.56 -8.65 23.19
C GLU A 417 -48.04 -8.81 23.52
N ALA A 418 -48.44 -8.67 24.78
CA ALA A 418 -49.85 -8.69 25.12
C ALA A 418 -50.61 -7.54 24.45
N CYS A 419 -50.02 -6.35 24.43
CA CYS A 419 -50.65 -5.22 23.75
C CYS A 419 -50.80 -5.48 22.26
N VAL A 420 -49.78 -6.05 21.63
CA VAL A 420 -49.88 -6.40 20.21
C VAL A 420 -51.00 -7.40 20.00
N LYS A 421 -50.99 -8.50 20.76
CA LYS A 421 -52.03 -9.52 20.62
C LYS A 421 -53.42 -8.96 20.85
N ALA A 422 -53.55 -7.94 21.68
CA ALA A 422 -54.82 -7.25 21.83
C ALA A 422 -55.15 -6.34 20.65
N ARG A 423 -54.13 -5.80 19.97
CA ARG A 423 -54.40 -4.92 18.84
C ARG A 423 -54.81 -5.71 17.60
N ASN A 424 -54.25 -6.91 17.42
CA ASN A 424 -54.61 -7.72 16.26
C ASN A 424 -56.07 -8.13 16.30
N ALA A 425 -56.62 -8.32 17.49
CA ALA A 425 -58.01 -8.74 17.63
C ALA A 425 -58.97 -7.58 17.42
N GLY A 426 -58.44 -6.41 17.09
CA GLY A 426 -59.26 -5.24 16.85
C GLY A 426 -59.67 -4.48 18.09
N ARG A 427 -59.13 -4.83 19.26
CA ARG A 427 -59.43 -4.12 20.48
C ARG A 427 -58.70 -2.78 20.50
N GLU A 428 -59.14 -1.89 21.39
CA GLU A 428 -58.60 -0.53 21.50
C GLU A 428 -57.61 -0.51 22.65
N ILE A 429 -56.32 -0.55 22.33
CA ILE A 429 -55.29 -0.56 23.36
C ILE A 429 -55.27 0.77 24.11
N GLU A 430 -55.48 1.88 23.41
CA GLU A 430 -55.49 3.19 24.03
C GLU A 430 -56.69 3.40 24.94
N LYS A 431 -57.74 2.58 24.82
CA LYS A 431 -58.92 2.71 25.65
C LYS A 431 -59.11 1.54 26.62
N GLU A 432 -58.58 0.35 26.30
CA GLU A 432 -58.65 -0.80 27.18
C GLU A 432 -57.30 -1.10 27.83
N SER A 433 -56.54 -0.07 28.17
CA SER A 433 -55.19 -0.27 28.70
C SER A 433 -55.20 -1.08 29.98
N ARG A 434 -56.13 -0.80 30.89
CA ARG A 434 -56.17 -1.50 32.16
C ARG A 434 -56.52 -2.97 32.00
N ASP A 435 -57.51 -3.28 31.15
CA ASP A 435 -57.90 -4.66 30.92
C ASP A 435 -56.88 -5.44 30.10
N ILE A 436 -56.02 -4.76 29.35
CA ILE A 436 -54.93 -5.46 28.66
C ILE A 436 -53.75 -5.70 29.59
N LEU A 437 -53.36 -4.72 30.39
CA LEU A 437 -52.21 -4.83 31.28
C LEU A 437 -52.48 -5.74 32.47
N MET A 438 -53.64 -5.59 33.13
CA MET A 438 -53.92 -6.40 34.32
C MET A 438 -54.07 -7.88 33.98
N GLU A 439 -54.78 -8.21 32.90
CA GLU A 439 -54.89 -9.60 32.49
C GLU A 439 -53.57 -10.17 31.98
N ALA A 440 -52.65 -9.30 31.56
CA ALA A 440 -51.31 -9.76 31.19
C ALA A 440 -50.48 -10.11 32.41
N ALA A 441 -50.83 -9.57 33.59
CA ALA A 441 -50.12 -9.88 34.81
C ALA A 441 -50.45 -11.26 35.36
N LYS A 442 -51.60 -11.83 35.00
CA LYS A 442 -51.99 -13.14 35.50
C LYS A 442 -51.10 -14.27 34.99
N HIS A 443 -50.34 -14.05 33.91
CA HIS A 443 -49.46 -15.08 33.36
C HIS A 443 -48.01 -14.63 33.38
N SER A 444 -47.68 -13.70 34.28
CA SER A 444 -46.30 -13.23 34.39
C SER A 444 -46.03 -12.72 35.80
N PRO A 445 -45.18 -13.38 36.58
CA PRO A 445 -44.89 -12.92 37.95
C PRO A 445 -44.03 -11.66 38.00
N GLU A 446 -43.13 -11.45 37.05
CA GLU A 446 -42.36 -10.21 37.03
C GLU A 446 -43.24 -9.01 36.75
N LEU A 447 -44.13 -9.12 35.76
CA LEU A 447 -45.02 -8.01 35.41
C LEU A 447 -45.98 -7.69 36.54
N ALA A 448 -46.35 -8.68 37.35
CA ALA A 448 -47.28 -8.44 38.45
C ALA A 448 -46.73 -7.43 39.44
N ILE A 449 -45.43 -7.52 39.76
CA ILE A 449 -44.83 -6.54 40.65
C ILE A 449 -44.30 -5.32 39.89
N ALA A 450 -44.01 -5.44 38.59
CA ALA A 450 -43.63 -4.27 37.81
C ALA A 450 -44.78 -3.28 37.71
N LEU A 451 -46.01 -3.77 37.55
CA LEU A 451 -47.17 -2.89 37.59
C LEU A 451 -47.36 -2.28 38.98
N GLU A 452 -47.13 -3.05 40.04
CA GLU A 452 -47.26 -2.53 41.39
C GLU A 452 -46.26 -1.41 41.69
N THR A 453 -45.02 -1.56 41.23
CA THR A 453 -43.99 -0.56 41.49
C THR A 453 -44.34 0.78 40.85
N TRP A 454 -44.67 0.76 39.56
CA TRP A 454 -45.04 1.98 38.84
C TRP A 454 -46.56 2.11 38.75
N LYS A 455 -47.18 2.38 39.89
CA LYS A 455 -48.62 2.62 39.96
C LYS A 455 -48.89 4.08 40.26
N GLU A 456 -49.79 4.68 39.48
CA GLU A 456 -50.45 4.00 38.37
C GLU A 456 -50.44 4.87 37.13
N THR B 6 -38.51 -19.55 43.68
CA THR B 6 -37.78 -18.54 44.44
C THR B 6 -37.92 -17.15 43.80
N VAL B 7 -37.98 -16.12 44.64
CA VAL B 7 -38.09 -14.74 44.19
C VAL B 7 -37.05 -13.90 44.94
N GLY B 8 -36.37 -13.02 44.21
CA GLY B 8 -36.49 -12.89 42.77
C GLY B 8 -35.23 -13.29 42.05
N ASP B 9 -35.27 -14.43 41.36
CA ASP B 9 -34.13 -14.95 40.60
C ASP B 9 -34.64 -15.38 39.23
N TYR B 10 -34.63 -14.46 38.27
CA TYR B 10 -35.12 -14.74 36.93
C TYR B 10 -34.17 -15.70 36.22
N GLN B 11 -34.74 -16.69 35.54
CA GLN B 11 -33.96 -17.68 34.80
C GLN B 11 -34.18 -17.47 33.31
N THR B 12 -33.12 -17.63 32.53
CA THR B 12 -33.21 -17.46 31.08
C THR B 12 -34.02 -18.60 30.48
N VAL B 13 -34.96 -18.25 29.60
CA VAL B 13 -35.85 -19.21 28.97
C VAL B 13 -35.77 -19.03 27.46
N ALA B 14 -36.03 -20.11 26.72
CA ALA B 14 -35.95 -20.07 25.27
C ALA B 14 -37.31 -19.72 24.66
N THR B 15 -37.31 -18.78 23.73
CA THR B 15 -38.49 -18.35 23.00
C THR B 15 -38.14 -18.25 21.53
N LEU B 16 -39.11 -18.52 20.65
CA LEU B 16 -38.75 -18.65 19.25
C LEU B 16 -38.48 -17.29 18.63
N GLU B 17 -39.52 -16.50 18.36
CA GLU B 17 -39.34 -15.07 18.20
C GLU B 17 -40.39 -14.26 18.96
N THR B 18 -41.67 -14.60 18.73
CA THR B 18 -42.78 -13.72 19.08
C THR B 18 -43.90 -14.51 19.75
N PHE B 19 -44.58 -13.86 20.69
CA PHE B 19 -45.74 -14.40 21.39
C PHE B 19 -45.45 -15.71 22.12
N GLY B 20 -44.16 -16.02 22.33
CA GLY B 20 -43.81 -17.23 23.05
C GLY B 20 -43.61 -17.01 24.53
N PHE B 21 -43.39 -15.76 24.95
CA PHE B 21 -43.30 -15.43 26.36
C PHE B 21 -44.62 -15.67 27.10
N LEU B 22 -45.74 -15.62 26.39
CA LEU B 22 -47.08 -15.83 26.90
C LEU B 22 -47.50 -17.27 26.68
N PRO B 23 -48.54 -17.74 27.38
CA PRO B 23 -49.02 -19.11 27.17
C PRO B 23 -49.47 -19.32 25.74
N PRO B 24 -49.40 -20.56 25.23
CA PRO B 24 -49.75 -20.80 23.82
C PRO B 24 -51.18 -20.39 23.52
N MET B 25 -51.37 -19.89 22.30
CA MET B 25 -52.63 -19.29 21.89
C MET B 25 -53.75 -20.33 21.85
N THR B 26 -54.95 -19.88 22.22
CA THR B 26 -56.15 -20.70 22.14
C THR B 26 -56.70 -20.63 20.72
N GLN B 27 -57.46 -21.68 20.34
CA GLN B 27 -58.00 -21.76 18.99
C GLN B 27 -58.79 -20.52 18.61
N ASP B 28 -59.42 -19.87 19.60
CA ASP B 28 -60.10 -18.60 19.32
C ASP B 28 -59.11 -17.50 18.99
N GLU B 29 -57.94 -17.48 19.64
CA GLU B 29 -56.95 -16.44 19.37
C GLU B 29 -56.35 -16.60 17.98
N ILE B 30 -56.04 -17.84 17.58
CA ILE B 30 -55.51 -18.08 16.25
C ILE B 30 -56.53 -17.71 15.19
N TYR B 31 -57.81 -17.93 15.48
CA TYR B 31 -58.88 -17.53 14.57
C TYR B 31 -58.83 -16.03 14.30
N ASP B 32 -58.70 -15.24 15.37
CA ASP B 32 -58.61 -13.79 15.21
C ASP B 32 -57.33 -13.36 14.54
N GLN B 33 -56.21 -14.03 14.82
CA GLN B 33 -54.96 -13.70 14.12
C GLN B 33 -55.09 -13.93 12.62
N ILE B 34 -55.68 -15.06 12.23
CA ILE B 34 -55.88 -15.35 10.82
C ILE B 34 -56.83 -14.33 10.19
N ALA B 35 -57.90 -13.98 10.92
CA ALA B 35 -58.84 -12.98 10.42
C ALA B 35 -58.15 -11.64 10.19
N TYR B 36 -57.29 -11.23 11.14
CA TYR B 36 -56.55 -9.98 10.98
C TYR B 36 -55.62 -10.05 9.78
N ILE B 37 -54.90 -11.16 9.63
CA ILE B 37 -53.97 -11.31 8.52
C ILE B 37 -54.70 -11.20 7.19
N ILE B 38 -55.86 -11.86 7.08
CA ILE B 38 -56.63 -11.80 5.85
C ILE B 38 -57.18 -10.40 5.61
N ALA B 39 -57.72 -9.77 6.66
CA ALA B 39 -58.31 -8.44 6.53
C ALA B 39 -57.29 -7.37 6.19
N GLN B 40 -56.02 -7.56 6.53
CA GLN B 40 -54.98 -6.65 6.08
C GLN B 40 -54.60 -6.86 4.62
N GLY B 41 -55.09 -7.92 3.99
CA GLY B 41 -54.77 -8.21 2.61
C GLY B 41 -53.50 -9.00 2.40
N TRP B 42 -52.99 -9.67 3.42
CA TRP B 42 -51.73 -10.39 3.31
C TRP B 42 -51.98 -11.84 2.90
N SER B 43 -50.89 -12.54 2.60
CA SER B 43 -50.95 -13.92 2.13
C SER B 43 -50.49 -14.87 3.22
N PRO B 44 -51.38 -15.63 3.84
CA PRO B 44 -50.95 -16.62 4.84
C PRO B 44 -50.09 -17.71 4.22
N LEU B 45 -49.16 -18.20 5.02
CA LEU B 45 -48.27 -19.29 4.59
C LEU B 45 -47.79 -20.02 5.84
N ILE B 46 -47.53 -21.32 5.70
CA ILE B 46 -47.17 -22.19 6.81
C ILE B 46 -45.79 -22.79 6.56
N GLU B 47 -44.99 -22.87 7.61
CA GLU B 47 -43.65 -23.45 7.55
C GLU B 47 -43.48 -24.49 8.64
N HIS B 48 -42.35 -25.21 8.60
CA HIS B 48 -42.04 -26.22 9.60
C HIS B 48 -40.58 -26.65 9.48
N VAL B 49 -39.92 -26.74 10.65
CA VAL B 49 -38.59 -27.34 10.78
C VAL B 49 -38.54 -28.11 12.09
N HIS B 50 -37.50 -28.93 12.22
CA HIS B 50 -37.25 -29.63 13.47
C HIS B 50 -36.72 -28.64 14.50
N PRO B 51 -37.08 -28.77 15.79
CA PRO B 51 -36.67 -27.76 16.78
C PRO B 51 -35.16 -27.61 16.93
N SER B 52 -34.37 -28.62 16.56
CA SER B 52 -32.92 -28.49 16.66
C SER B 52 -32.39 -27.47 15.67
N ARG B 53 -32.95 -27.41 14.47
CA ARG B 53 -32.55 -26.41 13.48
C ARG B 53 -33.50 -25.23 13.46
N SER B 54 -34.08 -24.90 14.62
CA SER B 54 -35.11 -23.86 14.68
C SER B 54 -34.57 -22.48 14.34
N MET B 55 -33.25 -22.27 14.43
CA MET B 55 -32.65 -20.97 14.15
C MET B 55 -32.23 -20.82 12.70
N ALA B 56 -32.63 -21.76 11.83
CA ALA B 56 -32.28 -21.67 10.42
C ALA B 56 -32.92 -20.45 9.77
N THR B 57 -32.25 -19.95 8.73
CA THR B 57 -32.73 -18.75 8.04
C THR B 57 -34.04 -19.00 7.30
N TYR B 58 -34.13 -20.09 6.55
CA TYR B 58 -35.34 -20.43 5.79
C TYR B 58 -35.91 -21.74 6.32
N TRP B 59 -37.22 -21.75 6.58
CA TRP B 59 -37.89 -22.97 6.98
C TRP B 59 -38.39 -23.74 5.77
N SER B 60 -39.19 -24.78 5.98
CA SER B 60 -39.70 -25.61 4.90
C SER B 60 -41.19 -25.36 4.73
N TYR B 61 -41.61 -25.11 3.50
CA TYR B 61 -42.97 -24.71 3.20
C TYR B 61 -43.94 -25.88 3.37
N TRP B 62 -45.20 -25.54 3.62
CA TRP B 62 -46.29 -26.51 3.64
C TRP B 62 -47.62 -25.81 3.34
N LYS B 63 -48.15 -26.00 2.15
CA LYS B 63 -47.49 -26.70 1.06
C LYS B 63 -46.97 -25.68 0.05
N LEU B 64 -47.76 -24.62 -0.14
CA LEU B 64 -47.45 -23.51 -1.02
C LEU B 64 -48.09 -22.26 -0.46
N PRO B 65 -47.59 -21.08 -0.82
CA PRO B 65 -48.23 -19.84 -0.35
C PRO B 65 -49.66 -19.72 -0.84
N PHE B 66 -50.52 -19.17 0.02
CA PHE B 66 -51.94 -19.01 -0.28
C PHE B 66 -52.17 -17.60 -0.81
N PHE B 67 -51.91 -17.42 -2.10
CA PHE B 67 -52.05 -16.12 -2.75
C PHE B 67 -53.50 -15.66 -2.71
N GLY B 68 -53.77 -14.60 -1.95
CA GLY B 68 -55.07 -13.95 -1.96
C GLY B 68 -56.24 -14.82 -1.57
N GLU B 69 -56.11 -15.59 -0.49
CA GLU B 69 -57.18 -16.46 -0.03
C GLU B 69 -58.05 -15.69 0.96
N LYS B 70 -59.36 -15.65 0.70
CA LYS B 70 -60.31 -14.93 1.54
C LYS B 70 -61.18 -15.86 2.36
N ASP B 71 -60.83 -17.15 2.41
CA ASP B 71 -61.55 -18.12 3.23
C ASP B 71 -60.60 -18.59 4.34
N LEU B 72 -60.95 -18.28 5.57
CA LEU B 72 -60.11 -18.58 6.73
C LEU B 72 -60.43 -19.91 7.37
N GLY B 73 -61.36 -20.69 6.80
CA GLY B 73 -61.68 -22.00 7.31
C GLY B 73 -60.74 -23.11 6.90
N VAL B 74 -59.85 -22.86 5.94
CA VAL B 74 -58.95 -23.88 5.42
C VAL B 74 -57.61 -23.86 6.13
N ILE B 75 -57.13 -22.67 6.53
CA ILE B 75 -55.84 -22.57 7.21
C ILE B 75 -55.88 -23.30 8.53
N VAL B 76 -56.97 -23.18 9.29
CA VAL B 76 -57.07 -23.83 10.60
C VAL B 76 -57.00 -25.35 10.49
N SER B 77 -57.44 -25.92 9.36
CA SER B 77 -57.36 -27.36 9.17
C SER B 77 -56.07 -27.79 8.48
N GLU B 78 -55.42 -26.90 7.74
CA GLU B 78 -54.14 -27.23 7.10
C GLU B 78 -52.98 -27.24 8.07
N LEU B 79 -53.00 -26.39 9.10
CA LEU B 79 -51.96 -26.44 10.12
C LEU B 79 -52.03 -27.70 10.95
N GLU B 80 -53.23 -28.17 11.27
CA GLU B 80 -53.38 -29.47 11.92
C GLU B 80 -52.91 -30.61 11.05
N ALA B 81 -53.10 -30.52 9.73
CA ALA B 81 -52.51 -31.49 8.82
C ALA B 81 -50.98 -31.43 8.89
N CYS B 82 -50.42 -30.22 8.92
CA CYS B 82 -48.99 -30.06 9.07
C CYS B 82 -48.52 -30.59 10.43
N HIS B 83 -49.27 -30.32 11.49
CA HIS B 83 -48.87 -30.78 12.82
C HIS B 83 -48.89 -32.30 12.90
N ARG B 84 -49.94 -32.94 12.37
CA ARG B 84 -50.02 -34.39 12.38
C ARG B 84 -48.94 -35.02 11.50
N ALA B 85 -48.71 -34.45 10.32
CA ALA B 85 -47.67 -34.98 9.45
C ALA B 85 -46.28 -34.77 10.03
N TYR B 86 -46.11 -33.76 10.88
CA TYR B 86 -44.82 -33.44 11.50
C TYR B 86 -45.04 -33.25 12.99
N PRO B 87 -45.26 -34.35 13.74
CA PRO B 87 -45.57 -34.23 15.16
C PRO B 87 -44.44 -33.69 16.02
N ASP B 88 -43.21 -33.68 15.52
CA ASP B 88 -42.07 -33.17 16.28
C ASP B 88 -41.39 -32.02 15.55
N HIS B 89 -42.18 -31.17 14.90
CA HIS B 89 -41.68 -30.00 14.18
C HIS B 89 -42.49 -28.77 14.56
N HIS B 90 -41.86 -27.61 14.46
CA HIS B 90 -42.55 -26.35 14.74
C HIS B 90 -43.53 -26.03 13.62
N VAL B 91 -44.56 -25.25 13.94
CA VAL B 91 -45.57 -24.83 12.98
C VAL B 91 -45.65 -23.32 13.00
N ARG B 92 -45.12 -22.67 11.97
CA ARG B 92 -45.12 -21.22 11.89
C ARG B 92 -46.15 -20.73 10.86
N LEU B 93 -46.91 -19.72 11.26
CA LEU B 93 -47.87 -19.07 10.37
C LEU B 93 -47.39 -17.66 10.08
N VAL B 94 -47.24 -17.33 8.80
CA VAL B 94 -46.65 -16.07 8.38
C VAL B 94 -47.62 -15.36 7.45
N GLY B 95 -47.65 -14.03 7.57
CA GLY B 95 -48.45 -13.21 6.68
C GLY B 95 -47.59 -12.46 5.68
N TYR B 96 -47.73 -12.79 4.40
CA TYR B 96 -46.89 -12.21 3.37
C TYR B 96 -47.53 -10.95 2.79
N ASP B 97 -46.79 -9.86 2.81
CA ASP B 97 -47.20 -8.60 2.20
C ASP B 97 -46.45 -8.44 0.89
N ALA B 98 -47.19 -8.20 -0.19
CA ALA B 98 -46.59 -8.15 -1.52
C ALA B 98 -46.09 -6.77 -1.90
N TYR B 99 -46.79 -5.71 -1.47
CA TYR B 99 -46.39 -4.36 -1.88
C TYR B 99 -45.06 -3.94 -1.28
N THR B 100 -44.85 -4.18 0.01
CA THR B 100 -43.62 -3.80 0.68
C THR B 100 -42.54 -4.87 0.63
N GLN B 101 -42.86 -6.06 0.11
CA GLN B 101 -41.93 -7.18 0.02
C GLN B 101 -41.37 -7.57 1.38
N SER B 102 -42.18 -7.48 2.43
CA SER B 102 -41.80 -7.83 3.78
C SER B 102 -42.86 -8.75 4.38
N GLN B 103 -42.72 -9.04 5.67
CA GLN B 103 -43.65 -9.90 6.39
C GLN B 103 -44.41 -9.07 7.39
N GLY B 104 -45.74 -9.11 7.31
CA GLY B 104 -46.59 -8.38 8.24
C GLY B 104 -46.74 -9.00 9.60
N ALA B 105 -46.47 -10.29 9.73
CA ALA B 105 -46.56 -10.98 11.01
C ALA B 105 -45.79 -12.29 10.93
N CYS B 106 -45.10 -12.62 12.02
CA CYS B 106 -44.34 -13.86 12.09
C CYS B 106 -44.38 -14.43 13.50
N PHE B 107 -45.30 -15.35 13.75
CA PHE B 107 -45.52 -15.90 15.08
C PHE B 107 -45.71 -17.40 15.00
N VAL B 108 -45.00 -18.14 15.86
CA VAL B 108 -45.10 -19.59 15.89
C VAL B 108 -46.43 -19.98 16.51
N VAL B 109 -47.12 -20.93 15.90
CA VAL B 109 -48.43 -21.38 16.37
C VAL B 109 -48.30 -22.61 17.26
N PHE B 110 -47.73 -23.69 16.74
CA PHE B 110 -47.53 -24.93 17.50
C PHE B 110 -46.06 -25.09 17.83
N GLU B 111 -45.78 -25.57 19.04
CA GLU B 111 -44.41 -25.67 19.54
C GLU B 111 -43.75 -27.01 19.25
N GLY B 112 -44.51 -28.02 18.86
CA GLY B 112 -43.94 -29.31 18.55
C GLY B 112 -43.92 -30.27 19.73
N ARG B 113 -44.59 -31.40 19.59
CA ARG B 113 -44.64 -32.40 20.65
C ARG B 113 -43.30 -33.14 20.77
N GLU C 11 -4.67 3.61 -58.00
CA GLU C 11 -5.80 3.32 -57.13
C GLU C 11 -6.93 2.66 -57.93
N TYR C 12 -6.69 1.43 -58.36
CA TYR C 12 -7.70 0.65 -59.06
C TYR C 12 -7.69 -0.76 -58.50
N ARG C 13 -6.76 -1.01 -57.57
CA ARG C 13 -6.60 -2.30 -56.90
C ARG C 13 -6.19 -3.39 -57.88
N ASP C 14 -6.54 -4.63 -57.57
CA ASP C 14 -6.12 -5.85 -58.26
C ASP C 14 -4.65 -6.16 -58.03
N THR C 15 -3.92 -5.31 -57.30
CA THR C 15 -2.60 -5.64 -56.81
C THR C 15 -2.64 -6.35 -55.45
N TYR C 16 -3.77 -6.26 -54.76
CA TYR C 16 -4.02 -7.05 -53.56
C TYR C 16 -4.77 -8.33 -53.89
N TRP C 17 -5.04 -8.58 -55.17
CA TRP C 17 -5.71 -9.78 -55.66
C TRP C 17 -4.66 -10.60 -56.41
N THR C 18 -4.10 -11.60 -55.72
CA THR C 18 -3.10 -12.50 -56.29
C THR C 18 -3.60 -13.93 -56.13
N PRO C 19 -4.07 -14.57 -57.20
CA PRO C 19 -4.62 -15.93 -57.06
C PRO C 19 -3.59 -17.03 -56.99
N ASP C 20 -2.31 -16.71 -56.78
CA ASP C 20 -1.24 -17.70 -56.76
C ASP C 20 -0.65 -17.91 -55.37
N TYR C 21 -0.74 -16.92 -54.49
CA TYR C 21 -0.09 -17.02 -53.19
C TYR C 21 -0.76 -18.08 -52.33
N VAL C 22 0.03 -18.77 -51.52
CA VAL C 22 -0.47 -19.75 -50.56
C VAL C 22 -0.26 -19.20 -49.16
N PRO C 23 -1.32 -19.08 -48.36
CA PRO C 23 -1.16 -18.51 -47.02
C PRO C 23 -0.23 -19.37 -46.15
N LEU C 24 0.57 -18.69 -45.34
CA LEU C 24 1.47 -19.37 -44.42
C LEU C 24 0.66 -19.99 -43.28
N ASP C 25 1.29 -20.93 -42.58
CA ASP C 25 0.66 -21.61 -41.44
C ASP C 25 0.35 -20.65 -40.30
N THR C 26 1.01 -19.50 -40.24
CA THR C 26 0.76 -18.50 -39.21
C THR C 26 -0.17 -17.39 -39.68
N ASP C 27 -0.63 -17.44 -40.93
CA ASP C 27 -1.53 -16.41 -41.44
C ASP C 27 -2.91 -16.52 -40.80
N LEU C 28 -3.63 -15.41 -40.82
CA LEU C 28 -5.00 -15.34 -40.31
C LEU C 28 -5.93 -15.24 -41.52
N LEU C 29 -6.57 -16.36 -41.86
CA LEU C 29 -7.45 -16.42 -43.02
C LEU C 29 -8.76 -15.70 -42.73
N ALA C 30 -9.62 -15.66 -43.74
CA ALA C 30 -10.91 -14.99 -43.63
C ALA C 30 -11.87 -15.56 -44.67
N CYS C 31 -13.15 -15.32 -44.44
CA CYS C 31 -14.22 -15.79 -45.33
C CYS C 31 -15.31 -14.74 -45.38
N PHE C 32 -15.41 -14.04 -46.52
CA PHE C 32 -16.36 -12.96 -46.68
C PHE C 32 -17.40 -13.34 -47.74
N LYS C 33 -18.67 -13.28 -47.37
CA LYS C 33 -19.77 -13.43 -48.31
C LYS C 33 -20.16 -12.03 -48.78
N CYS C 34 -19.81 -11.69 -50.00
CA CYS C 34 -19.92 -10.33 -50.50
C CYS C 34 -20.72 -10.29 -51.79
N THR C 35 -21.41 -9.18 -52.00
CA THR C 35 -22.08 -8.88 -53.26
C THR C 35 -22.15 -7.38 -53.43
N GLY C 36 -21.25 -6.84 -54.25
CA GLY C 36 -21.06 -5.42 -54.37
C GLY C 36 -21.88 -4.80 -55.49
N GLN C 37 -21.32 -3.73 -56.05
CA GLN C 37 -22.00 -3.00 -57.12
C GLN C 37 -22.14 -3.86 -58.36
N GLU C 38 -23.21 -3.62 -59.11
CA GLU C 38 -23.51 -4.41 -60.30
C GLU C 38 -22.52 -4.08 -61.42
N GLY C 39 -22.05 -5.12 -62.10
CA GLY C 39 -21.22 -4.94 -63.28
C GLY C 39 -19.73 -5.12 -63.03
N VAL C 40 -19.25 -4.70 -61.85
CA VAL C 40 -17.82 -4.78 -61.58
C VAL C 40 -17.40 -6.24 -61.45
N PRO C 41 -16.19 -6.61 -61.86
CA PRO C 41 -15.74 -7.99 -61.70
C PRO C 41 -15.62 -8.37 -60.24
N LYS C 42 -15.82 -9.66 -59.97
CA LYS C 42 -15.70 -10.17 -58.61
C LYS C 42 -14.27 -10.07 -58.09
N GLU C 43 -13.28 -10.11 -58.99
CA GLU C 43 -11.90 -9.96 -58.55
C GLU C 43 -11.64 -8.57 -57.98
N GLU C 44 -12.21 -7.54 -58.60
CA GLU C 44 -11.94 -6.17 -58.16
C GLU C 44 -12.58 -5.90 -56.80
N VAL C 45 -13.81 -6.34 -56.60
CA VAL C 45 -14.48 -6.10 -55.31
C VAL C 45 -13.79 -6.86 -54.18
N ALA C 46 -13.26 -8.05 -54.46
CA ALA C 46 -12.49 -8.76 -53.43
C ALA C 46 -11.24 -7.98 -53.04
N ALA C 47 -10.54 -7.40 -54.02
CA ALA C 47 -9.39 -6.55 -53.71
C ALA C 47 -9.82 -5.32 -52.91
N ALA C 48 -10.99 -4.75 -53.23
CA ALA C 48 -11.49 -3.63 -52.47
C ALA C 48 -11.76 -4.00 -51.01
N VAL C 49 -12.33 -5.19 -50.78
CA VAL C 49 -12.53 -5.67 -49.43
C VAL C 49 -11.20 -5.86 -48.72
N ALA C 50 -10.21 -6.42 -49.43
CA ALA C 50 -8.90 -6.65 -48.83
C ALA C 50 -8.23 -5.34 -48.44
N ALA C 51 -8.32 -4.32 -49.29
CA ALA C 51 -7.65 -3.05 -49.01
C ALA C 51 -8.29 -2.33 -47.84
N GLU C 52 -9.62 -2.27 -47.81
CA GLU C 52 -10.32 -1.55 -46.75
C GLU C 52 -10.12 -2.15 -45.38
N SER C 53 -9.86 -3.46 -45.29
CA SER C 53 -9.70 -4.14 -44.01
C SER C 53 -8.25 -4.23 -43.57
N SER C 54 -7.30 -3.85 -44.42
CA SER C 54 -5.90 -4.00 -44.07
C SER C 54 -5.17 -2.67 -43.91
N THR C 55 -5.19 -1.83 -44.96
CA THR C 55 -4.41 -0.60 -44.94
C THR C 55 -5.16 0.62 -45.47
N GLY C 56 -6.16 0.43 -46.32
CA GLY C 56 -6.79 1.56 -46.97
C GLY C 56 -5.84 2.31 -47.88
N THR C 57 -5.11 1.56 -48.71
CA THR C 57 -4.09 2.11 -49.60
C THR C 57 -4.51 1.76 -51.03
N TRP C 58 -3.89 2.42 -52.02
CA TRP C 58 -2.78 3.37 -52.02
C TRP C 58 -3.17 4.78 -52.49
N SER C 59 -2.86 5.78 -51.66
CA SER C 59 -3.09 7.17 -52.01
C SER C 59 -1.80 7.86 -52.45
N THR C 60 -1.85 9.16 -52.68
CA THR C 60 -0.70 9.92 -53.15
C THR C 60 -0.03 10.60 -51.95
N VAL C 61 0.82 9.85 -51.25
CA VAL C 61 1.51 10.32 -50.05
C VAL C 61 2.98 9.98 -50.15
N TRP C 62 3.83 10.95 -49.78
CA TRP C 62 5.26 10.67 -49.68
C TRP C 62 5.57 9.69 -48.56
N SER C 63 4.79 9.74 -47.46
CA SER C 63 5.04 8.85 -46.33
C SER C 63 4.74 7.39 -46.68
N GLU C 64 3.96 7.14 -47.72
CA GLU C 64 3.65 5.77 -48.11
C GLU C 64 4.74 5.13 -48.93
N LEU C 65 5.91 5.77 -49.05
CA LEU C 65 7.08 5.16 -49.67
C LEU C 65 8.15 4.79 -48.64
N LEU C 66 7.99 5.23 -47.39
CA LEU C 66 8.91 4.88 -46.32
C LEU C 66 8.72 3.46 -45.80
N VAL C 67 7.58 2.83 -46.08
CA VAL C 67 7.24 1.53 -45.52
C VAL C 67 7.01 0.54 -46.66
N ASP C 68 7.64 -0.62 -46.57
CA ASP C 68 7.41 -1.71 -47.50
C ASP C 68 6.04 -2.30 -47.20
N LEU C 69 5.03 -1.86 -47.93
CA LEU C 69 3.65 -2.24 -47.67
C LEU C 69 3.28 -3.61 -48.25
N ASP C 70 4.17 -4.22 -49.02
CA ASP C 70 3.93 -5.57 -49.51
C ASP C 70 3.88 -6.61 -48.40
N PHE C 71 4.71 -6.46 -47.36
CA PHE C 71 4.67 -7.35 -46.21
C PHE C 71 3.37 -7.26 -45.42
N TYR C 72 2.83 -6.04 -45.27
CA TYR C 72 1.66 -5.81 -44.44
C TYR C 72 0.35 -5.85 -45.22
N LYS C 73 0.40 -6.18 -46.51
CA LYS C 73 -0.81 -6.18 -47.32
C LYS C 73 -1.55 -7.51 -47.16
N GLY C 74 -2.88 -7.42 -47.12
CA GLY C 74 -3.75 -8.59 -47.07
C GLY C 74 -4.06 -9.06 -48.49
N ARG C 75 -3.66 -10.29 -48.78
CA ARG C 75 -3.75 -10.84 -50.13
C ARG C 75 -4.89 -11.83 -50.23
N CYS C 76 -5.69 -11.68 -51.29
CA CYS C 76 -6.80 -12.58 -51.58
C CYS C 76 -6.29 -13.67 -52.53
N TYR C 77 -6.35 -14.92 -52.07
CA TYR C 77 -5.74 -16.03 -52.80
C TYR C 77 -6.76 -16.96 -53.46
N ARG C 78 -8.04 -16.83 -53.13
CA ARG C 78 -9.05 -17.74 -53.69
C ARG C 78 -10.38 -17.02 -53.80
N ILE C 79 -11.13 -17.35 -54.84
CA ILE C 79 -12.48 -16.83 -55.05
C ILE C 79 -13.40 -18.01 -55.34
N GLU C 80 -14.49 -18.11 -54.60
CA GLU C 80 -15.46 -19.18 -54.78
C GLU C 80 -16.86 -18.58 -54.88
N ASP C 81 -17.76 -19.33 -55.52
CA ASP C 81 -19.12 -18.87 -55.76
C ASP C 81 -20.06 -19.47 -54.72
N VAL C 82 -21.01 -18.66 -54.26
CA VAL C 82 -21.96 -19.10 -53.25
C VAL C 82 -22.93 -20.10 -53.87
N PRO C 83 -23.14 -21.27 -53.24
CA PRO C 83 -24.11 -22.23 -53.79
C PRO C 83 -25.54 -21.80 -53.45
N GLY C 84 -26.39 -21.76 -54.47
CA GLY C 84 -27.76 -21.31 -54.31
C GLY C 84 -27.99 -19.85 -54.62
N ASP C 85 -26.93 -19.05 -54.77
CA ASP C 85 -27.05 -17.65 -55.14
C ASP C 85 -26.08 -17.37 -56.28
N LYS C 86 -26.46 -16.44 -57.15
CA LYS C 86 -25.70 -16.13 -58.34
C LYS C 86 -24.89 -14.85 -58.22
N GLU C 87 -25.44 -13.80 -57.60
CA GLU C 87 -24.75 -12.52 -57.51
C GLU C 87 -23.74 -12.47 -56.36
N ALA C 88 -23.76 -13.42 -55.44
CA ALA C 88 -22.84 -13.44 -54.32
C ALA C 88 -21.67 -14.38 -54.61
N PHE C 89 -20.66 -14.32 -53.74
CA PHE C 89 -19.48 -15.16 -53.89
C PHE C 89 -18.78 -15.27 -52.54
N TYR C 90 -17.78 -16.13 -52.48
CA TYR C 90 -16.93 -16.30 -51.31
C TYR C 90 -15.57 -15.68 -51.59
N ALA C 91 -15.13 -14.81 -50.69
CA ALA C 91 -13.83 -14.14 -50.80
C ALA C 91 -12.94 -14.63 -49.67
N PHE C 92 -11.78 -15.18 -50.02
CA PHE C 92 -10.83 -15.69 -49.04
C PHE C 92 -9.61 -14.78 -49.04
N ILE C 93 -9.13 -14.43 -47.85
CA ILE C 93 -8.08 -13.44 -47.69
C ILE C 93 -7.12 -13.92 -46.60
N ALA C 94 -5.83 -13.75 -46.85
CA ALA C 94 -4.79 -14.12 -45.90
C ALA C 94 -4.15 -12.86 -45.32
N TYR C 95 -3.97 -12.84 -44.00
CA TYR C 95 -3.40 -11.71 -43.31
C TYR C 95 -2.10 -12.10 -42.63
N PRO C 96 -1.11 -11.22 -42.56
CA PRO C 96 0.10 -11.53 -41.80
C PRO C 96 -0.16 -11.52 -40.30
N LEU C 97 0.67 -12.26 -39.58
CA LEU C 97 0.55 -12.36 -38.12
C LEU C 97 1.00 -11.08 -37.42
N ASP C 98 1.85 -10.28 -38.05
CA ASP C 98 2.43 -9.10 -37.41
C ASP C 98 1.44 -7.96 -37.21
N LEU C 99 0.23 -8.05 -37.77
CA LEU C 99 -0.70 -6.94 -37.73
C LEU C 99 -1.52 -6.86 -36.45
N PHE C 100 -1.44 -7.87 -35.58
CA PHE C 100 -2.32 -7.97 -34.45
C PHE C 100 -1.54 -8.03 -33.14
N GLU C 101 -2.24 -7.73 -32.05
CA GLU C 101 -1.67 -7.78 -30.71
C GLU C 101 -1.81 -9.17 -30.12
N GLU C 102 -0.76 -9.62 -29.45
CA GLU C 102 -0.73 -10.96 -28.89
C GLU C 102 -1.67 -11.06 -27.70
N GLY C 103 -2.41 -12.16 -27.62
CA GLY C 103 -3.33 -12.38 -26.52
C GLY C 103 -4.44 -11.37 -26.39
N SER C 104 -4.80 -10.70 -27.49
CA SER C 104 -5.83 -9.67 -27.49
C SER C 104 -6.93 -10.07 -28.46
N VAL C 105 -8.17 -10.10 -27.97
CA VAL C 105 -9.32 -10.32 -28.86
C VAL C 105 -9.92 -9.01 -29.34
N THR C 106 -9.69 -7.90 -28.62
CA THR C 106 -10.20 -6.61 -29.06
C THR C 106 -9.52 -6.15 -30.35
N ASN C 107 -8.22 -6.40 -30.49
CA ASN C 107 -7.49 -5.91 -31.65
C ASN C 107 -7.97 -6.54 -32.95
N VAL C 108 -8.21 -7.86 -32.94
CA VAL C 108 -8.63 -8.52 -34.18
C VAL C 108 -10.02 -8.05 -34.61
N LEU C 109 -10.92 -7.78 -33.65
CA LEU C 109 -12.26 -7.35 -34.00
C LEU C 109 -12.27 -5.97 -34.65
N THR C 110 -11.53 -5.02 -34.08
CA THR C 110 -11.49 -3.68 -34.67
C THR C 110 -10.65 -3.65 -35.93
N SER C 111 -9.68 -4.56 -36.05
CA SER C 111 -8.83 -4.59 -37.23
C SER C 111 -9.55 -5.20 -38.42
N LEU C 112 -10.37 -6.23 -38.18
CA LEU C 112 -10.98 -6.96 -39.28
C LEU C 112 -12.29 -6.32 -39.73
N VAL C 113 -13.25 -6.18 -38.81
CA VAL C 113 -14.58 -5.74 -39.17
C VAL C 113 -14.80 -4.28 -38.77
N GLY C 114 -13.74 -3.65 -38.24
CA GLY C 114 -13.88 -2.28 -37.77
C GLY C 114 -14.19 -1.29 -38.87
N ASN C 115 -13.49 -1.38 -40.00
CA ASN C 115 -13.62 -0.37 -41.05
C ASN C 115 -14.18 -0.89 -42.36
N VAL C 116 -13.92 -2.14 -42.75
CA VAL C 116 -14.37 -2.64 -44.05
C VAL C 116 -15.88 -2.62 -44.17
N PHE C 117 -16.60 -2.71 -43.05
CA PHE C 117 -18.06 -2.67 -43.08
C PHE C 117 -18.60 -1.36 -43.63
N GLY C 118 -17.91 -0.26 -43.40
CA GLY C 118 -18.38 1.05 -43.83
C GLY C 118 -18.16 1.35 -45.29
N PHE C 119 -17.51 0.42 -46.00
CA PHE C 119 -17.26 0.62 -47.42
C PHE C 119 -18.57 0.58 -48.21
N LYS C 120 -18.75 1.57 -49.08
CA LYS C 120 -20.05 1.79 -49.72
C LYS C 120 -20.27 0.94 -50.96
N ALA C 121 -19.21 0.48 -51.62
CA ALA C 121 -19.38 -0.33 -52.83
C ALA C 121 -19.91 -1.72 -52.54
N LEU C 122 -19.99 -2.13 -51.28
CA LEU C 122 -20.51 -3.44 -50.90
C LEU C 122 -21.96 -3.28 -50.44
N ARG C 123 -22.84 -4.13 -50.96
CA ARG C 123 -24.24 -4.07 -50.56
C ARG C 123 -24.52 -4.98 -49.37
N HIS C 124 -24.12 -6.25 -49.47
CA HIS C 124 -24.27 -7.20 -48.39
C HIS C 124 -22.92 -7.81 -48.07
N LEU C 125 -22.55 -7.83 -46.79
CA LEU C 125 -21.26 -8.35 -46.37
C LEU C 125 -21.44 -9.10 -45.06
N ARG C 126 -20.81 -10.26 -44.95
CA ARG C 126 -20.96 -11.12 -43.78
C ARG C 126 -19.70 -11.95 -43.59
N LEU C 127 -19.11 -11.85 -42.40
CA LEU C 127 -17.96 -12.68 -42.04
C LEU C 127 -18.47 -13.97 -41.40
N GLU C 128 -18.00 -15.12 -41.90
CA GLU C 128 -18.52 -16.40 -41.48
C GLU C 128 -17.50 -17.24 -40.70
N ASP C 129 -16.27 -17.34 -41.20
CA ASP C 129 -15.27 -18.19 -40.57
C ASP C 129 -13.94 -17.46 -40.50
N ILE C 130 -13.20 -17.74 -39.43
CA ILE C 130 -11.86 -17.18 -39.20
C ILE C 130 -10.96 -18.32 -38.73
N ARG C 131 -9.76 -18.40 -39.31
CA ARG C 131 -8.78 -19.40 -38.91
C ARG C 131 -7.74 -18.75 -38.02
N PHE C 132 -7.66 -19.17 -36.76
CA PHE C 132 -6.62 -18.58 -35.96
C PHE C 132 -5.35 -19.43 -36.02
N PRO C 133 -4.18 -18.81 -36.21
CA PRO C 133 -2.94 -19.58 -36.20
C PRO C 133 -2.56 -20.01 -34.79
N MET C 134 -1.62 -20.96 -34.71
CA MET C 134 -1.18 -21.47 -33.43
C MET C 134 -0.50 -20.40 -32.60
N ALA C 135 0.29 -19.52 -33.23
CA ALA C 135 0.99 -18.48 -32.48
C ALA C 135 0.01 -17.53 -31.80
N PHE C 136 -1.06 -17.13 -32.49
CA PHE C 136 -2.04 -16.23 -31.90
C PHE C 136 -2.88 -16.91 -30.83
N ILE C 137 -3.19 -18.20 -31.02
CA ILE C 137 -3.98 -18.94 -30.03
C ILE C 137 -3.20 -19.13 -28.74
N LYS C 138 -1.93 -19.52 -28.85
CA LYS C 138 -1.14 -19.89 -27.69
C LYS C 138 -0.83 -18.71 -26.78
N THR C 139 -0.95 -17.48 -27.27
CA THR C 139 -0.75 -16.30 -26.42
C THR C 139 -2.04 -15.79 -25.79
N CYS C 140 -3.19 -16.33 -26.18
CA CYS C 140 -4.47 -15.91 -25.63
C CYS C 140 -4.67 -16.49 -24.23
N PRO C 141 -5.40 -15.77 -23.37
CA PRO C 141 -5.64 -16.32 -22.02
C PRO C 141 -6.52 -17.55 -22.02
N GLY C 142 -7.61 -17.54 -22.77
CA GLY C 142 -8.47 -18.69 -22.89
C GLY C 142 -9.33 -18.93 -21.67
N PRO C 143 -9.99 -20.10 -21.62
CA PRO C 143 -10.88 -20.41 -20.50
C PRO C 143 -10.11 -20.49 -19.20
N PRO C 144 -10.72 -20.05 -18.09
CA PRO C 144 -10.04 -20.19 -16.80
C PRO C 144 -9.89 -21.62 -16.34
N ASN C 145 -10.96 -22.42 -16.40
CA ASN C 145 -10.89 -23.82 -15.97
C ASN C 145 -11.11 -24.76 -17.15
N GLY C 146 -12.18 -24.55 -17.90
CA GLY C 146 -12.51 -25.40 -19.03
C GLY C 146 -13.69 -26.29 -18.76
N ILE C 147 -13.59 -27.52 -19.28
CA ILE C 147 -14.66 -28.50 -19.10
C ILE C 147 -14.24 -29.55 -18.07
N CYS C 148 -13.11 -30.21 -18.32
CA CYS C 148 -12.64 -31.28 -17.43
C CYS C 148 -12.36 -30.75 -16.03
N VAL C 149 -11.76 -29.56 -15.92
CA VAL C 149 -11.50 -28.99 -14.61
C VAL C 149 -12.80 -28.69 -13.88
N GLU C 150 -13.81 -28.17 -14.58
CA GLU C 150 -15.11 -27.92 -13.96
C GLU C 150 -15.74 -29.21 -13.47
N ARG C 151 -15.68 -30.26 -14.29
CA ARG C 151 -16.21 -31.56 -13.87
C ARG C 151 -15.48 -32.09 -12.65
N ASP C 152 -14.15 -31.94 -12.61
CA ASP C 152 -13.38 -32.43 -11.47
C ASP C 152 -13.72 -31.67 -10.20
N ARG C 153 -13.80 -30.33 -10.29
CA ARG C 153 -14.08 -29.52 -9.11
C ARG C 153 -15.50 -29.72 -8.60
N MET C 154 -16.47 -29.84 -9.50
CA MET C 154 -17.87 -30.00 -9.07
C MET C 154 -18.27 -31.46 -8.90
N ASN C 155 -17.38 -32.40 -9.17
CA ASN C 155 -17.60 -33.83 -8.94
C ASN C 155 -18.85 -34.33 -9.67
N LYS C 156 -19.00 -33.90 -10.92
CA LYS C 156 -20.09 -34.35 -11.77
C LYS C 156 -19.48 -34.93 -13.04
N TYR C 157 -19.73 -36.22 -13.29
CA TYR C 157 -19.13 -36.93 -14.40
C TYR C 157 -20.20 -37.71 -15.17
N GLY C 158 -20.01 -37.80 -16.49
CA GLY C 158 -20.74 -38.74 -17.30
C GLY C 158 -22.18 -38.38 -17.61
N ARG C 159 -22.61 -37.15 -17.34
CA ARG C 159 -23.97 -36.74 -17.66
C ARG C 159 -23.99 -35.24 -17.91
N PRO C 160 -24.91 -34.76 -18.73
CA PRO C 160 -25.09 -33.31 -18.86
C PRO C 160 -25.59 -32.69 -17.56
N LEU C 161 -25.14 -31.47 -17.31
CA LEU C 161 -25.51 -30.77 -16.10
C LEU C 161 -26.92 -30.22 -16.21
N LEU C 162 -27.38 -29.57 -15.14
CA LEU C 162 -28.71 -29.02 -15.06
C LEU C 162 -28.65 -27.60 -14.53
N GLY C 163 -29.66 -26.79 -14.86
CA GLY C 163 -29.71 -25.43 -14.41
C GLY C 163 -31.11 -24.88 -14.47
N CYS C 164 -31.26 -23.66 -13.96
CA CYS C 164 -32.55 -22.98 -13.96
C CYS C 164 -32.32 -21.48 -13.89
N THR C 165 -33.33 -20.72 -14.31
CA THR C 165 -33.31 -19.27 -14.26
C THR C 165 -34.45 -18.80 -13.36
N ILE C 166 -34.12 -17.97 -12.38
CA ILE C 166 -35.10 -17.55 -11.39
C ILE C 166 -36.09 -16.58 -12.03
N LYS C 167 -37.38 -16.87 -11.87
CA LYS C 167 -38.46 -16.00 -12.29
C LYS C 167 -39.42 -15.79 -11.13
N PRO C 168 -40.03 -14.60 -11.02
CA PRO C 168 -39.94 -13.42 -11.91
C PRO C 168 -38.57 -12.76 -11.88
N LYS C 169 -38.18 -12.17 -13.02
CA LYS C 169 -36.89 -11.51 -13.10
C LYS C 169 -36.85 -10.24 -12.25
N LEU C 170 -37.89 -9.42 -12.33
CA LEU C 170 -37.93 -8.11 -11.69
C LEU C 170 -38.85 -8.18 -10.47
N GLY C 171 -38.41 -7.61 -9.35
CA GLY C 171 -39.29 -7.44 -8.22
C GLY C 171 -38.86 -8.11 -6.93
N LEU C 172 -38.24 -9.28 -7.03
CA LEU C 172 -37.90 -10.06 -5.84
C LEU C 172 -36.84 -9.34 -5.01
N SER C 173 -37.04 -9.37 -3.69
CA SER C 173 -36.08 -8.78 -2.76
C SER C 173 -34.96 -9.78 -2.44
N GLY C 174 -34.09 -9.38 -1.52
CA GLY C 174 -32.97 -10.23 -1.16
C GLY C 174 -33.38 -11.52 -0.48
N LYS C 175 -34.32 -11.45 0.45
CA LYS C 175 -34.74 -12.66 1.17
C LYS C 175 -35.60 -13.58 0.31
N ASN C 176 -36.48 -13.01 -0.52
CA ASN C 176 -37.29 -13.85 -1.39
C ASN C 176 -36.45 -14.52 -2.47
N TYR C 177 -35.41 -13.85 -2.96
CA TYR C 177 -34.49 -14.48 -3.91
C TYR C 177 -33.84 -15.70 -3.29
N GLY C 178 -33.36 -15.57 -2.04
CA GLY C 178 -32.79 -16.71 -1.35
C GLY C 178 -33.80 -17.80 -1.10
N ARG C 179 -35.06 -17.42 -0.81
CA ARG C 179 -36.11 -18.42 -0.61
C ARG C 179 -36.36 -19.22 -1.88
N VAL C 180 -36.46 -18.54 -3.02
CA VAL C 180 -36.78 -19.25 -4.26
C VAL C 180 -35.59 -20.04 -4.79
N VAL C 181 -34.36 -19.54 -4.61
CA VAL C 181 -33.20 -20.28 -5.11
C VAL C 181 -32.99 -21.56 -4.31
N TYR C 182 -33.23 -21.51 -3.00
CA TYR C 182 -32.99 -22.67 -2.14
C TYR C 182 -33.86 -23.84 -2.53
N GLU C 183 -35.09 -23.58 -2.99
CA GLU C 183 -35.98 -24.67 -3.38
C GLU C 183 -35.54 -25.33 -4.68
N CYS C 184 -35.07 -24.53 -5.65
CA CYS C 184 -34.65 -25.10 -6.93
C CYS C 184 -33.43 -26.00 -6.75
N LEU C 185 -32.47 -25.60 -5.94
CA LEU C 185 -31.28 -26.42 -5.73
C LEU C 185 -31.62 -27.71 -4.99
N ARG C 186 -32.51 -27.64 -4.02
CA ARG C 186 -32.83 -28.80 -3.19
C ARG C 186 -33.81 -29.76 -3.84
N GLY C 187 -34.35 -29.42 -5.01
CA GLY C 187 -35.32 -30.28 -5.66
C GLY C 187 -34.71 -31.28 -6.62
N GLY C 188 -33.42 -31.09 -6.94
CA GLY C 188 -32.75 -31.98 -7.87
C GLY C 188 -31.76 -31.30 -8.78
N LEU C 189 -31.97 -30.01 -9.04
CA LEU C 189 -31.03 -29.26 -9.86
C LEU C 189 -29.71 -29.05 -9.13
N ASP C 190 -28.74 -28.49 -9.85
CA ASP C 190 -27.44 -28.14 -9.27
C ASP C 190 -26.93 -26.78 -9.71
N PHE C 191 -27.75 -25.95 -10.35
CA PHE C 191 -27.37 -24.62 -10.77
C PHE C 191 -28.59 -23.72 -10.80
N THR C 192 -28.35 -22.43 -10.57
CA THR C 192 -29.36 -21.39 -10.74
C THR C 192 -28.71 -20.18 -11.41
N LYS C 193 -29.48 -19.50 -12.25
CA LYS C 193 -28.95 -18.43 -13.07
C LYS C 193 -29.54 -17.08 -12.66
N ASP C 194 -28.66 -16.14 -12.34
CA ASP C 194 -29.07 -14.75 -12.22
C ASP C 194 -29.41 -14.21 -13.60
N ASP C 195 -30.51 -13.47 -13.69
CA ASP C 195 -30.93 -12.94 -14.98
C ASP C 195 -30.01 -11.79 -15.40
N GLU C 196 -30.02 -11.51 -16.71
CA GLU C 196 -29.19 -10.44 -17.25
C GLU C 196 -29.64 -9.08 -16.74
N ASN C 197 -30.93 -8.92 -16.44
CA ASN C 197 -31.45 -7.63 -16.02
C ASN C 197 -30.92 -7.21 -14.65
N ILE C 198 -30.61 -8.17 -13.79
CA ILE C 198 -30.25 -7.89 -12.40
C ILE C 198 -28.76 -7.57 -12.34
N ASN C 199 -28.42 -6.29 -12.21
CA ASN C 199 -27.05 -5.91 -11.90
C ASN C 199 -26.98 -5.27 -10.52
N SER C 200 -27.71 -4.17 -10.34
CA SER C 200 -27.96 -3.59 -9.02
C SER C 200 -29.20 -2.70 -9.08
N GLN C 201 -30.35 -3.21 -8.65
CA GLN C 201 -31.57 -2.43 -8.73
C GLN C 201 -31.91 -1.81 -7.39
N PRO C 202 -32.66 -0.70 -7.40
CA PRO C 202 -33.07 -0.09 -6.12
C PRO C 202 -33.89 -1.03 -5.25
N PHE C 203 -34.72 -1.87 -5.84
CA PHE C 203 -35.53 -2.81 -5.06
C PHE C 203 -34.73 -4.03 -4.60
N GLN C 204 -33.51 -4.21 -5.09
CA GLN C 204 -32.67 -5.33 -4.67
C GLN C 204 -31.20 -4.98 -4.79
N ARG C 205 -30.57 -4.60 -3.67
CA ARG C 205 -29.16 -4.25 -3.71
C ARG C 205 -28.30 -5.49 -3.93
N TRP C 206 -27.17 -5.30 -4.60
CA TRP C 206 -26.30 -6.40 -4.96
C TRP C 206 -25.54 -6.97 -3.76
N GLN C 207 -25.31 -6.16 -2.73
CA GLN C 207 -24.66 -6.67 -1.54
C GLN C 207 -25.57 -7.57 -0.71
N ASN C 208 -26.88 -7.46 -0.86
CA ASN C 208 -27.83 -8.30 -0.13
C ASN C 208 -28.16 -9.58 -0.88
N ARG C 209 -28.21 -9.52 -2.21
CA ARG C 209 -28.54 -10.71 -2.99
C ARG C 209 -27.45 -11.78 -2.86
N PHE C 210 -26.20 -11.36 -2.69
CA PHE C 210 -25.10 -12.32 -2.61
C PHE C 210 -25.13 -13.10 -1.30
N GLU C 211 -25.36 -12.40 -0.18
CA GLU C 211 -25.30 -13.06 1.12
C GLU C 211 -26.47 -14.01 1.35
N PHE C 212 -27.68 -13.60 0.98
CA PHE C 212 -28.84 -14.48 1.11
C PHE C 212 -28.73 -15.73 0.26
N VAL C 213 -28.23 -15.61 -0.97
CA VAL C 213 -28.01 -16.77 -1.82
C VAL C 213 -26.90 -17.65 -1.25
N ALA C 214 -25.86 -17.04 -0.68
CA ALA C 214 -24.74 -17.79 -0.14
C ALA C 214 -25.17 -18.77 0.94
N GLU C 215 -26.13 -18.40 1.79
CA GLU C 215 -26.68 -19.33 2.76
C GLU C 215 -27.53 -20.41 2.11
N ALA C 216 -28.34 -20.04 1.10
CA ALA C 216 -29.17 -21.02 0.42
C ALA C 216 -28.34 -22.09 -0.27
N VAL C 217 -27.24 -21.70 -0.93
CA VAL C 217 -26.37 -22.68 -1.55
C VAL C 217 -25.73 -23.58 -0.50
N ALA C 218 -25.26 -22.99 0.60
CA ALA C 218 -24.62 -23.77 1.66
C ALA C 218 -25.62 -24.66 2.40
N LEU C 219 -26.86 -24.19 2.59
CA LEU C 219 -27.87 -24.99 3.28
C LEU C 219 -28.32 -26.20 2.49
N ALA C 220 -28.47 -26.08 1.17
CA ALA C 220 -28.91 -27.19 0.35
C ALA C 220 -27.76 -28.11 -0.08
N GLN C 221 -26.52 -27.61 -0.09
CA GLN C 221 -25.39 -28.44 -0.48
C GLN C 221 -25.18 -29.59 0.49
N GLN C 222 -25.30 -29.35 1.79
CA GLN C 222 -25.11 -30.40 2.78
C GLN C 222 -26.28 -31.36 2.83
N GLU C 223 -27.50 -30.87 2.60
CA GLU C 223 -28.68 -31.72 2.68
C GLU C 223 -28.71 -32.77 1.58
N THR C 224 -28.53 -32.36 0.32
CA THR C 224 -28.61 -33.29 -0.79
C THR C 224 -27.31 -34.07 -1.00
N GLY C 225 -26.21 -33.62 -0.42
CA GLY C 225 -24.93 -34.25 -0.66
C GLY C 225 -24.28 -33.92 -1.99
N GLU C 226 -24.81 -32.94 -2.71
CA GLU C 226 -24.29 -32.55 -4.02
C GLU C 226 -23.77 -31.13 -3.96
N LYS C 227 -22.64 -30.90 -4.61
CA LYS C 227 -22.11 -29.55 -4.74
C LYS C 227 -22.95 -28.75 -5.72
N LYS C 228 -23.43 -27.59 -5.27
CA LYS C 228 -24.31 -26.76 -6.07
C LYS C 228 -23.69 -25.38 -6.24
N GLY C 229 -24.02 -24.75 -7.37
CA GLY C 229 -23.46 -23.45 -7.69
C GLY C 229 -24.56 -22.49 -8.11
N HIS C 230 -24.15 -21.25 -8.35
CA HIS C 230 -25.08 -20.19 -8.72
C HIS C 230 -24.30 -19.09 -9.41
N TYR C 231 -24.67 -18.79 -10.66
CA TYR C 231 -24.00 -17.72 -11.40
C TYR C 231 -24.50 -16.37 -10.92
N LEU C 232 -23.61 -15.58 -10.34
CA LEU C 232 -23.97 -14.24 -9.87
C LEU C 232 -23.61 -13.22 -10.93
N ASN C 233 -24.58 -12.39 -11.29
CA ASN C 233 -24.39 -11.39 -12.34
C ASN C 233 -23.55 -10.24 -11.79
N CYS C 234 -22.25 -10.29 -12.07
CA CYS C 234 -21.33 -9.25 -11.63
C CYS C 234 -21.08 -8.20 -12.72
N THR C 235 -22.00 -8.06 -13.66
CA THR C 235 -21.84 -7.07 -14.72
C THR C 235 -22.07 -5.66 -14.16
N ALA C 236 -21.03 -4.84 -14.23
CA ALA C 236 -21.09 -3.48 -13.70
C ALA C 236 -20.61 -2.52 -14.79
N ALA C 237 -21.10 -1.29 -14.74
CA ALA C 237 -20.72 -0.27 -15.71
C ALA C 237 -19.30 0.24 -15.51
N THR C 238 -18.66 -0.11 -14.39
CA THR C 238 -17.31 0.32 -14.07
C THR C 238 -16.48 -0.90 -13.72
N PRO C 239 -15.28 -1.04 -14.31
CA PRO C 239 -14.52 -2.28 -14.11
C PRO C 239 -14.17 -2.60 -12.67
N GLU C 240 -13.83 -1.60 -11.85
CA GLU C 240 -13.53 -1.91 -10.46
C GLU C 240 -14.77 -2.33 -9.69
N GLU C 241 -15.94 -1.77 -10.04
CA GLU C 241 -17.18 -2.25 -9.46
C GLU C 241 -17.44 -3.71 -9.83
N MET C 242 -17.03 -4.11 -11.03
CA MET C 242 -17.10 -5.53 -11.40
C MET C 242 -16.14 -6.36 -10.55
N TYR C 243 -14.91 -5.87 -10.39
CA TYR C 243 -13.92 -6.60 -9.59
C TYR C 243 -14.34 -6.69 -8.13
N GLU C 244 -14.95 -5.63 -7.59
CA GLU C 244 -15.44 -5.68 -6.23
C GLU C 244 -16.51 -6.76 -6.05
N ARG C 245 -17.44 -6.85 -7.01
CA ARG C 245 -18.46 -7.89 -6.93
C ARG C 245 -17.86 -9.28 -7.07
N ALA C 246 -16.86 -9.43 -7.95
CA ALA C 246 -16.19 -10.72 -8.08
C ALA C 246 -15.49 -11.12 -6.79
N GLU C 247 -14.81 -10.18 -6.16
CA GLU C 247 -14.15 -10.46 -4.88
C GLU C 247 -15.15 -10.81 -3.79
N PHE C 248 -16.26 -10.07 -3.72
CA PHE C 248 -17.31 -10.38 -2.74
C PHE C 248 -17.86 -11.78 -2.97
N ALA C 249 -18.09 -12.14 -4.23
CA ALA C 249 -18.57 -13.49 -4.54
C ALA C 249 -17.55 -14.55 -4.14
N LYS C 250 -16.26 -14.29 -4.36
CA LYS C 250 -15.24 -15.24 -3.92
C LYS C 250 -15.20 -15.38 -2.41
N GLU C 251 -15.36 -14.27 -1.69
CA GLU C 251 -15.28 -14.31 -0.23
C GLU C 251 -16.37 -15.18 0.38
N LEU C 252 -17.59 -15.11 -0.15
CA LEU C 252 -18.69 -15.92 0.33
C LEU C 252 -18.53 -17.41 0.00
N GLY C 253 -17.56 -17.76 -0.84
CA GLY C 253 -17.36 -19.15 -1.20
C GLY C 253 -18.13 -19.60 -2.42
N GLN C 254 -18.62 -18.66 -3.24
CA GLN C 254 -19.34 -19.03 -4.44
C GLN C 254 -18.39 -19.65 -5.46
N PRO C 255 -18.83 -20.71 -6.15
CA PRO C 255 -17.93 -21.39 -7.09
C PRO C 255 -17.91 -20.80 -8.49
N ILE C 256 -19.00 -20.13 -8.90
CA ILE C 256 -19.16 -19.70 -10.28
C ILE C 256 -19.79 -18.31 -10.32
N ILE C 257 -19.44 -17.55 -11.36
CA ILE C 257 -19.96 -16.20 -11.58
C ILE C 257 -20.39 -16.05 -13.03
N MET C 258 -21.07 -14.95 -13.36
CA MET C 258 -21.56 -14.74 -14.71
C MET C 258 -21.28 -13.30 -15.14
N HIS C 259 -20.95 -13.14 -16.42
CA HIS C 259 -20.69 -11.83 -17.00
C HIS C 259 -21.28 -11.77 -18.40
N ASP C 260 -21.68 -10.57 -18.81
CA ASP C 260 -22.26 -10.32 -20.13
C ASP C 260 -21.18 -9.74 -21.04
N TYR C 261 -20.61 -10.59 -21.91
CA TYR C 261 -19.41 -10.19 -22.63
C TYR C 261 -19.69 -9.17 -23.74
N ILE C 262 -20.80 -9.30 -24.47
CA ILE C 262 -21.06 -8.39 -25.59
C ILE C 262 -21.30 -6.98 -25.08
N THR C 263 -22.14 -6.82 -24.06
CA THR C 263 -22.41 -5.50 -23.49
C THR C 263 -21.28 -4.98 -22.63
N GLY C 264 -20.56 -5.86 -21.95
CA GLY C 264 -19.43 -5.46 -21.12
C GLY C 264 -18.13 -5.24 -21.85
N GLY C 265 -18.07 -5.61 -23.13
CA GLY C 265 -16.84 -5.43 -23.88
C GLY C 265 -15.87 -6.58 -23.71
N PHE C 266 -15.23 -6.94 -24.82
CA PHE C 266 -14.24 -8.02 -24.77
C PHE C 266 -13.04 -7.66 -23.91
N THR C 267 -12.72 -6.37 -23.80
CA THR C 267 -11.65 -5.95 -22.91
C THR C 267 -11.95 -6.32 -21.46
N ALA C 268 -13.14 -5.94 -20.98
CA ALA C 268 -13.54 -6.28 -19.62
C ALA C 268 -13.70 -7.80 -19.46
N ASN C 269 -14.21 -8.47 -20.50
CA ASN C 269 -14.36 -9.92 -20.42
C ASN C 269 -13.02 -10.62 -20.26
N THR C 270 -12.00 -10.17 -21.01
CA THR C 270 -10.66 -10.73 -20.88
C THR C 270 -10.03 -10.36 -19.53
N GLY C 271 -10.29 -9.15 -19.04
CA GLY C 271 -9.81 -8.78 -17.71
C GLY C 271 -10.38 -9.67 -16.62
N LEU C 272 -11.68 -9.99 -16.71
CA LEU C 272 -12.28 -10.90 -15.76
C LEU C 272 -11.87 -12.34 -16.03
N SER C 273 -11.57 -12.66 -17.29
CA SER C 273 -11.14 -14.01 -17.64
C SER C 273 -9.84 -14.38 -16.95
N LYS C 274 -8.87 -13.45 -16.91
CA LYS C 274 -7.61 -13.70 -16.23
C LYS C 274 -7.73 -13.59 -14.71
N TRP C 275 -8.80 -12.98 -14.21
CA TRP C 275 -9.00 -12.91 -12.77
C TRP C 275 -9.48 -14.24 -12.20
N CYS C 276 -10.32 -14.95 -12.95
CA CYS C 276 -10.90 -16.20 -12.46
C CYS C 276 -9.87 -17.31 -12.26
N ARG C 277 -8.87 -17.40 -13.14
CA ARG C 277 -7.90 -18.49 -13.05
C ARG C 277 -7.02 -18.35 -11.81
N LYS C 278 -6.69 -17.11 -11.41
CA LYS C 278 -5.84 -16.91 -10.25
C LYS C 278 -6.55 -17.23 -8.94
N ASN C 279 -7.87 -17.04 -8.88
CA ASN C 279 -8.63 -17.31 -7.67
C ASN C 279 -9.45 -18.60 -7.76
N GLY C 280 -9.27 -19.38 -8.81
CA GLY C 280 -9.98 -20.65 -8.93
C GLY C 280 -11.48 -20.51 -9.03
N MET C 281 -11.95 -19.60 -9.87
CA MET C 281 -13.38 -19.37 -10.05
C MET C 281 -13.80 -19.74 -11.46
N LEU C 282 -15.00 -20.29 -11.58
CA LEU C 282 -15.61 -20.63 -12.85
C LEU C 282 -16.37 -19.41 -13.40
N LEU C 283 -16.48 -19.37 -14.73
CA LEU C 283 -17.09 -18.23 -15.41
C LEU C 283 -18.19 -18.72 -16.34
N HIS C 284 -19.35 -18.07 -16.26
CA HIS C 284 -20.47 -18.33 -17.15
C HIS C 284 -20.72 -17.12 -18.02
N ILE C 285 -20.76 -17.32 -19.33
CA ILE C 285 -20.88 -16.22 -20.30
C ILE C 285 -22.28 -16.22 -20.89
N HIS C 286 -22.90 -15.04 -20.92
CA HIS C 286 -24.21 -14.84 -21.52
C HIS C 286 -24.06 -13.98 -22.76
N ARG C 287 -24.72 -14.37 -23.85
CA ARG C 287 -24.58 -13.69 -25.13
C ARG C 287 -25.70 -12.66 -25.33
N ALA C 288 -25.61 -11.59 -24.54
CA ALA C 288 -26.59 -10.51 -24.65
C ALA C 288 -26.49 -9.82 -26.00
N MET C 289 -27.64 -9.50 -26.58
CA MET C 289 -27.74 -8.80 -27.87
C MET C 289 -27.05 -9.58 -28.98
N HIS C 290 -27.07 -10.91 -28.92
CA HIS C 290 -26.50 -11.72 -29.98
C HIS C 290 -27.34 -11.67 -31.25
N ALA C 291 -28.66 -11.53 -31.11
CA ALA C 291 -29.55 -11.48 -32.27
C ALA C 291 -29.44 -10.18 -33.05
N VAL C 292 -28.83 -9.14 -32.46
CA VAL C 292 -28.66 -7.88 -33.19
C VAL C 292 -27.74 -8.08 -34.40
N ILE C 293 -26.67 -8.85 -34.22
CA ILE C 293 -25.67 -9.02 -35.28
C ILE C 293 -25.92 -10.29 -36.08
N ASP C 294 -26.24 -11.39 -35.41
CA ASP C 294 -26.24 -12.72 -36.01
C ASP C 294 -27.51 -13.06 -36.76
N ARG C 295 -28.65 -12.45 -36.40
CA ARG C 295 -29.94 -12.94 -36.88
C ARG C 295 -30.09 -12.87 -38.39
N HIS C 296 -29.64 -11.78 -39.00
CA HIS C 296 -29.90 -11.68 -40.44
C HIS C 296 -28.80 -12.38 -41.22
N PRO C 297 -29.16 -13.08 -42.32
CA PRO C 297 -28.21 -14.00 -42.95
C PRO C 297 -27.30 -13.37 -44.00
N LYS C 298 -27.41 -12.07 -44.27
CA LYS C 298 -26.55 -11.44 -45.27
C LYS C 298 -25.78 -10.23 -44.75
N HIS C 299 -26.02 -9.79 -43.52
CA HIS C 299 -25.37 -8.62 -42.96
C HIS C 299 -24.91 -8.90 -41.54
N GLY C 300 -23.66 -8.56 -41.25
CA GLY C 300 -23.12 -8.71 -39.92
C GLY C 300 -22.08 -9.81 -39.82
N ILE C 301 -22.06 -10.44 -38.64
CA ILE C 301 -21.13 -11.51 -38.34
C ILE C 301 -21.91 -12.67 -37.73
N HIS C 302 -21.58 -13.88 -38.17
CA HIS C 302 -22.16 -15.07 -37.57
C HIS C 302 -21.73 -15.20 -36.12
N PHE C 303 -22.57 -15.87 -35.32
CA PHE C 303 -22.24 -16.09 -33.92
C PHE C 303 -21.08 -17.07 -33.76
N ARG C 304 -20.75 -17.82 -34.81
CA ARG C 304 -19.66 -18.79 -34.74
C ARG C 304 -18.32 -18.10 -34.52
N VAL C 305 -18.06 -17.02 -35.26
CA VAL C 305 -16.85 -16.24 -35.04
C VAL C 305 -16.84 -15.68 -33.62
N LEU C 306 -17.98 -15.19 -33.15
CA LEU C 306 -18.11 -14.75 -31.77
C LEU C 306 -17.89 -15.88 -30.78
N ALA C 307 -18.33 -17.10 -31.07
CA ALA C 307 -18.04 -18.23 -30.21
C ALA C 307 -16.55 -18.52 -30.14
N LYS C 308 -15.87 -18.47 -31.28
CA LYS C 308 -14.41 -18.65 -31.28
C LYS C 308 -13.72 -17.56 -30.47
N CYS C 309 -14.14 -16.31 -30.64
CA CYS C 309 -13.54 -15.21 -29.90
C CYS C 309 -13.80 -15.33 -28.41
N LEU C 310 -14.99 -15.83 -28.03
CA LEU C 310 -15.29 -16.02 -26.61
C LEU C 310 -14.44 -17.15 -26.03
N ARG C 311 -14.30 -18.25 -26.77
CA ARG C 311 -13.43 -19.34 -26.29
C ARG C 311 -11.98 -18.88 -26.19
N LEU C 312 -11.57 -17.95 -27.05
CA LEU C 312 -10.23 -17.38 -26.92
C LEU C 312 -10.12 -16.45 -25.73
N SER C 313 -11.20 -15.72 -25.42
CA SER C 313 -11.16 -14.77 -24.30
C SER C 313 -11.22 -15.47 -22.96
N GLY C 314 -12.25 -16.26 -22.72
CA GLY C 314 -12.39 -16.97 -21.46
C GLY C 314 -13.80 -17.50 -21.29
N GLY C 315 -14.12 -17.85 -20.04
CA GLY C 315 -15.42 -18.39 -19.72
C GLY C 315 -15.53 -19.88 -19.96
N ASP C 316 -16.16 -20.60 -19.04
CA ASP C 316 -16.34 -22.04 -19.18
C ASP C 316 -17.65 -22.43 -19.84
N GLN C 317 -18.62 -21.52 -19.90
CA GLN C 317 -19.88 -21.77 -20.57
C GLN C 317 -20.21 -20.60 -21.48
N LEU C 318 -21.11 -20.83 -22.42
CA LEU C 318 -21.59 -19.80 -23.32
C LEU C 318 -22.96 -20.19 -23.85
N HIS C 319 -23.92 -19.27 -23.76
CA HIS C 319 -25.27 -19.55 -24.22
C HIS C 319 -25.28 -19.84 -25.72
N THR C 320 -25.94 -20.93 -26.10
CA THR C 320 -26.13 -21.27 -27.50
C THR C 320 -27.60 -21.16 -27.85
N GLY C 321 -28.47 -21.55 -26.93
CA GLY C 321 -29.90 -21.44 -27.13
C GLY C 321 -30.37 -22.26 -28.32
N THR C 322 -31.61 -22.01 -28.71
CA THR C 322 -32.59 -21.19 -27.99
C THR C 322 -33.79 -22.09 -27.75
N VAL C 323 -33.80 -23.21 -28.45
CA VAL C 323 -34.69 -24.34 -28.23
C VAL C 323 -36.16 -23.90 -28.20
N VAL C 324 -36.59 -23.17 -29.23
CA VAL C 324 -38.02 -23.03 -29.48
C VAL C 324 -38.31 -23.20 -30.97
N GLY C 325 -38.58 -24.43 -31.39
CA GLY C 325 -38.32 -25.63 -30.62
C GLY C 325 -36.84 -25.95 -30.70
N LYS C 326 -36.23 -25.49 -31.80
CA LYS C 326 -34.78 -25.49 -31.98
C LYS C 326 -34.41 -24.24 -32.77
N LEU C 327 -33.11 -23.93 -32.79
CA LEU C 327 -32.65 -22.78 -33.56
C LEU C 327 -32.94 -22.93 -35.05
N GLU C 328 -32.56 -24.08 -35.63
CA GLU C 328 -32.68 -24.36 -37.06
C GLU C 328 -31.77 -23.47 -37.89
N ASP C 330 -31.02 -24.06 -38.81
CA ASP C 330 -30.97 -25.50 -39.03
C ASP C 330 -29.99 -26.17 -38.08
N ARG C 331 -30.16 -27.47 -37.86
CA ARG C 331 -29.31 -28.19 -36.93
C ARG C 331 -27.88 -28.33 -37.44
N GLN C 332 -27.69 -28.45 -38.75
CA GLN C 332 -26.34 -28.65 -39.29
C GLN C 332 -25.44 -27.45 -38.99
N THR C 333 -25.96 -26.24 -39.16
CA THR C 333 -25.16 -25.05 -38.88
C THR C 333 -24.86 -24.93 -37.40
N THR C 334 -25.83 -25.24 -36.53
CA THR C 334 -25.62 -25.10 -35.10
C THR C 334 -24.52 -26.02 -34.60
N LEU C 335 -24.49 -27.27 -35.10
CA LEU C 335 -23.43 -28.19 -34.73
C LEU C 335 -22.07 -27.74 -35.26
N GLY C 336 -22.04 -26.80 -36.20
CA GLY C 336 -20.77 -26.35 -36.75
C GLY C 336 -19.89 -25.68 -35.72
N PHE C 337 -20.45 -24.72 -34.98
CA PHE C 337 -19.70 -24.02 -33.95
C PHE C 337 -19.76 -24.71 -32.59
N ILE C 338 -20.61 -25.72 -32.45
CA ILE C 338 -20.59 -26.54 -31.23
C ILE C 338 -19.28 -27.32 -31.15
N ASP C 339 -18.84 -27.88 -32.29
CA ASP C 339 -17.57 -28.60 -32.32
C ASP C 339 -16.40 -27.68 -31.99
N GLN C 340 -16.38 -26.50 -32.60
CA GLN C 340 -15.33 -25.53 -32.30
C GLN C 340 -15.36 -25.07 -30.85
N LEU C 341 -16.53 -25.10 -30.22
CA LEU C 341 -16.64 -24.73 -28.82
C LEU C 341 -16.07 -25.80 -27.89
N ARG C 342 -16.03 -27.06 -28.32
CA ARG C 342 -15.67 -28.16 -27.44
C ARG C 342 -14.51 -29.02 -27.94
N GLU C 343 -14.46 -29.29 -29.24
CA GLU C 343 -13.47 -30.24 -29.75
C GLU C 343 -12.08 -29.62 -29.79
N SER C 344 -11.08 -30.49 -29.92
CA SER C 344 -9.68 -30.06 -29.98
C SER C 344 -9.18 -29.86 -31.41
N PHE C 345 -9.69 -30.64 -32.37
CA PHE C 345 -9.30 -30.50 -33.76
C PHE C 345 -10.52 -30.69 -34.64
N ILE C 346 -10.84 -29.69 -35.45
CA ILE C 346 -12.03 -29.66 -36.27
C ILE C 346 -11.62 -29.73 -37.74
N PRO C 347 -12.05 -30.75 -38.48
CA PRO C 347 -11.69 -30.83 -39.90
C PRO C 347 -12.46 -29.84 -40.76
N GLU C 348 -12.25 -29.89 -42.08
CA GLU C 348 -12.90 -29.00 -43.03
C GLU C 348 -14.23 -29.61 -43.45
N ASP C 349 -15.31 -28.82 -43.31
CA ASP C 349 -16.64 -29.27 -43.69
C ASP C 349 -17.50 -28.06 -44.02
N ARG C 350 -17.97 -27.98 -45.27
CA ARG C 350 -18.86 -26.91 -45.69
C ARG C 350 -20.29 -27.12 -45.21
N SER C 351 -20.72 -28.36 -45.02
CA SER C 351 -22.09 -28.63 -44.59
C SER C 351 -22.37 -28.00 -43.22
N ARG C 352 -21.44 -28.14 -42.28
CA ARG C 352 -21.54 -27.48 -41.00
C ARG C 352 -20.88 -26.11 -40.99
N GLY C 353 -20.40 -25.66 -42.15
CA GLY C 353 -19.87 -24.31 -42.27
C GLY C 353 -18.48 -24.10 -41.72
N ASN C 354 -17.68 -25.16 -41.63
CA ASN C 354 -16.30 -25.05 -41.20
C ASN C 354 -15.43 -24.83 -42.44
N PHE C 355 -15.20 -23.58 -42.78
CA PHE C 355 -14.46 -23.23 -43.99
C PHE C 355 -12.97 -23.48 -43.89
N PHE C 356 -12.42 -23.53 -42.68
CA PHE C 356 -10.98 -23.68 -42.48
C PHE C 356 -10.71 -24.77 -41.46
N ASP C 357 -9.58 -25.45 -41.63
CA ASP C 357 -9.12 -26.43 -40.65
C ASP C 357 -8.60 -25.68 -39.43
N GLN C 358 -9.29 -25.83 -38.30
CA GLN C 358 -8.96 -25.09 -37.08
C GLN C 358 -8.27 -26.03 -36.11
N ASP C 359 -7.09 -25.64 -35.65
CA ASP C 359 -6.28 -26.43 -34.74
C ASP C 359 -6.17 -25.72 -33.40
N TRP C 360 -6.83 -26.26 -32.38
CA TRP C 360 -6.75 -25.72 -31.03
C TRP C 360 -5.65 -26.38 -30.20
N GLY C 361 -5.00 -27.41 -30.72
CA GLY C 361 -3.97 -28.12 -29.98
C GLY C 361 -4.51 -28.81 -28.74
N SER C 362 -3.97 -28.43 -27.56
CA SER C 362 -4.39 -29.00 -26.29
C SER C 362 -5.20 -27.99 -25.48
N MET C 363 -5.89 -27.08 -26.16
CA MET C 363 -6.69 -26.03 -25.53
C MET C 363 -8.02 -26.61 -25.06
N PRO C 364 -8.33 -26.55 -23.77
CA PRO C 364 -9.59 -27.10 -23.29
C PRO C 364 -10.79 -26.37 -23.85
N GLY C 365 -11.89 -27.10 -24.00
CA GLY C 365 -13.10 -26.57 -24.60
C GLY C 365 -13.96 -25.79 -23.64
N VAL C 366 -15.16 -25.47 -24.09
CA VAL C 366 -16.12 -24.68 -23.35
C VAL C 366 -17.46 -25.39 -23.37
N PHE C 367 -18.14 -25.43 -22.23
CA PHE C 367 -19.44 -26.08 -22.14
C PHE C 367 -20.46 -25.38 -23.03
N ALA C 368 -21.33 -26.17 -23.65
CA ALA C 368 -22.41 -25.66 -24.49
C ALA C 368 -23.70 -25.65 -23.68
N VAL C 369 -24.30 -24.47 -23.54
CA VAL C 369 -25.48 -24.29 -22.70
C VAL C 369 -26.70 -24.06 -23.58
N ALA C 370 -27.73 -24.87 -23.39
CA ALA C 370 -29.01 -24.69 -24.06
C ALA C 370 -30.01 -24.03 -23.13
N SER C 371 -30.80 -23.10 -23.66
CA SER C 371 -31.75 -22.34 -22.87
C SER C 371 -33.00 -22.09 -23.71
N GLY C 372 -33.83 -21.17 -23.23
CA GLY C 372 -35.02 -20.78 -23.95
C GLY C 372 -36.18 -21.77 -23.91
N GLY C 373 -36.73 -22.02 -22.74
CA GLY C 373 -37.99 -22.73 -22.62
C GLY C 373 -37.96 -24.21 -22.92
N ILE C 374 -37.02 -24.96 -22.36
CA ILE C 374 -37.04 -26.41 -22.49
C ILE C 374 -38.00 -26.98 -21.46
N HIS C 375 -38.60 -28.12 -21.80
CA HIS C 375 -39.47 -28.85 -20.89
C HIS C 375 -39.15 -30.34 -21.02
N VAL C 376 -39.96 -31.18 -20.37
CA VAL C 376 -39.59 -32.57 -20.18
C VAL C 376 -39.57 -33.37 -21.47
N TRP C 377 -40.52 -33.13 -22.39
CA TRP C 377 -40.60 -33.90 -23.63
C TRP C 377 -39.50 -33.55 -24.63
N HIS C 378 -39.03 -32.31 -24.66
CA HIS C 378 -37.99 -31.88 -25.58
C HIS C 378 -36.61 -32.41 -25.23
N MET C 379 -36.40 -32.83 -23.98
CA MET C 379 -35.07 -33.22 -23.52
C MET C 379 -34.48 -34.40 -24.28
N PRO C 380 -35.22 -35.48 -24.58
CA PRO C 380 -34.62 -36.56 -25.38
C PRO C 380 -34.12 -36.11 -26.75
N ALA C 381 -34.67 -35.03 -27.30
CA ALA C 381 -34.16 -34.47 -28.54
C ALA C 381 -32.91 -33.61 -28.33
N LEU C 382 -32.53 -33.37 -27.08
CA LEU C 382 -31.37 -32.56 -26.76
C LEU C 382 -30.22 -33.35 -26.16
N VAL C 383 -30.52 -34.42 -25.43
CA VAL C 383 -29.47 -35.31 -24.94
C VAL C 383 -28.93 -36.19 -26.05
N ALA C 384 -29.64 -36.28 -27.18
CA ALA C 384 -29.14 -37.04 -28.32
C ALA C 384 -28.29 -36.20 -29.26
N ILE C 385 -28.46 -34.88 -29.24
CA ILE C 385 -27.76 -34.01 -30.17
C ILE C 385 -26.52 -33.39 -29.54
N PHE C 386 -26.68 -32.73 -28.39
CA PHE C 386 -25.57 -32.01 -27.75
C PHE C 386 -24.47 -32.91 -27.22
N GLY C 387 -24.79 -34.13 -26.79
CA GLY C 387 -23.78 -35.00 -26.23
C GLY C 387 -23.81 -35.00 -24.71
N ASP C 388 -22.62 -35.20 -24.14
CA ASP C 388 -22.49 -35.26 -22.68
C ASP C 388 -21.94 -33.99 -22.07
N ASP C 389 -21.24 -33.16 -22.85
CA ASP C 389 -20.71 -31.89 -22.33
C ASP C 389 -21.67 -30.74 -22.67
N SER C 390 -22.82 -30.75 -21.99
CA SER C 390 -23.86 -29.76 -22.23
C SER C 390 -24.52 -29.40 -20.91
N VAL C 391 -25.17 -28.23 -20.89
CA VAL C 391 -25.89 -27.72 -19.73
C VAL C 391 -27.25 -27.24 -20.20
N LEU C 392 -28.29 -27.60 -19.47
CA LEU C 392 -29.66 -27.20 -19.78
C LEU C 392 -30.13 -26.21 -18.72
N GLN C 393 -30.89 -25.21 -19.14
CA GLN C 393 -31.34 -24.13 -18.26
C GLN C 393 -32.76 -23.75 -18.63
N PHE C 394 -33.68 -23.92 -17.68
CA PHE C 394 -35.08 -23.55 -17.87
C PHE C 394 -35.38 -22.24 -17.17
N GLY C 395 -36.20 -21.42 -17.82
CA GLY C 395 -36.68 -20.21 -17.18
C GLY C 395 -38.00 -20.46 -16.47
N GLY C 396 -38.98 -21.01 -17.17
CA GLY C 396 -40.26 -21.34 -16.58
C GLY C 396 -40.52 -22.83 -16.51
N GLY C 397 -39.62 -23.62 -17.08
CA GLY C 397 -39.82 -25.07 -17.09
C GLY C 397 -39.82 -25.68 -15.70
N THR C 398 -38.86 -25.29 -14.87
CA THR C 398 -38.80 -25.79 -13.50
C THR C 398 -39.85 -25.13 -12.62
N HIS C 399 -40.08 -23.84 -12.82
CA HIS C 399 -41.01 -23.11 -11.97
C HIS C 399 -42.46 -23.27 -12.42
N GLY C 400 -42.67 -23.90 -13.58
CA GLY C 400 -44.02 -24.08 -14.08
C GLY C 400 -44.72 -25.32 -13.54
N HIS C 401 -44.04 -26.07 -12.69
CA HIS C 401 -44.62 -27.27 -12.10
C HIS C 401 -45.68 -26.90 -11.08
N PRO C 402 -46.89 -27.46 -11.19
CA PRO C 402 -47.98 -27.11 -10.27
C PRO C 402 -47.63 -27.32 -8.80
N TRP C 403 -46.77 -28.29 -8.50
CA TRP C 403 -46.40 -28.58 -7.13
C TRP C 403 -45.20 -27.78 -6.64
N GLY C 404 -44.91 -26.63 -7.26
CA GLY C 404 -43.85 -25.75 -6.83
C GLY C 404 -42.63 -25.94 -7.71
N SER C 405 -41.48 -25.53 -7.17
CA SER C 405 -40.22 -25.63 -7.89
C SER C 405 -39.36 -26.82 -7.45
N ALA C 406 -39.52 -27.29 -6.22
CA ALA C 406 -38.82 -28.48 -5.76
C ALA C 406 -39.28 -29.73 -6.50
N ALA C 407 -40.57 -29.84 -6.78
CA ALA C 407 -41.07 -30.96 -7.57
C ALA C 407 -40.71 -30.82 -9.04
N GLY C 408 -40.60 -29.60 -9.55
CA GLY C 408 -40.18 -29.42 -10.93
C GLY C 408 -38.78 -29.91 -11.18
N ALA C 409 -37.84 -29.58 -10.28
CA ALA C 409 -36.48 -30.05 -10.42
C ALA C 409 -36.40 -31.58 -10.38
N ALA C 410 -37.15 -32.20 -9.47
CA ALA C 410 -37.21 -33.66 -9.43
C ALA C 410 -37.83 -34.24 -10.69
N ALA C 411 -38.81 -33.56 -11.28
CA ALA C 411 -39.42 -34.02 -12.52
C ALA C 411 -38.45 -34.05 -13.69
N ASN C 412 -37.60 -33.01 -13.82
CA ASN C 412 -36.62 -33.01 -14.89
C ASN C 412 -35.47 -33.96 -14.59
N ARG C 413 -35.01 -34.03 -13.34
CA ARG C 413 -33.87 -34.88 -13.01
C ARG C 413 -34.20 -36.36 -13.16
N VAL C 414 -35.42 -36.76 -12.82
CA VAL C 414 -35.79 -38.17 -12.92
C VAL C 414 -35.82 -38.62 -14.37
N ALA C 415 -36.43 -37.82 -15.25
CA ALA C 415 -36.50 -38.17 -16.66
C ALA C 415 -35.13 -38.11 -17.32
N LEU C 416 -34.30 -37.13 -16.93
CA LEU C 416 -32.97 -37.00 -17.52
C LEU C 416 -32.13 -38.25 -17.31
N GLU C 417 -32.12 -38.76 -16.08
CA GLU C 417 -31.38 -39.98 -15.79
C GLU C 417 -31.91 -41.17 -16.56
N ALA C 418 -33.23 -41.24 -16.79
CA ALA C 418 -33.79 -42.27 -17.66
C ALA C 418 -33.30 -42.11 -19.09
N CYS C 419 -33.26 -40.89 -19.61
CA CYS C 419 -32.77 -40.66 -20.97
C CYS C 419 -31.32 -41.07 -21.11
N VAL C 420 -30.46 -40.67 -20.16
CA VAL C 420 -29.06 -41.06 -20.21
C VAL C 420 -28.93 -42.57 -20.12
N LYS C 421 -29.63 -43.17 -19.15
CA LYS C 421 -29.58 -44.62 -18.97
C LYS C 421 -30.00 -45.37 -20.23
N ALA C 422 -31.01 -44.89 -20.93
CA ALA C 422 -31.40 -45.48 -22.21
C ALA C 422 -30.38 -45.22 -23.31
N ARG C 423 -29.70 -44.08 -23.29
CA ARG C 423 -28.66 -43.83 -24.28
C ARG C 423 -27.46 -44.76 -24.05
N ASN C 424 -27.12 -45.01 -22.79
CA ASN C 424 -26.09 -46.00 -22.49
C ASN C 424 -26.57 -47.41 -22.85
N ALA C 425 -27.88 -47.64 -22.74
CA ALA C 425 -28.44 -48.97 -22.98
C ALA C 425 -28.52 -49.28 -24.46
N GLY C 426 -28.23 -48.29 -25.31
CA GLY C 426 -28.27 -48.48 -26.75
C GLY C 426 -29.63 -48.28 -27.39
N ARG C 427 -30.67 -48.03 -26.61
CA ARG C 427 -31.98 -47.76 -27.16
C ARG C 427 -31.98 -46.41 -27.89
N GLU C 428 -32.74 -46.34 -28.98
CA GLU C 428 -32.85 -45.12 -29.78
C GLU C 428 -33.67 -44.12 -28.97
N ILE C 429 -32.98 -43.22 -28.28
CA ILE C 429 -33.64 -42.33 -27.33
C ILE C 429 -34.53 -41.32 -28.06
N GLU C 430 -34.10 -40.85 -29.22
CA GLU C 430 -34.87 -39.85 -29.97
C GLU C 430 -36.17 -40.42 -30.54
N LYS C 431 -36.27 -41.74 -30.72
CA LYS C 431 -37.48 -42.35 -31.23
C LYS C 431 -38.26 -43.13 -30.18
N GLU C 432 -37.59 -43.80 -29.26
CA GLU C 432 -38.24 -44.50 -28.15
C GLU C 432 -38.41 -43.60 -26.93
N SER C 433 -38.41 -42.27 -27.13
CA SER C 433 -38.48 -41.35 -26.01
C SER C 433 -39.72 -41.59 -25.16
N ARG C 434 -40.86 -41.86 -25.80
CA ARG C 434 -42.10 -42.11 -25.07
C ARG C 434 -42.01 -43.33 -24.17
N ASP C 435 -41.56 -44.47 -24.71
CA ASP C 435 -41.35 -45.68 -23.94
C ASP C 435 -40.18 -45.56 -22.97
N ILE C 436 -39.36 -44.52 -23.10
CA ILE C 436 -38.36 -44.23 -22.09
C ILE C 436 -38.96 -43.38 -20.97
N LEU C 437 -39.96 -42.57 -21.28
CA LEU C 437 -40.52 -41.61 -20.33
C LEU C 437 -41.60 -42.20 -19.44
N MET C 438 -42.61 -42.87 -20.01
CA MET C 438 -43.63 -43.44 -19.11
C MET C 438 -43.08 -44.60 -18.27
N GLU C 439 -42.12 -45.35 -18.79
CA GLU C 439 -41.52 -46.42 -17.98
C GLU C 439 -40.67 -45.86 -16.85
N ALA C 440 -40.36 -44.56 -16.86
CA ALA C 440 -39.73 -43.93 -15.71
C ALA C 440 -40.75 -43.25 -14.82
N ALA C 441 -41.91 -42.87 -15.37
CA ALA C 441 -42.95 -42.24 -14.57
C ALA C 441 -43.59 -43.18 -13.57
N LYS C 442 -43.35 -44.49 -13.67
CA LYS C 442 -43.94 -45.46 -12.76
C LYS C 442 -43.30 -45.43 -11.38
N HIS C 443 -42.10 -44.86 -11.23
CA HIS C 443 -41.42 -44.81 -9.94
C HIS C 443 -41.27 -43.38 -9.44
N SER C 444 -42.00 -42.45 -10.06
CA SER C 444 -41.92 -41.06 -9.66
C SER C 444 -43.24 -40.35 -9.94
N PRO C 445 -44.08 -40.14 -8.92
CA PRO C 445 -45.34 -39.43 -9.14
C PRO C 445 -45.18 -37.98 -9.58
N GLU C 446 -44.04 -37.36 -9.30
CA GLU C 446 -43.82 -35.99 -9.78
C GLU C 446 -43.67 -35.96 -11.29
N LEU C 447 -42.83 -36.84 -11.85
CA LEU C 447 -42.74 -36.95 -13.31
C LEU C 447 -44.04 -37.49 -13.90
N ALA C 448 -44.71 -38.40 -13.18
CA ALA C 448 -45.95 -38.98 -13.69
C ALA C 448 -47.03 -37.93 -13.87
N ILE C 449 -46.92 -36.78 -13.21
CA ILE C 449 -47.85 -35.69 -13.44
C ILE C 449 -47.26 -34.59 -14.31
N ALA C 450 -45.94 -34.35 -14.23
CA ALA C 450 -45.31 -33.37 -15.09
C ALA C 450 -45.42 -33.75 -16.56
N LEU C 451 -45.44 -35.06 -16.84
CA LEU C 451 -45.70 -35.50 -18.21
C LEU C 451 -47.12 -35.18 -18.65
N GLU C 452 -48.06 -35.04 -17.70
CA GLU C 452 -49.43 -34.70 -18.06
C GLU C 452 -49.63 -33.19 -18.18
N THR C 453 -48.89 -32.40 -17.41
CA THR C 453 -49.05 -30.94 -17.50
C THR C 453 -48.62 -30.43 -18.86
N TRP C 454 -47.36 -30.65 -19.22
CA TRP C 454 -46.84 -30.20 -20.52
C TRP C 454 -47.14 -31.23 -21.61
N LYS C 455 -48.43 -31.43 -21.87
CA LYS C 455 -48.88 -32.37 -22.89
C LYS C 455 -49.07 -31.66 -24.22
N GLU C 456 -48.36 -32.13 -25.23
CA GLU C 456 -47.39 -33.21 -25.09
C GLU C 456 -46.08 -32.87 -25.79
N THR D 6 -48.98 -37.66 1.57
CA THR D 6 -49.52 -36.31 1.49
C THR D 6 -49.00 -35.57 0.26
N VAL D 7 -49.90 -34.83 -0.40
CA VAL D 7 -49.56 -34.03 -1.56
C VAL D 7 -50.05 -32.60 -1.32
N GLY D 8 -49.26 -31.63 -1.75
CA GLY D 8 -47.96 -31.82 -2.35
C GLY D 8 -46.84 -31.22 -1.52
N ASP D 9 -46.03 -32.07 -0.91
CA ASP D 9 -44.91 -31.65 -0.06
C ASP D 9 -43.72 -32.54 -0.37
N TYR D 10 -42.84 -32.07 -1.25
CA TYR D 10 -41.64 -32.83 -1.61
C TYR D 10 -40.63 -32.75 -0.47
N GLN D 11 -40.11 -33.91 -0.07
CA GLN D 11 -39.13 -34.01 1.00
C GLN D 11 -37.74 -34.20 0.41
N THR D 12 -36.81 -33.35 0.81
CA THR D 12 -35.45 -33.44 0.31
C THR D 12 -34.81 -34.75 0.75
N VAL D 13 -34.13 -35.42 -0.18
CA VAL D 13 -33.50 -36.71 0.05
C VAL D 13 -32.07 -36.65 -0.45
N ALA D 14 -31.24 -37.59 0.02
CA ALA D 14 -29.82 -37.60 -0.33
C ALA D 14 -29.59 -38.47 -1.55
N THR D 15 -28.86 -37.92 -2.52
CA THR D 15 -28.39 -38.66 -3.69
C THR D 15 -26.89 -38.49 -3.79
N LEU D 16 -26.22 -39.49 -4.37
CA LEU D 16 -24.76 -39.49 -4.30
C LEU D 16 -24.15 -38.56 -5.34
N GLU D 17 -24.17 -38.95 -6.62
CA GLU D 17 -23.88 -38.00 -7.69
C GLU D 17 -24.96 -38.07 -8.77
N THR D 18 -25.26 -39.28 -9.23
CA THR D 18 -26.16 -39.50 -10.35
C THR D 18 -26.94 -40.81 -10.17
N PHE D 19 -28.07 -40.91 -10.87
CA PHE D 19 -28.89 -42.12 -10.91
C PHE D 19 -29.45 -42.49 -9.54
N GLY D 20 -29.51 -41.53 -8.62
CA GLY D 20 -30.09 -41.81 -7.32
C GLY D 20 -31.60 -41.68 -7.28
N PHE D 21 -32.18 -40.98 -8.25
CA PHE D 21 -33.62 -40.78 -8.28
C PHE D 21 -34.37 -41.98 -8.86
N LEU D 22 -33.68 -42.87 -9.54
CA LEU D 22 -34.22 -44.08 -10.14
C LEU D 22 -34.18 -45.23 -9.14
N PRO D 23 -34.97 -46.28 -9.36
CA PRO D 23 -34.93 -47.44 -8.45
C PRO D 23 -33.57 -48.11 -8.50
N PRO D 24 -33.25 -48.95 -7.51
CA PRO D 24 -31.95 -49.63 -7.51
C PRO D 24 -31.74 -50.44 -8.78
N MET D 25 -30.51 -50.43 -9.28
CA MET D 25 -30.19 -51.03 -10.56
C MET D 25 -30.38 -52.54 -10.52
N THR D 26 -31.05 -53.06 -11.54
CA THR D 26 -31.19 -54.49 -11.70
C THR D 26 -29.98 -55.07 -12.43
N GLN D 27 -29.89 -56.40 -12.43
CA GLN D 27 -28.70 -57.07 -12.95
C GLN D 27 -28.51 -56.80 -14.45
N ASP D 28 -29.59 -56.86 -15.23
CA ASP D 28 -29.47 -56.65 -16.66
C ASP D 28 -29.06 -55.22 -16.99
N GLU D 29 -29.53 -54.25 -16.22
CA GLU D 29 -29.12 -52.86 -16.44
C GLU D 29 -27.62 -52.69 -16.22
N ILE D 30 -27.09 -53.32 -15.17
CA ILE D 30 -25.65 -53.27 -14.92
C ILE D 30 -24.90 -53.92 -16.08
N TYR D 31 -25.43 -55.01 -16.62
CA TYR D 31 -24.79 -55.68 -17.75
C TYR D 31 -24.71 -54.74 -18.95
N ASP D 32 -25.80 -54.06 -19.26
CA ASP D 32 -25.79 -53.11 -20.38
C ASP D 32 -24.83 -51.96 -20.13
N GLN D 33 -24.80 -51.43 -18.91
CA GLN D 33 -23.89 -50.33 -18.60
C GLN D 33 -22.43 -50.75 -18.76
N ILE D 34 -22.06 -51.92 -18.23
CA ILE D 34 -20.66 -52.35 -18.33
C ILE D 34 -20.31 -52.68 -19.77
N ALA D 35 -21.25 -53.26 -20.53
CA ALA D 35 -21.00 -53.52 -21.93
C ALA D 35 -20.75 -52.22 -22.69
N TYR D 36 -21.55 -51.19 -22.42
CA TYR D 36 -21.33 -49.89 -23.06
C TYR D 36 -19.97 -49.32 -22.66
N ILE D 37 -19.63 -49.40 -21.38
CA ILE D 37 -18.38 -48.81 -20.90
C ILE D 37 -17.18 -49.52 -21.51
N ILE D 38 -17.30 -50.84 -21.73
CA ILE D 38 -16.23 -51.57 -22.40
C ILE D 38 -16.16 -51.20 -23.87
N ALA D 39 -17.32 -51.07 -24.53
CA ALA D 39 -17.37 -50.72 -25.94
C ALA D 39 -16.81 -49.34 -26.23
N GLN D 40 -17.01 -48.36 -25.34
CA GLN D 40 -16.45 -47.04 -25.53
C GLN D 40 -14.93 -47.00 -25.35
N GLY D 41 -14.33 -48.08 -24.87
CA GLY D 41 -12.89 -48.13 -24.68
C GLY D 41 -12.40 -47.58 -23.35
N TRP D 42 -13.29 -47.15 -22.47
CA TRP D 42 -12.88 -46.62 -21.18
C TRP D 42 -12.37 -47.74 -20.28
N SER D 43 -11.76 -47.35 -19.16
CA SER D 43 -11.20 -48.31 -18.21
C SER D 43 -12.12 -48.41 -17.00
N PRO D 44 -12.72 -49.57 -16.75
CA PRO D 44 -13.57 -49.72 -15.56
C PRO D 44 -12.79 -49.58 -14.28
N LEU D 45 -13.48 -49.08 -13.25
CA LEU D 45 -12.85 -48.81 -11.97
C LEU D 45 -13.92 -48.85 -10.88
N ILE D 46 -13.57 -49.41 -9.73
CA ILE D 46 -14.51 -49.60 -8.62
C ILE D 46 -13.90 -49.01 -7.35
N GLU D 47 -14.73 -48.33 -6.57
CA GLU D 47 -14.31 -47.71 -5.31
C GLU D 47 -15.27 -48.11 -4.20
N HIS D 48 -14.89 -47.76 -2.97
CA HIS D 48 -15.72 -48.07 -1.81
C HIS D 48 -15.29 -47.21 -0.63
N VAL D 49 -16.28 -46.61 0.05
CA VAL D 49 -16.06 -45.87 1.28
C VAL D 49 -17.26 -46.09 2.20
N HIS D 50 -17.06 -45.77 3.47
CA HIS D 50 -18.16 -45.77 4.43
C HIS D 50 -19.15 -44.68 4.05
N PRO D 51 -20.46 -44.88 4.25
CA PRO D 51 -21.43 -43.84 3.88
C PRO D 51 -21.22 -42.50 4.58
N SER D 52 -20.63 -42.49 5.78
CA SER D 52 -20.37 -41.23 6.46
C SER D 52 -19.29 -40.41 5.74
N ARG D 53 -18.32 -41.09 5.12
CA ARG D 53 -17.25 -40.41 4.41
C ARG D 53 -17.57 -40.27 2.93
N SER D 54 -18.86 -40.17 2.60
CA SER D 54 -19.29 -40.06 1.21
C SER D 54 -18.85 -38.74 0.56
N MET D 55 -18.45 -37.75 1.37
CA MET D 55 -18.03 -36.45 0.86
C MET D 55 -16.52 -36.37 0.66
N ALA D 56 -15.79 -37.46 0.94
CA ALA D 56 -14.35 -37.45 0.76
C ALA D 56 -13.99 -37.33 -0.72
N THR D 57 -12.91 -36.60 -0.99
CA THR D 57 -12.47 -36.38 -2.36
C THR D 57 -12.06 -37.66 -3.05
N TYR D 58 -11.31 -38.53 -2.37
CA TYR D 58 -10.80 -39.76 -2.95
C TYR D 58 -11.35 -40.94 -2.17
N TRP D 59 -11.86 -41.94 -2.89
CA TRP D 59 -12.37 -43.16 -2.27
C TRP D 59 -11.27 -44.20 -2.18
N SER D 60 -11.62 -45.43 -1.86
CA SER D 60 -10.65 -46.52 -1.70
C SER D 60 -10.69 -47.41 -2.93
N TYR D 61 -9.52 -47.60 -3.56
CA TYR D 61 -9.42 -48.41 -4.76
C TYR D 61 -9.64 -49.89 -4.44
N TRP D 62 -10.18 -50.62 -5.43
CA TRP D 62 -10.24 -52.07 -5.39
C TRP D 62 -10.30 -52.62 -6.81
N LYS D 63 -9.20 -53.20 -7.27
CA LYS D 63 -7.93 -53.20 -6.57
C LYS D 63 -6.97 -52.29 -7.32
N LEU D 64 -6.99 -52.44 -8.63
CA LEU D 64 -6.36 -51.54 -9.58
C LEU D 64 -7.33 -51.35 -10.73
N PRO D 65 -7.27 -50.22 -11.43
CA PRO D 65 -8.18 -50.00 -12.56
C PRO D 65 -8.00 -51.10 -13.61
N PHE D 66 -9.14 -51.65 -14.06
CA PHE D 66 -9.12 -52.75 -15.01
C PHE D 66 -8.79 -52.18 -16.39
N PHE D 67 -7.50 -51.92 -16.59
CA PHE D 67 -7.03 -51.27 -17.80
C PHE D 67 -7.30 -52.15 -19.02
N GLY D 68 -8.23 -51.72 -19.86
CA GLY D 68 -8.50 -52.40 -21.12
C GLY D 68 -8.92 -53.85 -21.00
N GLU D 69 -9.84 -54.16 -20.09
CA GLU D 69 -10.36 -55.50 -19.94
C GLU D 69 -11.51 -55.70 -20.92
N LYS D 70 -11.44 -56.77 -21.72
CA LYS D 70 -12.40 -57.01 -22.78
C LYS D 70 -13.43 -58.07 -22.42
N ASP D 71 -13.62 -58.33 -21.12
CA ASP D 71 -14.62 -59.28 -20.66
C ASP D 71 -15.49 -58.61 -19.62
N LEU D 72 -16.80 -58.66 -19.82
CA LEU D 72 -17.76 -58.08 -18.89
C LEU D 72 -18.24 -59.07 -17.84
N GLY D 73 -17.84 -60.34 -17.92
CA GLY D 73 -18.22 -61.34 -16.95
C GLY D 73 -17.37 -61.38 -15.70
N VAL D 74 -16.24 -60.67 -15.68
CA VAL D 74 -15.36 -60.64 -14.52
C VAL D 74 -15.72 -59.49 -13.58
N ILE D 75 -15.98 -58.31 -14.12
CA ILE D 75 -16.24 -57.14 -13.29
C ILE D 75 -17.52 -57.33 -12.48
N VAL D 76 -18.57 -57.88 -13.09
CA VAL D 76 -19.79 -58.12 -12.35
C VAL D 76 -19.58 -59.10 -11.20
N SER D 77 -18.71 -60.09 -11.38
CA SER D 77 -18.28 -60.94 -10.28
C SER D 77 -17.26 -60.27 -9.37
N GLU D 78 -16.42 -59.39 -9.92
CA GLU D 78 -15.45 -58.65 -9.11
C GLU D 78 -16.07 -57.46 -8.39
N LEU D 79 -17.24 -56.99 -8.82
CA LEU D 79 -17.96 -55.96 -8.09
C LEU D 79 -18.63 -56.51 -6.84
N GLU D 80 -19.06 -57.78 -6.89
CA GLU D 80 -19.59 -58.44 -5.71
C GLU D 80 -18.52 -58.75 -4.68
N ALA D 81 -17.28 -59.01 -5.12
CA ALA D 81 -16.21 -59.31 -4.18
C ALA D 81 -15.94 -58.12 -3.25
N CYS D 82 -15.81 -56.93 -3.82
CA CYS D 82 -15.66 -55.74 -2.97
C CYS D 82 -16.89 -55.50 -2.12
N HIS D 83 -18.05 -56.00 -2.55
CA HIS D 83 -19.27 -55.83 -1.76
C HIS D 83 -19.25 -56.73 -0.53
N ARG D 84 -18.86 -58.00 -0.68
CA ARG D 84 -18.78 -58.88 0.47
C ARG D 84 -17.63 -58.49 1.38
N ALA D 85 -16.53 -58.00 0.80
CA ALA D 85 -15.39 -57.57 1.62
C ALA D 85 -15.76 -56.39 2.51
N TYR D 86 -16.60 -55.49 2.02
CA TYR D 86 -17.02 -54.32 2.79
C TYR D 86 -18.53 -54.16 2.69
N PRO D 87 -19.29 -55.00 3.42
CA PRO D 87 -20.75 -54.95 3.31
C PRO D 87 -21.40 -53.75 3.98
N ASP D 88 -20.62 -52.80 4.47
CA ASP D 88 -21.14 -51.57 5.06
C ASP D 88 -20.56 -50.34 4.35
N HIS D 89 -20.44 -50.42 3.03
CA HIS D 89 -19.77 -49.40 2.23
C HIS D 89 -20.51 -49.21 0.92
N HIS D 90 -20.35 -48.02 0.34
CA HIS D 90 -20.84 -47.76 -1.01
C HIS D 90 -19.96 -48.48 -2.02
N VAL D 91 -20.55 -48.86 -3.16
CA VAL D 91 -19.82 -49.48 -4.25
C VAL D 91 -20.08 -48.65 -5.51
N ARG D 92 -19.09 -47.90 -5.93
CA ARG D 92 -19.23 -47.05 -7.11
C ARG D 92 -18.50 -47.66 -8.31
N LEU D 93 -19.03 -47.36 -9.50
CA LEU D 93 -18.43 -47.81 -10.75
C LEU D 93 -17.97 -46.59 -11.51
N VAL D 94 -16.70 -46.61 -11.96
CA VAL D 94 -16.07 -45.46 -12.60
C VAL D 94 -15.40 -45.93 -13.89
N GLY D 95 -15.54 -45.10 -14.92
CA GLY D 95 -14.88 -45.35 -16.18
C GLY D 95 -13.74 -44.37 -16.45
N TYR D 96 -12.56 -44.89 -16.74
CA TYR D 96 -11.38 -44.06 -16.90
C TYR D 96 -11.05 -43.88 -18.37
N ASP D 97 -10.92 -42.63 -18.81
CA ASP D 97 -10.49 -42.30 -20.16
C ASP D 97 -9.08 -41.76 -20.11
N ALA D 98 -8.18 -42.40 -20.85
CA ALA D 98 -6.76 -42.05 -20.81
C ALA D 98 -6.44 -40.78 -21.59
N TYR D 99 -7.09 -40.57 -22.74
CA TYR D 99 -6.71 -39.44 -23.59
C TYR D 99 -7.26 -38.12 -23.06
N THR D 100 -8.56 -38.05 -22.78
CA THR D 100 -9.17 -36.84 -22.26
C THR D 100 -8.97 -36.66 -20.76
N GLN D 101 -8.50 -37.69 -20.08
CA GLN D 101 -8.23 -37.65 -18.64
C GLN D 101 -9.45 -37.24 -17.83
N SER D 102 -10.63 -37.71 -18.24
CA SER D 102 -11.88 -37.46 -17.54
C SER D 102 -12.63 -38.77 -17.39
N GLN D 103 -13.79 -38.71 -16.75
CA GLN D 103 -14.60 -39.89 -16.48
C GLN D 103 -15.95 -39.73 -17.16
N GLY D 104 -16.21 -40.58 -18.15
CA GLY D 104 -17.47 -40.58 -18.87
C GLY D 104 -18.59 -41.35 -18.21
N ALA D 105 -18.33 -42.00 -17.08
CA ALA D 105 -19.34 -42.73 -16.35
C ALA D 105 -18.95 -42.80 -14.88
N CYS D 106 -19.82 -42.27 -14.02
CA CYS D 106 -19.56 -42.26 -12.58
C CYS D 106 -20.88 -42.41 -11.82
N PHE D 107 -21.19 -43.64 -11.41
CA PHE D 107 -22.43 -43.92 -10.70
C PHE D 107 -22.20 -45.00 -9.66
N VAL D 108 -22.85 -44.86 -8.52
CA VAL D 108 -22.76 -45.87 -7.48
C VAL D 108 -23.68 -47.03 -7.83
N VAL D 109 -23.24 -48.25 -7.50
CA VAL D 109 -23.99 -49.46 -7.82
C VAL D 109 -24.78 -49.95 -6.61
N PHE D 110 -24.11 -50.18 -5.49
CA PHE D 110 -24.74 -50.67 -4.27
C PHE D 110 -24.82 -49.55 -3.24
N GLU D 111 -26.01 -49.40 -2.64
CA GLU D 111 -26.27 -48.34 -1.68
C GLU D 111 -25.54 -48.51 -0.36
N GLY D 112 -25.12 -49.73 -0.03
CA GLY D 112 -24.49 -49.98 1.26
C GLY D 112 -25.46 -50.56 2.27
N ARG D 113 -25.28 -51.84 2.58
CA ARG D 113 -26.18 -52.55 3.49
C ARG D 113 -26.15 -51.96 4.89
N GLU E 11 54.66 -7.07 -16.32
CA GLU E 11 53.62 -8.05 -16.57
C GLU E 11 54.24 -9.42 -16.82
N TYR E 12 54.86 -9.98 -15.78
CA TYR E 12 55.49 -11.30 -15.87
C TYR E 12 55.15 -12.13 -14.65
N ARG E 13 54.33 -11.57 -13.75
CA ARG E 13 53.79 -12.28 -12.60
C ARG E 13 54.88 -12.70 -11.61
N ASP E 14 54.57 -13.71 -10.79
CA ASP E 14 55.32 -14.12 -9.60
C ASP E 14 55.20 -13.11 -8.47
N THR E 15 54.52 -11.98 -8.70
CA THR E 15 54.08 -11.11 -7.62
C THR E 15 52.90 -11.73 -6.86
N TYR E 16 52.03 -12.46 -7.56
CA TYR E 16 50.95 -13.20 -6.92
C TYR E 16 51.43 -14.52 -6.35
N TRP E 17 52.65 -14.92 -6.64
CA TRP E 17 53.23 -16.16 -6.14
C TRP E 17 54.02 -15.81 -4.88
N THR E 18 53.42 -16.05 -3.73
CA THR E 18 54.02 -15.73 -2.43
C THR E 18 54.21 -17.02 -1.65
N PRO E 19 55.36 -17.69 -1.79
CA PRO E 19 55.58 -18.94 -1.05
C PRO E 19 55.81 -18.74 0.44
N ASP E 20 55.70 -17.51 0.94
CA ASP E 20 55.92 -17.22 2.35
C ASP E 20 54.70 -16.63 3.03
N TYR E 21 53.62 -16.38 2.29
CA TYR E 21 52.43 -15.78 2.87
C TYR E 21 51.78 -16.72 3.88
N VAL E 22 51.25 -16.15 4.95
CA VAL E 22 50.56 -16.91 5.99
C VAL E 22 49.07 -16.60 5.92
N PRO E 23 48.21 -17.60 5.75
CA PRO E 23 46.77 -17.34 5.67
C PRO E 23 46.24 -16.69 6.94
N LEU E 24 45.31 -15.75 6.77
CA LEU E 24 44.70 -15.08 7.89
C LEU E 24 43.42 -15.81 8.32
N ASP E 25 42.75 -15.27 9.33
CA ASP E 25 41.47 -15.78 9.78
C ASP E 25 40.30 -15.18 9.03
N THR E 26 40.55 -14.21 8.15
CA THR E 26 39.52 -13.60 7.32
C THR E 26 39.66 -13.93 5.85
N ASP E 27 40.76 -14.58 5.45
CA ASP E 27 40.99 -14.88 4.05
C ASP E 27 40.15 -16.09 3.61
N LEU E 28 39.66 -16.02 2.39
CA LEU E 28 38.89 -17.09 1.76
C LEU E 28 39.83 -17.86 0.85
N LEU E 29 40.12 -19.11 1.20
CA LEU E 29 41.07 -19.91 0.45
C LEU E 29 40.35 -20.76 -0.60
N ALA E 30 41.12 -21.23 -1.57
CA ALA E 30 40.58 -22.03 -2.67
C ALA E 30 41.60 -23.07 -3.07
N CYS E 31 41.12 -24.16 -3.66
CA CYS E 31 41.96 -25.24 -4.17
C CYS E 31 41.70 -25.42 -5.65
N PHE E 32 42.77 -25.44 -6.45
CA PHE E 32 42.66 -25.60 -7.89
C PHE E 32 43.59 -26.72 -8.35
N LYS E 33 43.04 -27.66 -9.10
CA LYS E 33 43.82 -28.69 -9.79
C LYS E 33 43.95 -28.25 -11.24
N CYS E 34 45.17 -27.98 -11.67
CA CYS E 34 45.39 -27.32 -12.95
C CYS E 34 46.56 -27.94 -13.70
N THR E 35 46.52 -27.80 -15.03
CA THR E 35 47.67 -28.05 -15.89
C THR E 35 47.61 -27.05 -17.02
N GLY E 36 48.77 -26.51 -17.40
CA GLY E 36 48.86 -25.47 -18.38
C GLY E 36 49.57 -25.90 -19.66
N GLN E 37 50.03 -24.90 -20.40
CA GLN E 37 50.84 -25.15 -21.58
C GLN E 37 52.15 -25.83 -21.19
N GLU E 38 52.61 -26.74 -22.03
CA GLU E 38 53.80 -27.52 -21.73
C GLU E 38 55.03 -26.63 -21.70
N GLY E 39 55.88 -26.83 -20.70
CA GLY E 39 57.13 -26.11 -20.60
C GLY E 39 57.14 -24.98 -19.60
N VAL E 40 55.97 -24.49 -19.21
CA VAL E 40 55.92 -23.38 -18.26
C VAL E 40 56.35 -23.86 -16.88
N PRO E 41 57.15 -23.09 -16.15
CA PRO E 41 57.42 -23.43 -14.75
C PRO E 41 56.14 -23.50 -13.93
N LYS E 42 56.17 -24.37 -12.92
CA LYS E 42 54.97 -24.66 -12.13
C LYS E 42 54.46 -23.42 -11.40
N GLU E 43 55.36 -22.58 -10.89
CA GLU E 43 54.92 -21.38 -10.19
C GLU E 43 54.39 -20.32 -11.16
N GLU E 44 54.89 -20.32 -12.40
CA GLU E 44 54.41 -19.36 -13.39
C GLU E 44 52.92 -19.55 -13.68
N VAL E 45 52.50 -20.78 -13.95
CA VAL E 45 51.09 -21.03 -14.23
C VAL E 45 50.25 -20.80 -12.98
N ALA E 46 50.77 -21.12 -11.79
CA ALA E 46 50.05 -20.81 -10.56
C ALA E 46 49.87 -19.30 -10.40
N ALA E 47 50.92 -18.52 -10.68
CA ALA E 47 50.79 -17.06 -10.62
C ALA E 47 49.78 -16.57 -11.65
N ALA E 48 49.76 -17.17 -12.84
CA ALA E 48 48.78 -16.78 -13.85
C ALA E 48 47.36 -17.06 -13.39
N VAL E 49 47.12 -18.23 -12.78
CA VAL E 49 45.80 -18.51 -12.24
C VAL E 49 45.45 -17.53 -11.13
N ALA E 50 46.44 -17.16 -10.32
CA ALA E 50 46.19 -16.24 -9.21
C ALA E 50 45.82 -14.84 -9.70
N ALA E 51 46.48 -14.37 -10.76
CA ALA E 51 46.37 -12.97 -11.14
C ALA E 51 44.98 -12.62 -11.67
N GLU E 52 44.44 -13.43 -12.58
CA GLU E 52 43.20 -13.08 -13.26
C GLU E 52 41.98 -13.10 -12.36
N SER E 53 41.87 -14.08 -11.46
CA SER E 53 40.70 -14.21 -10.60
C SER E 53 40.64 -13.13 -9.53
N SER E 54 41.72 -12.35 -9.37
CA SER E 54 41.74 -11.30 -8.37
C SER E 54 41.81 -9.92 -9.02
N THR E 55 42.81 -9.68 -9.86
CA THR E 55 43.01 -8.35 -10.42
C THR E 55 43.29 -8.34 -11.91
N GLY E 56 43.76 -9.45 -12.50
CA GLY E 56 44.00 -9.51 -13.93
C GLY E 56 44.89 -8.39 -14.43
N THR E 57 46.03 -8.21 -13.77
CA THR E 57 46.85 -7.01 -13.91
C THR E 57 48.28 -7.47 -13.63
N TRP E 58 49.27 -6.65 -13.99
CA TRP E 58 49.38 -5.24 -14.35
C TRP E 58 49.62 -4.95 -15.83
N SER E 59 48.77 -4.09 -16.39
CA SER E 59 49.04 -3.46 -17.68
C SER E 59 49.83 -2.18 -17.46
N THR E 60 49.94 -1.35 -18.49
CA THR E 60 50.61 -0.05 -18.40
C THR E 60 49.54 1.03 -18.37
N VAL E 61 49.02 1.32 -17.17
CA VAL E 61 47.92 2.25 -16.99
C VAL E 61 48.28 3.26 -15.91
N TRP E 62 47.96 4.53 -16.18
CA TRP E 62 48.09 5.56 -15.15
C TRP E 62 47.07 5.37 -14.04
N SER E 63 45.89 4.81 -14.36
CA SER E 63 44.86 4.62 -13.35
C SER E 63 45.18 3.47 -12.40
N GLU E 64 46.17 2.64 -12.74
CA GLU E 64 46.54 1.52 -11.88
C GLU E 64 47.50 1.94 -10.76
N LEU E 65 47.87 3.21 -10.70
CA LEU E 65 48.72 3.73 -9.62
C LEU E 65 47.95 4.56 -8.62
N LEU E 66 46.67 4.84 -8.88
CA LEU E 66 45.83 5.57 -7.93
C LEU E 66 45.49 4.75 -6.70
N VAL E 67 45.78 3.45 -6.71
CA VAL E 67 45.32 2.53 -5.68
C VAL E 67 46.51 1.76 -5.13
N ASP E 68 46.54 1.56 -3.82
CA ASP E 68 47.50 0.67 -3.18
C ASP E 68 47.09 -0.76 -3.50
N LEU E 69 47.50 -1.23 -4.67
CA LEU E 69 47.05 -2.51 -5.20
C LEU E 69 47.81 -3.70 -4.62
N ASP E 70 48.68 -3.48 -3.65
CA ASP E 70 49.36 -4.59 -2.99
C ASP E 70 48.55 -5.19 -1.85
N PHE E 71 47.45 -4.55 -1.47
CA PHE E 71 46.58 -5.07 -0.41
C PHE E 71 45.48 -5.96 -0.95
N TYR E 72 44.92 -5.63 -2.11
CA TYR E 72 43.79 -6.36 -2.68
C TYR E 72 44.23 -7.57 -3.51
N LYS E 73 45.52 -7.78 -3.68
CA LYS E 73 45.99 -8.87 -4.53
C LYS E 73 45.73 -10.22 -3.88
N GLY E 74 45.23 -11.16 -4.68
CA GLY E 74 45.04 -12.53 -4.26
C GLY E 74 46.27 -13.35 -4.62
N ARG E 75 46.86 -13.98 -3.60
CA ARG E 75 48.15 -14.65 -3.74
C ARG E 75 48.02 -16.15 -3.53
N CYS E 76 48.77 -16.89 -4.34
CA CYS E 76 48.86 -18.35 -4.23
C CYS E 76 50.07 -18.67 -3.36
N TYR E 77 49.81 -19.30 -2.21
CA TYR E 77 50.86 -19.52 -1.21
C TYR E 77 51.40 -20.94 -1.18
N ARG E 78 50.64 -21.93 -1.64
CA ARG E 78 51.07 -23.32 -1.51
C ARG E 78 50.93 -24.04 -2.84
N ILE E 79 51.97 -24.78 -3.21
CA ILE E 79 51.97 -25.62 -4.40
C ILE E 79 52.19 -27.06 -3.97
N GLU E 80 51.23 -27.92 -4.30
CA GLU E 80 51.31 -29.33 -3.97
C GLU E 80 51.08 -30.17 -5.22
N ASP E 81 51.68 -31.35 -5.25
CA ASP E 81 51.64 -32.23 -6.41
C ASP E 81 50.43 -33.15 -6.33
N VAL E 82 49.67 -33.20 -7.42
CA VAL E 82 48.54 -34.12 -7.52
C VAL E 82 49.08 -35.56 -7.57
N PRO E 83 48.54 -36.48 -6.77
CA PRO E 83 49.06 -37.85 -6.79
C PRO E 83 48.62 -38.59 -8.05
N GLY E 84 49.58 -39.29 -8.67
CA GLY E 84 49.31 -40.06 -9.86
C GLY E 84 49.54 -39.34 -11.17
N ASP E 85 49.79 -38.02 -11.14
CA ASP E 85 50.02 -37.26 -12.36
C ASP E 85 51.26 -36.40 -12.17
N LYS E 86 51.96 -36.15 -13.28
CA LYS E 86 53.19 -35.37 -13.28
C LYS E 86 52.98 -33.91 -13.67
N GLU E 87 52.08 -33.65 -14.62
CA GLU E 87 51.82 -32.27 -15.05
C GLU E 87 50.74 -31.58 -14.21
N ALA E 88 50.06 -32.31 -13.34
CA ALA E 88 49.02 -31.74 -12.50
C ALA E 88 49.60 -31.32 -11.15
N PHE E 89 48.93 -30.36 -10.51
CA PHE E 89 49.38 -29.84 -9.24
C PHE E 89 48.22 -29.18 -8.52
N TYR E 90 48.43 -28.89 -7.24
CA TYR E 90 47.46 -28.20 -6.41
C TYR E 90 47.97 -26.78 -6.16
N ALA E 91 47.19 -25.79 -6.60
CA ALA E 91 47.54 -24.39 -6.44
C ALA E 91 46.60 -23.78 -5.41
N PHE E 92 47.06 -23.69 -4.16
CA PHE E 92 46.29 -23.12 -3.07
C PHE E 92 46.47 -21.61 -3.10
N ILE E 93 45.36 -20.88 -3.14
CA ILE E 93 45.38 -19.44 -3.35
C ILE E 93 44.54 -18.77 -2.26
N ALA E 94 45.03 -17.64 -1.75
CA ALA E 94 44.37 -16.90 -0.69
C ALA E 94 43.76 -15.62 -1.24
N TYR E 95 42.56 -15.30 -0.78
CA TYR E 95 41.83 -14.10 -1.15
C TYR E 95 41.51 -13.26 0.07
N PRO E 96 41.86 -11.98 0.09
CA PRO E 96 41.39 -11.10 1.16
C PRO E 96 39.87 -10.99 1.15
N LEU E 97 39.30 -10.88 2.35
CA LEU E 97 37.85 -10.80 2.49
C LEU E 97 37.26 -9.53 1.87
N ASP E 98 38.07 -8.51 1.65
CA ASP E 98 37.59 -7.25 1.11
C ASP E 98 37.04 -7.37 -0.31
N LEU E 99 37.35 -8.46 -1.02
CA LEU E 99 36.99 -8.57 -2.43
C LEU E 99 35.58 -9.10 -2.66
N PHE E 100 34.89 -9.55 -1.63
CA PHE E 100 33.56 -10.14 -1.78
C PHE E 100 32.54 -9.38 -0.97
N GLU E 101 31.33 -9.27 -1.53
CA GLU E 101 30.21 -8.67 -0.81
C GLU E 101 29.77 -9.58 0.33
N GLU E 102 29.38 -8.96 1.44
CA GLU E 102 28.97 -9.69 2.62
C GLU E 102 27.57 -10.26 2.43
N GLY E 103 27.40 -11.54 2.74
CA GLY E 103 26.11 -12.17 2.64
C GLY E 103 25.61 -12.43 1.23
N SER E 104 26.52 -12.65 0.28
CA SER E 104 26.16 -12.91 -1.10
C SER E 104 26.88 -14.19 -1.55
N VAL E 105 26.11 -15.12 -2.13
CA VAL E 105 26.70 -16.33 -2.68
C VAL E 105 27.01 -16.20 -4.17
N THR E 106 26.33 -15.28 -4.87
CA THR E 106 26.63 -15.08 -6.29
C THR E 106 27.96 -14.37 -6.50
N ASN E 107 28.32 -13.44 -5.61
CA ASN E 107 29.51 -12.63 -5.81
C ASN E 107 30.78 -13.46 -5.80
N VAL E 108 30.88 -14.44 -4.90
CA VAL E 108 32.10 -15.24 -4.80
C VAL E 108 32.32 -16.04 -6.07
N LEU E 109 31.27 -16.64 -6.63
CA LEU E 109 31.41 -17.40 -7.86
C LEU E 109 31.78 -16.51 -9.05
N THR E 110 31.16 -15.34 -9.14
CA THR E 110 31.47 -14.42 -10.24
C THR E 110 32.91 -13.94 -10.15
N SER E 111 33.39 -13.63 -8.94
CA SER E 111 34.76 -13.17 -8.78
C SER E 111 35.76 -14.30 -9.01
N LEU E 112 35.37 -15.53 -8.65
CA LEU E 112 36.31 -16.65 -8.70
C LEU E 112 36.49 -17.17 -10.12
N VAL E 113 35.43 -17.73 -10.70
CA VAL E 113 35.55 -18.50 -11.93
C VAL E 113 34.87 -17.78 -13.09
N GLY E 114 34.35 -16.58 -12.82
CA GLY E 114 33.69 -15.82 -13.87
C GLY E 114 34.63 -15.40 -14.98
N ASN E 115 35.93 -15.35 -14.70
CA ASN E 115 36.90 -14.89 -15.69
C ASN E 115 38.10 -15.82 -15.86
N VAL E 116 38.54 -16.54 -14.81
CA VAL E 116 39.78 -17.31 -14.89
C VAL E 116 39.68 -18.45 -15.88
N PHE E 117 38.52 -19.09 -16.00
CA PHE E 117 38.38 -20.24 -16.89
C PHE E 117 38.54 -19.87 -18.36
N GLY E 118 38.39 -18.59 -18.71
CA GLY E 118 38.46 -18.18 -20.09
C GLY E 118 39.86 -17.89 -20.59
N PHE E 119 40.88 -18.17 -19.76
CA PHE E 119 42.24 -17.85 -20.13
C PHE E 119 42.78 -18.88 -21.11
N LYS E 120 43.88 -18.54 -21.78
CA LYS E 120 44.41 -19.38 -22.84
C LYS E 120 45.53 -20.31 -22.36
N ALA E 121 46.36 -19.88 -21.40
CA ALA E 121 47.50 -20.68 -20.99
C ALA E 121 47.12 -21.89 -20.14
N LEU E 122 45.89 -21.95 -19.65
CA LEU E 122 45.43 -23.09 -18.86
C LEU E 122 44.65 -24.05 -19.75
N ARG E 123 45.02 -25.32 -19.70
CA ARG E 123 44.35 -26.32 -20.53
C ARG E 123 43.27 -27.07 -19.75
N HIS E 124 43.57 -27.46 -18.52
CA HIS E 124 42.62 -28.16 -17.67
C HIS E 124 42.68 -27.57 -16.27
N LEU E 125 41.56 -27.01 -15.81
CA LEU E 125 41.49 -26.37 -14.50
C LEU E 125 40.26 -26.90 -13.78
N ARG E 126 40.44 -27.28 -12.52
CA ARG E 126 39.37 -27.87 -11.72
C ARG E 126 39.39 -27.23 -10.32
N LEU E 127 38.27 -26.63 -9.95
CA LEU E 127 38.12 -26.10 -8.59
C LEU E 127 37.67 -27.24 -7.68
N GLU E 128 38.42 -27.47 -6.61
CA GLU E 128 38.21 -28.65 -5.77
C GLU E 128 37.60 -28.33 -4.41
N ASP E 129 38.09 -27.31 -3.72
CA ASP E 129 37.60 -27.01 -2.39
C ASP E 129 37.67 -25.51 -2.12
N ILE E 130 36.85 -25.06 -1.17
CA ILE E 130 36.81 -23.66 -0.74
C ILE E 130 36.81 -23.65 0.78
N ARG E 131 37.63 -22.80 1.37
CA ARG E 131 37.67 -22.61 2.82
C ARG E 131 36.92 -21.33 3.16
N PHE E 132 35.72 -21.47 3.70
CA PHE E 132 35.01 -20.23 3.97
C PHE E 132 35.40 -19.68 5.35
N PRO E 133 35.87 -18.44 5.41
CA PRO E 133 36.16 -17.83 6.71
C PRO E 133 34.88 -17.55 7.50
N MET E 134 35.03 -17.57 8.82
CA MET E 134 33.88 -17.41 9.70
C MET E 134 33.19 -16.06 9.51
N ALA E 135 33.95 -15.00 9.20
CA ALA E 135 33.34 -13.70 9.00
C ALA E 135 32.36 -13.71 7.82
N PHE E 136 32.75 -14.33 6.71
CA PHE E 136 31.85 -14.48 5.56
C PHE E 136 30.70 -15.42 5.86
N ILE E 137 30.96 -16.46 6.66
CA ILE E 137 29.91 -17.42 7.00
C ILE E 137 28.80 -16.76 7.80
N LYS E 138 29.17 -15.92 8.77
CA LYS E 138 28.19 -15.28 9.64
C LYS E 138 27.32 -14.26 8.93
N THR E 139 27.70 -13.81 7.73
CA THR E 139 26.89 -12.86 6.99
C THR E 139 25.88 -13.53 6.07
N CYS E 140 26.05 -14.81 5.77
CA CYS E 140 25.15 -15.50 4.85
C CYS E 140 23.88 -15.97 5.56
N PRO E 141 22.77 -16.09 4.81
CA PRO E 141 21.53 -16.54 5.46
C PRO E 141 21.58 -17.99 5.91
N GLY E 142 22.02 -18.89 5.04
CA GLY E 142 22.14 -20.29 5.40
C GLY E 142 20.82 -21.01 5.37
N PRO E 143 20.82 -22.25 5.85
CA PRO E 143 19.58 -23.05 5.85
C PRO E 143 18.50 -22.35 6.67
N PRO E 144 17.24 -22.47 6.25
CA PRO E 144 16.17 -21.83 7.03
C PRO E 144 15.88 -22.53 8.35
N ASN E 145 15.73 -23.85 8.35
CA ASN E 145 15.35 -24.57 9.57
C ASN E 145 16.46 -25.51 10.02
N GLY E 146 16.94 -26.36 9.12
CA GLY E 146 17.96 -27.33 9.44
C GLY E 146 17.36 -28.69 9.76
N ILE E 147 18.26 -29.65 10.02
CA ILE E 147 17.84 -31.02 10.29
C ILE E 147 17.06 -31.09 11.60
N CYS E 148 17.60 -30.49 12.67
CA CYS E 148 16.98 -30.59 13.98
C CYS E 148 15.61 -29.93 14.00
N VAL E 149 15.48 -28.73 13.43
CA VAL E 149 14.20 -28.05 13.43
C VAL E 149 13.19 -28.80 12.56
N GLU E 150 13.62 -29.33 11.42
CA GLU E 150 12.71 -30.10 10.58
C GLU E 150 12.20 -31.34 11.30
N ARG E 151 13.10 -32.07 11.98
CA ARG E 151 12.66 -33.23 12.75
C ARG E 151 11.73 -32.83 13.88
N ASP E 152 12.02 -31.73 14.58
CA ASP E 152 11.17 -31.29 15.67
C ASP E 152 9.77 -30.93 15.17
N ARG E 153 9.69 -30.25 14.02
CA ARG E 153 8.38 -29.86 13.49
C ARG E 153 7.63 -31.04 12.91
N MET E 154 8.33 -32.01 12.33
CA MET E 154 7.68 -33.18 11.75
C MET E 154 7.57 -34.35 12.72
N ASN E 155 8.21 -34.26 13.89
CA ASN E 155 8.12 -35.28 14.93
C ASN E 155 8.53 -36.67 14.42
N LYS E 156 9.62 -36.70 13.66
CA LYS E 156 10.18 -37.95 13.14
C LYS E 156 11.59 -38.09 13.69
N TYR E 157 11.76 -38.99 14.65
CA TYR E 157 13.00 -39.11 15.39
C TYR E 157 13.61 -40.49 15.21
N GLY E 158 14.92 -40.52 15.00
CA GLY E 158 15.69 -41.74 15.09
C GLY E 158 15.72 -42.60 13.84
N ARG E 159 15.02 -42.23 12.77
CA ARG E 159 15.00 -43.04 11.57
C ARG E 159 15.15 -42.11 10.36
N PRO E 160 15.72 -42.60 9.27
CA PRO E 160 15.72 -41.83 8.03
C PRO E 160 14.32 -41.69 7.47
N LEU E 161 14.09 -40.59 6.78
CA LEU E 161 12.79 -40.31 6.19
C LEU E 161 12.68 -40.97 4.82
N LEU E 162 11.45 -41.25 4.41
CA LEU E 162 11.16 -41.97 3.19
C LEU E 162 10.44 -41.06 2.20
N GLY E 163 10.89 -41.09 0.94
CA GLY E 163 10.29 -40.28 -0.10
C GLY E 163 10.14 -41.09 -1.38
N CYS E 164 9.39 -40.51 -2.32
CA CYS E 164 9.18 -41.13 -3.62
C CYS E 164 8.91 -40.05 -4.65
N THR E 165 9.11 -40.40 -5.92
CA THR E 165 8.82 -39.52 -7.04
C THR E 165 7.59 -40.04 -7.76
N ILE E 166 6.63 -39.14 -7.99
CA ILE E 166 5.38 -39.55 -8.62
C ILE E 166 5.62 -39.88 -10.09
N LYS E 167 5.07 -41.01 -10.54
CA LYS E 167 5.18 -41.45 -11.91
C LYS E 167 3.79 -41.77 -12.47
N PRO E 168 3.56 -41.49 -13.76
CA PRO E 168 4.46 -40.88 -14.75
C PRO E 168 4.69 -39.39 -14.48
N LYS E 169 5.85 -38.87 -14.89
CA LYS E 169 6.15 -37.47 -14.63
C LYS E 169 5.25 -36.55 -15.45
N LEU E 170 5.07 -36.85 -16.74
CA LEU E 170 4.35 -35.99 -17.67
C LEU E 170 3.08 -36.71 -18.13
N GLY E 171 1.95 -36.04 -18.01
CA GLY E 171 0.71 -36.56 -18.56
C GLY E 171 -0.47 -36.60 -17.61
N LEU E 172 -0.21 -36.72 -16.31
CA LEU E 172 -1.29 -36.87 -15.34
C LEU E 172 -2.08 -35.57 -15.20
N SER E 173 -3.40 -35.70 -15.09
CA SER E 173 -4.26 -34.53 -14.96
C SER E 173 -4.27 -34.05 -13.51
N GLY E 174 -5.16 -33.09 -13.23
CA GLY E 174 -5.19 -32.47 -11.91
C GLY E 174 -5.64 -33.42 -10.80
N LYS E 175 -6.71 -34.18 -11.04
CA LYS E 175 -7.26 -35.05 -10.00
C LYS E 175 -6.54 -36.39 -9.95
N ASN E 176 -6.09 -36.90 -11.09
CA ASN E 176 -5.33 -38.13 -11.09
C ASN E 176 -4.00 -37.98 -10.34
N TYR E 177 -3.41 -36.79 -10.39
CA TYR E 177 -2.19 -36.54 -9.62
C TYR E 177 -2.43 -36.70 -8.14
N GLY E 178 -3.51 -36.10 -7.63
CA GLY E 178 -3.86 -36.27 -6.23
C GLY E 178 -4.22 -37.71 -5.90
N ARG E 179 -4.87 -38.41 -6.84
CA ARG E 179 -5.19 -39.82 -6.62
C ARG E 179 -3.92 -40.65 -6.46
N VAL E 180 -2.92 -40.40 -7.30
CA VAL E 180 -1.66 -41.13 -7.19
C VAL E 180 -0.92 -40.75 -5.91
N VAL E 181 -0.90 -39.47 -5.55
CA VAL E 181 -0.16 -39.03 -4.37
C VAL E 181 -0.77 -39.62 -3.10
N TYR E 182 -2.10 -39.68 -3.04
CA TYR E 182 -2.77 -40.18 -1.83
C TYR E 182 -2.42 -41.63 -1.54
N GLU E 183 -2.32 -42.47 -2.57
CA GLU E 183 -2.01 -43.88 -2.36
C GLU E 183 -0.63 -44.06 -1.74
N CYS E 184 0.36 -43.32 -2.22
CA CYS E 184 1.72 -43.46 -1.68
C CYS E 184 1.79 -42.98 -0.23
N LEU E 185 1.14 -41.86 0.08
CA LEU E 185 1.20 -41.33 1.43
C LEU E 185 0.52 -42.24 2.44
N ARG E 186 -0.65 -42.77 2.09
CA ARG E 186 -1.39 -43.62 3.01
C ARG E 186 -0.79 -45.02 3.14
N GLY E 187 0.21 -45.37 2.34
CA GLY E 187 0.78 -46.69 2.37
C GLY E 187 1.96 -46.84 3.29
N GLY E 188 2.51 -45.72 3.78
CA GLY E 188 3.63 -45.79 4.69
C GLY E 188 4.68 -44.71 4.50
N LEU E 189 4.81 -44.18 3.29
CA LEU E 189 5.77 -43.11 3.06
C LEU E 189 5.29 -41.82 3.72
N ASP E 190 6.23 -40.91 3.95
CA ASP E 190 5.92 -39.62 4.55
C ASP E 190 6.19 -38.44 3.62
N PHE E 191 6.87 -38.64 2.49
CA PHE E 191 7.11 -37.58 1.53
C PHE E 191 6.87 -38.10 0.12
N THR E 192 6.27 -37.25 -0.71
CA THR E 192 6.09 -37.51 -2.13
C THR E 192 6.60 -36.30 -2.91
N LYS E 193 7.25 -36.58 -4.04
CA LYS E 193 7.97 -35.55 -4.78
C LYS E 193 7.28 -35.25 -6.09
N ASP E 194 7.06 -33.96 -6.34
CA ASP E 194 6.80 -33.49 -7.69
C ASP E 194 8.11 -33.51 -8.47
N ASP E 195 8.05 -33.90 -9.75
CA ASP E 195 9.26 -33.92 -10.54
C ASP E 195 9.63 -32.52 -10.98
N GLU E 196 10.91 -32.33 -11.33
CA GLU E 196 11.40 -31.03 -11.73
C GLU E 196 10.78 -30.57 -13.06
N ASN E 197 10.30 -31.51 -13.86
CA ASN E 197 9.75 -31.16 -15.17
C ASN E 197 8.46 -30.35 -15.06
N ILE E 198 7.79 -30.40 -13.92
CA ILE E 198 6.48 -29.79 -13.78
C ILE E 198 6.63 -28.42 -13.11
N ASN E 199 6.39 -27.36 -13.88
CA ASN E 199 6.21 -26.04 -13.28
C ASN E 199 4.79 -25.56 -13.51
N SER E 200 4.38 -25.44 -14.78
CA SER E 200 2.98 -25.26 -15.13
C SER E 200 2.77 -25.67 -16.58
N GLN E 201 2.28 -26.89 -16.81
CA GLN E 201 2.05 -27.34 -18.17
C GLN E 201 0.60 -27.08 -18.60
N PRO E 202 0.36 -26.95 -19.90
CA PRO E 202 -1.02 -26.74 -20.36
C PRO E 202 -1.98 -27.85 -19.97
N PHE E 203 -1.50 -29.10 -19.90
CA PHE E 203 -2.37 -30.20 -19.50
C PHE E 203 -2.58 -30.28 -18.00
N GLN E 204 -1.84 -29.50 -17.21
CA GLN E 204 -2.01 -29.49 -15.77
C GLN E 204 -1.55 -28.16 -15.18
N ARG E 205 -2.50 -27.29 -14.86
CA ARG E 205 -2.17 -26.01 -14.26
C ARG E 205 -1.68 -26.18 -12.82
N TRP E 206 -0.76 -25.31 -12.43
CA TRP E 206 -0.21 -25.37 -11.07
C TRP E 206 -1.24 -24.98 -10.03
N GLN E 207 -2.14 -24.04 -10.35
CA GLN E 207 -3.21 -23.66 -9.42
C GLN E 207 -4.16 -24.82 -9.14
N ASN E 208 -4.55 -25.59 -10.16
CA ASN E 208 -5.43 -26.72 -9.96
C ASN E 208 -4.71 -27.91 -9.34
N ARG E 209 -3.42 -28.09 -9.65
CA ARG E 209 -2.65 -29.14 -9.02
C ARG E 209 -2.52 -28.90 -7.52
N PHE E 210 -2.30 -27.65 -7.12
CA PHE E 210 -2.09 -27.35 -5.71
C PHE E 210 -3.31 -27.69 -4.87
N GLU E 211 -4.50 -27.36 -5.37
CA GLU E 211 -5.72 -27.58 -4.59
C GLU E 211 -6.11 -29.05 -4.55
N PHE E 212 -5.59 -29.87 -5.46
CA PHE E 212 -5.90 -31.30 -5.44
C PHE E 212 -4.82 -32.12 -4.74
N VAL E 213 -3.61 -31.58 -4.61
CA VAL E 213 -2.58 -32.28 -3.84
C VAL E 213 -2.69 -31.92 -2.37
N ALA E 214 -3.27 -30.75 -2.05
CA ALA E 214 -3.47 -30.37 -0.66
C ALA E 214 -4.51 -31.23 0.02
N GLU E 215 -5.54 -31.66 -0.70
CA GLU E 215 -6.54 -32.56 -0.14
C GLU E 215 -6.03 -33.99 0.00
N ALA E 216 -5.19 -34.44 -0.93
CA ALA E 216 -4.60 -35.77 -0.80
C ALA E 216 -3.70 -35.86 0.42
N VAL E 217 -2.88 -34.84 0.67
CA VAL E 217 -2.02 -34.84 1.86
C VAL E 217 -2.87 -34.76 3.12
N ALA E 218 -3.85 -33.86 3.15
CA ALA E 218 -4.67 -33.67 4.34
C ALA E 218 -5.54 -34.87 4.64
N LEU E 219 -5.83 -35.72 3.65
CA LEU E 219 -6.66 -36.89 3.87
C LEU E 219 -5.87 -38.09 4.37
N ALA E 220 -4.65 -38.31 3.86
CA ALA E 220 -3.81 -39.40 4.32
C ALA E 220 -3.10 -39.10 5.62
N GLN E 221 -3.02 -37.83 6.02
CA GLN E 221 -2.39 -37.49 7.29
C GLN E 221 -3.25 -37.90 8.48
N GLN E 222 -4.56 -37.65 8.41
CA GLN E 222 -5.45 -38.01 9.50
C GLN E 222 -5.67 -39.52 9.59
N GLU E 223 -5.70 -40.20 8.44
CA GLU E 223 -5.92 -41.65 8.44
C GLU E 223 -4.78 -42.41 9.11
N THR E 224 -3.53 -42.01 8.85
CA THR E 224 -2.39 -42.68 9.45
C THR E 224 -1.97 -42.04 10.77
N GLY E 225 -2.36 -40.81 11.02
CA GLY E 225 -1.99 -40.11 12.24
C GLY E 225 -0.57 -39.60 12.28
N GLU E 226 0.15 -39.65 11.15
CA GLU E 226 1.52 -39.16 11.07
C GLU E 226 1.57 -37.99 10.10
N LYS E 227 2.44 -37.02 10.41
CA LYS E 227 2.64 -35.88 9.53
C LYS E 227 3.27 -36.32 8.21
N LYS E 228 2.66 -35.91 7.11
CA LYS E 228 3.14 -36.24 5.78
C LYS E 228 3.23 -34.97 4.94
N GLY E 229 4.21 -34.95 4.04
CA GLY E 229 4.45 -33.77 3.23
C GLY E 229 4.60 -34.14 1.76
N HIS E 230 4.59 -33.10 0.94
CA HIS E 230 4.72 -33.27 -0.51
C HIS E 230 5.42 -32.05 -1.07
N TYR E 231 6.64 -32.24 -1.59
CA TYR E 231 7.41 -31.14 -2.15
C TYR E 231 6.69 -30.57 -3.36
N LEU E 232 6.26 -29.31 -3.26
CA LEU E 232 5.61 -28.62 -4.37
C LEU E 232 6.64 -27.83 -5.15
N ASN E 233 6.56 -27.90 -6.48
CA ASN E 233 7.51 -27.24 -7.35
C ASN E 233 7.16 -25.77 -7.46
N CYS E 234 8.00 -24.90 -6.91
CA CYS E 234 7.82 -23.45 -6.99
C CYS E 234 8.78 -22.80 -7.97
N THR E 235 9.33 -23.57 -8.90
CA THR E 235 10.19 -23.01 -9.93
C THR E 235 9.36 -22.20 -10.91
N ALA E 236 9.90 -21.04 -11.31
CA ALA E 236 9.19 -20.13 -12.20
C ALA E 236 10.22 -19.38 -13.02
N ALA E 237 9.73 -18.47 -13.87
CA ALA E 237 10.60 -17.68 -14.73
C ALA E 237 10.79 -16.25 -14.24
N THR E 238 9.92 -15.77 -13.37
CA THR E 238 10.00 -14.44 -12.80
C THR E 238 9.98 -14.54 -11.29
N PRO E 239 10.72 -13.68 -10.59
CA PRO E 239 10.68 -13.70 -9.12
C PRO E 239 9.30 -13.41 -8.55
N GLU E 240 8.49 -12.60 -9.24
CA GLU E 240 7.14 -12.34 -8.77
C GLU E 240 6.29 -13.61 -8.79
N GLU E 241 6.44 -14.44 -9.82
CA GLU E 241 5.68 -15.67 -9.91
C GLU E 241 6.14 -16.70 -8.88
N MET E 242 7.43 -16.69 -8.55
CA MET E 242 7.95 -17.59 -7.52
C MET E 242 7.27 -17.33 -6.18
N TYR E 243 7.24 -16.06 -5.77
CA TYR E 243 6.64 -15.71 -4.49
C TYR E 243 5.14 -16.00 -4.46
N GLU E 244 4.46 -15.84 -5.60
CA GLU E 244 3.04 -16.15 -5.64
C GLU E 244 2.79 -17.63 -5.36
N ARG E 245 3.55 -18.51 -6.00
CA ARG E 245 3.42 -19.94 -5.74
C ARG E 245 3.79 -20.27 -4.30
N ALA E 246 4.87 -19.66 -3.78
CA ALA E 246 5.26 -19.94 -2.41
C ALA E 246 4.16 -19.54 -1.42
N GLU E 247 3.58 -18.35 -1.61
CA GLU E 247 2.52 -17.90 -0.72
C GLU E 247 1.25 -18.72 -0.87
N PHE E 248 0.92 -19.16 -2.08
CA PHE E 248 -0.25 -20.01 -2.25
C PHE E 248 -0.04 -21.36 -1.59
N ALA E 249 1.17 -21.90 -1.67
CA ALA E 249 1.50 -23.14 -0.97
C ALA E 249 1.40 -22.94 0.54
N LYS E 250 1.84 -21.80 1.05
CA LYS E 250 1.66 -21.49 2.46
C LYS E 250 0.19 -21.43 2.84
N GLU E 251 -0.64 -20.80 2.00
CA GLU E 251 -2.05 -20.63 2.32
C GLU E 251 -2.77 -21.96 2.44
N LEU E 252 -2.41 -22.94 1.60
CA LEU E 252 -2.99 -24.27 1.67
C LEU E 252 -2.54 -25.04 2.91
N GLY E 253 -1.54 -24.54 3.64
CA GLY E 253 -1.06 -25.23 4.82
C GLY E 253 -0.01 -26.28 4.57
N GLN E 254 0.55 -26.34 3.35
CA GLN E 254 1.60 -27.30 3.08
C GLN E 254 2.88 -26.91 3.82
N PRO E 255 3.65 -27.88 4.30
CA PRO E 255 4.81 -27.56 5.14
C PRO E 255 6.09 -27.29 4.37
N ILE E 256 6.23 -27.83 3.17
CA ILE E 256 7.50 -27.79 2.45
C ILE E 256 7.25 -27.43 0.99
N ILE E 257 8.23 -26.75 0.39
CA ILE E 257 8.19 -26.40 -1.03
C ILE E 257 9.49 -26.86 -1.68
N MET E 258 9.62 -26.64 -2.99
CA MET E 258 10.80 -27.10 -3.71
C MET E 258 11.27 -25.99 -4.64
N HIS E 259 12.58 -25.95 -4.85
CA HIS E 259 13.18 -24.99 -5.77
C HIS E 259 14.38 -25.63 -6.45
N ASP E 260 14.62 -25.24 -7.70
CA ASP E 260 15.76 -25.72 -8.48
C ASP E 260 16.80 -24.60 -8.50
N TYR E 261 17.94 -24.84 -7.86
CA TYR E 261 18.87 -23.75 -7.58
C TYR E 261 19.83 -23.48 -8.72
N ILE E 262 20.37 -24.51 -9.37
CA ILE E 262 21.31 -24.28 -10.47
C ILE E 262 20.61 -23.62 -11.65
N THR E 263 19.45 -24.15 -12.05
CA THR E 263 18.70 -23.58 -13.16
C THR E 263 18.07 -22.24 -12.83
N GLY E 264 17.48 -22.10 -11.64
CA GLY E 264 16.86 -20.86 -11.22
C GLY E 264 17.80 -19.77 -10.79
N GLY E 265 19.08 -20.09 -10.56
CA GLY E 265 20.05 -19.09 -10.17
C GLY E 265 20.19 -18.98 -8.67
N PHE E 266 21.43 -18.69 -8.25
CA PHE E 266 21.70 -18.52 -6.83
C PHE E 266 20.95 -17.31 -6.26
N THR E 267 20.78 -16.26 -7.06
CA THR E 267 20.05 -15.09 -6.60
C THR E 267 18.61 -15.46 -6.26
N ALA E 268 17.92 -16.17 -7.16
CA ALA E 268 16.56 -16.58 -6.90
C ALA E 268 16.50 -17.56 -5.73
N ASN E 269 17.45 -18.50 -5.66
CA ASN E 269 17.46 -19.47 -4.58
C ASN E 269 17.60 -18.80 -3.22
N THR E 270 18.50 -17.81 -3.12
CA THR E 270 18.66 -17.06 -1.88
C THR E 270 17.45 -16.20 -1.58
N GLY E 271 16.86 -15.57 -2.59
CA GLY E 271 15.66 -14.78 -2.35
C GLY E 271 14.51 -15.61 -1.82
N LEU E 272 14.37 -16.84 -2.32
CA LEU E 272 13.36 -17.74 -1.77
C LEU E 272 13.81 -18.31 -0.43
N SER E 273 15.13 -18.47 -0.24
CA SER E 273 15.64 -19.05 1.00
C SER E 273 15.32 -18.16 2.21
N LYS E 274 15.55 -16.85 2.10
CA LYS E 274 15.22 -15.95 3.19
C LYS E 274 13.72 -15.77 3.38
N TRP E 275 12.93 -16.03 2.34
CA TRP E 275 11.48 -16.03 2.50
C TRP E 275 11.01 -17.21 3.34
N CYS E 276 11.67 -18.37 3.20
CA CYS E 276 11.27 -19.56 3.94
C CYS E 276 11.46 -19.41 5.45
N ARG E 277 12.51 -18.73 5.90
CA ARG E 277 12.74 -18.59 7.33
C ARG E 277 11.76 -17.61 7.97
N LYS E 278 11.39 -16.54 7.26
CA LYS E 278 10.46 -15.57 7.82
C LYS E 278 9.02 -16.04 7.74
N ASN E 279 8.74 -17.09 6.97
CA ASN E 279 7.39 -17.62 6.86
C ASN E 279 7.26 -19.03 7.43
N GLY E 280 8.30 -19.56 8.06
CA GLY E 280 8.23 -20.86 8.69
C GLY E 280 7.98 -22.02 7.75
N MET E 281 8.72 -22.07 6.64
CA MET E 281 8.57 -23.13 5.65
C MET E 281 9.87 -23.89 5.48
N LEU E 282 9.74 -25.19 5.27
CA LEU E 282 10.86 -26.06 4.92
C LEU E 282 11.15 -25.97 3.44
N LEU E 283 12.40 -26.25 3.08
CA LEU E 283 12.87 -26.08 1.70
C LEU E 283 13.52 -27.36 1.21
N HIS E 284 13.17 -27.77 -0.01
CA HIS E 284 13.80 -28.88 -0.69
C HIS E 284 14.46 -28.37 -1.97
N ILE E 285 15.67 -28.85 -2.25
CA ILE E 285 16.46 -28.38 -3.38
C ILE E 285 16.81 -29.56 -4.27
N HIS E 286 16.65 -29.38 -5.58
CA HIS E 286 17.01 -30.38 -6.57
C HIS E 286 18.19 -29.85 -7.39
N ARG E 287 19.23 -30.67 -7.53
CA ARG E 287 20.45 -30.26 -8.21
C ARG E 287 20.38 -30.57 -9.70
N ALA E 288 19.40 -29.96 -10.37
CA ALA E 288 19.28 -30.11 -11.80
C ALA E 288 20.39 -29.31 -12.51
N MET E 289 20.70 -29.71 -13.74
CA MET E 289 21.69 -29.03 -14.58
C MET E 289 23.07 -29.15 -13.92
N HIS E 290 23.27 -30.22 -13.15
CA HIS E 290 24.53 -30.41 -12.45
C HIS E 290 25.53 -31.25 -13.23
N ALA E 291 25.07 -32.30 -13.92
CA ALA E 291 25.97 -33.32 -14.45
C ALA E 291 26.96 -32.79 -15.48
N VAL E 292 26.67 -31.68 -16.14
CA VAL E 292 27.60 -31.14 -17.14
C VAL E 292 28.87 -30.63 -16.47
N ILE E 293 28.74 -30.04 -15.28
CA ILE E 293 29.83 -29.27 -14.68
C ILE E 293 30.82 -30.16 -13.95
N ASP E 294 30.33 -31.16 -13.20
CA ASP E 294 31.20 -31.90 -12.28
C ASP E 294 31.59 -33.28 -12.77
N ARG E 295 30.82 -33.89 -13.67
CA ARG E 295 31.00 -35.31 -13.98
C ARG E 295 32.34 -35.60 -14.63
N HIS E 296 32.93 -34.61 -15.31
CA HIS E 296 34.20 -34.91 -15.97
C HIS E 296 35.37 -34.60 -15.04
N PRO E 297 36.37 -35.48 -14.97
CA PRO E 297 37.35 -35.41 -13.86
C PRO E 297 38.41 -34.34 -14.01
N LYS E 298 38.47 -33.61 -15.13
CA LYS E 298 39.50 -32.60 -15.32
C LYS E 298 38.94 -31.20 -15.57
N HIS E 299 37.63 -31.06 -15.75
CA HIS E 299 37.02 -29.79 -16.12
C HIS E 299 35.86 -29.49 -15.19
N GLY E 300 35.62 -28.21 -14.95
CA GLY E 300 34.49 -27.76 -14.16
C GLY E 300 34.80 -27.66 -12.68
N ILE E 301 33.73 -27.53 -11.90
CA ILE E 301 33.82 -27.39 -10.45
C ILE E 301 33.18 -28.59 -9.81
N HIS E 302 33.85 -29.12 -8.78
CA HIS E 302 33.35 -30.28 -8.06
C HIS E 302 32.02 -29.94 -7.37
N PHE E 303 31.15 -30.95 -7.29
CA PHE E 303 29.83 -30.77 -6.67
C PHE E 303 29.94 -30.39 -5.20
N ARG E 304 31.03 -30.75 -4.53
CA ARG E 304 31.22 -30.44 -3.13
C ARG E 304 31.24 -28.92 -2.90
N VAL E 305 31.94 -28.19 -3.77
CA VAL E 305 31.95 -26.74 -3.67
C VAL E 305 30.55 -26.18 -3.88
N LEU E 306 29.79 -26.75 -4.83
CA LEU E 306 28.40 -26.39 -5.00
C LEU E 306 27.55 -26.68 -3.77
N ALA E 307 27.81 -27.81 -3.09
CA ALA E 307 27.10 -28.09 -1.85
C ALA E 307 27.41 -27.06 -0.78
N LYS E 308 28.68 -26.67 -0.64
CA LYS E 308 29.04 -25.62 0.31
C LYS E 308 28.33 -24.32 -0.02
N CYS E 309 28.37 -23.90 -1.28
CA CYS E 309 27.74 -22.64 -1.67
C CYS E 309 26.23 -22.68 -1.48
N LEU E 310 25.60 -23.83 -1.74
CA LEU E 310 24.17 -23.95 -1.56
C LEU E 310 23.80 -23.89 -0.07
N ARG E 311 24.54 -24.62 0.77
CA ARG E 311 24.30 -24.53 2.20
C ARG E 311 24.50 -23.11 2.72
N LEU E 312 25.43 -22.37 2.13
CA LEU E 312 25.51 -20.94 2.42
C LEU E 312 24.25 -20.22 1.97
N SER E 313 23.72 -20.57 0.80
CA SER E 313 22.53 -19.91 0.29
C SER E 313 21.28 -20.31 1.07
N GLY E 314 21.09 -21.60 1.31
CA GLY E 314 19.92 -22.07 2.02
C GLY E 314 19.63 -23.52 1.68
N GLY E 315 18.44 -23.96 2.07
CA GLY E 315 18.00 -25.30 1.73
C GLY E 315 18.23 -26.32 2.82
N ASP E 316 17.16 -26.96 3.29
CA ASP E 316 17.26 -27.96 4.33
C ASP E 316 17.54 -29.36 3.79
N GLN E 317 17.16 -29.66 2.55
CA GLN E 317 17.40 -30.96 1.95
C GLN E 317 18.02 -30.78 0.56
N LEU E 318 18.98 -31.64 0.25
CA LEU E 318 19.68 -31.60 -1.03
C LEU E 318 19.91 -33.01 -1.55
N HIS E 319 19.69 -33.19 -2.85
CA HIS E 319 19.95 -34.48 -3.49
C HIS E 319 21.43 -34.81 -3.46
N THR E 320 21.74 -36.10 -3.32
CA THR E 320 23.12 -36.55 -3.42
C THR E 320 23.28 -37.47 -4.63
N GLY E 321 22.46 -38.51 -4.71
CA GLY E 321 22.38 -39.39 -5.85
C GLY E 321 23.68 -40.11 -6.19
N THR E 322 23.59 -40.94 -7.22
CA THR E 322 22.34 -41.26 -7.91
C THR E 322 21.88 -42.64 -7.49
N VAL E 323 22.71 -43.29 -6.67
CA VAL E 323 22.42 -44.57 -6.04
C VAL E 323 22.03 -45.62 -7.07
N VAL E 324 22.86 -45.79 -8.11
CA VAL E 324 22.74 -46.95 -8.99
C VAL E 324 24.11 -47.55 -9.23
N GLY E 325 24.54 -48.48 -8.37
CA GLY E 325 23.93 -48.79 -7.08
C GLY E 325 24.31 -47.70 -6.10
N LYS E 326 25.37 -46.97 -6.44
CA LYS E 326 25.69 -45.71 -5.78
C LYS E 326 26.55 -44.89 -6.73
N LEU E 327 26.77 -43.62 -6.37
CA LEU E 327 27.50 -42.72 -7.25
C LEU E 327 28.94 -43.20 -7.47
N GLU E 328 29.61 -43.62 -6.39
CA GLU E 328 30.97 -44.15 -6.42
C GLU E 328 31.99 -43.05 -6.72
N ASP E 330 33.12 -43.05 -6.02
CA ASP E 330 33.46 -44.01 -4.97
C ASP E 330 32.92 -43.55 -3.63
N ARG E 331 32.91 -44.46 -2.64
CA ARG E 331 32.38 -44.13 -1.33
C ARG E 331 33.19 -43.05 -0.63
N GLN E 332 34.51 -43.09 -0.74
CA GLN E 332 35.34 -42.14 -0.02
C GLN E 332 35.08 -40.70 -0.48
N THR E 333 34.94 -40.50 -1.80
CA THR E 333 34.68 -39.16 -2.31
C THR E 333 33.28 -38.69 -1.95
N THR E 334 32.29 -39.58 -2.02
CA THR E 334 30.92 -39.18 -1.72
C THR E 334 30.78 -38.74 -0.27
N LEU E 335 31.39 -39.47 0.66
CA LEU E 335 31.38 -39.06 2.06
C LEU E 335 32.20 -37.79 2.29
N GLY E 336 33.00 -37.38 1.31
CA GLY E 336 33.80 -36.16 1.48
C GLY E 336 32.94 -34.93 1.65
N PHE E 337 31.82 -34.87 0.94
CA PHE E 337 30.91 -33.73 1.04
C PHE E 337 29.64 -34.06 1.82
N ILE E 338 29.39 -35.32 2.15
CA ILE E 338 28.25 -35.66 3.00
C ILE E 338 28.44 -35.06 4.38
N ASP E 339 29.65 -35.15 4.93
CA ASP E 339 29.93 -34.54 6.23
C ASP E 339 29.78 -33.02 6.16
N GLN E 340 30.27 -32.41 5.07
CA GLN E 340 30.15 -30.96 4.91
C GLN E 340 28.71 -30.50 4.80
N LEU E 341 27.78 -31.41 4.52
CA LEU E 341 26.36 -31.05 4.46
C LEU E 341 25.68 -31.13 5.83
N ARG E 342 26.29 -31.82 6.79
CA ARG E 342 25.69 -32.05 8.09
C ARG E 342 26.55 -31.58 9.25
N GLU E 343 27.86 -31.81 9.20
CA GLU E 343 28.72 -31.56 10.35
C GLU E 343 29.00 -30.07 10.52
N SER E 344 29.49 -29.72 11.70
CA SER E 344 29.89 -28.34 11.99
C SER E 344 31.39 -28.12 11.88
N PHE E 345 32.19 -29.19 11.96
CA PHE E 345 33.64 -29.09 11.82
C PHE E 345 34.15 -30.37 11.17
N ILE E 346 34.83 -30.22 10.04
CA ILE E 346 35.33 -31.34 9.25
C ILE E 346 36.85 -31.26 9.23
N PRO E 347 37.56 -32.27 9.75
CA PRO E 347 39.03 -32.25 9.68
C PRO E 347 39.54 -32.44 8.27
N GLU E 348 40.76 -31.98 8.00
CA GLU E 348 41.38 -32.08 6.69
C GLU E 348 41.86 -33.52 6.48
N ASP E 349 41.47 -34.11 5.36
CA ASP E 349 41.86 -35.47 5.02
C ASP E 349 41.91 -35.61 3.51
N ARG E 350 43.04 -36.08 2.99
CA ARG E 350 43.19 -36.27 1.55
C ARG E 350 42.44 -37.49 1.03
N SER E 351 42.19 -38.49 1.89
CA SER E 351 41.47 -39.67 1.45
C SER E 351 40.05 -39.33 0.99
N ARG E 352 39.36 -38.48 1.76
CA ARG E 352 38.04 -38.01 1.37
C ARG E 352 38.10 -36.78 0.48
N GLY E 353 39.30 -36.30 0.15
CA GLY E 353 39.44 -35.23 -0.81
C GLY E 353 39.25 -33.83 -0.24
N ASN E 354 39.20 -33.69 1.07
CA ASN E 354 39.04 -32.40 1.72
C ASN E 354 40.43 -31.82 1.97
N PHE E 355 40.75 -30.74 1.25
CA PHE E 355 42.07 -30.13 1.34
C PHE E 355 42.19 -29.09 2.46
N PHE E 356 41.07 -28.70 3.07
CA PHE E 356 41.05 -27.63 4.06
C PHE E 356 40.28 -28.07 5.30
N ASP E 357 40.55 -27.39 6.42
CA ASP E 357 39.75 -27.52 7.62
C ASP E 357 38.63 -26.49 7.58
N GLN E 358 37.38 -26.97 7.55
CA GLN E 358 36.22 -26.10 7.47
C GLN E 358 35.42 -26.21 8.75
N ASP E 359 35.16 -25.07 9.39
CA ASP E 359 34.35 -25.00 10.59
C ASP E 359 33.08 -24.23 10.29
N TRP E 360 31.93 -24.87 10.50
CA TRP E 360 30.63 -24.27 10.25
C TRP E 360 30.07 -23.55 11.47
N GLY E 361 30.76 -23.62 12.61
CA GLY E 361 30.33 -22.94 13.82
C GLY E 361 29.04 -23.49 14.42
N SER E 362 27.97 -22.70 14.35
CA SER E 362 26.68 -23.05 14.96
C SER E 362 25.56 -23.07 13.93
N MET E 363 25.91 -23.30 12.68
CA MET E 363 24.94 -23.24 11.60
C MET E 363 24.23 -24.59 11.45
N PRO E 364 22.93 -24.60 11.17
CA PRO E 364 22.19 -25.87 11.10
C PRO E 364 22.64 -26.77 9.96
N GLY E 365 22.39 -28.07 10.13
CA GLY E 365 22.73 -29.06 9.14
C GLY E 365 21.68 -29.18 8.04
N VAL E 366 22.08 -29.86 6.96
CA VAL E 366 21.26 -30.03 5.77
C VAL E 366 21.08 -31.52 5.51
N PHE E 367 19.82 -31.93 5.30
CA PHE E 367 19.53 -33.32 5.00
C PHE E 367 20.20 -33.76 3.70
N ALA E 368 20.85 -34.92 3.74
CA ALA E 368 21.46 -35.51 2.56
C ALA E 368 20.48 -36.51 1.96
N VAL E 369 19.83 -36.12 0.87
CA VAL E 369 18.75 -36.90 0.28
C VAL E 369 19.30 -37.75 -0.85
N ALA E 370 18.97 -39.03 -0.84
CA ALA E 370 19.33 -39.96 -1.90
C ALA E 370 18.13 -40.25 -2.78
N SER E 371 18.41 -40.58 -4.05
CA SER E 371 17.37 -40.83 -5.03
C SER E 371 17.91 -41.74 -6.11
N GLY E 372 17.18 -41.83 -7.21
CA GLY E 372 17.64 -42.59 -8.37
C GLY E 372 17.43 -44.09 -8.30
N GLY E 373 16.16 -44.52 -8.22
CA GLY E 373 15.83 -45.91 -8.43
C GLY E 373 16.32 -46.90 -7.39
N ILE E 374 16.22 -46.58 -6.10
CA ILE E 374 16.53 -47.53 -5.06
C ILE E 374 15.38 -48.53 -4.92
N HIS E 375 15.73 -49.79 -4.66
CA HIS E 375 14.74 -50.84 -4.50
C HIS E 375 14.91 -51.48 -3.13
N VAL E 376 14.13 -52.54 -2.88
CA VAL E 376 13.94 -53.03 -1.52
C VAL E 376 15.20 -53.64 -0.91
N TRP E 377 15.98 -54.40 -1.68
CA TRP E 377 17.16 -55.07 -1.13
C TRP E 377 18.32 -54.12 -0.87
N HIS E 378 18.22 -52.87 -1.29
CA HIS E 378 19.29 -51.91 -1.08
C HIS E 378 19.16 -51.13 0.22
N MET E 379 18.11 -51.39 1.01
CA MET E 379 17.94 -50.69 2.28
C MET E 379 19.14 -50.83 3.20
N PRO E 380 19.70 -52.03 3.44
CA PRO E 380 20.90 -52.10 4.30
C PRO E 380 22.10 -51.37 3.72
N ALA E 381 22.14 -51.14 2.42
CA ALA E 381 23.23 -50.39 1.81
C ALA E 381 23.05 -48.89 1.88
N LEU E 382 21.80 -48.42 1.97
CA LEU E 382 21.51 -47.00 2.10
C LEU E 382 21.25 -46.57 3.54
N VAL E 383 21.38 -47.49 4.50
CA VAL E 383 21.26 -47.12 5.91
C VAL E 383 22.62 -47.20 6.62
N ALA E 384 23.43 -48.20 6.28
CA ALA E 384 24.72 -48.36 6.94
C ALA E 384 25.70 -47.24 6.60
N ILE E 385 25.51 -46.55 5.48
CA ILE E 385 26.47 -45.55 5.04
C ILE E 385 25.85 -44.15 5.00
N PHE E 386 24.52 -44.05 4.95
CA PHE E 386 23.87 -42.75 5.00
C PHE E 386 23.46 -42.32 6.40
N GLY E 387 23.67 -43.15 7.41
CA GLY E 387 23.31 -42.80 8.76
C GLY E 387 21.80 -42.75 8.96
N ASP E 388 21.37 -41.80 9.78
CA ASP E 388 19.95 -41.63 10.08
C ASP E 388 19.39 -40.30 9.60
N ASP E 389 20.25 -39.32 9.35
CA ASP E 389 19.79 -38.00 8.91
C ASP E 389 19.80 -37.91 7.38
N SER E 390 19.08 -38.85 6.76
CA SER E 390 18.99 -38.93 5.31
C SER E 390 17.55 -39.20 4.90
N VAL E 391 17.23 -38.85 3.67
CA VAL E 391 15.92 -39.09 3.09
C VAL E 391 16.10 -39.97 1.85
N LEU E 392 15.38 -41.08 1.82
CA LEU E 392 15.46 -42.04 0.73
C LEU E 392 14.28 -41.81 -0.21
N GLN E 393 14.56 -41.51 -1.47
CA GLN E 393 13.54 -41.17 -2.46
C GLN E 393 13.63 -42.16 -3.60
N PHE E 394 12.52 -42.83 -3.89
CA PHE E 394 12.46 -43.82 -4.96
C PHE E 394 11.79 -43.24 -6.20
N GLY E 395 12.27 -43.68 -7.36
CA GLY E 395 11.65 -43.30 -8.62
C GLY E 395 10.59 -44.31 -9.04
N GLY E 396 10.97 -45.58 -9.09
CA GLY E 396 10.03 -46.63 -9.44
C GLY E 396 9.88 -47.69 -8.37
N GLY E 397 10.59 -47.51 -7.25
CA GLY E 397 10.56 -48.52 -6.21
C GLY E 397 9.20 -48.66 -5.55
N THR E 398 8.49 -47.56 -5.38
CA THR E 398 7.19 -47.60 -4.71
C THR E 398 6.07 -47.95 -5.69
N HIS E 399 6.06 -47.30 -6.86
CA HIS E 399 4.95 -47.48 -7.79
C HIS E 399 5.05 -48.79 -8.56
N GLY E 400 6.22 -49.45 -8.52
CA GLY E 400 6.41 -50.68 -9.26
C GLY E 400 6.06 -51.93 -8.48
N HIS E 401 5.10 -51.83 -7.55
CA HIS E 401 4.68 -52.97 -6.75
C HIS E 401 3.42 -53.61 -7.33
N PRO E 402 3.42 -54.93 -7.52
CA PRO E 402 2.27 -55.60 -8.13
C PRO E 402 0.94 -55.36 -7.43
N TRP E 403 0.96 -55.20 -6.11
CA TRP E 403 -0.26 -54.96 -5.36
C TRP E 403 -0.64 -53.49 -5.26
N GLY E 404 -0.20 -52.68 -6.22
CA GLY E 404 -0.57 -51.28 -6.28
C GLY E 404 0.50 -50.41 -5.67
N SER E 405 0.20 -49.11 -5.59
CA SER E 405 1.14 -48.15 -5.01
C SER E 405 1.06 -48.08 -3.50
N ALA E 406 -0.09 -48.39 -2.90
CA ALA E 406 -0.22 -48.40 -1.44
C ALA E 406 0.61 -49.50 -0.81
N ALA E 407 0.62 -50.69 -1.41
CA ALA E 407 1.44 -51.78 -0.89
C ALA E 407 2.92 -51.57 -1.16
N GLY E 408 3.26 -50.74 -2.15
CA GLY E 408 4.67 -50.44 -2.39
C GLY E 408 5.32 -49.70 -1.24
N ALA E 409 4.60 -48.73 -0.67
CA ALA E 409 5.13 -48.00 0.48
C ALA E 409 5.28 -48.89 1.69
N ALA E 410 4.32 -49.80 1.92
CA ALA E 410 4.45 -50.74 3.02
C ALA E 410 5.58 -51.73 2.82
N ALA E 411 6.03 -51.93 1.59
CA ALA E 411 7.16 -52.81 1.32
C ALA E 411 8.50 -52.18 1.67
N ASN E 412 8.61 -50.86 1.57
CA ASN E 412 9.86 -50.19 1.91
C ASN E 412 9.86 -49.73 3.36
N ARG E 413 8.71 -49.30 3.88
CA ARG E 413 8.65 -48.88 5.28
C ARG E 413 8.96 -50.04 6.22
N VAL E 414 8.45 -51.22 5.93
CA VAL E 414 8.77 -52.40 6.72
C VAL E 414 10.24 -52.76 6.58
N ALA E 415 10.76 -52.70 5.34
CA ALA E 415 12.15 -53.03 5.10
C ALA E 415 13.10 -52.03 5.74
N LEU E 416 12.73 -50.74 5.75
CA LEU E 416 13.61 -49.73 6.33
C LEU E 416 13.74 -49.91 7.84
N GLU E 417 12.62 -50.05 8.54
CA GLU E 417 12.65 -50.14 9.99
C GLU E 417 13.30 -51.41 10.49
N ALA E 418 13.21 -52.50 9.72
CA ALA E 418 13.94 -53.72 10.07
C ALA E 418 15.44 -53.49 10.07
N CYS E 419 15.96 -52.77 9.07
CA CYS E 419 17.38 -52.46 9.01
C CYS E 419 17.82 -51.63 10.21
N VAL E 420 17.04 -50.60 10.56
CA VAL E 420 17.37 -49.77 11.71
C VAL E 420 17.37 -50.62 12.98
N LYS E 421 16.29 -51.36 13.21
CA LYS E 421 16.20 -52.20 14.40
C LYS E 421 17.32 -53.21 14.48
N ALA E 422 17.82 -53.70 13.34
CA ALA E 422 19.00 -54.55 13.34
C ALA E 422 20.28 -53.78 13.66
N ARG E 423 20.37 -52.52 13.24
CA ARG E 423 21.56 -51.74 13.57
C ARG E 423 21.60 -51.38 15.06
N ASN E 424 20.46 -51.01 15.64
CA ASN E 424 20.42 -50.71 17.06
C ASN E 424 20.73 -51.96 17.89
N ALA E 425 20.42 -53.14 17.33
CA ALA E 425 20.67 -54.40 18.03
C ALA E 425 22.13 -54.82 17.86
N GLY E 426 22.93 -53.99 17.21
CA GLY E 426 24.34 -54.27 17.01
C GLY E 426 24.65 -55.20 15.84
N ARG E 427 23.66 -55.58 15.05
CA ARG E 427 23.89 -56.44 13.91
C ARG E 427 24.50 -55.64 12.75
N GLU E 428 25.09 -56.37 11.80
CA GLU E 428 25.70 -55.78 10.61
C GLU E 428 24.67 -55.87 9.49
N ILE E 429 24.04 -54.73 9.18
CA ILE E 429 22.98 -54.72 8.18
C ILE E 429 23.54 -54.96 6.79
N GLU E 430 24.66 -54.32 6.47
CA GLU E 430 25.27 -54.48 5.15
C GLU E 430 25.83 -55.88 4.93
N LYS E 431 26.03 -56.65 6.00
CA LYS E 431 26.51 -58.02 5.90
C LYS E 431 25.40 -59.06 6.03
N GLU E 432 24.41 -58.83 6.88
CA GLU E 432 23.31 -59.75 7.10
C GLU E 432 22.03 -59.31 6.39
N SER E 433 22.15 -58.77 5.18
CA SER E 433 21.02 -58.19 4.46
C SER E 433 19.88 -59.20 4.31
N ARG E 434 20.19 -60.40 3.81
CA ARG E 434 19.16 -61.39 3.51
C ARG E 434 18.39 -61.82 4.75
N ASP E 435 19.10 -62.13 5.83
CA ASP E 435 18.46 -62.60 7.05
C ASP E 435 17.74 -61.50 7.81
N ILE E 436 18.23 -60.25 7.75
CA ILE E 436 17.49 -59.15 8.36
C ILE E 436 16.21 -58.83 7.60
N LEU E 437 16.28 -58.78 6.26
CA LEU E 437 15.12 -58.41 5.45
C LEU E 437 14.09 -59.53 5.35
N MET E 438 14.53 -60.79 5.35
CA MET E 438 13.61 -61.89 5.15
C MET E 438 12.72 -62.14 6.36
N GLU E 439 13.23 -61.91 7.57
CA GLU E 439 12.46 -62.20 8.77
C GLU E 439 11.36 -61.17 9.02
N ALA E 440 11.32 -60.08 8.26
CA ALA E 440 10.24 -59.11 8.41
C ALA E 440 9.07 -59.44 7.50
N ALA E 441 9.31 -60.10 6.37
CA ALA E 441 8.26 -60.50 5.46
C ALA E 441 7.34 -61.56 6.04
N LYS E 442 7.79 -62.29 7.06
CA LYS E 442 6.94 -63.27 7.72
C LYS E 442 5.70 -62.64 8.35
N HIS E 443 5.85 -61.46 8.97
CA HIS E 443 4.73 -60.75 9.57
C HIS E 443 4.22 -59.66 8.64
N SER E 444 4.69 -59.65 7.40
CA SER E 444 4.29 -58.62 6.43
C SER E 444 4.19 -59.23 5.04
N PRO E 445 2.98 -59.63 4.60
CA PRO E 445 2.85 -60.27 3.29
C PRO E 445 3.23 -59.40 2.11
N GLU E 446 3.15 -58.07 2.23
CA GLU E 446 3.56 -57.19 1.14
C GLU E 446 5.03 -57.35 0.83
N LEU E 447 5.88 -57.33 1.86
CA LEU E 447 7.30 -57.59 1.66
C LEU E 447 7.55 -59.00 1.18
N ALA E 448 6.67 -59.95 1.53
CA ALA E 448 6.84 -61.33 1.10
C ALA E 448 6.80 -61.46 -0.42
N ILE E 449 6.11 -60.55 -1.10
CA ILE E 449 6.15 -60.54 -2.56
C ILE E 449 7.09 -59.48 -3.12
N ALA E 450 7.34 -58.40 -2.36
CA ALA E 450 8.31 -57.40 -2.81
C ALA E 450 9.71 -57.99 -2.89
N LEU E 451 10.03 -58.91 -1.99
CA LEU E 451 11.31 -59.62 -2.07
C LEU E 451 11.37 -60.54 -3.28
N GLU E 452 10.22 -61.00 -3.76
CA GLU E 452 10.19 -61.91 -4.91
C GLU E 452 10.26 -61.18 -6.23
N THR E 453 9.57 -60.04 -6.37
CA THR E 453 9.61 -59.29 -7.61
C THR E 453 11.01 -58.74 -7.89
N TRP E 454 11.58 -58.04 -6.92
CA TRP E 454 12.94 -57.49 -7.06
C TRP E 454 13.98 -58.50 -6.57
N LYS E 455 13.90 -59.71 -7.13
CA LYS E 455 14.82 -60.79 -6.75
C LYS E 455 16.15 -60.63 -7.49
N GLU E 456 17.24 -60.56 -6.72
CA GLU E 456 17.16 -60.55 -5.26
C GLU E 456 17.94 -59.37 -4.69
N THR F 6 -8.66 -61.61 1.25
CA THR F 6 -8.55 -60.37 0.50
C THR F 6 -7.09 -60.03 0.22
N VAL F 7 -6.49 -60.75 -0.72
CA VAL F 7 -5.09 -60.55 -1.10
C VAL F 7 -5.03 -60.13 -2.56
N GLY F 8 -4.32 -59.04 -2.82
CA GLY F 8 -3.70 -58.23 -1.80
C GLY F 8 -4.35 -56.87 -1.68
N ASP F 9 -5.08 -56.66 -0.59
CA ASP F 9 -5.83 -55.43 -0.34
C ASP F 9 -5.31 -54.80 0.93
N TYR F 10 -4.44 -53.80 0.78
CA TYR F 10 -3.85 -53.11 1.93
C TYR F 10 -4.81 -52.05 2.46
N GLN F 11 -4.99 -52.03 3.77
CA GLN F 11 -5.83 -51.04 4.44
C GLN F 11 -4.96 -50.03 5.17
N THR F 12 -5.40 -48.78 5.19
CA THR F 12 -4.69 -47.75 5.94
C THR F 12 -4.71 -48.08 7.42
N VAL F 13 -3.53 -48.20 8.02
CA VAL F 13 -3.38 -48.60 9.41
C VAL F 13 -2.55 -47.54 10.12
N ALA F 14 -2.75 -47.42 11.43
CA ALA F 14 -2.10 -46.38 12.21
C ALA F 14 -0.92 -46.94 12.99
N THR F 15 0.24 -46.32 12.79
CA THR F 15 1.43 -46.54 13.61
C THR F 15 1.87 -45.19 14.14
N LEU F 16 2.56 -45.19 15.28
CA LEU F 16 2.74 -43.92 15.97
C LEU F 16 3.75 -43.04 15.26
N GLU F 17 5.04 -43.38 15.34
CA GLU F 17 6.00 -42.84 14.39
C GLU F 17 6.92 -43.90 13.82
N THR F 18 7.53 -44.69 14.70
CA THR F 18 8.64 -45.56 14.35
C THR F 18 8.47 -46.94 14.97
N PHE F 19 9.00 -47.95 14.28
CA PHE F 19 8.97 -49.35 14.73
C PHE F 19 7.54 -49.86 14.95
N GLY F 20 6.55 -49.17 14.39
CA GLY F 20 5.17 -49.61 14.52
C GLY F 20 4.77 -50.63 13.47
N PHE F 21 5.39 -50.60 12.31
CA PHE F 21 5.07 -51.55 11.25
C PHE F 21 5.50 -52.97 11.57
N LEU F 22 6.30 -53.15 12.61
CA LEU F 22 6.82 -54.44 13.04
C LEU F 22 6.06 -54.95 14.25
N PRO F 23 6.07 -56.25 14.52
CA PRO F 23 5.30 -56.81 15.64
C PRO F 23 5.75 -56.22 16.96
N PRO F 24 4.91 -56.31 18.00
CA PRO F 24 5.26 -55.71 19.29
C PRO F 24 6.57 -56.28 19.84
N MET F 25 7.34 -55.41 20.46
CA MET F 25 8.68 -55.75 20.93
C MET F 25 8.61 -56.68 22.13
N THR F 26 9.43 -57.73 22.09
CA THR F 26 9.55 -58.64 23.21
C THR F 26 10.45 -58.02 24.28
N GLN F 27 10.56 -58.74 25.41
CA GLN F 27 11.34 -58.23 26.53
C GLN F 27 12.83 -58.18 26.19
N ASP F 28 13.29 -59.08 25.33
CA ASP F 28 14.71 -59.13 25.00
C ASP F 28 15.12 -58.01 24.05
N GLU F 29 14.21 -57.58 23.16
CA GLU F 29 14.54 -56.51 22.23
C GLU F 29 14.76 -55.18 22.97
N ILE F 30 13.93 -54.92 23.99
CA ILE F 30 14.09 -53.70 24.79
C ILE F 30 15.44 -53.71 25.50
N TYR F 31 15.88 -54.90 25.94
CA TYR F 31 17.19 -55.02 26.57
C TYR F 31 18.29 -54.46 25.66
N ASP F 32 18.32 -54.92 24.41
CA ASP F 32 19.35 -54.47 23.47
C ASP F 32 19.16 -53.02 23.08
N GLN F 33 17.92 -52.56 22.91
CA GLN F 33 17.70 -51.15 22.59
C GLN F 33 18.20 -50.24 23.70
N ILE F 34 17.93 -50.60 24.96
CA ILE F 34 18.39 -49.79 26.08
C ILE F 34 19.90 -49.85 26.19
N ALA F 35 20.49 -51.03 25.97
CA ALA F 35 21.95 -51.14 25.97
C ALA F 35 22.56 -50.22 24.93
N TYR F 36 22.00 -50.21 23.72
CA TYR F 36 22.52 -49.35 22.66
C TYR F 36 22.38 -47.87 23.02
N ILE F 37 21.21 -47.47 23.52
CA ILE F 37 20.98 -46.04 23.76
C ILE F 37 21.84 -45.56 24.92
N ILE F 38 22.14 -46.46 25.87
CA ILE F 38 23.10 -46.12 26.92
C ILE F 38 24.50 -46.02 26.35
N ALA F 39 24.89 -46.97 25.50
CA ALA F 39 26.22 -46.97 24.91
C ALA F 39 26.48 -45.75 24.03
N GLN F 40 25.45 -45.17 23.43
CA GLN F 40 25.62 -43.95 22.66
C GLN F 40 25.79 -42.71 23.54
N GLY F 41 25.67 -42.85 24.85
CA GLY F 41 25.83 -41.74 25.77
C GLY F 41 24.60 -40.88 25.97
N TRP F 42 23.47 -41.24 25.38
CA TRP F 42 22.25 -40.48 25.55
C TRP F 42 21.67 -40.69 26.94
N SER F 43 20.59 -39.96 27.23
CA SER F 43 19.91 -40.06 28.51
C SER F 43 18.52 -40.64 28.29
N PRO F 44 18.26 -41.87 28.72
CA PRO F 44 16.92 -42.45 28.53
C PRO F 44 15.86 -41.67 29.28
N LEU F 45 14.65 -41.68 28.70
CA LEU F 45 13.54 -40.92 29.25
C LEU F 45 12.24 -41.57 28.80
N ILE F 46 11.25 -41.59 29.70
CA ILE F 46 9.99 -42.29 29.47
C ILE F 46 8.84 -41.30 29.53
N GLU F 47 7.89 -41.44 28.59
CA GLU F 47 6.71 -40.60 28.52
C GLU F 47 5.46 -41.46 28.44
N HIS F 48 4.30 -40.84 28.66
CA HIS F 48 3.03 -41.53 28.54
C HIS F 48 1.91 -40.52 28.30
N VAL F 49 0.97 -40.90 27.43
CA VAL F 49 -0.24 -40.13 27.18
C VAL F 49 -1.39 -41.09 26.88
N HIS F 50 -2.60 -40.55 26.95
CA HIS F 50 -3.78 -41.32 26.56
C HIS F 50 -3.82 -41.46 25.04
N PRO F 51 -4.33 -42.57 24.51
CA PRO F 51 -4.35 -42.74 23.05
C PRO F 51 -5.16 -41.68 22.31
N SER F 52 -6.13 -41.04 22.96
CA SER F 52 -6.89 -39.99 22.30
C SER F 52 -6.02 -38.78 21.97
N ARG F 53 -5.11 -38.41 22.87
CA ARG F 53 -4.22 -37.28 22.64
C ARG F 53 -2.88 -37.75 22.11
N SER F 54 -2.87 -38.82 21.33
CA SER F 54 -1.63 -39.38 20.80
C SER F 54 -0.95 -38.45 19.80
N MET F 55 -1.69 -37.46 19.26
CA MET F 55 -1.14 -36.53 18.29
C MET F 55 -0.62 -35.25 18.94
N ALA F 56 -0.58 -35.19 20.26
CA ALA F 56 -0.10 -34.01 20.95
C ALA F 56 1.41 -33.87 20.77
N THR F 57 1.88 -32.62 20.86
CA THR F 57 3.31 -32.35 20.68
C THR F 57 4.14 -32.82 21.86
N TYR F 58 3.69 -32.55 23.09
CA TYR F 58 4.43 -32.88 24.29
C TYR F 58 3.68 -33.95 25.07
N TRP F 59 4.36 -35.04 25.41
CA TRP F 59 3.75 -36.08 26.22
C TRP F 59 3.99 -35.79 27.70
N SER F 60 3.65 -36.73 28.58
CA SER F 60 3.80 -36.53 30.02
C SER F 60 4.97 -37.34 30.53
N TYR F 61 5.88 -36.68 31.26
CA TYR F 61 7.10 -37.32 31.72
C TYR F 61 6.80 -38.37 32.78
N TRP F 62 7.71 -39.34 32.87
CA TRP F 62 7.71 -40.30 33.97
C TRP F 62 9.12 -40.81 34.22
N LYS F 63 9.80 -40.24 35.20
CA LYS F 63 9.34 -39.07 35.94
C LYS F 63 10.21 -37.89 35.51
N LEU F 64 11.52 -38.09 35.59
CA LEU F 64 12.52 -37.16 35.10
C LEU F 64 13.55 -37.94 34.30
N PRO F 65 14.24 -37.30 33.35
CA PRO F 65 15.28 -38.00 32.60
C PRO F 65 16.37 -38.53 33.53
N PHE F 66 16.76 -39.79 33.27
CA PHE F 66 17.75 -40.49 34.10
C PHE F 66 19.14 -39.96 33.73
N PHE F 67 19.41 -38.73 34.15
CA PHE F 67 20.69 -38.10 33.89
C PHE F 67 21.78 -38.82 34.68
N GLY F 68 22.92 -39.06 34.03
CA GLY F 68 24.01 -39.78 34.67
C GLY F 68 23.67 -41.21 35.04
N GLU F 69 22.94 -41.91 34.18
CA GLU F 69 22.58 -43.30 34.40
C GLU F 69 23.43 -44.19 33.51
N LYS F 70 24.11 -45.15 34.12
CA LYS F 70 25.09 -45.99 33.41
C LYS F 70 24.82 -47.48 33.57
N ASP F 71 23.57 -47.87 33.78
CA ASP F 71 23.20 -49.27 33.90
C ASP F 71 21.80 -49.46 33.36
N LEU F 72 21.59 -50.54 32.60
CA LEU F 72 20.28 -50.87 32.07
C LEU F 72 19.47 -51.75 33.02
N GLY F 73 20.07 -52.22 34.11
CA GLY F 73 19.41 -53.12 35.04
C GLY F 73 18.38 -52.48 35.94
N VAL F 74 18.28 -51.16 35.95
CA VAL F 74 17.27 -50.47 36.73
C VAL F 74 16.21 -49.82 35.85
N ILE F 75 16.53 -49.62 34.56
CA ILE F 75 15.56 -49.04 33.63
C ILE F 75 14.41 -50.00 33.37
N VAL F 76 14.70 -51.30 33.30
CA VAL F 76 13.65 -52.28 33.02
C VAL F 76 12.58 -52.32 34.10
N SER F 77 12.92 -51.94 35.33
CA SER F 77 11.95 -51.87 36.42
C SER F 77 11.04 -50.65 36.32
N GLU F 78 11.57 -49.51 35.87
CA GLU F 78 10.80 -48.27 35.77
C GLU F 78 9.68 -48.33 34.74
N LEU F 79 9.92 -48.95 33.58
CA LEU F 79 8.93 -48.98 32.51
C LEU F 79 7.65 -49.69 32.92
N GLU F 80 7.72 -50.66 33.83
CA GLU F 80 6.52 -51.35 34.29
C GLU F 80 5.71 -50.52 35.26
N ALA F 81 6.36 -49.70 36.10
CA ALA F 81 5.63 -48.92 37.09
C ALA F 81 4.68 -47.92 36.43
N CYS F 82 5.15 -47.24 35.38
CA CYS F 82 4.29 -46.32 34.65
C CYS F 82 3.11 -47.06 34.00
N HIS F 83 3.36 -48.26 33.47
CA HIS F 83 2.29 -49.01 32.83
C HIS F 83 1.24 -49.44 33.85
N ARG F 84 1.67 -49.93 35.02
CA ARG F 84 0.69 -50.38 36.02
C ARG F 84 0.02 -49.19 36.69
N ALA F 85 0.65 -48.01 36.65
CA ALA F 85 -0.03 -46.81 37.10
C ALA F 85 -1.03 -46.29 36.08
N TYR F 86 -0.74 -46.47 34.80
CA TYR F 86 -1.58 -45.96 33.71
C TYR F 86 -1.78 -47.08 32.70
N PRO F 87 -2.65 -48.04 32.99
CA PRO F 87 -2.81 -49.22 32.12
C PRO F 87 -3.41 -48.91 30.77
N ASP F 88 -4.07 -47.77 30.59
CA ASP F 88 -4.72 -47.43 29.33
C ASP F 88 -4.04 -46.24 28.65
N HIS F 89 -2.71 -46.17 28.73
CA HIS F 89 -1.95 -45.08 28.14
C HIS F 89 -0.75 -45.64 27.39
N HIS F 90 -0.36 -44.94 26.33
CA HIS F 90 0.86 -45.30 25.60
C HIS F 90 2.08 -45.07 26.48
N VAL F 91 3.15 -45.81 26.21
CA VAL F 91 4.42 -45.66 26.91
C VAL F 91 5.51 -45.45 25.87
N ARG F 92 6.12 -44.27 25.88
CA ARG F 92 7.17 -43.94 24.94
C ARG F 92 8.54 -43.97 25.62
N LEU F 93 9.48 -44.64 24.97
CA LEU F 93 10.86 -44.71 25.46
C LEU F 93 11.72 -43.84 24.56
N VAL F 94 12.25 -42.75 25.13
CA VAL F 94 12.95 -41.73 24.36
C VAL F 94 14.35 -41.56 24.93
N GLY F 95 15.27 -41.15 24.05
CA GLY F 95 16.63 -40.84 24.46
C GLY F 95 17.00 -39.40 24.17
N TYR F 96 17.58 -38.73 25.16
CA TYR F 96 17.89 -37.31 25.03
C TYR F 96 19.37 -37.11 24.77
N ASP F 97 19.70 -36.32 23.76
CA ASP F 97 21.07 -35.96 23.45
C ASP F 97 21.31 -34.55 23.99
N ALA F 98 22.22 -34.43 24.96
CA ALA F 98 22.50 -33.16 25.61
C ALA F 98 23.19 -32.17 24.67
N TYR F 99 24.14 -32.63 23.86
CA TYR F 99 24.91 -31.72 23.01
C TYR F 99 24.10 -31.20 21.83
N THR F 100 23.58 -32.10 20.99
CA THR F 100 22.90 -31.71 19.77
C THR F 100 21.45 -31.28 20.00
N GLN F 101 20.94 -31.43 21.23
CA GLN F 101 19.56 -31.07 21.57
C GLN F 101 18.55 -31.83 20.72
N SER F 102 18.88 -33.07 20.36
CA SER F 102 18.02 -33.90 19.53
C SER F 102 17.73 -35.20 20.26
N GLN F 103 16.98 -36.08 19.59
CA GLN F 103 16.56 -37.35 20.17
C GLN F 103 17.16 -38.49 19.35
N GLY F 104 17.91 -39.38 20.00
CA GLY F 104 18.54 -40.48 19.33
C GLY F 104 17.67 -41.66 19.02
N ALA F 105 16.59 -41.85 19.77
CA ALA F 105 15.66 -42.96 19.54
C ALA F 105 14.33 -42.61 20.18
N CYS F 106 13.25 -42.90 19.45
CA CYS F 106 11.91 -42.57 19.94
C CYS F 106 10.90 -43.60 19.43
N PHE F 107 10.55 -44.56 20.28
CA PHE F 107 9.64 -45.65 19.89
C PHE F 107 8.77 -46.04 21.07
N VAL F 108 7.49 -46.27 20.79
CA VAL F 108 6.56 -46.72 21.82
C VAL F 108 6.89 -48.15 22.21
N VAL F 109 6.97 -48.41 23.51
CA VAL F 109 7.29 -49.74 24.04
C VAL F 109 6.03 -50.54 24.33
N PHE F 110 5.06 -49.94 25.02
CA PHE F 110 3.77 -50.55 25.27
C PHE F 110 2.69 -49.77 24.54
N GLU F 111 1.84 -50.48 23.79
CA GLU F 111 0.86 -49.84 22.93
C GLU F 111 -0.33 -49.25 23.68
N GLY F 112 -0.56 -49.66 24.92
CA GLY F 112 -1.68 -49.13 25.67
C GLY F 112 -2.89 -50.05 25.64
N ARG F 113 -3.18 -50.70 26.76
CA ARG F 113 -4.34 -51.58 26.86
C ARG F 113 -5.64 -50.78 26.72
N GLU G 11 28.61 37.63 34.31
CA GLU G 11 28.68 36.21 34.63
C GLU G 11 29.14 36.02 36.08
N TYR G 12 28.22 36.22 37.01
CA TYR G 12 28.51 36.02 38.43
C TYR G 12 27.38 35.22 39.08
N ARG G 13 26.34 34.93 38.29
CA ARG G 13 25.18 34.17 38.75
C ARG G 13 24.47 34.86 39.90
N ASP G 14 23.87 34.08 40.80
CA ASP G 14 23.03 34.53 41.91
C ASP G 14 21.71 35.13 41.44
N THR G 15 21.51 35.25 40.13
CA THR G 15 20.23 35.65 39.57
C THR G 15 19.22 34.51 39.58
N TYR G 16 19.68 33.27 39.44
CA TYR G 16 18.81 32.10 39.46
C TYR G 16 18.36 31.75 40.87
N TRP G 17 19.15 32.09 41.88
CA TRP G 17 18.84 31.77 43.28
C TRP G 17 17.90 32.87 43.77
N THR G 18 16.61 32.63 43.63
CA THR G 18 15.57 33.57 44.05
C THR G 18 14.74 32.90 45.14
N PRO G 19 14.97 33.23 46.41
CA PRO G 19 14.21 32.58 47.49
C PRO G 19 12.75 33.02 47.58
N ASP G 20 12.36 34.07 46.86
CA ASP G 20 11.00 34.60 46.95
C ASP G 20 10.06 34.07 45.87
N TYR G 21 10.55 33.22 44.96
CA TYR G 21 9.70 32.70 43.90
C TYR G 21 8.75 31.64 44.46
N VAL G 22 7.51 31.66 43.98
CA VAL G 22 6.50 30.68 44.37
C VAL G 22 6.31 29.69 43.23
N PRO G 23 6.59 28.40 43.45
CA PRO G 23 6.40 27.43 42.37
C PRO G 23 4.94 27.35 41.93
N LEU G 24 4.75 27.26 40.61
CA LEU G 24 3.41 27.18 40.06
C LEU G 24 2.94 25.72 40.04
N ASP G 25 1.63 25.54 39.92
CA ASP G 25 1.02 24.23 39.83
C ASP G 25 1.27 23.54 38.49
N THR G 26 1.80 24.27 37.50
CA THR G 26 2.12 23.70 36.21
C THR G 26 3.62 23.59 35.95
N ASP G 27 4.46 24.07 36.86
CA ASP G 27 5.89 23.97 36.70
C ASP G 27 6.38 22.56 37.03
N LEU G 28 7.57 22.24 36.52
CA LEU G 28 8.23 20.98 36.83
C LEU G 28 9.27 21.25 37.91
N LEU G 29 9.12 20.59 39.05
CA LEU G 29 10.02 20.78 40.17
C LEU G 29 11.07 19.68 40.19
N ALA G 30 12.05 19.83 41.09
CA ALA G 30 13.14 18.88 41.20
C ALA G 30 13.79 19.02 42.57
N CYS G 31 14.56 18.00 42.94
CA CYS G 31 15.30 17.97 44.19
C CYS G 31 16.67 17.37 43.94
N PHE G 32 17.72 18.11 44.27
CA PHE G 32 19.10 17.69 44.04
C PHE G 32 19.85 17.61 45.36
N LYS G 33 20.62 16.54 45.53
CA LYS G 33 21.55 16.40 46.65
C LYS G 33 22.93 16.75 46.13
N CYS G 34 23.51 17.84 46.63
CA CYS G 34 24.72 18.39 46.05
C CYS G 34 25.76 18.64 47.14
N THR G 35 27.02 18.61 46.72
CA THR G 35 28.13 19.03 47.56
C THR G 35 29.14 19.72 46.65
N GLY G 36 29.32 21.03 46.85
CA GLY G 36 30.13 21.85 45.99
C GLY G 36 31.59 21.83 46.38
N GLN G 37 32.34 22.75 45.78
CA GLN G 37 33.76 22.88 46.05
C GLN G 37 33.96 23.42 47.47
N GLU G 38 35.18 23.24 47.98
CA GLU G 38 35.49 23.63 49.34
C GLU G 38 35.46 25.15 49.48
N GLY G 39 34.51 25.64 50.28
CA GLY G 39 34.45 27.05 50.59
C GLY G 39 33.35 27.83 49.89
N VAL G 40 32.84 27.30 48.78
CA VAL G 40 31.84 28.06 48.02
C VAL G 40 30.53 28.11 48.83
N PRO G 41 29.78 29.20 48.75
CA PRO G 41 28.49 29.26 49.44
C PRO G 41 27.48 28.33 48.78
N LYS G 42 26.50 27.90 49.60
CA LYS G 42 25.44 27.04 49.07
C LYS G 42 24.56 27.78 48.08
N GLU G 43 24.40 29.10 48.24
CA GLU G 43 23.58 29.87 47.33
C GLU G 43 24.15 29.86 45.91
N GLU G 44 25.47 30.02 45.78
CA GLU G 44 26.08 30.08 44.46
C GLU G 44 26.05 28.73 43.75
N VAL G 45 26.38 27.65 44.47
CA VAL G 45 26.45 26.34 43.83
C VAL G 45 25.06 25.85 43.43
N ALA G 46 24.04 26.11 44.24
CA ALA G 46 22.67 25.75 43.85
C ALA G 46 22.22 26.52 42.62
N ALA G 47 22.53 27.81 42.55
CA ALA G 47 22.20 28.59 41.37
C ALA G 47 22.92 28.07 40.13
N ALA G 48 24.19 27.67 40.29
CA ALA G 48 24.92 27.07 39.19
C ALA G 48 24.31 25.75 38.75
N VAL G 49 23.86 24.94 39.70
CA VAL G 49 23.19 23.68 39.37
C VAL G 49 21.91 23.95 38.58
N ALA G 50 21.13 24.94 39.01
CA ALA G 50 19.92 25.31 38.28
C ALA G 50 20.24 25.83 36.89
N ALA G 51 21.34 26.58 36.75
CA ALA G 51 21.68 27.17 35.47
C ALA G 51 22.12 26.12 34.46
N GLU G 52 23.00 25.20 34.86
CA GLU G 52 23.52 24.19 33.95
C GLU G 52 22.47 23.17 33.54
N SER G 53 21.32 23.13 34.22
CA SER G 53 20.24 22.22 33.87
C SER G 53 19.12 22.91 33.09
N SER G 54 19.14 24.25 33.03
CA SER G 54 18.07 24.98 32.36
C SER G 54 18.57 25.73 31.13
N THR G 55 19.58 26.58 31.29
CA THR G 55 20.03 27.44 30.21
C THR G 55 21.52 27.41 29.94
N GLY G 56 22.36 27.32 30.98
CA GLY G 56 23.79 27.46 30.78
C GLY G 56 24.15 28.84 30.28
N THR G 57 23.61 29.86 30.94
CA THR G 57 23.74 31.26 30.53
C THR G 57 23.75 32.07 31.82
N TRP G 58 24.19 33.32 31.75
CA TRP G 58 24.57 34.26 30.69
C TRP G 58 26.06 34.33 30.38
N SER G 59 26.43 33.86 29.20
CA SER G 59 27.75 34.13 28.64
C SER G 59 27.70 35.44 27.86
N THR G 60 28.80 35.83 27.23
CA THR G 60 28.86 37.09 26.48
C THR G 60 28.45 36.79 25.04
N VAL G 61 27.16 36.95 24.76
CA VAL G 61 26.58 36.70 23.45
C VAL G 61 25.64 37.83 23.09
N TRP G 62 25.77 38.34 21.86
CA TRP G 62 24.89 39.40 21.40
C TRP G 62 23.52 38.88 20.98
N SER G 63 23.43 37.59 20.66
CA SER G 63 22.15 37.02 20.25
C SER G 63 21.23 36.75 21.44
N GLU G 64 21.74 36.88 22.67
CA GLU G 64 20.98 36.54 23.86
C GLU G 64 20.05 37.65 24.33
N LEU G 65 19.92 38.76 23.59
CA LEU G 65 19.00 39.82 23.95
C LEU G 65 17.73 39.82 23.11
N LEU G 66 17.62 38.95 22.11
CA LEU G 66 16.42 38.83 21.31
C LEU G 66 15.33 38.02 21.99
N VAL G 67 15.62 37.41 23.14
CA VAL G 67 14.70 36.49 23.80
C VAL G 67 14.42 36.99 25.21
N ASP G 68 13.15 36.93 25.61
CA ASP G 68 12.76 37.20 26.98
C ASP G 68 13.24 36.04 27.84
N LEU G 69 14.41 36.19 28.44
CA LEU G 69 15.08 35.10 29.14
C LEU G 69 14.45 34.75 30.48
N ASP G 70 13.80 35.71 31.14
CA ASP G 70 13.23 35.47 32.46
C ASP G 70 12.08 34.49 32.45
N PHE G 71 11.47 34.22 31.28
CA PHE G 71 10.40 33.25 31.17
C PHE G 71 10.92 31.82 31.23
N TYR G 72 12.04 31.54 30.55
CA TYR G 72 12.56 30.19 30.42
C TYR G 72 13.65 29.86 31.42
N LYS G 73 13.84 30.70 32.45
CA LYS G 73 14.91 30.47 33.40
C LYS G 73 14.45 29.58 34.54
N GLY G 74 15.33 28.69 34.99
CA GLY G 74 15.07 27.82 36.12
C GLY G 74 15.68 28.39 37.38
N ARG G 75 14.82 28.58 38.39
CA ARG G 75 15.21 29.26 39.62
C ARG G 75 15.11 28.30 40.80
N CYS G 76 15.96 28.53 41.80
CA CYS G 76 15.95 27.77 43.05
C CYS G 76 15.23 28.61 44.09
N TYR G 77 14.21 28.03 44.72
CA TYR G 77 13.37 28.75 45.67
C TYR G 77 13.49 28.21 47.11
N ARG G 78 14.23 27.14 47.32
CA ARG G 78 14.35 26.55 48.65
C ARG G 78 15.69 25.83 48.76
N ILE G 79 16.29 25.92 49.94
CA ILE G 79 17.52 25.21 50.25
C ILE G 79 17.34 24.51 51.59
N GLU G 80 17.48 23.19 51.59
CA GLU G 80 17.42 22.40 52.81
C GLU G 80 18.74 21.68 52.99
N ASP G 81 19.06 21.38 54.25
CA ASP G 81 20.30 20.69 54.59
C ASP G 81 20.02 19.21 54.83
N VAL G 82 20.90 18.37 54.30
CA VAL G 82 20.72 16.91 54.43
C VAL G 82 20.87 16.52 55.90
N PRO G 83 19.92 15.77 56.46
CA PRO G 83 20.05 15.38 57.87
C PRO G 83 21.07 14.26 58.03
N GLY G 84 22.09 14.52 58.84
CA GLY G 84 23.20 13.60 59.03
C GLY G 84 24.45 13.93 58.26
N ASP G 85 24.46 15.02 57.49
CA ASP G 85 25.63 15.44 56.74
C ASP G 85 25.76 16.95 56.85
N LYS G 86 27.00 17.43 56.72
CA LYS G 86 27.31 18.86 56.85
C LYS G 86 27.60 19.54 55.52
N GLU G 87 28.39 18.91 54.65
CA GLU G 87 28.73 19.51 53.36
C GLU G 87 27.60 19.41 52.34
N ALA G 88 26.60 18.58 52.57
CA ALA G 88 25.53 18.37 51.61
C ALA G 88 24.33 19.26 51.92
N PHE G 89 23.45 19.39 50.93
CA PHE G 89 22.23 20.17 51.07
C PHE G 89 21.29 19.77 49.95
N TYR G 90 20.02 20.12 50.11
CA TYR G 90 18.99 19.85 49.12
C TYR G 90 18.80 21.08 48.26
N ALA G 91 18.71 20.88 46.94
CA ALA G 91 18.52 21.95 45.97
C ALA G 91 17.15 21.79 45.32
N PHE G 92 16.21 22.65 45.68
CA PHE G 92 14.86 22.62 45.12
C PHE G 92 14.76 23.67 44.03
N ILE G 93 14.38 23.24 42.82
CA ILE G 93 14.34 24.09 41.65
C ILE G 93 12.98 23.91 40.98
N ALA G 94 12.50 24.97 40.33
CA ALA G 94 11.25 24.93 39.57
C ALA G 94 11.52 25.26 38.11
N TYR G 95 11.12 24.37 37.22
CA TYR G 95 11.31 24.58 35.80
C TYR G 95 9.98 24.91 35.12
N PRO G 96 9.94 25.93 34.28
CA PRO G 96 8.70 26.24 33.55
C PRO G 96 8.29 25.12 32.62
N LEU G 97 6.99 25.04 32.37
CA LEU G 97 6.41 23.97 31.56
C LEU G 97 6.72 24.10 30.07
N ASP G 98 7.22 25.25 29.63
CA ASP G 98 7.35 25.52 28.20
C ASP G 98 8.67 25.06 27.60
N LEU G 99 9.56 24.44 28.38
CA LEU G 99 10.81 23.95 27.82
C LEU G 99 10.79 22.46 27.53
N PHE G 100 9.63 21.80 27.66
CA PHE G 100 9.52 20.37 27.46
C PHE G 100 8.44 20.06 26.44
N GLU G 101 8.72 19.09 25.58
CA GLU G 101 7.76 18.65 24.59
C GLU G 101 6.68 17.81 25.27
N GLU G 102 5.44 18.00 24.83
CA GLU G 102 4.31 17.33 25.47
C GLU G 102 4.26 15.86 25.07
N GLY G 103 4.38 14.99 26.08
CA GLY G 103 4.28 13.56 25.84
C GLY G 103 5.55 12.84 25.46
N SER G 104 6.71 13.39 25.79
CA SER G 104 7.99 12.73 25.54
C SER G 104 8.71 12.55 26.87
N VAL G 105 9.04 11.31 27.22
CA VAL G 105 9.81 11.04 28.42
C VAL G 105 11.32 11.20 28.18
N THR G 106 11.79 10.96 26.95
CA THR G 106 13.22 11.10 26.68
C THR G 106 13.67 12.56 26.70
N ASN G 107 12.72 13.50 26.60
CA ASN G 107 13.08 14.91 26.54
C ASN G 107 13.34 15.49 27.92
N VAL G 108 12.54 15.12 28.91
CA VAL G 108 12.70 15.70 30.24
C VAL G 108 14.01 15.26 30.88
N LEU G 109 14.34 13.97 30.77
CA LEU G 109 15.61 13.50 31.33
C LEU G 109 16.80 14.08 30.58
N THR G 110 16.67 14.26 29.26
CA THR G 110 17.74 14.89 28.49
C THR G 110 17.95 16.33 28.94
N SER G 111 16.86 17.06 29.18
CA SER G 111 16.98 18.42 29.69
C SER G 111 17.57 18.43 31.10
N LEU G 112 17.29 17.39 31.88
CA LEU G 112 17.75 17.36 33.27
C LEU G 112 19.20 16.92 33.37
N VAL G 113 19.50 15.70 32.95
CA VAL G 113 20.80 15.09 33.21
C VAL G 113 21.70 15.15 31.99
N GLY G 114 21.25 15.86 30.95
CA GLY G 114 22.02 15.91 29.71
C GLY G 114 23.34 16.63 29.84
N ASN G 115 23.39 17.71 30.63
CA ASN G 115 24.59 18.55 30.69
C ASN G 115 25.13 18.77 32.10
N VAL G 116 24.28 18.86 33.13
CA VAL G 116 24.73 19.24 34.47
C VAL G 116 25.71 18.24 35.07
N PHE G 117 25.67 16.99 34.64
CA PHE G 117 26.54 15.98 35.24
C PHE G 117 27.99 16.14 34.82
N GLY G 118 28.26 16.79 33.68
CA GLY G 118 29.61 17.03 33.25
C GLY G 118 30.22 18.27 33.85
N PHE G 119 29.42 19.02 34.61
CA PHE G 119 29.87 20.28 35.18
C PHE G 119 30.96 20.05 36.22
N LYS G 120 31.98 20.90 36.21
CA LYS G 120 33.19 20.64 36.97
C LYS G 120 33.11 21.10 38.42
N ALA G 121 32.33 22.14 38.72
CA ALA G 121 32.32 22.71 40.06
C ALA G 121 31.60 21.84 41.08
N LEU G 122 31.03 20.72 40.68
CA LEU G 122 30.30 19.83 41.57
C LEU G 122 31.06 18.52 41.75
N ARG G 123 31.28 18.14 42.99
CA ARG G 123 31.99 16.88 43.26
C ARG G 123 31.03 15.71 43.39
N HIS G 124 29.84 15.95 43.95
CA HIS G 124 28.83 14.91 44.11
C HIS G 124 27.47 15.47 43.71
N LEU G 125 26.70 14.65 42.99
CA LEU G 125 25.40 15.07 42.48
C LEU G 125 24.49 13.85 42.43
N ARG G 126 23.24 14.02 42.87
CA ARG G 126 22.25 12.95 42.86
C ARG G 126 20.87 13.55 42.71
N LEU G 127 20.08 13.00 41.79
CA LEU G 127 18.70 13.44 41.59
C LEU G 127 17.77 12.50 42.35
N GLU G 128 16.87 13.07 43.17
CA GLU G 128 16.06 12.27 44.07
C GLU G 128 14.57 12.35 43.75
N ASP G 129 14.02 13.55 43.58
CA ASP G 129 12.58 13.71 43.45
C ASP G 129 12.26 14.68 42.32
N ILE G 130 11.11 14.45 41.68
CA ILE G 130 10.56 15.34 40.67
C ILE G 130 9.05 15.42 40.88
N ARG G 131 8.50 16.63 40.77
CA ARG G 131 7.06 16.84 40.89
C ARG G 131 6.48 17.06 39.50
N PHE G 132 6.05 15.97 38.87
CA PHE G 132 5.48 16.13 37.53
C PHE G 132 4.09 16.74 37.62
N PRO G 133 3.87 17.90 36.99
CA PRO G 133 2.54 18.50 37.00
C PRO G 133 1.56 17.71 36.14
N MET G 134 0.28 17.82 36.50
CA MET G 134 -0.76 17.07 35.80
C MET G 134 -0.86 17.43 34.33
N ALA G 135 -0.52 18.67 33.95
CA ALA G 135 -0.61 19.05 32.55
C ALA G 135 0.34 18.23 31.68
N PHE G 136 1.57 18.01 32.14
CA PHE G 136 2.50 17.18 31.38
C PHE G 136 2.15 15.70 31.50
N ILE G 137 1.53 15.30 32.62
CA ILE G 137 1.12 13.92 32.79
C ILE G 137 0.02 13.55 31.80
N LYS G 138 -0.90 14.48 31.54
CA LYS G 138 -2.01 14.23 30.63
C LYS G 138 -1.57 14.07 29.19
N THR G 139 -0.40 14.59 28.81
CA THR G 139 0.08 14.45 27.44
C THR G 139 0.88 13.17 27.22
N CYS G 140 1.31 12.50 28.29
CA CYS G 140 2.06 11.27 28.16
C CYS G 140 1.12 10.11 27.82
N PRO G 141 1.62 9.08 27.14
CA PRO G 141 0.76 7.95 26.80
C PRO G 141 0.26 7.17 28.01
N GLY G 142 1.13 6.91 28.98
CA GLY G 142 0.75 6.17 30.16
C GLY G 142 0.72 4.68 29.92
N PRO G 143 0.33 3.92 30.95
CA PRO G 143 0.29 2.46 30.82
C PRO G 143 -0.73 2.02 29.79
N PRO G 144 -0.49 0.89 29.11
CA PRO G 144 -1.48 0.41 28.14
C PRO G 144 -2.77 -0.08 28.78
N ASN G 145 -2.67 -0.99 29.74
CA ASN G 145 -3.85 -1.51 30.42
C ASN G 145 -3.85 -1.12 31.89
N GLY G 146 -2.76 -1.40 32.59
CA GLY G 146 -2.64 -1.10 34.00
C GLY G 146 -2.80 -2.33 34.87
N ILE G 147 -3.25 -2.08 36.09
CA ILE G 147 -3.44 -3.16 37.06
C ILE G 147 -4.85 -3.74 36.95
N CYS G 148 -5.86 -2.88 37.11
CA CYS G 148 -7.25 -3.34 37.12
C CYS G 148 -7.64 -3.98 35.80
N VAL G 149 -7.20 -3.42 34.67
CA VAL G 149 -7.52 -4.02 33.39
C VAL G 149 -6.88 -5.40 33.24
N GLU G 150 -5.63 -5.55 33.67
CA GLU G 150 -5.00 -6.87 33.63
C GLU G 150 -5.73 -7.87 34.50
N ARG G 151 -6.13 -7.45 35.71
CA ARG G 151 -6.87 -8.35 36.59
C ARG G 151 -8.20 -8.75 35.97
N ASP G 152 -8.90 -7.81 35.35
CA ASP G 152 -10.17 -8.11 34.70
C ASP G 152 -9.97 -9.06 33.53
N ARG G 153 -8.91 -8.85 32.75
CA ARG G 153 -8.69 -9.67 31.57
C ARG G 153 -8.31 -11.10 31.92
N MET G 154 -7.40 -11.28 32.88
CA MET G 154 -6.88 -12.61 33.19
C MET G 154 -7.61 -13.31 34.33
N ASN G 155 -8.60 -12.65 34.94
CA ASN G 155 -9.48 -13.28 35.94
C ASN G 155 -8.70 -13.82 37.13
N LYS G 156 -7.83 -12.99 37.69
CA LYS G 156 -7.06 -13.33 38.89
C LYS G 156 -7.26 -12.22 39.91
N TYR G 157 -7.98 -12.54 40.99
CA TYR G 157 -8.32 -11.57 42.02
C TYR G 157 -7.92 -12.10 43.39
N GLY G 158 -7.61 -11.17 44.29
CA GLY G 158 -7.45 -11.48 45.70
C GLY G 158 -6.14 -12.14 46.08
N ARG G 159 -5.22 -12.33 45.15
CA ARG G 159 -3.94 -12.97 45.47
C ARG G 159 -2.88 -12.41 44.53
N PRO G 160 -1.64 -12.33 44.98
CA PRO G 160 -0.55 -11.95 44.08
C PRO G 160 -0.28 -13.03 43.05
N LEU G 161 0.18 -12.59 41.88
CA LEU G 161 0.48 -13.50 40.79
C LEU G 161 1.89 -14.08 40.97
N LEU G 162 2.11 -15.23 40.34
CA LEU G 162 3.38 -15.93 40.45
C LEU G 162 4.06 -15.96 39.09
N GLY G 163 5.34 -16.33 39.08
CA GLY G 163 6.10 -16.39 37.86
C GLY G 163 7.35 -17.24 38.05
N CYS G 164 8.07 -17.44 36.94
CA CYS G 164 9.28 -18.24 36.96
C CYS G 164 10.20 -17.80 35.84
N THR G 165 11.50 -17.96 36.07
CA THR G 165 12.53 -17.68 35.08
C THR G 165 13.05 -19.02 34.55
N ILE G 166 13.01 -19.18 33.22
CA ILE G 166 13.38 -20.45 32.61
C ILE G 166 14.89 -20.64 32.71
N LYS G 167 15.29 -21.81 33.21
CA LYS G 167 16.70 -22.16 33.33
C LYS G 167 16.95 -23.51 32.67
N PRO G 168 18.15 -23.74 32.11
CA PRO G 168 19.30 -22.83 32.01
C PRO G 168 19.06 -21.66 31.07
N LYS G 169 19.77 -20.55 31.27
CA LYS G 169 19.59 -19.39 30.41
C LYS G 169 20.00 -19.71 28.98
N LEU G 170 21.12 -20.40 28.80
CA LEU G 170 21.70 -20.64 27.48
C LEU G 170 21.72 -22.14 27.19
N GLY G 171 21.19 -22.53 26.04
CA GLY G 171 21.33 -23.90 25.58
C GLY G 171 20.05 -24.57 25.11
N LEU G 172 18.92 -24.18 25.67
CA LEU G 172 17.67 -24.86 25.36
C LEU G 172 17.25 -24.60 23.92
N SER G 173 16.84 -25.66 23.23
CA SER G 173 16.35 -25.55 21.87
C SER G 173 14.90 -25.09 21.86
N GLY G 174 14.29 -25.10 20.68
CA GLY G 174 12.91 -24.68 20.56
C GLY G 174 11.95 -25.59 21.29
N LYS G 175 12.11 -26.90 21.13
CA LYS G 175 11.22 -27.87 21.77
C LYS G 175 11.46 -27.98 23.27
N ASN G 176 12.73 -28.00 23.69
CA ASN G 176 13.04 -28.14 25.11
C ASN G 176 12.61 -26.90 25.90
N TYR G 177 12.73 -25.71 25.30
CA TYR G 177 12.27 -24.50 25.96
C TYR G 177 10.77 -24.58 26.27
N GLY G 178 9.98 -24.99 25.29
CA GLY G 178 8.55 -25.17 25.52
C GLY G 178 8.25 -26.29 26.50
N ARG G 179 9.04 -27.37 26.46
CA ARG G 179 8.84 -28.48 27.38
C ARG G 179 9.07 -28.04 28.82
N VAL G 180 10.13 -27.25 29.05
CA VAL G 180 10.37 -26.71 30.38
C VAL G 180 9.26 -25.73 30.76
N VAL G 181 8.83 -24.89 29.80
CA VAL G 181 7.72 -23.97 30.06
C VAL G 181 6.45 -24.75 30.40
N TYR G 182 6.16 -25.81 29.65
CA TYR G 182 4.95 -26.59 29.90
C TYR G 182 4.94 -27.21 31.29
N GLU G 183 6.11 -27.63 31.79
CA GLU G 183 6.19 -28.22 33.12
C GLU G 183 5.79 -27.22 34.20
N CYS G 184 6.35 -26.01 34.15
CA CYS G 184 6.07 -25.03 35.20
C CYS G 184 4.63 -24.53 35.13
N LEU G 185 4.12 -24.27 33.94
CA LEU G 185 2.76 -23.76 33.79
C LEU G 185 1.74 -24.78 34.30
N ARG G 186 1.93 -26.06 33.96
CA ARG G 186 1.04 -27.10 34.42
C ARG G 186 1.22 -27.42 35.89
N GLY G 187 2.30 -26.95 36.51
CA GLY G 187 2.58 -27.28 37.90
C GLY G 187 1.89 -26.37 38.90
N GLY G 188 1.31 -25.26 38.44
CA GLY G 188 0.66 -24.34 39.33
C GLY G 188 0.90 -22.87 39.05
N LEU G 189 2.07 -22.54 38.52
CA LEU G 189 2.34 -21.15 38.17
C LEU G 189 1.45 -20.71 37.00
N ASP G 190 1.36 -19.39 36.83
CA ASP G 190 0.62 -18.81 35.71
C ASP G 190 1.42 -17.79 34.92
N PHE G 191 2.74 -17.77 35.05
CA PHE G 191 3.60 -16.90 34.26
C PHE G 191 4.99 -17.51 34.15
N THR G 192 5.62 -17.32 33.00
CA THR G 192 7.00 -17.69 32.80
C THR G 192 7.72 -16.55 32.09
N LYS G 193 8.98 -16.34 32.46
CA LYS G 193 9.74 -15.19 32.00
C LYS G 193 10.89 -15.64 31.10
N ASP G 194 10.94 -15.06 29.91
CA ASP G 194 12.10 -15.22 29.05
C ASP G 194 13.28 -14.44 29.62
N ASP G 195 14.46 -15.04 29.59
CA ASP G 195 15.63 -14.38 30.13
C ASP G 195 16.02 -13.19 29.25
N GLU G 196 16.70 -12.22 29.87
CA GLU G 196 17.08 -11.01 29.15
C GLU G 196 18.19 -11.29 28.12
N ASN G 197 18.89 -12.42 28.25
CA ASN G 197 19.89 -12.77 27.24
C ASN G 197 19.25 -13.26 25.96
N ILE G 198 18.03 -13.83 26.05
CA ILE G 198 17.38 -14.43 24.89
C ILE G 198 16.73 -13.33 24.06
N ASN G 199 17.36 -12.99 22.93
CA ASN G 199 16.68 -12.15 21.94
C ASN G 199 16.45 -12.94 20.66
N SER G 200 17.54 -13.41 20.04
CA SER G 200 17.49 -14.38 18.97
C SER G 200 18.86 -15.07 18.87
N GLN G 201 18.98 -16.27 19.42
CA GLN G 201 20.28 -16.90 19.50
C GLN G 201 20.54 -17.79 18.28
N PRO G 202 21.81 -17.98 17.92
CA PRO G 202 22.12 -18.93 16.84
C PRO G 202 21.64 -20.35 17.13
N PHE G 203 21.70 -20.77 18.39
CA PHE G 203 21.20 -22.09 18.78
C PHE G 203 19.70 -22.12 18.98
N GLN G 204 19.04 -20.96 19.05
CA GLN G 204 17.60 -20.92 19.20
C GLN G 204 17.04 -19.67 18.53
N ARG G 205 16.57 -19.81 17.29
CA ARG G 205 15.97 -18.68 16.59
C ARG G 205 14.63 -18.33 17.23
N TRP G 206 14.30 -17.03 17.19
CA TRP G 206 13.11 -16.54 17.89
C TRP G 206 11.81 -17.00 17.22
N GLN G 207 11.85 -17.28 15.92
CA GLN G 207 10.66 -17.79 15.25
C GLN G 207 10.32 -19.22 15.64
N ASN G 208 11.31 -19.99 16.09
CA ASN G 208 11.06 -21.34 16.59
C ASN G 208 10.62 -21.32 18.05
N ARG G 209 11.22 -20.44 18.86
CA ARG G 209 10.82 -20.34 20.26
C ARG G 209 9.40 -19.81 20.39
N PHE G 210 9.01 -18.88 19.52
CA PHE G 210 7.67 -18.30 19.61
C PHE G 210 6.60 -19.35 19.30
N GLU G 211 6.81 -20.17 18.28
CA GLU G 211 5.79 -21.12 17.88
C GLU G 211 5.74 -22.35 18.80
N PHE G 212 6.88 -22.76 19.35
CA PHE G 212 6.90 -23.88 20.27
C PHE G 212 6.33 -23.52 21.64
N VAL G 213 6.66 -22.34 22.16
CA VAL G 213 6.10 -21.92 23.44
C VAL G 213 4.61 -21.61 23.30
N ALA G 214 4.14 -21.34 22.08
CA ALA G 214 2.72 -21.15 21.87
C ALA G 214 1.94 -22.46 21.97
N GLU G 215 2.63 -23.59 21.83
CA GLU G 215 2.00 -24.89 21.98
C GLU G 215 1.94 -25.34 23.43
N ALA G 216 2.99 -25.07 24.21
CA ALA G 216 2.98 -25.44 25.62
C ALA G 216 2.00 -24.60 26.42
N VAL G 217 1.87 -23.32 26.11
CA VAL G 217 0.96 -22.46 26.84
C VAL G 217 -0.49 -22.89 26.63
N ALA G 218 -0.88 -23.12 25.37
CA ALA G 218 -2.25 -23.47 25.06
C ALA G 218 -2.66 -24.81 25.63
N LEU G 219 -1.79 -25.82 25.55
CA LEU G 219 -2.10 -27.14 26.08
C LEU G 219 -2.26 -27.15 27.59
N ALA G 220 -1.37 -26.47 28.32
CA ALA G 220 -1.50 -26.34 29.76
C ALA G 220 -2.60 -25.38 30.17
N GLN G 221 -3.02 -24.49 29.27
CA GLN G 221 -4.11 -23.57 29.58
C GLN G 221 -5.42 -24.32 29.81
N GLN G 222 -5.70 -25.32 28.98
CA GLN G 222 -6.96 -26.04 29.09
C GLN G 222 -6.91 -27.12 30.17
N GLU G 223 -5.75 -27.73 30.39
CA GLU G 223 -5.65 -28.81 31.37
C GLU G 223 -5.94 -28.34 32.80
N THR G 224 -5.34 -27.24 33.22
CA THR G 224 -5.58 -26.69 34.55
C THR G 224 -6.90 -25.94 34.64
N GLY G 225 -7.31 -25.29 33.56
CA GLY G 225 -8.50 -24.46 33.59
C GLY G 225 -8.24 -23.01 33.90
N GLU G 226 -6.98 -22.57 33.85
CA GLU G 226 -6.63 -21.19 34.12
C GLU G 226 -6.06 -20.56 32.86
N LYS G 227 -6.03 -19.22 32.83
CA LYS G 227 -5.39 -18.51 31.74
C LYS G 227 -3.94 -18.20 32.11
N LYS G 228 -3.02 -18.55 31.21
CA LYS G 228 -1.60 -18.43 31.48
C LYS G 228 -0.97 -17.52 30.45
N GLY G 229 0.17 -16.92 30.82
CA GLY G 229 0.89 -16.04 29.95
C GLY G 229 2.38 -16.29 30.04
N HIS G 230 3.10 -15.81 29.04
CA HIS G 230 4.54 -16.02 28.96
C HIS G 230 5.17 -14.79 28.33
N TYR G 231 5.93 -14.04 29.12
CA TYR G 231 6.56 -12.82 28.62
C TYR G 231 7.60 -13.19 27.56
N LEU G 232 7.29 -12.90 26.30
CA LEU G 232 8.22 -13.14 25.20
C LEU G 232 9.13 -11.93 25.05
N ASN G 233 10.44 -12.19 25.00
CA ASN G 233 11.42 -11.12 24.87
C ASN G 233 11.33 -10.56 23.45
N CYS G 234 10.67 -9.41 23.31
CA CYS G 234 10.48 -8.76 22.02
C CYS G 234 11.53 -7.70 21.75
N THR G 235 12.64 -7.71 22.49
CA THR G 235 13.72 -6.77 22.24
C THR G 235 14.43 -7.14 20.94
N ALA G 236 14.80 -6.12 20.16
CA ALA G 236 15.43 -6.34 18.86
C ALA G 236 16.42 -5.20 18.62
N ALA G 237 17.28 -5.38 17.62
CA ALA G 237 18.28 -4.38 17.28
C ALA G 237 17.72 -3.16 16.58
N THR G 238 16.60 -3.30 15.88
CA THR G 238 15.98 -2.22 15.13
C THR G 238 14.51 -2.11 15.56
N PRO G 239 13.94 -0.90 15.51
CA PRO G 239 12.52 -0.77 15.82
C PRO G 239 11.61 -1.55 14.89
N GLU G 240 12.00 -1.71 13.62
CA GLU G 240 11.19 -2.50 12.69
C GLU G 240 11.11 -3.96 13.11
N GLU G 241 12.23 -4.54 13.55
CA GLU G 241 12.23 -5.94 13.98
C GLU G 241 11.44 -6.12 15.27
N MET G 242 11.40 -5.10 16.12
CA MET G 242 10.61 -5.17 17.35
C MET G 242 9.12 -5.34 17.03
N TYR G 243 8.61 -4.51 16.13
CA TYR G 243 7.20 -4.58 15.75
C TYR G 243 6.88 -5.91 15.07
N GLU G 244 7.78 -6.41 14.23
CA GLU G 244 7.55 -7.68 13.56
C GLU G 244 7.37 -8.80 14.58
N ARG G 245 8.26 -8.88 15.57
CA ARG G 245 8.12 -9.87 16.63
C ARG G 245 6.83 -9.65 17.42
N ALA G 246 6.48 -8.39 17.68
CA ALA G 246 5.25 -8.11 18.41
C ALA G 246 4.04 -8.65 17.68
N GLU G 247 3.92 -8.37 16.38
CA GLU G 247 2.79 -8.87 15.60
C GLU G 247 2.82 -10.39 15.45
N PHE G 248 4.00 -10.99 15.33
CA PHE G 248 4.08 -12.45 15.23
C PHE G 248 3.60 -13.09 16.53
N ALA G 249 3.97 -12.51 17.67
CA ALA G 249 3.42 -12.97 18.94
C ALA G 249 1.92 -12.76 19.02
N LYS G 250 1.43 -11.64 18.47
CA LYS G 250 0.01 -11.37 18.47
C LYS G 250 -0.77 -12.42 17.69
N GLU G 251 -0.28 -12.78 16.50
CA GLU G 251 -1.00 -13.77 15.69
C GLU G 251 -0.92 -15.17 16.29
N LEU G 252 0.04 -15.39 17.19
CA LEU G 252 0.11 -16.64 17.94
C LEU G 252 -0.84 -16.67 19.13
N GLY G 253 -1.46 -15.54 19.47
CA GLY G 253 -2.38 -15.49 20.58
C GLY G 253 -1.77 -15.33 21.94
N GLN G 254 -0.48 -14.96 22.02
CA GLN G 254 0.08 -14.74 23.35
C GLN G 254 -0.43 -13.44 23.94
N PRO G 255 -0.73 -13.43 25.25
CA PRO G 255 -1.36 -12.25 25.85
C PRO G 255 -0.39 -11.18 26.31
N ILE G 256 0.84 -11.55 26.65
CA ILE G 256 1.76 -10.63 27.30
C ILE G 256 3.15 -10.76 26.67
N ILE G 257 3.88 -9.64 26.64
CA ILE G 257 5.21 -9.58 26.02
C ILE G 257 6.19 -8.94 27.00
N MET G 258 7.49 -9.05 26.71
CA MET G 258 8.52 -8.52 27.58
C MET G 258 9.44 -7.61 26.75
N HIS G 259 9.89 -6.53 27.39
CA HIS G 259 10.73 -5.56 26.71
C HIS G 259 11.62 -4.88 27.73
N ASP G 260 12.83 -4.53 27.30
CA ASP G 260 13.87 -3.98 28.19
C ASP G 260 13.96 -2.48 27.92
N TYR G 261 13.73 -1.67 28.95
CA TYR G 261 13.53 -0.25 28.69
C TYR G 261 14.84 0.53 28.70
N ILE G 262 15.77 0.22 29.61
CA ILE G 262 16.98 1.05 29.73
C ILE G 262 17.80 0.97 28.46
N THR G 263 18.07 -0.25 28.00
CA THR G 263 18.92 -0.46 26.83
C THR G 263 18.14 -0.34 25.53
N GLY G 264 16.84 -0.57 25.54
CA GLY G 264 16.01 -0.31 24.39
C GLY G 264 15.69 1.13 24.16
N GLY G 265 15.92 1.98 25.15
CA GLY G 265 15.69 3.40 24.96
C GLY G 265 14.23 3.78 25.17
N PHE G 266 14.04 4.98 25.74
CA PHE G 266 12.70 5.46 26.01
C PHE G 266 11.90 5.67 24.72
N THR G 267 12.57 6.09 23.64
CA THR G 267 11.87 6.26 22.37
C THR G 267 11.25 4.95 21.90
N ALA G 268 12.05 3.88 21.85
CA ALA G 268 11.53 2.59 21.43
C ALA G 268 10.51 2.03 22.42
N ASN G 269 10.75 2.25 23.73
CA ASN G 269 9.82 1.74 24.72
C ASN G 269 8.46 2.40 24.61
N THR G 270 8.44 3.71 24.33
CA THR G 270 7.18 4.41 24.12
C THR G 270 6.53 4.03 22.80
N GLY G 271 7.33 3.81 21.75
CA GLY G 271 6.78 3.34 20.50
C GLY G 271 6.09 2.00 20.64
N LEU G 272 6.71 1.07 21.39
CA LEU G 272 6.05 -0.20 21.67
C LEU G 272 4.88 -0.01 22.64
N SER G 273 4.99 0.98 23.55
CA SER G 273 3.93 1.22 24.51
C SER G 273 2.63 1.66 23.84
N LYS G 274 2.72 2.53 22.83
CA LYS G 274 1.53 2.94 22.09
C LYS G 274 1.08 1.90 21.09
N TRP G 275 1.93 0.91 20.78
CA TRP G 275 1.52 -0.19 19.91
C TRP G 275 0.63 -1.18 20.67
N CYS G 276 0.88 -1.37 21.95
CA CYS G 276 0.18 -2.40 22.73
C CYS G 276 -1.27 -2.05 23.02
N ARG G 277 -1.61 -0.76 23.14
CA ARG G 277 -2.97 -0.39 23.50
C ARG G 277 -3.96 -0.71 22.39
N LYS G 278 -3.59 -0.45 21.14
CA LYS G 278 -4.49 -0.76 20.03
C LYS G 278 -4.56 -2.26 19.74
N ASN G 279 -3.47 -2.99 19.98
CA ASN G 279 -3.42 -4.42 19.71
C ASN G 279 -3.78 -5.27 20.92
N GLY G 280 -4.10 -4.66 22.05
CA GLY G 280 -4.50 -5.39 23.24
C GLY G 280 -3.44 -6.32 23.79
N MET G 281 -2.22 -5.82 23.91
CA MET G 281 -1.11 -6.58 24.47
C MET G 281 -0.62 -5.93 25.76
N LEU G 282 -0.19 -6.78 26.68
CA LEU G 282 0.34 -6.33 27.96
C LEU G 282 1.86 -6.44 27.96
N LEU G 283 2.50 -5.51 28.66
CA LEU G 283 3.94 -5.32 28.57
C LEU G 283 4.58 -5.62 29.92
N HIS G 284 5.70 -6.33 29.90
CA HIS G 284 6.52 -6.57 31.08
C HIS G 284 7.88 -5.92 30.87
N ILE G 285 8.36 -5.22 31.90
CA ILE G 285 9.53 -4.34 31.78
C ILE G 285 10.66 -4.90 32.62
N HIS G 286 11.85 -4.98 32.03
CA HIS G 286 13.05 -5.46 32.72
C HIS G 286 14.08 -4.34 32.79
N ARG G 287 14.60 -4.10 33.99
CA ARG G 287 15.52 -2.99 34.27
C ARG G 287 16.97 -3.46 34.31
N ALA G 288 17.56 -3.64 33.11
CA ALA G 288 18.90 -4.18 32.99
C ALA G 288 19.98 -3.15 33.34
N MET G 289 21.05 -3.64 33.99
CA MET G 289 22.27 -2.88 34.27
C MET G 289 21.95 -1.66 35.15
N HIS G 290 20.73 -1.61 35.68
CA HIS G 290 20.28 -0.52 36.53
C HIS G 290 21.22 -0.25 37.70
N ALA G 291 21.93 -1.27 38.20
CA ALA G 291 22.81 -1.06 39.35
C ALA G 291 23.94 -0.09 39.08
N VAL G 292 24.23 0.21 37.81
CA VAL G 292 25.23 1.22 37.49
C VAL G 292 24.80 2.58 38.02
N ILE G 293 23.52 2.88 37.97
CA ILE G 293 23.03 4.23 38.22
C ILE G 293 22.48 4.36 39.64
N ASP G 294 21.69 3.39 40.09
CA ASP G 294 20.93 3.52 41.32
C ASP G 294 21.62 2.93 42.55
N ARG G 295 22.71 2.18 42.39
CA ARG G 295 23.30 1.52 43.54
C ARG G 295 24.09 2.48 44.42
N HIS G 296 24.80 3.44 43.83
CA HIS G 296 25.67 4.27 44.66
C HIS G 296 24.90 5.48 45.18
N PRO G 297 25.03 5.82 46.46
CA PRO G 297 24.21 6.90 47.04
C PRO G 297 24.78 8.29 46.84
N LYS G 298 25.92 8.43 46.16
CA LYS G 298 26.48 9.76 45.91
C LYS G 298 26.49 10.12 44.43
N HIS G 299 26.37 9.16 43.53
CA HIS G 299 26.42 9.41 42.09
C HIS G 299 25.25 8.71 41.41
N GLY G 300 24.70 9.35 40.40
CA GLY G 300 23.66 8.76 39.58
C GLY G 300 22.27 9.24 39.92
N ILE G 301 21.30 8.46 39.46
CA ILE G 301 19.88 8.79 39.56
C ILE G 301 19.20 7.73 40.42
N HIS G 302 18.33 8.19 41.33
CA HIS G 302 17.52 7.27 42.12
C HIS G 302 16.57 6.50 41.22
N PHE G 303 16.31 5.24 41.59
CA PHE G 303 15.39 4.40 40.83
C PHE G 303 13.96 4.91 40.88
N ARG G 304 13.64 5.77 41.85
CA ARG G 304 12.31 6.36 41.93
C ARG G 304 12.01 7.18 40.70
N VAL G 305 13.00 7.96 40.22
CA VAL G 305 12.81 8.76 39.02
C VAL G 305 12.50 7.86 37.83
N LEU G 306 13.24 6.76 37.68
CA LEU G 306 12.97 5.79 36.63
C LEU G 306 11.61 5.14 36.77
N ALA G 307 11.15 4.85 38.00
CA ALA G 307 9.81 4.31 38.18
C ALA G 307 8.74 5.28 37.72
N LYS G 308 8.88 6.56 38.08
CA LYS G 308 7.92 7.56 37.62
C LYS G 308 7.93 7.69 36.10
N CYS G 309 9.13 7.72 35.51
CA CYS G 309 9.23 7.85 34.06
C CYS G 309 8.64 6.63 33.35
N LEU G 310 8.78 5.44 33.93
CA LEU G 310 8.18 4.26 33.33
C LEU G 310 6.66 4.29 33.44
N ARG G 311 6.14 4.64 34.62
CA ARG G 311 4.70 4.73 34.77
C ARG G 311 4.11 5.79 33.85
N LEU G 312 4.88 6.82 33.52
CA LEU G 312 4.44 7.78 32.52
C LEU G 312 4.55 7.23 31.10
N SER G 313 5.58 6.42 30.84
CA SER G 313 5.84 5.96 29.47
C SER G 313 4.95 4.78 29.09
N GLY G 314 4.80 3.81 29.97
CA GLY G 314 3.97 2.66 29.68
C GLY G 314 4.42 1.45 30.48
N GLY G 315 3.77 0.33 30.19
CA GLY G 315 4.07 -0.91 30.89
C GLY G 315 3.09 -1.19 32.01
N ASP G 316 2.76 -2.47 32.23
CA ASP G 316 1.84 -2.86 33.29
C ASP G 316 2.53 -3.58 34.44
N GLN G 317 3.68 -4.17 34.21
CA GLN G 317 4.47 -4.82 35.25
C GLN G 317 5.92 -4.36 35.14
N LEU G 318 6.60 -4.24 36.27
CA LEU G 318 7.94 -3.72 36.31
C LEU G 318 8.75 -4.42 37.40
N HIS G 319 10.00 -4.74 37.08
CA HIS G 319 10.91 -5.31 38.07
C HIS G 319 11.21 -4.29 39.15
N THR G 320 11.19 -4.73 40.40
CA THR G 320 11.58 -3.88 41.51
C THR G 320 12.74 -4.49 42.27
N GLY G 321 12.69 -5.81 42.46
CA GLY G 321 13.73 -6.58 43.13
C GLY G 321 14.05 -6.07 44.53
N THR G 322 15.08 -6.69 45.10
CA THR G 322 15.80 -7.83 44.53
C THR G 322 15.68 -9.02 45.46
N VAL G 323 15.23 -8.74 46.68
CA VAL G 323 14.83 -9.74 47.67
C VAL G 323 15.90 -10.81 47.87
N VAL G 324 17.12 -10.39 48.20
CA VAL G 324 18.12 -11.33 48.72
C VAL G 324 18.81 -10.74 49.95
N GLY G 325 18.25 -10.96 51.13
CA GLY G 325 16.90 -11.47 51.33
C GLY G 325 15.93 -10.32 51.11
N LYS G 326 16.48 -9.12 51.10
CA LYS G 326 15.76 -7.92 50.68
C LYS G 326 16.79 -6.87 50.30
N LEU G 327 16.36 -5.90 49.47
CA LEU G 327 17.26 -4.84 49.06
C LEU G 327 17.69 -3.98 50.25
N GLU G 328 16.74 -3.61 51.12
CA GLU G 328 16.99 -2.87 52.35
C GLU G 328 17.42 -1.44 52.08
N ASP G 330 16.84 -0.48 52.81
CA ASP G 330 15.83 -0.73 53.84
C ASP G 330 14.43 -0.74 53.23
N ARG G 331 13.47 -1.22 54.00
CA ARG G 331 12.10 -1.35 53.49
C ARG G 331 11.39 0.00 53.36
N GLN G 332 11.83 1.01 54.13
CA GLN G 332 11.16 2.31 54.09
C GLN G 332 11.28 2.96 52.72
N THR G 333 12.49 2.91 52.13
CA THR G 333 12.69 3.52 50.82
C THR G 333 11.94 2.76 49.73
N THR G 334 11.91 1.41 49.83
CA THR G 334 11.22 0.62 48.82
C THR G 334 9.73 0.94 48.79
N LEU G 335 9.10 1.09 49.96
CA LEU G 335 7.70 1.48 50.01
C LEU G 335 7.48 2.91 49.53
N GLY G 336 8.55 3.69 49.38
CA GLY G 336 8.40 5.05 48.89
C GLY G 336 7.98 5.10 47.44
N PHE G 337 8.85 4.63 46.54
CA PHE G 337 8.57 4.65 45.11
C PHE G 337 7.56 3.59 44.70
N ILE G 338 7.35 2.54 45.50
CA ILE G 338 6.26 1.61 45.23
C ILE G 338 4.92 2.32 45.36
N ASP G 339 4.80 3.23 46.34
CA ASP G 339 3.61 4.05 46.43
C ASP G 339 3.43 4.90 45.18
N GLN G 340 4.54 5.32 44.57
CA GLN G 340 4.47 6.05 43.31
C GLN G 340 4.20 5.13 42.13
N LEU G 341 4.39 3.82 42.30
CA LEU G 341 4.15 2.87 41.22
C LEU G 341 2.71 2.36 41.19
N ARG G 342 1.95 2.56 42.26
CA ARG G 342 0.62 1.97 42.37
C ARG G 342 -0.47 2.97 42.74
N GLU G 343 -0.19 3.91 43.62
CA GLU G 343 -1.23 4.73 44.20
C GLU G 343 -1.67 5.84 43.24
N SER G 344 -2.78 6.48 43.57
CA SER G 344 -3.30 7.61 42.80
C SER G 344 -2.91 8.95 43.39
N PHE G 345 -2.83 9.06 44.71
CA PHE G 345 -2.38 10.27 45.38
C PHE G 345 -1.28 9.91 46.36
N ILE G 346 -0.23 10.71 46.41
CA ILE G 346 0.91 10.47 47.28
C ILE G 346 1.17 11.74 48.09
N PRO G 347 1.09 11.69 49.42
CA PRO G 347 1.46 12.86 50.23
C PRO G 347 2.97 13.02 50.32
N GLU G 348 3.43 14.04 51.03
CA GLU G 348 4.86 14.30 51.20
C GLU G 348 5.34 13.64 52.48
N ASP G 349 6.32 12.75 52.36
CA ASP G 349 6.86 12.02 53.50
C ASP G 349 8.36 11.92 53.34
N ARG G 350 9.10 12.55 54.27
CA ARG G 350 10.55 12.52 54.23
C ARG G 350 11.13 11.17 54.65
N SER G 351 10.43 10.44 55.53
CA SER G 351 10.95 9.15 55.99
C SER G 351 11.07 8.15 54.85
N ARG G 352 10.05 8.07 54.00
CA ARG G 352 10.07 7.19 52.85
C ARG G 352 10.65 7.87 51.60
N GLY G 353 11.10 9.11 51.73
CA GLY G 353 11.69 9.81 50.60
C GLY G 353 10.70 10.42 49.64
N ASN G 354 9.45 10.60 50.05
CA ASN G 354 8.44 11.27 49.24
C ASN G 354 8.61 12.77 49.46
N PHE G 355 9.50 13.39 48.68
CA PHE G 355 9.88 14.78 48.89
C PHE G 355 8.83 15.77 48.40
N PHE G 356 7.93 15.35 47.52
CA PHE G 356 6.95 16.27 46.94
C PHE G 356 5.59 15.59 46.84
N ASP G 357 4.55 16.41 46.91
CA ASP G 357 3.18 15.92 46.73
C ASP G 357 2.94 15.65 45.24
N GLN G 358 2.91 14.39 44.87
CA GLN G 358 2.77 13.97 43.48
C GLN G 358 1.37 13.43 43.26
N ASP G 359 0.65 14.00 42.30
CA ASP G 359 -0.69 13.56 41.94
C ASP G 359 -0.69 13.03 40.52
N TRP G 360 -1.20 11.81 40.33
CA TRP G 360 -1.25 11.17 39.02
C TRP G 360 -2.60 11.32 38.33
N GLY G 361 -3.57 11.97 38.98
CA GLY G 361 -4.89 12.12 38.38
C GLY G 361 -5.68 10.83 38.32
N SER G 362 -5.89 10.30 37.12
CA SER G 362 -6.68 9.09 36.93
C SER G 362 -5.91 8.03 36.13
N MET G 363 -4.58 8.06 36.20
CA MET G 363 -3.78 7.07 35.49
C MET G 363 -3.67 5.78 36.30
N PRO G 364 -4.02 4.64 35.73
CA PRO G 364 -3.90 3.38 36.47
C PRO G 364 -2.46 3.04 36.79
N GLY G 365 -2.28 2.30 37.88
CA GLY G 365 -0.96 1.98 38.38
C GLY G 365 -0.29 0.84 37.64
N VAL G 366 0.87 0.46 38.15
CA VAL G 366 1.70 -0.59 37.56
C VAL G 366 2.04 -1.61 38.64
N PHE G 367 1.98 -2.89 38.29
CA PHE G 367 2.31 -3.95 39.24
C PHE G 367 3.75 -3.83 39.69
N ALA G 368 3.98 -4.12 40.98
CA ALA G 368 5.31 -4.14 41.56
C ALA G 368 5.78 -5.59 41.64
N VAL G 369 6.75 -5.95 40.81
CA VAL G 369 7.19 -7.33 40.68
C VAL G 369 8.48 -7.53 41.47
N ALA G 370 8.46 -8.44 42.43
CA ALA G 370 9.65 -8.85 43.16
C ALA G 370 10.32 -10.02 42.46
N SER G 371 11.63 -10.14 42.66
CA SER G 371 12.41 -11.17 42.01
C SER G 371 13.58 -11.55 42.89
N GLY G 372 14.56 -12.22 42.31
CA GLY G 372 15.77 -12.60 43.01
C GLY G 372 15.65 -13.78 43.96
N GLY G 373 15.32 -14.94 43.42
CA GLY G 373 15.48 -16.19 44.15
C GLY G 373 14.65 -16.36 45.40
N ILE G 374 13.38 -15.98 45.38
CA ILE G 374 12.51 -16.20 46.53
C ILE G 374 12.23 -17.68 46.67
N HIS G 375 12.15 -18.15 47.91
CA HIS G 375 11.79 -19.53 48.21
C HIS G 375 10.56 -19.53 49.10
N VAL G 376 10.21 -20.72 49.59
CA VAL G 376 8.94 -20.89 50.30
C VAL G 376 8.93 -20.18 51.65
N TRP G 377 10.04 -20.16 52.37
CA TRP G 377 10.06 -19.54 53.70
C TRP G 377 10.11 -18.02 53.66
N HIS G 378 10.53 -17.42 52.55
CA HIS G 378 10.46 -15.98 52.38
C HIS G 378 9.06 -15.51 51.99
N MET G 379 8.18 -16.44 51.63
CA MET G 379 6.90 -16.06 51.03
C MET G 379 5.97 -15.34 52.00
N PRO G 380 5.75 -15.81 53.24
CA PRO G 380 4.84 -15.08 54.14
C PRO G 380 5.28 -13.65 54.43
N ALA G 381 6.58 -13.37 54.46
CA ALA G 381 7.07 -12.02 54.69
C ALA G 381 7.04 -11.15 53.43
N LEU G 382 6.93 -11.76 52.26
CA LEU G 382 6.79 -11.01 51.01
C LEU G 382 5.36 -10.60 50.72
N VAL G 383 4.40 -11.18 51.41
CA VAL G 383 2.99 -10.83 51.21
C VAL G 383 2.60 -9.58 51.99
N ALA G 384 3.08 -9.45 53.23
CA ALA G 384 2.67 -8.33 54.08
C ALA G 384 3.16 -6.99 53.55
N ILE G 385 4.39 -6.92 53.04
CA ILE G 385 4.97 -5.65 52.63
C ILE G 385 4.48 -5.22 51.25
N PHE G 386 4.27 -6.16 50.34
CA PHE G 386 3.94 -5.83 48.96
C PHE G 386 2.44 -5.81 48.68
N GLY G 387 1.62 -6.43 49.52
CA GLY G 387 0.19 -6.47 49.27
C GLY G 387 -0.18 -7.49 48.21
N ASP G 388 -1.33 -7.25 47.58
CA ASP G 388 -1.84 -8.17 46.57
C ASP G 388 -1.50 -7.76 45.14
N ASP G 389 -1.17 -6.49 44.92
CA ASP G 389 -0.80 -6.02 43.58
C ASP G 389 0.70 -6.24 43.34
N SER G 390 1.10 -7.50 43.39
CA SER G 390 2.51 -7.87 43.27
C SER G 390 2.64 -9.20 42.55
N VAL G 391 3.83 -9.43 42.00
CA VAL G 391 4.14 -10.63 41.25
C VAL G 391 5.48 -11.16 41.73
N LEU G 392 5.54 -12.47 42.00
CA LEU G 392 6.75 -13.12 42.49
C LEU G 392 7.30 -14.03 41.40
N GLN G 393 8.61 -13.94 41.17
CA GLN G 393 9.29 -14.72 40.14
C GLN G 393 10.47 -15.45 40.79
N PHE G 394 10.57 -16.75 40.55
CA PHE G 394 11.68 -17.56 41.01
C PHE G 394 12.45 -18.13 39.82
N GLY G 395 13.77 -17.99 39.85
CA GLY G 395 14.58 -18.54 38.79
C GLY G 395 14.99 -19.98 39.07
N GLY G 396 15.57 -20.21 40.24
CA GLY G 396 15.94 -21.56 40.63
C GLY G 396 15.09 -22.08 41.78
N GLY G 397 14.26 -21.22 42.37
CA GLY G 397 13.39 -21.66 43.44
C GLY G 397 12.35 -22.65 42.98
N THR G 398 11.71 -22.36 41.84
CA THR G 398 10.71 -23.27 41.28
C THR G 398 11.37 -24.55 40.76
N HIS G 399 12.47 -24.40 40.02
CA HIS G 399 13.09 -25.56 39.39
C HIS G 399 14.02 -26.29 40.34
N GLY G 400 14.22 -25.79 41.55
CA GLY G 400 15.09 -26.42 42.51
C GLY G 400 14.42 -27.53 43.32
N HIS G 401 13.14 -27.77 43.05
CA HIS G 401 12.41 -28.80 43.78
C HIS G 401 12.87 -30.19 43.32
N PRO G 402 13.21 -31.07 44.28
CA PRO G 402 13.73 -32.40 43.91
C PRO G 402 12.78 -33.21 43.04
N TRP G 403 11.47 -32.97 43.15
CA TRP G 403 10.48 -33.74 42.42
C TRP G 403 10.16 -33.19 41.04
N GLY G 404 11.06 -32.41 40.45
CA GLY G 404 10.92 -31.96 39.09
C GLY G 404 10.67 -30.47 39.03
N SER G 405 9.93 -30.07 38.00
CA SER G 405 9.61 -28.66 37.77
C SER G 405 8.15 -28.32 37.98
N ALA G 406 7.26 -29.30 37.89
CA ALA G 406 5.84 -29.07 38.13
C ALA G 406 5.47 -29.20 39.59
N ALA G 407 6.17 -30.06 40.34
CA ALA G 407 5.91 -30.19 41.76
C ALA G 407 6.35 -28.95 42.54
N GLY G 408 7.38 -28.25 42.07
CA GLY G 408 7.79 -27.02 42.74
C GLY G 408 6.72 -25.95 42.71
N ALA G 409 6.08 -25.76 41.54
CA ALA G 409 5.03 -24.77 41.41
C ALA G 409 3.84 -25.09 42.31
N ALA G 410 3.50 -26.37 42.44
CA ALA G 410 2.42 -26.77 43.34
C ALA G 410 2.71 -26.41 44.79
N ALA G 411 3.97 -26.59 45.23
CA ALA G 411 4.34 -26.23 46.59
C ALA G 411 4.24 -24.74 46.86
N ASN G 412 4.69 -23.90 45.92
CA ASN G 412 4.56 -22.45 46.10
C ASN G 412 3.10 -22.02 46.05
N ARG G 413 2.31 -22.61 45.15
CA ARG G 413 0.91 -22.23 45.04
C ARG G 413 0.13 -22.59 46.30
N VAL G 414 0.42 -23.76 46.89
CA VAL G 414 -0.23 -24.13 48.14
C VAL G 414 0.19 -23.20 49.27
N ALA G 415 1.48 -22.88 49.36
CA ALA G 415 1.98 -22.00 50.41
C ALA G 415 1.42 -20.59 50.29
N LEU G 416 1.30 -20.07 49.07
CA LEU G 416 0.77 -18.72 48.87
C LEU G 416 -0.66 -18.61 49.37
N GLU G 417 -1.53 -19.53 48.92
CA GLU G 417 -2.95 -19.45 49.26
C GLU G 417 -3.19 -19.60 50.76
N ALA G 418 -2.44 -20.48 51.43
CA ALA G 418 -2.53 -20.56 52.89
C ALA G 418 -2.11 -19.26 53.56
N CYS G 419 -1.04 -18.64 53.08
CA CYS G 419 -0.61 -17.37 53.64
C CYS G 419 -1.66 -16.28 53.44
N VAL G 420 -2.24 -16.21 52.24
CA VAL G 420 -3.27 -15.20 51.97
C VAL G 420 -4.48 -15.44 52.87
N LYS G 421 -4.99 -16.67 52.90
CA LYS G 421 -6.15 -16.97 53.73
C LYS G 421 -5.88 -16.75 55.21
N ALA G 422 -4.64 -16.91 55.66
CA ALA G 422 -4.31 -16.57 57.04
C ALA G 422 -4.15 -15.08 57.26
N ARG G 423 -3.89 -14.30 56.19
CA ARG G 423 -3.83 -12.85 56.34
C ARG G 423 -5.22 -12.26 56.57
N ASN G 424 -6.22 -12.75 55.82
CA ASN G 424 -7.56 -12.19 55.96
C ASN G 424 -8.21 -12.63 57.26
N ALA G 425 -7.62 -13.60 57.94
CA ALA G 425 -8.16 -14.10 59.20
C ALA G 425 -7.69 -13.24 60.36
N GLY G 426 -6.94 -12.18 60.06
CA GLY G 426 -6.43 -11.29 61.08
C GLY G 426 -5.13 -11.73 61.72
N ARG G 427 -4.56 -12.86 61.31
CA ARG G 427 -3.29 -13.30 61.86
C ARG G 427 -2.14 -12.50 61.25
N GLU G 428 -0.99 -12.56 61.92
CA GLU G 428 0.22 -11.87 61.47
C GLU G 428 1.07 -12.86 60.68
N ILE G 429 1.08 -12.68 59.36
CA ILE G 429 1.73 -13.66 58.49
C ILE G 429 3.25 -13.64 58.68
N GLU G 430 3.83 -12.44 58.81
CA GLU G 430 5.27 -12.32 58.92
C GLU G 430 5.81 -12.82 60.26
N LYS G 431 5.06 -12.66 61.35
CA LYS G 431 5.47 -13.20 62.64
C LYS G 431 5.08 -14.65 62.86
N GLU G 432 4.01 -15.12 62.23
CA GLU G 432 3.55 -16.50 62.36
C GLU G 432 3.85 -17.32 61.12
N SER G 433 5.02 -17.13 60.50
CA SER G 433 5.35 -17.88 59.30
C SER G 433 5.34 -19.38 59.54
N ARG G 434 5.89 -19.82 60.67
CA ARG G 434 5.93 -21.25 60.97
C ARG G 434 4.53 -21.85 61.10
N ASP G 435 3.72 -21.29 62.00
CA ASP G 435 2.38 -21.81 62.27
C ASP G 435 1.46 -21.73 61.07
N ILE G 436 1.80 -20.90 60.07
CA ILE G 436 1.03 -20.87 58.83
C ILE G 436 1.57 -21.87 57.81
N LEU G 437 2.89 -22.10 57.80
CA LEU G 437 3.52 -22.93 56.77
C LEU G 437 3.47 -24.42 57.07
N MET G 438 3.76 -24.86 58.29
CA MET G 438 3.77 -26.31 58.51
C MET G 438 2.35 -26.88 58.52
N GLU G 439 1.35 -26.06 58.83
CA GLU G 439 -0.03 -26.54 58.82
C GLU G 439 -0.56 -26.75 57.41
N ALA G 440 0.02 -26.07 56.41
CA ALA G 440 -0.39 -26.30 55.03
C ALA G 440 0.29 -27.51 54.43
N ALA G 441 1.35 -28.02 55.07
CA ALA G 441 2.07 -29.18 54.56
C ALA G 441 1.34 -30.48 54.80
N LYS G 442 0.42 -30.54 55.76
CA LYS G 442 -0.32 -31.76 56.04
C LYS G 442 -1.36 -32.07 54.97
N HIS G 443 -1.64 -31.14 54.06
CA HIS G 443 -2.62 -31.35 52.99
C HIS G 443 -1.95 -31.48 51.64
N SER G 444 -0.62 -31.43 51.60
CA SER G 444 0.12 -31.55 50.36
C SER G 444 1.52 -32.10 50.61
N PRO G 445 1.83 -33.30 50.10
CA PRO G 445 3.17 -33.86 50.30
C PRO G 445 4.27 -33.12 49.55
N GLU G 446 3.95 -32.46 48.43
CA GLU G 446 4.96 -31.70 47.71
C GLU G 446 5.46 -30.53 48.54
N LEU G 447 4.56 -29.82 49.23
CA LEU G 447 4.99 -28.74 50.11
C LEU G 447 5.81 -29.27 51.28
N ALA G 448 5.50 -30.49 51.74
CA ALA G 448 6.26 -31.07 52.84
C ALA G 448 7.73 -31.27 52.48
N ILE G 449 8.01 -31.80 51.29
CA ILE G 449 9.39 -31.95 50.85
C ILE G 449 10.01 -30.61 50.46
N ALA G 450 9.23 -29.68 49.90
CA ALA G 450 9.76 -28.36 49.59
C ALA G 450 10.22 -27.62 50.85
N LEU G 451 9.46 -27.74 51.94
CA LEU G 451 9.87 -27.14 53.21
C LEU G 451 11.11 -27.81 53.78
N GLU G 452 11.25 -29.13 53.62
CA GLU G 452 12.41 -29.84 54.14
C GLU G 452 13.68 -29.51 53.36
N THR G 453 13.59 -29.43 52.03
CA THR G 453 14.79 -29.24 51.20
C THR G 453 15.35 -27.84 51.36
N TRP G 454 14.50 -26.85 51.62
CA TRP G 454 14.94 -25.47 51.85
C TRP G 454 14.63 -25.07 53.30
N LYS G 455 15.65 -25.18 54.14
CA LYS G 455 15.50 -24.94 55.57
C LYS G 455 16.36 -23.76 56.00
N GLU G 456 15.79 -22.89 56.84
CA GLU G 456 14.42 -23.04 57.31
C GLU G 456 13.69 -21.70 57.28
N THR H 6 2.30 -42.83 44.09
CA THR H 6 3.63 -42.90 43.51
C THR H 6 4.30 -41.53 43.51
N VAL H 7 5.50 -41.46 44.09
CA VAL H 7 6.26 -40.23 44.20
C VAL H 7 7.62 -40.45 43.56
N GLY H 8 8.11 -39.45 42.82
CA GLY H 8 7.44 -38.19 42.63
C GLY H 8 6.76 -38.06 41.27
N ASP H 9 5.44 -38.18 41.27
CA ASP H 9 4.63 -38.07 40.06
C ASP H 9 3.51 -37.07 40.32
N TYR H 10 3.75 -35.80 39.94
CA TYR H 10 2.74 -34.77 40.11
C TYR H 10 1.88 -34.67 38.86
N GLN H 11 0.59 -34.95 39.02
CA GLN H 11 -0.35 -34.97 37.91
C GLN H 11 -1.12 -33.66 37.85
N THR H 12 -1.30 -33.14 36.65
CA THR H 12 -2.06 -31.91 36.48
C THR H 12 -3.50 -32.11 36.92
N VAL H 13 -3.99 -31.19 37.74
CA VAL H 13 -5.34 -31.25 38.30
C VAL H 13 -6.02 -29.91 38.07
N ALA H 14 -7.35 -29.92 38.11
CA ALA H 14 -8.12 -28.72 37.81
C ALA H 14 -8.40 -27.93 39.10
N THR H 15 -7.98 -26.67 39.10
CA THR H 15 -8.33 -25.70 40.13
C THR H 15 -8.90 -24.48 39.45
N LEU H 16 -9.84 -23.80 40.11
CA LEU H 16 -10.63 -22.81 39.38
C LEU H 16 -9.89 -21.49 39.22
N GLU H 17 -9.75 -20.72 40.31
CA GLU H 17 -8.85 -19.58 40.30
C GLU H 17 -7.89 -19.59 41.47
N THR H 18 -8.44 -19.75 42.68
CA THR H 18 -7.68 -19.63 43.92
C THR H 18 -8.29 -20.54 44.98
N PHE H 19 -7.46 -20.93 45.96
CA PHE H 19 -7.85 -21.83 47.04
C PHE H 19 -8.26 -23.20 46.52
N GLY H 20 -8.04 -23.47 45.23
CA GLY H 20 -8.33 -24.79 44.69
C GLY H 20 -7.30 -25.82 45.09
N PHE H 21 -6.06 -25.40 45.34
CA PHE H 21 -5.02 -26.30 45.80
C PHE H 21 -5.21 -26.70 47.26
N LEU H 22 -6.09 -26.02 47.98
CA LEU H 22 -6.44 -26.18 49.38
C LEU H 22 -7.70 -27.02 49.51
N PRO H 23 -7.69 -28.02 50.39
CA PRO H 23 -8.90 -28.80 50.68
C PRO H 23 -10.06 -27.88 51.07
N PRO H 24 -11.30 -28.36 50.98
CA PRO H 24 -12.46 -27.45 51.07
C PRO H 24 -12.48 -26.66 52.37
N MET H 25 -12.89 -25.41 52.25
CA MET H 25 -12.90 -24.48 53.37
C MET H 25 -13.93 -24.88 54.42
N THR H 26 -13.54 -24.74 55.69
CA THR H 26 -14.41 -25.08 56.79
C THR H 26 -15.41 -23.95 57.06
N GLN H 27 -16.48 -24.28 57.77
CA GLN H 27 -17.53 -23.30 58.02
C GLN H 27 -17.01 -22.10 58.80
N ASP H 28 -16.19 -22.33 59.82
CA ASP H 28 -15.63 -21.22 60.58
C ASP H 28 -14.70 -20.35 59.73
N GLU H 29 -14.02 -20.96 58.75
CA GLU H 29 -13.17 -20.20 57.84
C GLU H 29 -14.00 -19.21 57.01
N ILE H 30 -15.17 -19.64 56.54
CA ILE H 30 -16.03 -18.76 55.75
C ILE H 30 -16.49 -17.57 56.57
N TYR H 31 -16.72 -17.79 57.87
CA TYR H 31 -17.09 -16.68 58.75
C TYR H 31 -15.99 -15.62 58.77
N ASP H 32 -14.73 -16.06 58.89
CA ASP H 32 -13.61 -15.14 58.89
C ASP H 32 -13.45 -14.43 57.54
N GLN H 33 -13.62 -15.15 56.44
CA GLN H 33 -13.54 -14.50 55.13
C GLN H 33 -14.61 -13.44 54.96
N ILE H 34 -15.85 -13.76 55.38
CA ILE H 34 -16.94 -12.79 55.26
C ILE H 34 -16.69 -11.59 56.16
N ALA H 35 -16.19 -11.83 57.37
CA ALA H 35 -15.87 -10.74 58.27
C ALA H 35 -14.79 -9.83 57.69
N TYR H 36 -13.76 -10.42 57.09
CA TYR H 36 -12.72 -9.63 56.44
C TYR H 36 -13.30 -8.80 55.29
N ILE H 37 -14.14 -9.43 54.46
CA ILE H 37 -14.73 -8.73 53.32
C ILE H 37 -15.57 -7.55 53.79
N ILE H 38 -16.37 -7.75 54.83
CA ILE H 38 -17.18 -6.66 55.36
C ILE H 38 -16.31 -5.57 55.96
N ALA H 39 -15.23 -5.96 56.66
CA ALA H 39 -14.33 -5.00 57.27
C ALA H 39 -13.57 -4.17 56.26
N GLN H 40 -13.30 -4.70 55.07
CA GLN H 40 -12.67 -3.90 54.02
C GLN H 40 -13.66 -2.97 53.32
N GLY H 41 -14.94 -3.06 53.64
CA GLY H 41 -15.95 -2.21 53.01
C GLY H 41 -16.44 -2.71 51.67
N TRP H 42 -16.05 -3.90 51.25
CA TRP H 42 -16.44 -4.42 49.95
C TRP H 42 -17.88 -4.92 49.97
N SER H 43 -18.43 -5.15 48.78
CA SER H 43 -19.81 -5.57 48.63
C SER H 43 -19.85 -7.06 48.31
N PRO H 44 -20.36 -7.91 49.21
CA PRO H 44 -20.48 -9.33 48.90
C PRO H 44 -21.46 -9.58 47.76
N LEU H 45 -21.21 -10.66 47.03
CA LEU H 45 -22.04 -11.02 45.90
C LEU H 45 -21.91 -12.53 45.69
N ILE H 46 -23.00 -13.18 45.31
CA ILE H 46 -23.05 -14.63 45.15
C ILE H 46 -23.34 -14.95 43.68
N GLU H 47 -22.49 -15.80 43.10
CA GLU H 47 -22.64 -16.23 41.72
C GLU H 47 -22.63 -17.76 41.65
N HIS H 48 -23.19 -18.27 40.56
CA HIS H 48 -23.25 -19.72 40.34
C HIS H 48 -23.35 -19.98 38.84
N VAL H 49 -22.72 -21.08 38.40
CA VAL H 49 -22.69 -21.46 37.00
C VAL H 49 -22.66 -22.98 36.91
N HIS H 50 -23.22 -23.49 35.82
CA HIS H 50 -23.14 -24.91 35.52
C HIS H 50 -21.68 -25.29 35.30
N PRO H 51 -21.16 -26.31 35.98
CA PRO H 51 -19.70 -26.53 35.98
C PRO H 51 -19.08 -26.74 34.60
N SER H 52 -19.84 -27.20 33.60
CA SER H 52 -19.28 -27.27 32.26
C SER H 52 -19.10 -25.87 31.66
N ARG H 53 -19.91 -24.91 32.11
CA ARG H 53 -19.78 -23.52 31.68
C ARG H 53 -18.89 -22.74 32.63
N SER H 54 -17.95 -23.42 33.29
CA SER H 54 -17.06 -22.75 34.24
C SER H 54 -16.12 -21.75 33.57
N MET H 55 -15.97 -21.81 32.25
CA MET H 55 -15.02 -20.98 31.53
C MET H 55 -15.61 -19.65 31.07
N ALA H 56 -16.91 -19.44 31.26
CA ALA H 56 -17.54 -18.18 30.90
C ALA H 56 -17.06 -17.06 31.81
N THR H 57 -16.77 -15.90 31.21
CA THR H 57 -16.32 -14.75 31.98
C THR H 57 -17.44 -14.11 32.80
N TYR H 58 -18.69 -14.49 32.55
CA TYR H 58 -19.83 -13.98 33.33
C TYR H 58 -20.63 -15.15 33.85
N TRP H 59 -20.86 -15.17 35.16
CA TRP H 59 -21.74 -16.14 35.80
C TRP H 59 -23.12 -15.54 35.99
N SER H 60 -23.97 -16.21 36.76
CA SER H 60 -25.33 -15.74 37.04
C SER H 60 -25.38 -15.19 38.46
N TYR H 61 -25.96 -13.99 38.61
CA TYR H 61 -26.08 -13.37 39.92
C TYR H 61 -27.05 -14.16 40.79
N TRP H 62 -26.91 -13.99 42.11
CA TRP H 62 -27.86 -14.54 43.07
C TRP H 62 -27.85 -13.73 44.35
N LYS H 63 -28.83 -12.86 44.53
CA LYS H 63 -29.79 -12.50 43.49
C LYS H 63 -29.34 -11.16 42.92
N LEU H 64 -29.12 -10.21 43.82
CA LEU H 64 -28.52 -8.92 43.52
C LEU H 64 -27.38 -8.69 44.50
N PRO H 65 -26.38 -7.89 44.14
CA PRO H 65 -25.26 -7.65 45.06
C PRO H 65 -25.74 -7.06 46.37
N PHE H 66 -25.16 -7.55 47.47
CA PHE H 66 -25.53 -7.12 48.81
C PHE H 66 -24.79 -5.81 49.10
N PHE H 67 -25.30 -4.73 48.53
CA PHE H 67 -24.66 -3.43 48.66
C PHE H 67 -24.85 -2.89 50.07
N GLY H 68 -23.76 -2.47 50.69
CA GLY H 68 -23.81 -1.87 52.01
C GLY H 68 -24.39 -2.75 53.10
N GLU H 69 -23.97 -4.01 53.17
CA GLU H 69 -24.44 -4.92 54.20
C GLU H 69 -23.32 -5.17 55.21
N LYS H 70 -23.61 -4.90 56.48
CA LYS H 70 -22.64 -5.05 57.55
C LYS H 70 -23.00 -6.18 58.52
N ASP H 71 -23.84 -7.12 58.09
CA ASP H 71 -24.26 -8.24 58.91
C ASP H 71 -23.88 -9.53 58.18
N LEU H 72 -23.14 -10.39 58.86
CA LEU H 72 -22.68 -11.65 58.27
C LEU H 72 -23.63 -12.81 58.51
N GLY H 73 -24.73 -12.59 59.23
CA GLY H 73 -25.67 -13.65 59.50
C GLY H 73 -26.61 -14.00 58.38
N VAL H 74 -26.61 -13.23 57.29
CA VAL H 74 -27.49 -13.48 56.16
C VAL H 74 -26.73 -14.09 54.99
N ILE H 75 -25.44 -13.80 54.86
CA ILE H 75 -24.68 -14.26 53.69
C ILE H 75 -24.58 -15.79 53.67
N VAL H 76 -24.26 -16.41 54.80
CA VAL H 76 -24.13 -17.86 54.82
C VAL H 76 -25.46 -18.56 54.56
N SER H 77 -26.56 -18.07 55.14
CA SER H 77 -27.88 -18.59 54.82
C SER H 77 -28.28 -18.33 53.37
N GLU H 78 -27.91 -17.19 52.81
CA GLU H 78 -28.16 -16.91 51.41
C GLU H 78 -27.20 -17.63 50.48
N LEU H 79 -25.96 -17.86 50.92
CA LEU H 79 -25.03 -18.69 50.16
C LEU H 79 -25.54 -20.12 50.01
N GLU H 80 -26.11 -20.67 51.07
CA GLU H 80 -26.66 -22.02 51.03
C GLU H 80 -27.97 -22.10 50.25
N ALA H 81 -28.74 -21.01 50.22
CA ALA H 81 -29.99 -21.01 49.46
C ALA H 81 -29.71 -21.14 47.97
N CYS H 82 -28.67 -20.45 47.49
CA CYS H 82 -28.25 -20.64 46.10
C CYS H 82 -27.83 -22.07 45.84
N HIS H 83 -27.30 -22.75 46.86
CA HIS H 83 -26.88 -24.13 46.69
C HIS H 83 -28.07 -25.07 46.60
N ARG H 84 -29.09 -24.87 47.44
CA ARG H 84 -30.31 -25.66 47.31
C ARG H 84 -31.00 -25.39 45.99
N ALA H 85 -31.04 -24.13 45.55
CA ALA H 85 -31.71 -23.81 44.30
C ALA H 85 -30.99 -24.42 43.10
N TYR H 86 -29.66 -24.48 43.14
CA TYR H 86 -28.87 -25.04 42.04
C TYR H 86 -27.85 -26.02 42.60
N PRO H 87 -28.28 -27.24 42.91
CA PRO H 87 -27.40 -28.19 43.60
C PRO H 87 -26.32 -28.79 42.72
N ASP H 88 -26.22 -28.39 41.46
CA ASP H 88 -25.19 -28.88 40.55
C ASP H 88 -24.49 -27.66 39.93
N HIS H 89 -24.02 -26.76 40.80
CA HIS H 89 -23.46 -25.49 40.37
C HIS H 89 -22.34 -25.09 41.32
N HIS H 90 -21.28 -24.49 40.77
CA HIS H 90 -20.25 -23.91 41.61
C HIS H 90 -20.79 -22.66 42.30
N VAL H 91 -20.44 -22.50 43.58
CA VAL H 91 -20.92 -21.37 44.38
C VAL H 91 -19.72 -20.45 44.61
N ARG H 92 -19.86 -19.20 44.17
CA ARG H 92 -18.79 -18.21 44.31
C ARG H 92 -19.22 -17.08 45.23
N LEU H 93 -18.27 -16.60 46.03
CA LEU H 93 -18.45 -15.42 46.85
C LEU H 93 -17.52 -14.34 46.33
N VAL H 94 -18.08 -13.18 45.98
CA VAL H 94 -17.34 -12.13 45.29
C VAL H 94 -17.52 -10.82 46.04
N GLY H 95 -16.43 -10.08 46.18
CA GLY H 95 -16.46 -8.79 46.83
C GLY H 95 -16.19 -7.64 45.87
N TYR H 96 -17.12 -6.68 45.82
CA TYR H 96 -16.98 -5.54 44.92
C TYR H 96 -16.29 -4.38 45.62
N ASP H 97 -15.35 -3.75 44.93
CA ASP H 97 -14.72 -2.51 45.38
C ASP H 97 -15.20 -1.39 44.47
N ALA H 98 -16.07 -0.54 45.00
CA ALA H 98 -16.68 0.52 44.20
C ALA H 98 -15.68 1.58 43.75
N TYR H 99 -14.72 1.94 44.59
CA TYR H 99 -13.79 3.01 44.23
C TYR H 99 -12.81 2.58 43.15
N THR H 100 -12.23 1.39 43.25
CA THR H 100 -11.28 0.92 42.26
C THR H 100 -11.91 0.11 41.14
N GLN H 101 -13.22 -0.17 41.23
CA GLN H 101 -13.95 -0.93 40.21
C GLN H 101 -13.31 -2.30 39.96
N SER H 102 -12.79 -2.93 41.01
CA SER H 102 -12.13 -4.22 40.91
C SER H 102 -12.72 -5.15 41.95
N GLN H 103 -12.11 -6.33 42.09
CA GLN H 103 -12.58 -7.36 43.01
C GLN H 103 -11.42 -7.78 43.90
N GLY H 104 -11.60 -7.64 45.21
CA GLY H 104 -10.55 -7.96 46.16
C GLY H 104 -10.58 -9.37 46.71
N ALA H 105 -11.64 -10.12 46.47
CA ALA H 105 -11.74 -11.48 46.97
C ALA H 105 -12.74 -12.25 46.12
N CYS H 106 -12.25 -13.28 45.44
CA CYS H 106 -13.09 -14.11 44.59
C CYS H 106 -12.73 -15.58 44.79
N PHE H 107 -13.45 -16.26 45.69
CA PHE H 107 -13.13 -17.63 46.06
C PHE H 107 -14.37 -18.51 45.97
N VAL H 108 -14.15 -19.78 45.63
CA VAL H 108 -15.26 -20.73 45.55
C VAL H 108 -15.48 -21.37 46.91
N VAL H 109 -16.70 -21.27 47.42
CA VAL H 109 -17.06 -21.83 48.72
C VAL H 109 -17.45 -23.30 48.63
N PHE H 110 -18.30 -23.64 47.66
CA PHE H 110 -18.76 -25.02 47.46
C PHE H 110 -18.27 -25.53 46.12
N GLU H 111 -17.68 -26.73 46.12
CA GLU H 111 -17.13 -27.33 44.92
C GLU H 111 -18.17 -27.72 43.89
N GLY H 112 -19.43 -27.89 44.29
CA GLY H 112 -20.46 -28.29 43.36
C GLY H 112 -20.76 -29.77 43.40
N ARG H 113 -21.90 -30.14 43.95
CA ARG H 113 -22.30 -31.54 44.06
C ARG H 113 -22.57 -32.13 42.69
N GLU I 11 28.08 -25.56 44.27
CA GLU I 11 28.20 -24.24 43.65
C GLU I 11 29.22 -23.39 44.40
N TYR I 12 30.50 -23.62 44.10
CA TYR I 12 31.57 -22.83 44.69
C TYR I 12 32.51 -22.37 43.58
N ARG I 13 32.08 -22.55 42.33
CA ARG I 13 32.79 -22.04 41.16
C ARG I 13 34.17 -22.68 41.02
N ASP I 14 35.13 -21.89 40.51
CA ASP I 14 36.48 -22.31 40.12
C ASP I 14 36.47 -23.17 38.86
N THR I 15 35.29 -23.51 38.34
CA THR I 15 35.17 -23.99 36.97
C THR I 15 34.99 -22.86 35.98
N TYR I 16 34.68 -21.65 36.47
CA TYR I 16 34.69 -20.43 35.69
C TYR I 16 36.08 -19.79 35.68
N TRP I 17 36.99 -20.29 36.50
CA TRP I 17 38.35 -19.79 36.60
C TRP I 17 39.28 -20.87 36.03
N THR I 18 39.58 -20.73 34.74
CA THR I 18 40.44 -21.69 34.03
C THR I 18 41.75 -21.00 33.66
N PRO I 19 42.85 -21.33 34.34
CA PRO I 19 44.12 -20.65 34.06
C PRO I 19 44.84 -21.16 32.82
N ASP I 20 44.30 -22.16 32.12
CA ASP I 20 44.98 -22.76 30.99
C ASP I 20 44.34 -22.44 29.64
N TYR I 21 43.10 -21.95 29.63
CA TYR I 21 42.41 -21.73 28.36
C TYR I 21 43.06 -20.61 27.56
N VAL I 22 43.05 -20.77 26.24
CA VAL I 22 43.49 -19.74 25.31
C VAL I 22 42.27 -19.28 24.52
N PRO I 23 41.90 -18.00 24.60
CA PRO I 23 40.68 -17.55 23.93
C PRO I 23 40.78 -17.73 22.42
N LEU I 24 39.65 -18.09 21.81
CA LEU I 24 39.58 -18.23 20.37
C LEU I 24 39.55 -16.85 19.72
N ASP I 25 39.92 -16.81 18.44
CA ASP I 25 39.91 -15.56 17.67
C ASP I 25 38.50 -15.06 17.40
N THR I 26 37.48 -15.90 17.58
CA THR I 26 36.10 -15.49 17.44
C THR I 26 35.44 -15.13 18.76
N ASP I 27 36.20 -15.13 19.86
CA ASP I 27 35.64 -14.83 21.16
C ASP I 27 35.57 -13.32 21.38
N LEU I 28 34.74 -12.93 22.36
CA LEU I 28 34.58 -11.54 22.76
C LEU I 28 35.12 -11.40 24.18
N LEU I 29 36.30 -10.82 24.32
CA LEU I 29 36.94 -10.68 25.61
C LEU I 29 36.55 -9.36 26.27
N ALA I 30 36.78 -9.27 27.57
CA ALA I 30 36.43 -8.09 28.34
C ALA I 30 37.40 -7.93 29.50
N CYS I 31 37.50 -6.71 30.01
CA CYS I 31 38.36 -6.40 31.14
C CYS I 31 37.54 -5.70 32.22
N PHE I 32 37.46 -6.31 33.39
CA PHE I 32 36.75 -5.76 34.53
C PHE I 32 37.73 -5.40 35.63
N LYS I 33 37.83 -4.11 35.92
CA LYS I 33 38.59 -3.62 37.08
C LYS I 33 37.70 -3.79 38.30
N CYS I 34 37.89 -4.90 39.01
CA CYS I 34 36.98 -5.31 40.06
C CYS I 34 37.62 -5.16 41.43
N THR I 35 36.82 -4.69 42.39
CA THR I 35 37.22 -4.65 43.78
C THR I 35 36.33 -5.61 44.55
N GLY I 36 36.94 -6.56 45.25
CA GLY I 36 36.23 -7.61 45.95
C GLY I 36 36.10 -7.35 47.44
N GLN I 37 35.39 -8.26 48.09
CA GLN I 37 35.19 -8.17 49.52
C GLN I 37 36.50 -8.41 50.26
N GLU I 38 36.49 -8.11 51.56
CA GLU I 38 37.71 -8.15 52.37
C GLU I 38 38.08 -9.60 52.69
N GLY I 39 39.29 -9.99 52.30
CA GLY I 39 39.84 -11.27 52.70
C GLY I 39 39.56 -12.42 51.73
N VAL I 40 38.59 -12.24 50.85
CA VAL I 40 38.22 -13.32 49.92
C VAL I 40 39.36 -13.55 48.94
N PRO I 41 39.61 -14.78 48.51
CA PRO I 41 40.62 -15.02 47.47
C PRO I 41 40.25 -14.31 46.17
N LYS I 42 41.29 -13.79 45.52
CA LYS I 42 41.08 -12.99 44.31
C LYS I 42 40.56 -13.83 43.15
N GLU I 43 40.81 -15.13 43.16
CA GLU I 43 40.34 -15.99 42.08
C GLU I 43 38.83 -16.18 42.13
N GLU I 44 38.26 -16.28 43.34
CA GLU I 44 36.84 -16.55 43.48
C GLU I 44 35.98 -15.43 42.87
N VAL I 45 36.35 -14.19 43.13
CA VAL I 45 35.52 -13.06 42.70
C VAL I 45 35.51 -12.93 41.17
N ALA I 46 36.63 -13.17 40.51
CA ALA I 46 36.64 -13.15 39.04
C ALA I 46 35.73 -14.22 38.46
N ALA I 47 35.76 -15.43 39.04
CA ALA I 47 34.86 -16.49 38.58
C ALA I 47 33.39 -16.11 38.82
N ALA I 48 33.10 -15.50 39.96
CA ALA I 48 31.74 -15.04 40.23
C ALA I 48 31.31 -13.98 39.23
N VAL I 49 32.20 -13.06 38.87
CA VAL I 49 31.90 -12.05 37.88
C VAL I 49 31.60 -12.70 36.53
N ALA I 50 32.42 -13.69 36.14
CA ALA I 50 32.19 -14.38 34.88
C ALA I 50 30.85 -15.12 34.89
N ALA I 51 30.48 -15.70 36.03
CA ALA I 51 29.25 -16.47 36.10
C ALA I 51 28.01 -15.59 35.99
N GLU I 52 28.00 -14.47 36.70
CA GLU I 52 26.81 -13.62 36.73
C GLU I 52 26.62 -12.82 35.45
N SER I 53 27.68 -12.65 34.65
CA SER I 53 27.59 -11.90 33.41
C SER I 53 27.32 -12.79 32.20
N SER I 54 27.42 -14.11 32.35
CA SER I 54 27.22 -15.00 31.21
C SER I 54 26.01 -15.91 31.41
N THR I 55 26.00 -16.69 32.50
CA THR I 55 25.00 -17.74 32.65
C THR I 55 24.27 -17.73 33.98
N GLY I 56 24.95 -17.41 35.08
CA GLY I 56 24.30 -17.42 36.39
C GLY I 56 23.85 -18.80 36.82
N THR I 57 24.81 -19.69 37.05
CA THR I 57 24.56 -21.11 37.28
C THR I 57 25.83 -21.65 37.93
N TRP I 58 25.73 -22.78 38.64
CA TRP I 58 24.76 -23.87 38.78
C TRP I 58 23.80 -23.75 39.95
N SER I 59 22.52 -23.97 39.67
CA SER I 59 21.54 -24.26 40.71
C SER I 59 21.45 -25.76 40.90
N THR I 60 20.43 -26.23 41.62
CA THR I 60 20.16 -27.67 41.77
C THR I 60 18.88 -27.95 40.98
N VAL I 61 19.02 -28.18 39.68
CA VAL I 61 17.88 -28.29 38.78
C VAL I 61 18.08 -29.48 37.83
N TRP I 62 17.00 -30.23 37.63
CA TRP I 62 16.99 -31.26 36.59
C TRP I 62 17.21 -30.67 35.20
N SER I 63 16.62 -29.51 34.91
CA SER I 63 16.72 -28.93 33.57
C SER I 63 18.14 -28.50 33.23
N GLU I 64 19.00 -28.31 34.23
CA GLU I 64 20.36 -27.86 33.98
C GLU I 64 21.28 -28.99 33.52
N LEU I 65 20.74 -30.16 33.17
CA LEU I 65 21.53 -31.24 32.59
C LEU I 65 21.16 -31.51 31.14
N LEU I 66 20.09 -30.91 30.63
CA LEU I 66 19.73 -31.02 29.22
C LEU I 66 20.75 -30.38 28.29
N VAL I 67 21.62 -29.53 28.82
CA VAL I 67 22.56 -28.76 28.00
C VAL I 67 23.96 -28.96 28.56
N ASP I 68 24.91 -29.27 27.67
CA ASP I 68 26.31 -29.33 28.05
C ASP I 68 26.79 -27.91 28.26
N LEU I 69 26.73 -27.45 29.51
CA LEU I 69 26.98 -26.06 29.85
C LEU I 69 28.46 -25.70 29.80
N ASP I 70 29.36 -26.68 29.67
CA ASP I 70 30.78 -26.41 29.57
C ASP I 70 31.15 -25.64 28.31
N PHE I 71 30.34 -25.73 27.26
CA PHE I 71 30.61 -25.02 26.01
C PHE I 71 30.15 -23.56 26.06
N TYR I 72 29.08 -23.27 26.78
CA TYR I 72 28.48 -21.94 26.79
C TYR I 72 28.98 -21.07 27.95
N LYS I 73 29.62 -21.67 28.95
CA LYS I 73 30.06 -20.92 30.11
C LYS I 73 31.24 -20.02 29.78
N GLY I 74 31.14 -18.77 30.20
CA GLY I 74 32.22 -17.80 30.03
C GLY I 74 33.18 -17.89 31.22
N ARG I 75 34.44 -18.17 30.91
CA ARG I 75 35.45 -18.45 31.92
C ARG I 75 36.48 -17.33 31.98
N CYS I 76 37.06 -17.15 33.16
CA CYS I 76 38.15 -16.20 33.39
C CYS I 76 39.46 -16.93 33.17
N TYR I 77 40.30 -16.40 32.29
CA TYR I 77 41.52 -17.09 31.88
C TYR I 77 42.79 -16.45 32.41
N ARG I 78 42.75 -15.20 32.85
CA ARG I 78 43.95 -14.51 33.31
C ARG I 78 43.60 -13.57 34.45
N ILE I 79 44.46 -13.54 35.47
CA ILE I 79 44.29 -12.68 36.63
C ILE I 79 45.46 -11.70 36.66
N GLU I 80 45.14 -10.40 36.70
CA GLU I 80 46.12 -9.35 36.83
C GLU I 80 45.67 -8.35 37.88
N ASP I 81 46.63 -7.62 38.43
CA ASP I 81 46.37 -6.61 39.43
C ASP I 81 46.58 -5.22 38.84
N VAL I 82 45.68 -4.30 39.19
CA VAL I 82 45.83 -2.91 38.75
C VAL I 82 47.09 -2.32 39.36
N PRO I 83 47.96 -1.67 38.60
CA PRO I 83 49.24 -1.21 39.15
C PRO I 83 49.03 -0.02 40.09
N GLY I 84 49.75 -0.02 41.20
CA GLY I 84 49.67 1.04 42.19
C GLY I 84 48.59 0.87 43.25
N ASP I 85 47.83 -0.22 43.20
CA ASP I 85 46.77 -0.46 44.18
C ASP I 85 46.74 -1.95 44.50
N LYS I 86 46.26 -2.28 45.69
CA LYS I 86 46.33 -3.64 46.22
C LYS I 86 45.01 -4.38 46.19
N GLU I 87 43.94 -3.83 46.78
CA GLU I 87 42.71 -4.58 46.98
C GLU I 87 41.99 -4.91 45.67
N ALA I 88 42.17 -4.13 44.62
CA ALA I 88 41.51 -4.39 43.35
C ALA I 88 42.35 -5.33 42.50
N PHE I 89 41.87 -5.58 41.28
CA PHE I 89 42.58 -6.42 40.33
C PHE I 89 41.94 -6.24 38.95
N TYR I 90 42.58 -6.86 37.96
CA TYR I 90 42.04 -6.91 36.60
C TYR I 90 41.57 -8.33 36.31
N ALA I 91 40.37 -8.44 35.76
CA ALA I 91 39.77 -9.74 35.44
C ALA I 91 39.60 -9.84 33.92
N PHE I 92 40.19 -10.88 33.33
CA PHE I 92 40.07 -11.16 31.91
C PHE I 92 39.18 -12.39 31.74
N ILE I 93 38.15 -12.27 30.92
CA ILE I 93 37.16 -13.32 30.74
C ILE I 93 36.99 -13.58 29.25
N ALA I 94 36.74 -14.84 28.90
CA ALA I 94 36.51 -15.24 27.51
C ALA I 94 35.08 -15.72 27.34
N TYR I 95 34.42 -15.24 26.28
CA TYR I 95 33.05 -15.63 25.98
C TYR I 95 32.95 -16.18 24.56
N PRO I 96 32.21 -17.25 24.36
CA PRO I 96 31.95 -17.72 22.99
C PRO I 96 31.09 -16.74 22.22
N LEU I 97 31.17 -16.82 20.88
CA LEU I 97 30.41 -15.94 20.02
C LEU I 97 28.92 -16.29 19.97
N ASP I 98 28.55 -17.50 20.41
CA ASP I 98 27.17 -17.97 20.28
C ASP I 98 26.19 -17.25 21.19
N LEU I 99 26.66 -16.45 22.15
CA LEU I 99 25.77 -15.84 23.14
C LEU I 99 25.07 -14.58 22.65
N PHE I 100 25.52 -13.98 21.55
CA PHE I 100 24.99 -12.69 21.11
C PHE I 100 24.34 -12.81 19.73
N GLU I 101 23.27 -12.05 19.56
CA GLU I 101 22.59 -11.93 18.28
C GLU I 101 23.48 -11.20 17.28
N GLU I 102 23.47 -11.67 16.04
CA GLU I 102 24.31 -11.10 15.01
C GLU I 102 23.86 -9.70 14.64
N GLY I 103 24.80 -8.76 14.61
CA GLY I 103 24.49 -7.40 14.23
C GLY I 103 23.64 -6.63 15.21
N SER I 104 23.65 -7.00 16.49
CA SER I 104 22.85 -6.35 17.52
C SER I 104 23.77 -5.84 18.62
N VAL I 105 23.67 -4.55 18.91
CA VAL I 105 24.45 -3.96 20.00
C VAL I 105 23.66 -3.87 21.29
N THR I 106 22.33 -3.81 21.22
CA THR I 106 21.51 -3.79 22.43
C THR I 106 21.65 -5.09 23.21
N ASN I 107 21.74 -6.21 22.52
CA ASN I 107 21.79 -7.52 23.19
C ASN I 107 23.12 -7.71 23.93
N VAL I 108 24.23 -7.25 23.36
CA VAL I 108 25.53 -7.47 23.99
C VAL I 108 25.66 -6.65 25.27
N LEU I 109 25.17 -5.41 25.28
CA LEU I 109 25.21 -4.61 26.49
C LEU I 109 24.35 -5.23 27.59
N THR I 110 23.16 -5.70 27.24
CA THR I 110 22.29 -6.35 28.21
C THR I 110 22.93 -7.63 28.74
N SER I 111 23.63 -8.38 27.88
CA SER I 111 24.25 -9.62 28.31
C SER I 111 25.44 -9.36 29.23
N LEU I 112 26.27 -8.38 28.90
CA LEU I 112 27.54 -8.21 29.60
C LEU I 112 27.36 -7.46 30.91
N VAL I 113 26.86 -6.23 30.85
CA VAL I 113 26.79 -5.39 32.04
C VAL I 113 25.37 -5.40 32.60
N GLY I 114 24.49 -6.22 32.01
CA GLY I 114 23.09 -6.16 32.38
C GLY I 114 22.80 -6.59 33.81
N ASN I 115 23.49 -7.61 34.29
CA ASN I 115 23.19 -8.15 35.61
C ASN I 115 24.37 -8.20 36.57
N VAL I 116 25.61 -8.35 36.08
CA VAL I 116 26.76 -8.55 36.95
C VAL I 116 26.97 -7.37 37.90
N PHE I 117 26.55 -6.18 37.52
CA PHE I 117 26.66 -5.03 38.42
C PHE I 117 25.82 -5.19 39.67
N GLY I 118 24.63 -5.77 39.56
CA GLY I 118 23.71 -5.85 40.68
C GLY I 118 24.05 -6.88 41.74
N PHE I 119 25.00 -7.76 41.44
CA PHE I 119 25.37 -8.80 42.40
C PHE I 119 26.06 -8.16 43.60
N LYS I 120 25.73 -8.65 44.79
CA LYS I 120 26.06 -7.94 46.03
C LYS I 120 27.47 -8.21 46.52
N ALA I 121 28.20 -9.14 45.91
CA ALA I 121 29.55 -9.45 46.36
C ALA I 121 30.61 -8.54 45.77
N LEU I 122 30.22 -7.55 44.98
CA LEU I 122 31.15 -6.59 44.39
C LEU I 122 30.90 -5.21 44.97
N ARG I 123 31.97 -4.47 45.24
CA ARG I 123 31.83 -3.11 45.73
C ARG I 123 31.99 -2.08 44.63
N HIS I 124 33.02 -2.25 43.79
CA HIS I 124 33.26 -1.35 42.67
C HIS I 124 33.70 -2.16 41.46
N LEU I 125 32.99 -1.99 40.34
CA LEU I 125 33.28 -2.73 39.12
C LEU I 125 33.28 -1.76 37.95
N ARG I 126 34.11 -2.04 36.95
CA ARG I 126 34.30 -1.14 35.81
C ARG I 126 34.76 -1.94 34.60
N LEU I 127 33.98 -1.86 33.52
CA LEU I 127 34.35 -2.48 32.26
C LEU I 127 35.22 -1.53 31.46
N GLU I 128 36.36 -2.01 30.98
CA GLU I 128 37.37 -1.13 30.38
C GLU I 128 37.48 -1.30 28.86
N ASP I 129 37.68 -2.51 28.36
CA ASP I 129 37.90 -2.71 26.94
C ASP I 129 37.30 -4.03 26.50
N ILE I 130 37.00 -4.12 25.20
CA ILE I 130 36.42 -5.31 24.60
C ILE I 130 37.22 -5.66 23.36
N ARG I 131 37.48 -6.95 23.16
CA ARG I 131 38.12 -7.44 21.94
C ARG I 131 37.04 -7.94 21.00
N PHE I 132 36.53 -7.06 20.14
CA PHE I 132 35.47 -7.55 19.26
C PHE I 132 36.04 -8.46 18.18
N PRO I 133 35.52 -9.69 18.07
CA PRO I 133 35.95 -10.57 16.99
C PRO I 133 35.39 -10.11 15.65
N MET I 134 36.11 -10.48 14.59
CA MET I 134 35.71 -10.10 13.23
C MET I 134 34.36 -10.69 12.85
N ALA I 135 34.05 -11.90 13.30
CA ALA I 135 32.77 -12.52 12.95
C ALA I 135 31.59 -11.69 13.45
N PHE I 136 31.73 -11.06 14.61
CA PHE I 136 30.67 -10.20 15.13
C PHE I 136 30.70 -8.81 14.49
N ILE I 137 31.91 -8.30 14.17
CA ILE I 137 32.02 -6.98 13.56
C ILE I 137 31.38 -6.98 12.18
N LYS I 138 31.63 -8.03 11.39
CA LYS I 138 31.13 -8.09 10.02
C LYS I 138 29.61 -8.22 9.94
N THR I 139 28.94 -8.52 11.05
CA THR I 139 27.48 -8.54 11.07
C THR I 139 26.87 -7.19 11.43
N CYS I 140 27.60 -6.35 12.14
CA CYS I 140 27.14 -5.02 12.53
C CYS I 140 27.16 -4.07 11.33
N PRO I 141 26.22 -3.13 11.28
CA PRO I 141 26.20 -2.21 10.13
C PRO I 141 27.43 -1.32 10.05
N GLY I 142 27.82 -0.70 11.16
CA GLY I 142 28.94 0.22 11.17
C GLY I 142 28.53 1.60 10.72
N PRO I 143 29.51 2.49 10.52
CA PRO I 143 29.20 3.85 10.09
C PRO I 143 28.49 3.86 8.75
N PRO I 144 27.51 4.75 8.57
CA PRO I 144 26.81 4.81 7.27
C PRO I 144 27.67 5.34 6.16
N ASN I 145 28.51 6.35 6.42
CA ASN I 145 29.35 6.92 5.37
C ASN I 145 30.82 6.70 5.68
N GLY I 146 31.27 7.10 6.86
CA GLY I 146 32.68 7.08 7.21
C GLY I 146 33.30 8.47 7.08
N ILE I 147 34.60 8.52 7.33
CA ILE I 147 35.32 9.80 7.28
C ILE I 147 35.63 10.18 5.84
N CYS I 148 36.28 9.28 5.10
CA CYS I 148 36.69 9.59 3.73
C CYS I 148 35.50 9.86 2.82
N VAL I 149 34.44 9.06 2.94
CA VAL I 149 33.26 9.29 2.12
C VAL I 149 32.57 10.59 2.51
N GLU I 150 32.54 10.94 3.79
CA GLU I 150 31.99 12.23 4.19
C GLU I 150 32.77 13.37 3.57
N ARG I 151 34.10 13.31 3.62
CA ARG I 151 34.91 14.36 3.02
C ARG I 151 34.70 14.42 1.50
N ASP I 152 34.62 13.26 0.84
CA ASP I 152 34.42 13.25 -0.60
C ASP I 152 33.07 13.84 -0.98
N ARG I 153 32.02 13.49 -0.23
CA ARG I 153 30.69 14.02 -0.53
C ARG I 153 30.61 15.51 -0.26
N MET I 154 31.21 15.99 0.82
CA MET I 154 31.15 17.40 1.17
C MET I 154 32.25 18.22 0.51
N ASN I 155 33.24 17.58 -0.12
CA ASN I 155 34.31 18.26 -0.84
C ASN I 155 35.04 19.24 0.07
N LYS I 156 35.63 18.71 1.14
CA LYS I 156 36.49 19.46 2.04
C LYS I 156 37.67 18.58 2.39
N TYR I 157 38.88 19.02 2.05
CA TYR I 157 40.08 18.20 2.18
C TYR I 157 41.19 18.98 2.87
N GLY I 158 41.85 18.32 3.81
CA GLY I 158 43.08 18.83 4.38
C GLY I 158 42.94 19.81 5.53
N ARG I 159 41.80 19.86 6.19
CA ARG I 159 41.61 20.77 7.31
C ARG I 159 40.55 20.21 8.23
N PRO I 160 40.61 20.55 9.52
CA PRO I 160 39.48 20.23 10.40
C PRO I 160 38.29 21.13 10.10
N LEU I 161 37.09 20.54 10.21
CA LEU I 161 35.87 21.25 9.89
C LEU I 161 35.51 22.23 11.01
N LEU I 162 34.45 23.01 10.76
CA LEU I 162 34.01 24.04 11.69
C LEU I 162 32.59 23.74 12.14
N GLY I 163 32.29 24.12 13.39
CA GLY I 163 30.95 23.93 13.93
C GLY I 163 30.65 24.96 15.00
N CYS I 164 29.36 25.20 15.20
CA CYS I 164 28.90 26.15 16.19
C CYS I 164 27.62 25.66 16.82
N THR I 165 27.34 26.15 18.03
CA THR I 165 26.11 25.84 18.74
C THR I 165 25.29 27.12 18.87
N ILE I 166 24.05 27.07 18.39
CA ILE I 166 23.22 28.27 18.36
C ILE I 166 22.85 28.67 19.79
N LYS I 167 23.03 29.95 20.10
CA LYS I 167 22.68 30.53 21.39
C LYS I 167 21.81 31.75 21.19
N PRO I 168 20.77 31.94 22.02
CA PRO I 168 20.31 31.07 23.11
C PRO I 168 19.68 29.77 22.61
N LYS I 169 19.71 28.72 23.42
CA LYS I 169 19.10 27.46 23.00
C LYS I 169 17.58 27.57 22.95
N LEU I 170 16.96 28.12 23.99
CA LEU I 170 15.52 28.13 24.13
C LEU I 170 15.01 29.56 23.97
N GLY I 171 13.98 29.74 23.16
CA GLY I 171 13.33 31.02 23.04
C GLY I 171 13.14 31.52 21.62
N LEU I 172 14.10 31.23 20.75
CA LEU I 172 14.04 31.72 19.38
C LEU I 172 12.95 30.99 18.60
N SER I 173 12.14 31.75 17.88
CA SER I 173 11.12 31.17 17.02
C SER I 173 11.74 30.68 15.71
N GLY I 174 10.88 30.30 14.77
CA GLY I 174 11.36 29.79 13.49
C GLY I 174 12.13 30.84 12.69
N LYS I 175 11.62 32.06 12.62
CA LYS I 175 12.29 33.11 11.86
C LYS I 175 13.59 33.55 12.49
N ASN I 176 13.61 33.76 13.81
CA ASN I 176 14.84 34.22 14.46
C ASN I 176 15.92 33.13 14.45
N TYR I 177 15.53 31.86 14.55
CA TYR I 177 16.50 30.77 14.45
C TYR I 177 17.18 30.78 13.09
N GLY I 178 16.40 30.92 12.03
CA GLY I 178 16.97 31.02 10.70
C GLY I 178 17.81 32.27 10.52
N ARG I 179 17.41 33.38 11.15
CA ARG I 179 18.21 34.59 11.10
C ARG I 179 19.56 34.37 11.76
N VAL I 180 19.58 33.68 12.89
CA VAL I 180 20.82 33.45 13.62
C VAL I 180 21.74 32.48 12.87
N VAL I 181 21.20 31.37 12.36
CA VAL I 181 22.05 30.39 11.68
C VAL I 181 22.60 30.97 10.38
N TYR I 182 21.82 31.82 9.70
CA TYR I 182 22.27 32.40 8.45
C TYR I 182 23.51 33.26 8.64
N GLU I 183 23.60 33.96 9.77
CA GLU I 183 24.76 34.83 10.01
C GLU I 183 26.02 34.02 10.29
N CYS I 184 25.89 32.93 11.03
CA CYS I 184 27.07 32.10 11.32
C CYS I 184 27.59 31.41 10.07
N LEU I 185 26.69 30.95 9.20
CA LEU I 185 27.11 30.24 8.00
C LEU I 185 27.88 31.16 7.05
N ARG I 186 27.42 32.40 6.90
CA ARG I 186 28.01 33.32 5.93
C ARG I 186 29.33 33.94 6.40
N GLY I 187 29.92 33.46 7.48
CA GLY I 187 31.15 34.04 7.98
C GLY I 187 32.36 33.14 7.84
N GLY I 188 32.14 31.90 7.40
CA GLY I 188 33.25 30.97 7.22
C GLY I 188 32.98 29.59 7.78
N LEU I 189 32.01 29.47 8.68
CA LEU I 189 31.67 28.18 9.24
C LEU I 189 30.93 27.32 8.21
N ASP I 190 30.80 26.04 8.53
CA ASP I 190 30.09 25.10 7.67
C ASP I 190 29.16 24.15 8.42
N PHE I 191 29.04 24.27 9.74
CA PHE I 191 28.07 23.48 10.50
C PHE I 191 27.47 24.34 11.61
N THR I 192 26.19 24.09 11.88
CA THR I 192 25.50 24.62 13.04
C THR I 192 24.69 23.50 13.67
N LYS I 193 24.68 23.46 15.00
CA LYS I 193 24.16 22.33 15.75
C LYS I 193 22.85 22.68 16.45
N ASP I 194 21.78 22.01 16.04
CA ASP I 194 20.54 22.08 16.81
C ASP I 194 20.74 21.38 18.14
N ASP I 195 20.50 22.10 19.24
CA ASP I 195 20.84 21.59 20.55
C ASP I 195 19.93 20.44 20.95
N GLU I 196 20.40 19.65 21.92
CA GLU I 196 19.62 18.51 22.41
C GLU I 196 18.32 18.96 23.07
N ASN I 197 18.29 20.19 23.59
CA ASN I 197 17.09 20.68 24.26
C ASN I 197 15.95 20.91 23.28
N ILE I 198 16.26 21.02 21.99
CA ILE I 198 15.28 21.43 20.99
C ILE I 198 14.78 20.18 20.25
N ASN I 199 13.62 19.67 20.64
CA ASN I 199 12.98 18.61 19.87
C ASN I 199 11.66 19.11 19.29
N SER I 200 10.75 19.54 20.16
CA SER I 200 9.51 20.20 19.73
C SER I 200 8.96 21.05 20.86
N GLN I 201 9.17 22.36 20.82
CA GLN I 201 8.72 23.22 21.89
C GLN I 201 7.46 23.98 21.48
N PRO I 202 6.64 24.37 22.46
CA PRO I 202 5.43 25.14 22.12
C PRO I 202 5.71 26.44 21.41
N PHE I 203 6.81 27.12 21.74
CA PHE I 203 7.15 28.37 21.08
C PHE I 203 7.81 28.18 19.72
N GLN I 204 8.26 26.96 19.41
CA GLN I 204 8.93 26.70 18.13
C GLN I 204 8.78 25.23 17.74
N ARG I 205 7.86 24.94 16.82
CA ARG I 205 7.67 23.58 16.35
C ARG I 205 8.76 23.17 15.38
N TRP I 206 8.97 21.86 15.26
CA TRP I 206 9.96 21.33 14.33
C TRP I 206 9.58 21.58 12.87
N GLN I 207 8.29 21.47 12.53
CA GLN I 207 7.86 21.76 11.16
C GLN I 207 8.17 23.19 10.74
N ASN I 208 8.30 24.12 11.69
CA ASN I 208 8.67 25.49 11.38
C ASN I 208 10.17 25.71 11.42
N ARG I 209 10.87 25.05 12.36
CA ARG I 209 12.31 25.14 12.40
C ARG I 209 12.95 24.43 11.21
N PHE I 210 12.39 23.30 10.80
CA PHE I 210 12.98 22.53 9.70
C PHE I 210 12.95 23.31 8.40
N GLU I 211 11.81 23.95 8.10
CA GLU I 211 11.64 24.61 6.82
C GLU I 211 12.38 25.93 6.73
N PHE I 212 12.50 26.67 7.83
CA PHE I 212 13.17 27.96 7.78
C PHE I 212 14.68 27.87 7.90
N VAL I 213 15.21 26.81 8.52
CA VAL I 213 16.65 26.59 8.49
C VAL I 213 17.07 26.13 7.10
N ALA I 214 16.13 25.57 6.32
CA ALA I 214 16.43 25.19 4.95
C ALA I 214 16.71 26.39 4.07
N GLU I 215 15.94 27.48 4.22
CA GLU I 215 16.19 28.70 3.47
C GLU I 215 17.50 29.36 3.85
N ALA I 216 17.81 29.42 5.14
CA ALA I 216 19.05 30.07 5.58
C ALA I 216 20.29 29.34 5.06
N VAL I 217 20.28 28.01 5.08
CA VAL I 217 21.41 27.25 4.57
C VAL I 217 21.58 27.47 3.07
N ALA I 218 20.48 27.41 2.32
CA ALA I 218 20.57 27.54 0.88
C ALA I 218 20.84 28.98 0.43
N LEU I 219 20.35 29.97 1.18
CA LEU I 219 20.56 31.36 0.82
C LEU I 219 22.00 31.82 1.01
N ALA I 220 22.68 31.31 2.04
CA ALA I 220 24.08 31.65 2.26
C ALA I 220 25.04 30.71 1.53
N GLN I 221 24.58 29.53 1.12
CA GLN I 221 25.45 28.59 0.43
C GLN I 221 25.94 29.15 -0.90
N GLN I 222 25.05 29.76 -1.69
CA GLN I 222 25.44 30.26 -3.00
C GLN I 222 26.26 31.54 -2.90
N GLU I 223 26.14 32.29 -1.80
CA GLU I 223 26.88 33.54 -1.66
C GLU I 223 28.32 33.31 -1.23
N THR I 224 28.64 32.11 -0.73
CA THR I 224 29.99 31.80 -0.29
C THR I 224 30.72 30.87 -1.24
N GLY I 225 30.01 30.00 -1.94
CA GLY I 225 30.64 29.06 -2.84
C GLY I 225 31.11 27.77 -2.21
N GLU I 226 30.63 27.44 -1.01
CA GLU I 226 31.00 26.23 -0.32
C GLU I 226 29.75 25.49 0.12
N LYS I 227 29.88 24.17 0.29
CA LYS I 227 28.79 23.36 0.77
C LYS I 227 28.72 23.44 2.30
N LYS I 228 27.54 23.80 2.80
CA LYS I 228 27.33 23.98 4.23
C LYS I 228 26.22 23.05 4.70
N GLY I 229 26.16 22.85 6.02
CA GLY I 229 25.19 21.95 6.60
C GLY I 229 24.74 22.45 7.96
N HIS I 230 23.70 21.81 8.46
CA HIS I 230 23.10 22.19 9.74
C HIS I 230 22.45 20.96 10.34
N TYR I 231 22.95 20.50 11.48
CA TYR I 231 22.38 19.33 12.14
C TYR I 231 20.95 19.65 12.60
N LEU I 232 20.01 18.82 12.21
CA LEU I 232 18.62 18.96 12.67
C LEU I 232 18.34 17.88 13.70
N ASN I 233 17.88 18.30 14.88
CA ASN I 233 17.60 17.36 15.95
C ASN I 233 16.35 16.55 15.59
N CYS I 234 16.52 15.26 15.33
CA CYS I 234 15.43 14.39 14.93
C CYS I 234 15.09 13.35 16.01
N THR I 235 15.54 13.56 17.24
CA THR I 235 15.18 12.67 18.32
C THR I 235 13.71 12.86 18.66
N ALA I 236 13.01 11.75 18.93
CA ALA I 236 11.58 11.77 19.16
C ALA I 236 11.26 10.75 20.24
N ALA I 237 10.02 10.83 20.77
CA ALA I 237 9.54 9.86 21.73
C ALA I 237 9.12 8.55 21.09
N THR I 238 9.00 8.50 19.77
CA THR I 238 8.52 7.35 19.03
C THR I 238 9.25 7.25 17.71
N PRO I 239 9.65 6.04 17.30
CA PRO I 239 10.30 5.89 15.99
C PRO I 239 9.41 6.32 14.84
N GLU I 240 8.08 6.23 14.98
CA GLU I 240 7.20 6.68 13.92
C GLU I 240 7.33 8.18 13.68
N GLU I 241 7.42 8.97 14.75
CA GLU I 241 7.58 10.41 14.62
C GLU I 241 9.00 10.78 14.19
N MET I 242 9.99 10.04 14.67
CA MET I 242 11.38 10.31 14.34
C MET I 242 11.65 10.09 12.85
N TYR I 243 11.15 8.99 12.29
CA TYR I 243 11.29 8.77 10.85
C TYR I 243 10.54 9.81 10.04
N GLU I 244 9.44 10.33 10.58
CA GLU I 244 8.75 11.43 9.91
C GLU I 244 9.65 12.65 9.78
N ARG I 245 10.36 13.00 10.86
CA ARG I 245 11.30 14.12 10.80
C ARG I 245 12.44 13.82 9.84
N ALA I 246 12.90 12.57 9.81
CA ALA I 246 13.95 12.19 8.87
C ALA I 246 13.50 12.38 7.42
N GLU I 247 12.29 11.92 7.09
CA GLU I 247 11.76 12.10 5.75
C GLU I 247 11.53 13.57 5.41
N PHE I 248 11.04 14.36 6.36
CA PHE I 248 10.85 15.79 6.10
C PHE I 248 12.18 16.49 5.86
N ALA I 249 13.22 16.07 6.58
CA ALA I 249 14.56 16.59 6.31
C ALA I 249 15.05 16.17 4.92
N LYS I 250 14.74 14.95 4.51
CA LYS I 250 15.11 14.52 3.15
C LYS I 250 14.40 15.34 2.09
N GLU I 251 13.10 15.60 2.27
CA GLU I 251 12.36 16.35 1.26
C GLU I 251 12.90 17.77 1.10
N LEU I 252 13.40 18.36 2.18
CA LEU I 252 14.05 19.66 2.12
C LEU I 252 15.46 19.59 1.54
N GLY I 253 16.06 18.40 1.49
CA GLY I 253 17.38 18.25 0.90
C GLY I 253 18.54 18.59 1.81
N GLN I 254 18.34 18.56 3.13
CA GLN I 254 19.47 18.84 4.01
C GLN I 254 20.47 17.69 3.99
N PRO I 255 21.76 17.99 4.17
CA PRO I 255 22.79 16.95 4.01
C PRO I 255 23.05 16.12 5.26
N ILE I 256 22.81 16.67 6.44
CA ILE I 256 23.21 16.03 7.69
C ILE I 256 22.14 16.22 8.75
N ILE I 257 21.98 15.21 9.61
CA ILE I 257 20.97 15.22 10.67
C ILE I 257 21.64 14.90 12.00
N MET I 258 20.85 14.94 13.08
CA MET I 258 21.38 14.79 14.43
C MET I 258 20.48 13.86 15.22
N HIS I 259 21.07 13.14 16.17
CA HIS I 259 20.33 12.20 16.99
C HIS I 259 21.05 11.99 18.32
N ASP I 260 20.27 11.68 19.36
CA ASP I 260 20.78 11.44 20.70
C ASP I 260 20.70 9.94 20.99
N TYR I 261 21.86 9.28 21.04
CA TYR I 261 21.85 7.82 21.05
C TYR I 261 21.71 7.23 22.45
N ILE I 262 22.32 7.84 23.47
CA ILE I 262 22.22 7.28 24.82
C ILE I 262 20.80 7.47 25.36
N THR I 263 20.23 8.65 25.17
CA THR I 263 18.87 8.93 25.64
C THR I 263 17.81 8.38 24.70
N GLY I 264 18.20 7.95 23.50
CA GLY I 264 17.27 7.36 22.56
C GLY I 264 17.34 5.86 22.42
N GLY I 265 18.35 5.22 22.99
CA GLY I 265 18.48 3.78 22.92
C GLY I 265 19.23 3.33 21.68
N PHE I 266 20.04 2.28 21.87
CA PHE I 266 20.79 1.72 20.76
C PHE I 266 19.86 1.15 19.68
N THR I 267 18.66 0.69 20.06
CA THR I 267 17.72 0.21 19.07
C THR I 267 17.33 1.31 18.09
N ALA I 268 16.93 2.47 18.62
CA ALA I 268 16.59 3.59 17.74
C ALA I 268 17.82 4.12 17.01
N ASN I 269 18.98 4.11 17.68
CA ASN I 269 20.20 4.58 17.03
C ASN I 269 20.54 3.72 15.81
N THR I 270 20.44 2.40 15.94
CA THR I 270 20.66 1.51 14.80
C THR I 270 19.55 1.65 13.76
N GLY I 271 18.32 1.89 14.20
CA GLY I 271 17.25 2.12 13.24
C GLY I 271 17.51 3.34 12.36
N LEU I 272 18.04 4.41 12.97
CA LEU I 272 18.41 5.57 12.17
C LEU I 272 19.65 5.30 11.31
N SER I 273 20.59 4.51 11.84
CA SER I 273 21.81 4.20 11.09
C SER I 273 21.50 3.44 9.81
N LYS I 274 20.61 2.45 9.88
CA LYS I 274 20.21 1.71 8.69
C LYS I 274 19.30 2.51 7.77
N TRP I 275 18.75 3.63 8.25
CA TRP I 275 17.91 4.46 7.39
C TRP I 275 18.74 5.45 6.57
N CYS I 276 19.79 6.01 7.18
CA CYS I 276 20.63 6.97 6.49
C CYS I 276 21.41 6.36 5.34
N ARG I 277 21.93 5.15 5.51
CA ARG I 277 22.70 4.50 4.45
C ARG I 277 21.85 4.25 3.21
N LYS I 278 20.60 3.81 3.39
CA LYS I 278 19.71 3.63 2.26
C LYS I 278 19.27 4.95 1.65
N ASN I 279 19.48 6.07 2.35
CA ASN I 279 19.08 7.38 1.88
C ASN I 279 20.25 8.33 1.68
N GLY I 280 21.47 7.91 1.97
CA GLY I 280 22.65 8.71 1.69
C GLY I 280 22.77 10.01 2.46
N MET I 281 22.64 9.96 3.78
CA MET I 281 22.79 11.12 4.63
C MET I 281 23.92 10.91 5.64
N LEU I 282 24.42 12.02 6.17
CA LEU I 282 25.40 12.01 7.24
C LEU I 282 24.71 12.18 8.58
N LEU I 283 25.21 11.46 9.59
CA LEU I 283 24.54 11.34 10.87
C LEU I 283 25.46 11.87 11.97
N HIS I 284 24.91 12.70 12.85
CA HIS I 284 25.63 13.27 13.98
C HIS I 284 25.05 12.73 15.28
N ILE I 285 25.91 12.47 16.26
CA ILE I 285 25.53 11.84 17.52
C ILE I 285 25.99 12.70 18.67
N HIS I 286 25.11 12.91 19.65
CA HIS I 286 25.42 13.63 20.88
C HIS I 286 25.38 12.67 22.06
N ARG I 287 26.40 12.73 22.90
CA ARG I 287 26.55 11.83 24.04
C ARG I 287 25.94 12.43 25.31
N ALA I 288 24.64 12.64 25.26
CA ALA I 288 23.92 13.16 26.43
C ALA I 288 23.91 12.13 27.56
N MET I 289 23.88 12.61 28.80
CA MET I 289 23.75 11.78 29.99
C MET I 289 24.99 10.91 30.21
N HIS I 290 26.00 11.07 29.34
CA HIS I 290 27.19 10.22 29.40
C HIS I 290 27.94 10.33 30.71
N ALA I 291 27.92 11.50 31.36
CA ALA I 291 28.64 11.68 32.60
C ALA I 291 28.04 10.89 33.76
N VAL I 292 26.80 10.41 33.63
CA VAL I 292 26.19 9.61 34.67
C VAL I 292 26.95 8.28 34.84
N ILE I 293 27.35 7.67 33.73
CA ILE I 293 27.95 6.35 33.75
C ILE I 293 29.47 6.42 33.71
N ASP I 294 30.03 7.41 33.02
CA ASP I 294 31.45 7.44 32.72
C ASP I 294 32.29 8.20 33.75
N ARG I 295 31.72 9.19 34.43
CA ARG I 295 32.53 10.18 35.15
C ARG I 295 33.40 9.56 36.24
N HIS I 296 32.86 8.66 37.04
CA HIS I 296 33.62 8.29 38.22
C HIS I 296 34.54 7.10 37.92
N PRO I 297 35.71 7.02 38.57
CA PRO I 297 36.73 6.05 38.13
C PRO I 297 36.54 4.64 38.65
N LYS I 298 35.54 4.37 39.50
CA LYS I 298 35.31 3.02 39.99
C LYS I 298 33.91 2.52 39.74
N HIS I 299 33.00 3.36 39.26
CA HIS I 299 31.62 2.97 39.01
C HIS I 299 31.28 3.20 37.55
N GLY I 300 30.38 2.38 37.03
CA GLY I 300 29.87 2.54 35.68
C GLY I 300 30.76 1.96 34.61
N ILE I 301 30.57 2.47 33.40
CA ILE I 301 31.23 1.97 32.19
C ILE I 301 32.06 3.09 31.59
N HIS I 302 33.29 2.75 31.23
CA HIS I 302 34.16 3.71 30.54
C HIS I 302 33.54 4.13 29.21
N PHE I 303 33.76 5.40 28.85
CA PHE I 303 33.24 5.92 27.59
C PHE I 303 33.88 5.23 26.38
N ARG I 304 35.06 4.64 26.56
CA ARG I 304 35.70 3.90 25.48
C ARG I 304 34.84 2.73 25.03
N VAL I 305 34.24 2.01 25.99
CA VAL I 305 33.32 0.94 25.66
C VAL I 305 32.15 1.48 24.85
N LEU I 306 31.57 2.59 25.32
CA LEU I 306 30.53 3.29 24.57
C LEU I 306 31.00 3.80 23.23
N ALA I 307 32.27 4.22 23.10
CA ALA I 307 32.79 4.63 21.81
C ALA I 307 32.82 3.47 20.82
N LYS I 308 33.30 2.30 21.27
CA LYS I 308 33.29 1.13 20.40
C LYS I 308 31.87 0.74 20.01
N CYS I 309 30.96 0.73 20.98
CA CYS I 309 29.58 0.37 20.70
C CYS I 309 28.92 1.35 19.75
N LEU I 310 29.25 2.64 19.85
CA LEU I 310 28.70 3.63 18.94
C LEU I 310 29.26 3.45 17.54
N ARG I 311 30.57 3.21 17.43
CA ARG I 311 31.16 3.01 16.10
C ARG I 311 30.58 1.78 15.42
N LEU I 312 30.34 0.70 16.18
CA LEU I 312 29.67 -0.46 15.58
C LEU I 312 28.22 -0.16 15.23
N SER I 313 27.52 0.58 16.09
CA SER I 313 26.10 0.84 15.86
C SER I 313 25.88 1.75 14.66
N GLY I 314 26.59 2.87 14.59
CA GLY I 314 26.46 3.79 13.48
C GLY I 314 26.81 5.20 13.93
N GLY I 315 26.46 6.15 13.06
CA GLY I 315 26.76 7.54 13.33
C GLY I 315 28.11 7.97 12.78
N ASP I 316 28.11 8.98 11.92
CA ASP I 316 29.33 9.45 11.29
C ASP I 316 30.11 10.46 12.13
N GLN I 317 29.50 11.02 13.16
CA GLN I 317 30.15 12.00 14.01
C GLN I 317 29.66 11.84 15.45
N LEU I 318 30.62 11.75 16.37
CA LEU I 318 30.33 11.52 17.77
C LEU I 318 31.12 12.51 18.62
N HIS I 319 30.48 13.06 19.66
CA HIS I 319 31.15 13.98 20.55
C HIS I 319 32.26 13.27 21.32
N THR I 320 33.35 13.97 21.56
CA THR I 320 34.42 13.45 22.41
C THR I 320 34.58 14.33 23.64
N GLY I 321 34.68 15.65 23.43
CA GLY I 321 34.74 16.64 24.48
C GLY I 321 35.85 16.42 25.50
N THR I 322 35.82 17.26 26.53
CA THR I 322 34.88 18.37 26.66
C THR I 322 35.63 19.69 26.49
N VAL I 323 36.97 19.57 26.45
CA VAL I 323 37.89 20.65 26.10
C VAL I 323 37.60 21.93 26.88
N VAL I 324 37.54 21.82 28.21
CA VAL I 324 37.65 23.03 29.04
C VAL I 324 38.51 22.71 30.27
N GLY I 325 39.80 23.02 30.18
CA GLY I 325 40.48 23.36 28.94
C GLY I 325 40.69 22.10 28.12
N LYS I 326 40.64 20.96 28.80
CA LYS I 326 40.57 19.66 28.16
C LYS I 326 39.97 18.69 29.16
N LEU I 327 39.37 17.61 28.64
CA LEU I 327 38.78 16.60 29.52
C LEU I 327 39.85 15.92 30.36
N GLU I 328 40.96 15.54 29.74
CA GLU I 328 42.13 14.96 30.41
C GLU I 328 41.85 13.56 30.94
N ASP I 330 42.85 12.68 30.90
CA ASP I 330 44.19 12.95 30.40
C ASP I 330 44.27 12.80 28.89
N ARG I 331 45.27 13.45 28.28
CA ARG I 331 45.48 13.34 26.85
C ARG I 331 45.78 11.90 26.42
N GLN I 332 46.51 11.15 27.26
CA GLN I 332 46.80 9.76 26.93
C GLN I 332 45.52 8.94 26.86
N THR I 333 44.56 9.22 27.75
CA THR I 333 43.31 8.47 27.75
C THR I 333 42.43 8.87 26.56
N THR I 334 42.33 10.18 26.28
CA THR I 334 41.49 10.62 25.18
C THR I 334 41.99 10.07 23.85
N LEU I 335 43.30 10.15 23.60
CA LEU I 335 43.86 9.50 22.43
C LEU I 335 43.75 7.98 22.50
N GLY I 336 43.50 7.44 23.69
CA GLY I 336 43.30 6.00 23.81
C GLY I 336 42.10 5.51 23.04
N PHE I 337 40.98 6.22 23.15
CA PHE I 337 39.76 5.84 22.44
C PHE I 337 39.52 6.68 21.20
N ILE I 338 40.33 7.72 20.96
CA ILE I 338 40.23 8.44 19.70
C ILE I 338 40.76 7.59 18.55
N ASP I 339 41.85 6.86 18.79
CA ASP I 339 42.38 5.96 17.77
C ASP I 339 41.39 4.85 17.45
N GLN I 340 40.64 4.39 18.46
CA GLN I 340 39.61 3.39 18.22
C GLN I 340 38.45 3.94 17.40
N LEU I 341 38.27 5.25 17.37
CA LEU I 341 37.21 5.86 16.59
C LEU I 341 37.63 6.23 15.17
N ARG I 342 38.92 6.14 14.86
CA ARG I 342 39.43 6.58 13.57
C ARG I 342 40.25 5.53 12.84
N GLU I 343 41.01 4.71 13.56
CA GLU I 343 41.89 3.75 12.91
C GLU I 343 41.12 2.48 12.53
N SER I 344 41.79 1.63 11.75
CA SER I 344 41.26 0.33 11.39
C SER I 344 41.86 -0.81 12.21
N PHE I 345 43.05 -0.60 12.77
CA PHE I 345 43.65 -1.54 13.71
C PHE I 345 44.40 -0.74 14.76
N ILE I 346 44.04 -0.97 16.02
CA ILE I 346 44.58 -0.23 17.15
C ILE I 346 45.39 -1.20 18.01
N PRO I 347 46.72 -1.05 18.11
CA PRO I 347 47.51 -1.98 18.91
C PRO I 347 47.26 -1.82 20.41
N GLU I 348 47.81 -2.72 21.21
CA GLU I 348 47.64 -2.70 22.66
C GLU I 348 48.61 -1.69 23.26
N ASP I 349 48.16 -0.97 24.28
CA ASP I 349 48.98 0.00 24.99
C ASP I 349 48.35 0.30 26.34
N ARG I 350 49.08 0.02 27.42
CA ARG I 350 48.57 0.31 28.76
C ARG I 350 48.64 1.79 29.11
N SER I 351 49.59 2.54 28.55
CA SER I 351 49.65 3.97 28.82
C SER I 351 48.40 4.68 28.31
N ARG I 352 47.95 4.33 27.10
CA ARG I 352 46.69 4.83 26.57
C ARG I 352 45.51 3.92 26.89
N GLY I 353 45.74 2.84 27.64
CA GLY I 353 44.65 1.99 28.08
C GLY I 353 44.08 1.07 27.03
N ASN I 354 44.86 0.71 26.01
CA ASN I 354 44.43 -0.24 25.00
C ASN I 354 44.81 -1.64 25.48
N PHE I 355 43.85 -2.33 26.10
CA PHE I 355 44.10 -3.64 26.67
C PHE I 355 44.10 -4.76 25.65
N PHE I 356 43.39 -4.60 24.52
CA PHE I 356 43.23 -5.66 23.55
C PHE I 356 43.67 -5.19 22.18
N ASP I 357 44.22 -6.12 21.40
CA ASP I 357 44.60 -5.84 20.02
C ASP I 357 43.34 -5.74 19.18
N GLN I 358 42.84 -4.53 18.99
CA GLN I 358 41.55 -4.29 18.36
C GLN I 358 41.74 -4.09 16.87
N ASP I 359 41.13 -4.98 16.07
CA ASP I 359 41.17 -4.90 14.61
C ASP I 359 39.77 -4.69 14.09
N TRP I 360 39.60 -3.69 13.21
CA TRP I 360 38.32 -3.41 12.57
C TRP I 360 38.28 -3.86 11.12
N GLY I 361 39.40 -4.33 10.57
CA GLY I 361 39.44 -4.75 9.19
C GLY I 361 39.30 -3.60 8.20
N SER I 362 38.18 -3.57 7.48
CA SER I 362 37.91 -2.54 6.48
C SER I 362 36.76 -1.63 6.90
N MET I 363 36.44 -1.61 8.19
CA MET I 363 35.34 -0.79 8.68
C MET I 363 35.76 0.68 8.69
N PRO I 364 34.97 1.58 8.10
CA PRO I 364 35.34 3.00 8.09
C PRO I 364 35.33 3.60 9.49
N GLY I 365 36.11 4.67 9.65
CA GLY I 365 36.21 5.35 10.92
C GLY I 365 35.12 6.39 11.12
N VAL I 366 35.19 7.04 12.29
CA VAL I 366 34.23 8.06 12.69
C VAL I 366 35.00 9.31 13.07
N PHE I 367 34.45 10.47 12.72
CA PHE I 367 35.09 11.74 13.07
C PHE I 367 35.11 11.93 14.57
N ALA I 368 36.17 12.57 15.06
CA ALA I 368 36.32 12.89 16.48
C ALA I 368 35.94 14.36 16.67
N VAL I 369 34.87 14.61 17.40
CA VAL I 369 34.31 15.95 17.53
C VAL I 369 34.72 16.55 18.87
N ALA I 370 35.35 17.71 18.84
CA ALA I 370 35.72 18.46 20.03
C ALA I 370 34.84 19.69 20.17
N SER I 371 34.36 19.91 21.39
CA SER I 371 33.45 21.02 21.66
C SER I 371 33.67 21.50 23.09
N GLY I 372 32.69 22.25 23.61
CA GLY I 372 32.73 22.72 24.97
C GLY I 372 33.46 24.03 25.20
N GLY I 373 33.05 25.08 24.48
CA GLY I 373 33.52 26.42 24.76
C GLY I 373 34.93 26.74 24.32
N ILE I 374 35.28 26.48 23.07
CA ILE I 374 36.62 26.80 22.57
C ILE I 374 36.67 28.26 22.17
N HIS I 375 37.75 28.94 22.54
CA HIS I 375 37.97 30.32 22.16
C HIS I 375 39.25 30.41 21.34
N VAL I 376 39.57 31.62 20.87
CA VAL I 376 40.53 31.78 19.78
C VAL I 376 41.95 31.34 20.14
N TRP I 377 42.33 31.39 21.42
CA TRP I 377 43.67 30.98 21.80
C TRP I 377 43.80 29.48 22.03
N HIS I 378 42.70 28.73 21.96
CA HIS I 378 42.76 27.28 22.07
C HIS I 378 43.07 26.58 20.75
N MET I 379 42.98 27.30 19.62
CA MET I 379 43.27 26.67 18.33
C MET I 379 44.68 26.10 18.24
N PRO I 380 45.74 26.79 18.68
CA PRO I 380 47.09 26.20 18.56
C PRO I 380 47.26 24.88 19.30
N ALA I 381 46.50 24.63 20.36
CA ALA I 381 46.60 23.38 21.09
C ALA I 381 45.56 22.36 20.66
N LEU I 382 44.43 22.81 20.14
CA LEU I 382 43.36 21.92 19.67
C LEU I 382 43.74 21.09 18.47
N VAL I 383 44.50 21.66 17.52
CA VAL I 383 44.81 20.93 16.29
C VAL I 383 45.99 19.99 16.48
N ALA I 384 46.90 20.30 17.41
CA ALA I 384 48.08 19.46 17.59
C ALA I 384 47.76 18.10 18.19
N ILE I 385 46.53 17.92 18.68
CA ILE I 385 46.15 16.65 19.30
C ILE I 385 45.12 15.89 18.47
N PHE I 386 44.08 16.58 18.00
CA PHE I 386 43.00 15.93 17.26
C PHE I 386 43.32 15.73 15.78
N GLY I 387 44.24 16.50 15.22
CA GLY I 387 44.56 16.36 13.81
C GLY I 387 43.55 17.05 12.93
N ASP I 388 43.58 16.70 11.64
CA ASP I 388 42.67 17.28 10.67
C ASP I 388 41.35 16.54 10.56
N ASP I 389 41.31 15.27 10.98
CA ASP I 389 40.07 14.49 10.97
C ASP I 389 39.27 14.76 12.25
N SER I 390 38.88 16.02 12.42
CA SER I 390 38.16 16.45 13.62
C SER I 390 37.24 17.60 13.27
N VAL I 391 36.28 17.86 14.15
CA VAL I 391 35.33 18.96 14.02
C VAL I 391 35.37 19.76 15.31
N LEU I 392 35.49 21.08 15.19
CA LEU I 392 35.53 21.99 16.32
C LEU I 392 34.19 22.70 16.42
N GLN I 393 33.55 22.62 17.59
CA GLN I 393 32.24 23.19 17.81
C GLN I 393 32.31 24.12 19.02
N PHE I 394 32.17 25.42 18.78
CA PHE I 394 32.23 26.42 19.83
C PHE I 394 30.84 26.65 20.42
N GLY I 395 30.82 27.10 21.66
CA GLY I 395 29.57 27.49 22.30
C GLY I 395 29.26 28.95 22.12
N GLY I 396 30.23 29.80 22.48
CA GLY I 396 30.07 31.24 22.32
C GLY I 396 31.20 31.88 21.55
N GLY I 397 32.10 31.05 21.02
CA GLY I 397 33.25 31.58 20.30
C GLY I 397 32.87 32.36 19.06
N THR I 398 31.84 31.90 18.35
CA THR I 398 31.38 32.61 17.16
C THR I 398 30.44 33.76 17.53
N HIS I 399 29.56 33.53 18.49
CA HIS I 399 28.55 34.53 18.84
C HIS I 399 29.12 35.64 19.72
N GLY I 400 30.22 35.37 20.42
CA GLY I 400 30.76 36.32 21.38
C GLY I 400 31.58 37.43 20.78
N HIS I 401 31.42 37.68 19.49
CA HIS I 401 32.18 38.78 18.88
C HIS I 401 31.38 40.07 18.99
N PRO I 402 32.01 41.16 19.45
CA PRO I 402 31.29 42.44 19.61
C PRO I 402 30.65 42.94 18.33
N TRP I 403 31.23 42.59 17.18
CA TRP I 403 30.72 43.01 15.89
C TRP I 403 29.58 42.14 15.38
N GLY I 404 29.24 41.07 16.09
CA GLY I 404 28.16 40.19 15.72
C GLY I 404 28.66 38.78 15.52
N SER I 405 27.71 37.88 15.21
CA SER I 405 28.03 36.48 15.02
C SER I 405 28.53 36.15 13.62
N ALA I 406 28.46 37.11 12.68
CA ALA I 406 28.95 36.89 11.33
C ALA I 406 30.44 37.18 11.20
N ALA I 407 30.91 38.26 11.84
CA ALA I 407 32.32 38.58 11.80
C ALA I 407 33.15 37.66 12.68
N GLY I 408 32.56 37.08 13.73
CA GLY I 408 33.29 36.16 14.58
C GLY I 408 33.71 34.90 13.84
N ALA I 409 32.86 34.43 12.93
CA ALA I 409 33.19 33.22 12.18
C ALA I 409 34.45 33.39 11.35
N ALA I 410 34.63 34.55 10.71
CA ALA I 410 35.86 34.82 10.00
C ALA I 410 37.07 34.84 10.92
N ALA I 411 36.89 35.27 12.17
CA ALA I 411 37.98 35.26 13.14
C ALA I 411 38.41 33.85 13.52
N ASN I 412 37.49 32.88 13.51
CA ASN I 412 37.86 31.50 13.76
C ASN I 412 38.44 30.86 12.51
N ARG I 413 37.83 31.09 11.35
CA ARG I 413 38.33 30.50 10.12
C ARG I 413 39.75 30.97 9.80
N VAL I 414 40.03 32.26 10.02
CA VAL I 414 41.38 32.77 9.75
C VAL I 414 42.38 32.17 10.72
N ALA I 415 42.00 32.03 12.00
CA ALA I 415 42.90 31.49 13.00
C ALA I 415 43.29 30.04 12.73
N LEU I 416 42.34 29.21 12.31
CA LEU I 416 42.65 27.80 12.09
C LEU I 416 43.48 27.62 10.82
N GLU I 417 43.14 28.36 9.76
CA GLU I 417 43.89 28.22 8.51
C GLU I 417 45.35 28.59 8.68
N ALA I 418 45.65 29.67 9.39
CA ALA I 418 47.03 29.97 9.74
C ALA I 418 47.63 28.86 10.58
N CYS I 419 46.86 28.28 11.50
CA CYS I 419 47.35 27.19 12.33
C CYS I 419 47.77 25.98 11.51
N VAL I 420 46.90 25.50 10.61
CA VAL I 420 47.26 24.33 9.81
C VAL I 420 48.40 24.68 8.86
N LYS I 421 48.32 25.84 8.21
CA LYS I 421 49.38 26.21 7.27
C LYS I 421 50.73 26.34 7.98
N ALA I 422 50.73 26.65 9.28
CA ALA I 422 51.95 26.56 10.07
C ALA I 422 52.31 25.14 10.44
N ARG I 423 51.32 24.25 10.56
CA ARG I 423 51.61 22.86 10.90
C ARG I 423 52.30 22.13 9.76
N ASN I 424 51.82 22.32 8.53
CA ASN I 424 52.43 21.62 7.40
C ASN I 424 53.83 22.15 7.12
N ALA I 425 54.10 23.38 7.52
CA ALA I 425 55.39 24.02 7.25
C ALA I 425 56.47 23.48 8.17
N GLY I 426 56.11 22.55 9.07
CA GLY I 426 57.04 21.99 10.02
C GLY I 426 57.24 22.79 11.29
N ARG I 427 56.50 23.89 11.46
CA ARG I 427 56.58 24.67 12.68
C ARG I 427 55.90 23.93 13.83
N GLU I 428 56.17 24.40 15.04
CA GLU I 428 55.53 23.88 16.25
C GLU I 428 54.34 24.78 16.56
N ILE I 429 53.15 24.35 16.15
CA ILE I 429 51.96 25.19 16.35
C ILE I 429 51.66 25.35 17.83
N GLU I 430 51.79 24.28 18.61
CA GLU I 430 51.55 24.32 20.05
C GLU I 430 52.59 25.15 20.79
N LYS I 431 53.73 25.45 20.17
CA LYS I 431 54.80 26.21 20.79
C LYS I 431 54.87 27.66 20.34
N GLU I 432 54.61 27.94 19.06
CA GLU I 432 54.61 29.31 18.53
C GLU I 432 53.20 29.85 18.36
N SER I 433 52.33 29.61 19.34
CA SER I 433 50.93 30.06 19.25
C SER I 433 50.81 31.54 19.01
N ARG I 434 51.51 32.36 19.79
CA ARG I 434 51.42 33.80 19.61
C ARG I 434 52.02 34.26 18.29
N ASP I 435 53.15 33.67 17.88
CA ASP I 435 53.79 34.03 16.62
C ASP I 435 52.97 33.66 15.40
N ILE I 436 52.06 32.69 15.49
CA ILE I 436 51.21 32.36 14.36
C ILE I 436 49.87 33.07 14.43
N LEU I 437 49.37 33.36 15.63
CA LEU I 437 48.12 34.10 15.79
C LEU I 437 48.27 35.58 15.48
N MET I 438 49.35 36.20 15.92
CA MET I 438 49.52 37.64 15.73
C MET I 438 49.84 37.98 14.27
N GLU I 439 50.73 37.22 13.63
CA GLU I 439 51.06 37.47 12.25
C GLU I 439 49.89 37.23 11.30
N ALA I 440 48.95 36.36 11.68
CA ALA I 440 47.73 36.21 10.90
C ALA I 440 46.79 37.39 11.10
N ALA I 441 46.83 38.02 12.28
CA ALA I 441 46.01 39.21 12.53
C ALA I 441 46.45 40.40 11.71
N LYS I 442 47.69 40.42 11.22
CA LYS I 442 48.15 41.50 10.35
C LYS I 442 47.40 41.54 9.03
N HIS I 443 46.74 40.44 8.63
CA HIS I 443 45.97 40.38 7.40
C HIS I 443 44.49 40.13 7.70
N SER I 444 44.07 40.39 8.94
CA SER I 444 42.69 40.18 9.34
C SER I 444 42.32 41.14 10.46
N PRO I 445 41.55 42.20 10.17
CA PRO I 445 41.10 43.11 11.24
C PRO I 445 40.13 42.48 12.23
N GLU I 446 39.27 41.56 11.78
CA GLU I 446 38.39 40.87 12.70
C GLU I 446 39.17 40.01 13.69
N LEU I 447 40.18 39.29 13.20
CA LEU I 447 41.03 38.52 14.12
C LEU I 447 41.83 39.44 15.02
N ALA I 448 42.18 40.64 14.54
CA ALA I 448 42.96 41.57 15.35
C ALA I 448 42.21 41.98 16.61
N ILE I 449 40.89 42.12 16.53
CA ILE I 449 40.10 42.41 17.73
C ILE I 449 39.70 41.14 18.46
N ALA I 450 39.46 40.04 17.75
CA ALA I 450 39.11 38.78 18.42
C ALA I 450 40.23 38.31 19.34
N LEU I 451 41.49 38.41 18.91
CA LEU I 451 42.61 38.07 19.79
C LEU I 451 42.70 39.02 20.98
N GLU I 452 42.22 40.25 20.84
CA GLU I 452 42.23 41.20 21.94
C GLU I 452 41.14 40.91 22.95
N THR I 453 39.98 40.40 22.50
CA THR I 453 38.85 40.19 23.40
C THR I 453 39.11 39.07 24.39
N TRP I 454 39.31 37.85 23.90
CA TRP I 454 39.48 36.68 24.77
C TRP I 454 40.96 36.44 25.09
N LYS I 455 41.61 37.49 25.60
CA LYS I 455 43.00 37.41 25.98
C LYS I 455 43.15 36.71 27.32
N GLU I 456 44.13 35.81 27.42
CA GLU I 456 45.00 35.45 26.30
C GLU I 456 45.28 33.96 26.30
N THR J 6 34.12 49.79 6.95
CA THR J 6 33.59 50.28 8.22
C THR J 6 33.59 49.18 9.27
N VAL J 7 33.45 49.57 10.53
CA VAL J 7 33.43 48.64 11.65
C VAL J 7 32.18 48.92 12.49
N GLY J 8 31.47 47.87 12.86
CA GLY J 8 31.76 46.51 12.44
C GLY J 8 30.68 45.93 11.54
N ASP J 9 31.01 45.79 10.26
CA ASP J 9 30.10 45.23 9.26
C ASP J 9 30.89 44.27 8.38
N TYR J 10 30.57 42.99 8.47
CA TYR J 10 31.30 41.97 7.71
C TYR J 10 30.53 41.63 6.44
N GLN J 11 31.16 41.85 5.29
CA GLN J 11 30.57 41.54 4.00
C GLN J 11 30.88 40.09 3.65
N THR J 12 29.87 39.37 3.16
CA THR J 12 30.06 37.99 2.75
C THR J 12 31.10 37.90 1.64
N VAL J 13 32.07 37.01 1.81
CA VAL J 13 33.17 36.83 0.87
C VAL J 13 33.16 35.39 0.37
N ALA J 14 33.40 35.23 -0.93
CA ALA J 14 33.39 33.91 -1.53
C ALA J 14 34.81 33.36 -1.60
N THR J 15 35.10 32.34 -0.79
CA THR J 15 36.34 31.60 -0.86
C THR J 15 36.03 30.22 -1.42
N LEU J 16 37.05 29.57 -1.97
CA LEU J 16 36.74 28.38 -2.77
C LEU J 16 36.49 27.17 -1.89
N GLU J 17 37.54 26.62 -1.27
CA GLU J 17 37.31 25.72 -0.14
C GLU J 17 38.19 26.07 1.06
N THR J 18 39.49 26.19 0.83
CA THR J 18 40.47 26.30 1.90
C THR J 18 41.55 27.31 1.52
N PHE J 19 42.18 27.89 2.54
CA PHE J 19 43.23 28.90 2.39
C PHE J 19 42.72 30.17 1.69
N GLY J 20 41.40 30.28 1.50
CA GLY J 20 40.84 31.44 0.85
C GLY J 20 40.95 32.71 1.68
N PHE J 21 40.74 32.62 2.99
CA PHE J 21 40.69 33.81 3.83
C PHE J 21 42.05 34.47 4.02
N LEU J 22 43.13 33.82 3.64
CA LEU J 22 44.44 34.45 3.70
C LEU J 22 44.81 35.03 2.34
N PRO J 23 45.63 36.07 2.31
CA PRO J 23 46.13 36.60 1.05
C PRO J 23 46.91 35.55 0.27
N PRO J 24 47.14 35.76 -1.01
CA PRO J 24 47.82 34.73 -1.82
C PRO J 24 49.18 34.36 -1.25
N MET J 25 49.49 33.08 -1.31
CA MET J 25 50.72 32.55 -0.73
C MET J 25 51.94 33.00 -1.53
N THR J 26 53.04 33.22 -0.80
CA THR J 26 54.29 33.60 -1.42
C THR J 26 54.95 32.37 -2.06
N GLN J 27 56.00 32.62 -2.85
CA GLN J 27 56.69 31.52 -3.53
C GLN J 27 57.27 30.54 -2.53
N ASP J 28 57.84 31.04 -1.43
CA ASP J 28 58.42 30.15 -0.42
C ASP J 28 57.35 29.34 0.31
N GLU J 29 56.15 29.90 0.50
CA GLU J 29 55.07 29.14 1.11
C GLU J 29 54.71 27.93 0.27
N ILE J 30 54.64 28.10 -1.05
CA ILE J 30 54.42 26.97 -1.94
C ILE J 30 55.53 25.94 -1.75
N TYR J 31 56.77 26.40 -1.57
CA TYR J 31 57.91 25.49 -1.49
C TYR J 31 57.78 24.53 -0.30
N ASP J 32 57.57 25.06 0.90
CA ASP J 32 57.48 24.14 2.04
C ASP J 32 56.16 23.41 2.08
N GLN J 33 55.09 23.98 1.50
CA GLN J 33 53.85 23.21 1.39
C GLN J 33 54.05 21.97 0.54
N ILE J 34 54.67 22.11 -0.64
CA ILE J 34 54.88 20.95 -1.49
C ILE J 34 55.92 20.03 -0.88
N ALA J 35 56.88 20.59 -0.14
CA ALA J 35 57.84 19.76 0.58
C ALA J 35 57.13 18.86 1.58
N TYR J 36 56.18 19.42 2.33
CA TYR J 36 55.39 18.60 3.26
C TYR J 36 54.58 17.55 2.51
N ILE J 37 53.92 17.95 1.42
CA ILE J 37 53.01 17.02 0.74
C ILE J 37 53.79 15.85 0.14
N ILE J 38 55.02 16.10 -0.33
CA ILE J 38 55.84 15.02 -0.83
C ILE J 38 56.47 14.21 0.31
N ALA J 39 56.75 14.87 1.44
CA ALA J 39 57.28 14.17 2.61
C ALA J 39 56.27 13.21 3.23
N GLN J 40 54.98 13.50 3.11
CA GLN J 40 53.95 12.58 3.57
C GLN J 40 53.81 11.35 2.69
N GLY J 41 54.48 11.31 1.54
CA GLY J 41 54.37 10.21 0.62
C GLY J 41 53.18 10.24 -0.30
N TRP J 42 52.45 11.35 -0.34
CA TRP J 42 51.30 11.46 -1.22
C TRP J 42 51.74 11.67 -2.66
N SER J 43 50.75 11.85 -3.54
CA SER J 43 51.00 12.04 -4.95
C SER J 43 50.52 13.42 -5.38
N PRO J 44 51.40 14.33 -5.78
CA PRO J 44 50.96 15.65 -6.23
C PRO J 44 50.06 15.54 -7.46
N LEU J 45 49.06 16.42 -7.51
CA LEU J 45 48.09 16.42 -8.60
C LEU J 45 47.65 17.86 -8.83
N ILE J 46 47.48 18.22 -10.11
CA ILE J 46 47.19 19.59 -10.51
C ILE J 46 45.82 19.62 -11.18
N GLU J 47 45.03 20.65 -10.87
CA GLU J 47 43.73 20.86 -11.49
C GLU J 47 43.60 22.32 -11.90
N HIS J 48 42.61 22.59 -12.76
CA HIS J 48 42.42 23.92 -13.31
C HIS J 48 41.04 24.00 -13.95
N VAL J 49 40.34 25.11 -13.68
CA VAL J 49 39.03 25.37 -14.26
C VAL J 49 38.86 26.88 -14.41
N HIS J 50 37.93 27.27 -15.27
CA HIS J 50 37.50 28.65 -15.34
C HIS J 50 36.75 28.99 -14.05
N PRO J 51 36.82 30.23 -13.55
CA PRO J 51 36.13 30.56 -12.30
C PRO J 51 34.63 30.32 -12.34
N SER J 52 34.00 30.32 -13.51
CA SER J 52 32.57 30.04 -13.60
C SER J 52 32.26 28.61 -13.14
N ARG J 53 33.04 27.63 -13.58
CA ARG J 53 32.82 26.25 -13.18
C ARG J 53 33.66 25.87 -11.97
N SER J 54 33.61 26.69 -10.93
CA SER J 54 34.40 26.42 -9.72
C SER J 54 33.78 25.34 -8.84
N MET J 55 32.45 25.23 -8.83
CA MET J 55 31.73 24.33 -7.93
C MET J 55 31.72 22.90 -8.46
N ALA J 56 32.08 22.69 -9.73
CA ALA J 56 31.98 21.37 -10.35
C ALA J 56 32.80 20.34 -9.59
N THR J 57 32.26 19.12 -9.52
CA THR J 57 32.85 18.05 -8.73
C THR J 57 34.24 17.65 -9.23
N TYR J 58 34.42 17.56 -10.55
CA TYR J 58 35.70 17.15 -11.12
C TYR J 58 36.27 18.29 -11.95
N TRP J 59 37.53 18.63 -11.69
CA TRP J 59 38.23 19.63 -12.48
C TRP J 59 39.04 18.96 -13.58
N SER J 60 39.92 19.71 -14.25
CA SER J 60 40.69 19.20 -15.36
C SER J 60 42.12 18.95 -14.93
N TYR J 61 42.63 17.74 -15.21
CA TYR J 61 43.99 17.39 -14.86
C TYR J 61 44.98 18.20 -15.68
N TRP J 62 46.19 18.36 -15.13
CA TRP J 62 47.32 18.91 -15.87
C TRP J 62 48.62 18.38 -15.27
N LYS J 63 49.18 17.33 -15.86
CA LYS J 63 48.54 16.54 -16.91
C LYS J 63 48.10 15.21 -16.32
N LEU J 64 48.98 14.61 -15.52
CA LEU J 64 48.71 13.36 -14.82
C LEU J 64 49.24 13.47 -13.40
N PRO J 65 48.69 12.69 -12.46
CA PRO J 65 49.25 12.67 -11.11
C PRO J 65 50.72 12.23 -11.13
N PHE J 66 51.57 13.07 -10.53
CA PHE J 66 53.01 12.84 -10.57
C PHE J 66 53.37 11.76 -9.54
N PHE J 67 53.06 10.53 -9.91
CA PHE J 67 53.36 9.38 -9.06
C PHE J 67 54.86 9.16 -8.96
N GLY J 68 55.35 8.94 -7.75
CA GLY J 68 56.74 8.58 -7.54
C GLY J 68 57.75 9.62 -7.97
N GLU J 69 57.49 10.89 -7.70
CA GLU J 69 58.43 11.97 -7.99
C GLU J 69 59.10 12.40 -6.70
N LYS J 70 60.44 12.45 -6.72
CA LYS J 70 61.23 12.76 -5.54
C LYS J 70 62.01 14.06 -5.66
N ASP J 71 61.93 14.73 -6.80
CA ASP J 71 62.70 15.95 -7.04
C ASP J 71 61.75 17.14 -6.92
N LEU J 72 62.17 18.15 -6.17
CA LEU J 72 61.36 19.33 -5.91
C LEU J 72 61.47 20.38 -7.01
N GLY J 73 62.42 20.23 -7.93
CA GLY J 73 62.61 21.18 -9.01
C GLY J 73 61.73 20.99 -10.22
N VAL J 74 60.90 19.95 -10.25
CA VAL J 74 60.09 19.64 -11.42
C VAL J 74 58.66 20.15 -11.26
N ILE J 75 58.04 19.86 -10.12
CA ILE J 75 56.65 20.28 -9.91
C ILE J 75 56.56 21.80 -9.86
N VAL J 76 57.54 22.47 -9.24
CA VAL J 76 57.55 23.93 -9.21
C VAL J 76 57.80 24.54 -10.58
N SER J 77 57.99 23.71 -11.62
CA SER J 77 58.07 24.19 -12.99
C SER J 77 56.80 23.92 -13.78
N GLU J 78 56.01 22.93 -13.39
CA GLU J 78 54.77 22.61 -14.08
C GLU J 78 53.55 23.33 -13.49
N LEU J 79 53.70 24.03 -12.37
CA LEU J 79 52.62 24.83 -11.83
C LEU J 79 52.35 26.08 -12.67
N GLU J 80 53.39 26.64 -13.28
CA GLU J 80 53.25 27.85 -14.09
C GLU J 80 52.91 27.54 -15.54
N ALA J 81 53.19 26.33 -16.01
CA ALA J 81 52.83 25.96 -17.37
C ALA J 81 51.32 25.97 -17.56
N CYS J 82 50.58 25.39 -16.61
CA CYS J 82 49.13 25.41 -16.67
C CYS J 82 48.58 26.83 -16.56
N HIS J 83 49.27 27.69 -15.79
CA HIS J 83 48.79 29.06 -15.63
C HIS J 83 49.00 29.88 -16.90
N ARG J 84 50.18 29.75 -17.53
CA ARG J 84 50.43 30.48 -18.77
C ARG J 84 49.58 29.95 -19.90
N ALA J 85 49.34 28.63 -19.94
CA ALA J 85 48.47 28.07 -20.97
C ALA J 85 47.02 28.49 -20.75
N TYR J 86 46.59 28.63 -19.50
CA TYR J 86 45.22 29.02 -19.17
C TYR J 86 45.27 30.22 -18.24
N PRO J 87 45.52 31.42 -18.78
CA PRO J 87 45.69 32.60 -17.93
C PRO J 87 44.40 33.11 -17.30
N ASP J 88 43.28 32.42 -17.50
CA ASP J 88 42.00 32.79 -16.90
C ASP J 88 41.42 31.63 -16.11
N HIS J 89 42.29 30.78 -15.55
CA HIS J 89 41.89 29.57 -14.87
C HIS J 89 42.54 29.48 -13.50
N HIS J 90 41.85 28.83 -12.57
CA HIS J 90 42.43 28.51 -11.28
C HIS J 90 43.56 27.49 -11.46
N VAL J 91 44.43 27.41 -10.45
CA VAL J 91 45.49 26.40 -10.41
C VAL J 91 45.39 25.70 -9.07
N ARG J 92 44.64 24.61 -9.02
CA ARG J 92 44.49 23.86 -7.78
C ARG J 92 45.57 22.78 -7.67
N LEU J 93 46.12 22.66 -6.45
CA LEU J 93 47.13 21.65 -6.15
C LEU J 93 46.53 20.69 -5.13
N VAL J 94 46.55 19.39 -5.47
CA VAL J 94 45.89 18.37 -4.66
C VAL J 94 46.89 17.28 -4.32
N GLY J 95 46.71 16.71 -3.13
CA GLY J 95 47.51 15.57 -2.72
C GLY J 95 46.71 14.28 -2.71
N TYR J 96 47.17 13.30 -3.49
CA TYR J 96 46.46 12.04 -3.60
C TYR J 96 46.98 11.05 -2.57
N ASP J 97 46.10 10.61 -1.68
CA ASP J 97 46.42 9.60 -0.69
C ASP J 97 46.06 8.23 -1.27
N ALA J 98 47.08 7.46 -1.64
CA ALA J 98 46.89 6.20 -2.32
C ALA J 98 46.38 5.09 -1.41
N TYR J 99 46.88 5.03 -0.16
CA TYR J 99 46.52 3.93 0.72
C TYR J 99 45.09 4.01 1.20
N THR J 100 44.62 5.19 1.61
CA THR J 100 43.28 5.34 2.15
C THR J 100 42.29 5.91 1.14
N GLN J 101 42.72 6.18 -0.08
CA GLN J 101 41.86 6.76 -1.13
C GLN J 101 41.23 8.08 -0.69
N SER J 102 42.00 8.92 -0.01
CA SER J 102 41.53 10.22 0.43
C SER J 102 42.41 11.29 -0.20
N GLN J 103 42.19 12.54 0.22
CA GLN J 103 42.97 13.68 -0.25
C GLN J 103 43.35 14.52 0.96
N GLY J 104 44.61 14.43 1.37
CA GLY J 104 45.08 15.11 2.56
C GLY J 104 45.43 16.57 2.40
N ALA J 105 45.42 17.08 1.17
CA ALA J 105 45.74 18.49 0.94
C ALA J 105 45.02 18.95 -0.32
N CYS J 106 44.27 20.04 -0.18
CA CYS J 106 43.56 20.63 -1.30
C CYS J 106 43.50 22.14 -1.17
N PHE J 107 44.43 22.83 -1.82
CA PHE J 107 44.50 24.29 -1.74
C PHE J 107 44.83 24.84 -3.13
N VAL J 108 44.18 25.96 -3.47
CA VAL J 108 44.37 26.56 -4.78
C VAL J 108 45.55 27.52 -4.73
N VAL J 109 46.49 27.33 -5.65
CA VAL J 109 47.70 28.15 -5.71
C VAL J 109 47.42 29.52 -6.29
N PHE J 110 46.92 29.57 -7.52
CA PHE J 110 46.62 30.82 -8.21
C PHE J 110 45.12 31.04 -8.29
N GLU J 111 44.68 32.24 -7.93
CA GLU J 111 43.29 32.62 -7.99
C GLU J 111 42.79 32.79 -9.42
N GLY J 112 43.66 33.17 -10.35
CA GLY J 112 43.26 33.35 -11.73
C GLY J 112 43.19 34.81 -12.13
N ARG J 113 44.01 35.19 -13.11
CA ARG J 113 44.03 36.56 -13.61
C ARG J 113 42.71 36.94 -14.27
N GLU K 11 11.13 -52.72 -21.33
CA GLU K 11 12.16 -51.69 -21.28
C GLU K 11 13.37 -52.09 -22.13
N TYR K 12 13.23 -51.94 -23.45
CA TYR K 12 14.32 -52.24 -24.37
C TYR K 12 14.37 -51.14 -25.42
N ARG K 13 13.45 -50.17 -25.30
CA ARG K 13 13.34 -49.02 -26.21
C ARG K 13 12.99 -49.47 -27.62
N ASP K 14 13.52 -48.75 -28.62
CA ASP K 14 13.19 -48.89 -30.04
C ASP K 14 11.79 -48.41 -30.36
N THR K 15 11.01 -48.01 -29.36
CA THR K 15 9.74 -47.33 -29.58
C THR K 15 9.90 -45.81 -29.64
N TYR K 16 11.05 -45.29 -29.24
CA TYR K 16 11.38 -43.88 -29.39
C TYR K 16 12.13 -43.62 -30.70
N TRP K 17 12.40 -44.66 -31.47
CA TRP K 17 13.11 -44.57 -32.75
C TRP K 17 12.07 -44.67 -33.86
N THR K 18 11.75 -43.52 -34.45
CA THR K 18 10.77 -43.43 -35.53
C THR K 18 11.45 -42.85 -36.77
N PRO K 19 12.00 -43.68 -37.66
CA PRO K 19 12.68 -43.15 -38.84
C PRO K 19 11.76 -42.52 -39.87
N ASP K 20 10.45 -42.73 -39.77
CA ASP K 20 9.51 -42.18 -40.73
C ASP K 20 8.75 -40.96 -40.22
N TYR K 21 8.85 -40.64 -38.94
CA TYR K 21 8.13 -39.50 -38.40
C TYR K 21 8.66 -38.20 -38.99
N VAL K 22 7.74 -37.32 -39.39
CA VAL K 22 8.07 -36.02 -39.96
C VAL K 22 7.77 -34.95 -38.93
N PRO K 23 8.76 -34.19 -38.48
CA PRO K 23 8.51 -33.16 -37.46
C PRO K 23 7.52 -32.11 -37.95
N LEU K 24 6.66 -31.67 -37.04
CA LEU K 24 5.65 -30.68 -37.39
C LEU K 24 6.25 -29.27 -37.34
N ASP K 25 5.38 -28.27 -37.51
CA ASP K 25 5.78 -26.88 -37.43
C ASP K 25 5.96 -26.41 -35.99
N THR K 26 5.13 -26.87 -35.06
CA THR K 26 5.19 -26.45 -33.67
C THR K 26 6.15 -27.29 -32.84
N ASP K 27 6.77 -28.30 -33.43
CA ASP K 27 7.71 -29.14 -32.71
C ASP K 27 8.98 -28.36 -32.37
N LEU K 28 9.70 -28.85 -31.36
CA LEU K 28 10.96 -28.25 -30.91
C LEU K 28 12.04 -29.31 -31.02
N LEU K 29 12.81 -29.25 -32.11
CA LEU K 29 13.83 -30.25 -32.37
C LEU K 29 15.09 -29.98 -31.55
N ALA K 30 16.04 -30.90 -31.64
CA ALA K 30 17.30 -30.77 -30.95
C ALA K 30 18.35 -31.62 -31.65
N CYS K 31 19.62 -31.30 -31.42
CA CYS K 31 20.74 -32.01 -32.01
C CYS K 31 21.68 -32.47 -30.90
N PHE K 32 22.11 -33.73 -30.97
CA PHE K 32 23.02 -34.29 -29.99
C PHE K 32 24.16 -35.00 -30.71
N LYS K 33 25.38 -34.51 -30.52
CA LYS K 33 26.58 -35.19 -31.00
C LYS K 33 27.00 -36.18 -29.92
N CYS K 34 26.56 -37.43 -30.06
CA CYS K 34 26.68 -38.41 -29.00
C CYS K 34 27.64 -39.52 -29.41
N THR K 35 28.47 -39.92 -28.45
CA THR K 35 29.35 -41.08 -28.60
C THR K 35 28.93 -42.11 -27.56
N GLY K 36 28.24 -43.16 -28.01
CA GLY K 36 27.67 -44.14 -27.14
C GLY K 36 28.66 -45.21 -26.70
N GLN K 37 28.14 -46.20 -25.99
CA GLN K 37 28.96 -47.30 -25.51
C GLN K 37 29.46 -48.14 -26.68
N GLU K 38 30.59 -48.82 -26.46
CA GLU K 38 31.13 -49.72 -27.47
C GLU K 38 30.30 -51.00 -27.51
N GLY K 39 29.87 -51.38 -28.72
CA GLY K 39 29.10 -52.59 -28.89
C GLY K 39 27.63 -52.35 -29.21
N VAL K 40 27.02 -51.38 -28.55
CA VAL K 40 25.60 -51.11 -28.78
C VAL K 40 25.42 -50.47 -30.16
N PRO K 41 24.46 -50.91 -30.96
CA PRO K 41 24.22 -50.25 -32.25
C PRO K 41 23.71 -48.84 -32.06
N LYS K 42 23.90 -48.02 -33.10
CA LYS K 42 23.64 -46.60 -33.02
C LYS K 42 22.17 -46.29 -32.75
N GLU K 43 21.26 -47.16 -33.20
CA GLU K 43 19.84 -46.91 -32.99
C GLU K 43 19.48 -46.93 -31.50
N GLU K 44 20.03 -47.88 -30.75
CA GLU K 44 19.67 -48.01 -29.35
C GLU K 44 20.08 -46.79 -28.53
N VAL K 45 21.28 -46.27 -28.75
CA VAL K 45 21.74 -45.13 -27.97
C VAL K 45 20.92 -43.88 -28.32
N ALA K 46 20.47 -43.75 -29.57
CA ALA K 46 19.58 -42.65 -29.92
C ALA K 46 18.26 -42.74 -29.16
N ALA K 47 17.69 -43.94 -29.07
CA ALA K 47 16.48 -44.13 -28.28
C ALA K 47 16.72 -43.82 -26.81
N ALA K 48 17.89 -44.20 -26.30
CA ALA K 48 18.22 -43.89 -24.90
C ALA K 48 18.32 -42.39 -24.68
N VAL K 49 18.91 -41.65 -25.61
CA VAL K 49 18.98 -40.20 -25.49
C VAL K 49 17.58 -39.59 -25.57
N ALA K 50 16.75 -40.10 -26.49
CA ALA K 50 15.40 -39.55 -26.63
C ALA K 50 14.57 -39.77 -25.38
N ALA K 51 14.63 -40.98 -24.81
CA ALA K 51 13.83 -41.29 -23.63
C ALA K 51 14.33 -40.54 -22.40
N GLU K 52 15.65 -40.54 -22.17
CA GLU K 52 16.22 -39.90 -21.00
C GLU K 52 16.02 -38.39 -20.99
N SER K 53 15.82 -37.77 -22.15
CA SER K 53 15.63 -36.33 -22.25
C SER K 53 14.16 -35.94 -22.24
N SER K 54 13.25 -36.90 -22.40
CA SER K 54 11.83 -36.57 -22.41
C SER K 54 11.08 -37.21 -21.24
N THR K 55 11.17 -38.54 -21.12
CA THR K 55 10.39 -39.25 -20.12
C THR K 55 11.20 -40.20 -19.26
N GLY K 56 12.21 -40.86 -19.82
CA GLY K 56 12.91 -41.89 -19.07
C GLY K 56 12.01 -43.07 -18.76
N THR K 57 11.34 -43.58 -19.79
CA THR K 57 10.35 -44.64 -19.66
C THR K 57 10.78 -45.77 -20.61
N TRP K 58 10.26 -46.98 -20.38
CA TRP K 58 9.20 -47.42 -19.46
C TRP K 58 9.70 -48.28 -18.30
N SER K 59 9.07 -48.08 -17.14
CA SER K 59 9.16 -49.03 -16.04
C SER K 59 8.01 -50.01 -16.14
N THR K 60 7.77 -50.79 -15.08
CA THR K 60 6.60 -51.67 -15.00
C THR K 60 5.71 -51.17 -13.87
N VAL K 61 4.85 -50.20 -14.19
CA VAL K 61 4.03 -49.51 -13.21
C VAL K 61 2.57 -49.48 -13.69
N TRP K 62 1.65 -49.70 -12.75
CA TRP K 62 0.23 -49.60 -13.04
C TRP K 62 -0.17 -48.18 -13.43
N SER K 63 0.50 -47.16 -12.87
CA SER K 63 0.10 -45.79 -13.12
C SER K 63 0.52 -45.29 -14.50
N GLU K 64 1.42 -46.00 -15.17
CA GLU K 64 1.90 -45.57 -16.48
C GLU K 64 0.86 -45.74 -17.58
N LEU K 65 -0.19 -46.51 -17.36
CA LEU K 65 -1.20 -46.78 -18.39
C LEU K 65 -2.34 -45.77 -18.35
N LEU K 66 -2.45 -44.98 -17.29
CA LEU K 66 -3.52 -43.99 -17.18
C LEU K 66 -3.40 -42.86 -18.20
N VAL K 67 -2.23 -42.68 -18.81
CA VAL K 67 -1.99 -41.57 -19.73
C VAL K 67 -1.38 -42.14 -21.00
N ASP K 68 -1.84 -41.63 -22.15
CA ASP K 68 -1.30 -42.03 -23.45
C ASP K 68 0.10 -41.44 -23.56
N LEU K 69 1.12 -42.27 -23.28
CA LEU K 69 2.50 -41.84 -23.30
C LEU K 69 3.10 -41.79 -24.69
N ASP K 70 2.43 -42.37 -25.68
CA ASP K 70 2.87 -42.26 -27.07
C ASP K 70 2.77 -40.82 -27.58
N PHE K 71 1.89 -40.01 -27.01
CA PHE K 71 1.74 -38.62 -27.39
C PHE K 71 2.88 -37.74 -26.89
N TYR K 72 3.32 -37.94 -25.64
CA TYR K 72 4.33 -37.10 -25.03
C TYR K 72 5.74 -37.65 -25.15
N LYS K 73 5.91 -38.84 -25.73
CA LYS K 73 7.23 -39.44 -25.86
C LYS K 73 8.08 -38.69 -26.87
N GLY K 74 9.38 -38.69 -26.63
CA GLY K 74 10.34 -38.06 -27.53
C GLY K 74 10.84 -39.06 -28.57
N ARG K 75 10.81 -38.64 -29.83
CA ARG K 75 11.12 -39.51 -30.94
C ARG K 75 12.35 -39.00 -31.70
N CYS K 76 13.23 -39.93 -32.04
CA CYS K 76 14.40 -39.65 -32.88
C CYS K 76 14.05 -40.04 -34.30
N TYR K 77 14.15 -39.08 -35.23
CA TYR K 77 13.67 -39.26 -36.59
C TYR K 77 14.78 -39.39 -37.62
N ARG K 78 15.98 -38.88 -37.34
CA ARG K 78 17.06 -38.92 -38.31
C ARG K 78 18.37 -39.22 -37.60
N ILE K 79 19.28 -39.87 -38.33
CA ILE K 79 20.62 -40.19 -37.83
C ILE K 79 21.63 -39.75 -38.87
N GLU K 80 22.60 -38.94 -38.46
CA GLU K 80 23.69 -38.51 -39.32
C GLU K 80 25.02 -38.76 -38.62
N ASP K 81 26.02 -39.11 -39.43
CA ASP K 81 27.36 -39.39 -38.92
C ASP K 81 28.17 -38.10 -38.89
N VAL K 82 28.82 -37.85 -37.77
CA VAL K 82 29.64 -36.64 -37.62
C VAL K 82 30.83 -36.74 -38.57
N PRO K 83 31.08 -35.73 -39.41
CA PRO K 83 32.23 -35.80 -40.33
C PRO K 83 33.54 -35.68 -39.55
N GLY K 84 34.53 -36.46 -39.96
CA GLY K 84 35.81 -36.50 -39.29
C GLY K 84 35.90 -37.47 -38.13
N ASP K 85 34.81 -38.13 -37.77
CA ASP K 85 34.80 -39.10 -36.68
C ASP K 85 33.93 -40.28 -37.08
N LYS K 86 34.26 -41.45 -36.52
CA LYS K 86 33.54 -42.68 -36.80
C LYS K 86 32.58 -43.09 -35.71
N GLU K 87 33.05 -43.16 -34.46
CA GLU K 87 32.20 -43.56 -33.34
C GLU K 87 31.09 -42.55 -33.04
N ALA K 88 31.38 -41.25 -33.15
CA ALA K 88 30.39 -40.22 -32.87
C ALA K 88 29.38 -40.13 -34.01
N PHE K 89 28.25 -39.47 -33.71
CA PHE K 89 27.17 -39.33 -34.67
C PHE K 89 26.27 -38.19 -34.22
N TYR K 90 25.37 -37.79 -35.11
CA TYR K 90 24.41 -36.73 -34.85
C TYR K 90 23.05 -37.34 -34.55
N ALA K 91 22.43 -36.89 -33.47
CA ALA K 91 21.11 -37.37 -33.06
C ALA K 91 20.10 -36.25 -33.27
N PHE K 92 19.21 -36.43 -34.25
CA PHE K 92 18.13 -35.49 -34.51
C PHE K 92 16.86 -36.03 -33.87
N ILE K 93 16.29 -35.26 -32.94
CA ILE K 93 15.18 -35.71 -32.12
C ILE K 93 14.09 -34.64 -32.15
N ALA K 94 12.84 -35.08 -32.07
CA ALA K 94 11.70 -34.18 -32.06
C ALA K 94 10.91 -34.37 -30.77
N TYR K 95 10.41 -33.25 -30.22
CA TYR K 95 9.65 -33.27 -28.99
C TYR K 95 8.32 -32.54 -29.19
N PRO K 96 7.25 -32.99 -28.56
CA PRO K 96 5.98 -32.24 -28.63
C PRO K 96 6.09 -30.91 -27.90
N LEU K 97 5.26 -29.96 -28.33
CA LEU K 97 5.22 -28.63 -27.72
C LEU K 97 4.60 -28.63 -26.33
N ASP K 98 3.82 -29.65 -25.98
CA ASP K 98 3.12 -29.68 -24.71
C ASP K 98 4.03 -29.92 -23.52
N LEU K 99 5.30 -30.28 -23.74
CA LEU K 99 6.21 -30.58 -22.65
C LEU K 99 6.95 -29.35 -22.13
N PHE K 100 6.66 -28.17 -22.66
CA PHE K 100 7.39 -26.96 -22.29
C PHE K 100 6.42 -25.85 -21.94
N GLU K 101 6.80 -25.06 -20.93
CA GLU K 101 5.98 -23.95 -20.47
C GLU K 101 6.18 -22.73 -21.34
N GLU K 102 5.14 -21.90 -21.42
CA GLU K 102 5.15 -20.73 -22.28
C GLU K 102 6.00 -19.63 -21.66
N GLY K 103 6.98 -19.12 -22.42
CA GLY K 103 7.78 -18.02 -21.97
C GLY K 103 8.76 -18.34 -20.88
N SER K 104 8.97 -19.62 -20.58
CA SER K 104 9.88 -20.05 -19.52
C SER K 104 11.07 -20.75 -20.16
N VAL K 105 12.16 -20.01 -20.35
CA VAL K 105 13.38 -20.60 -20.88
C VAL K 105 14.03 -21.56 -19.90
N THR K 106 13.80 -21.39 -18.60
CA THR K 106 14.32 -22.33 -17.62
C THR K 106 13.69 -23.71 -17.75
N ASN K 107 12.40 -23.75 -18.12
CA ASN K 107 11.71 -25.04 -18.21
C ASN K 107 12.32 -25.92 -19.30
N VAL K 108 12.64 -25.34 -20.46
CA VAL K 108 13.20 -26.13 -21.55
C VAL K 108 14.57 -26.68 -21.17
N LEU K 109 15.34 -25.93 -20.36
CA LEU K 109 16.65 -26.41 -19.94
C LEU K 109 16.52 -27.63 -19.03
N THR K 110 15.78 -27.50 -17.92
CA THR K 110 15.65 -28.62 -16.99
C THR K 110 14.91 -29.79 -17.63
N SER K 111 14.09 -29.52 -18.65
CA SER K 111 13.41 -30.60 -19.35
C SER K 111 14.34 -31.33 -20.30
N LEU K 112 15.23 -30.59 -20.97
CA LEU K 112 16.04 -31.18 -22.04
C LEU K 112 17.39 -31.65 -21.52
N VAL K 113 18.09 -30.81 -20.76
CA VAL K 113 19.48 -31.04 -20.42
C VAL K 113 19.60 -31.38 -18.93
N GLY K 114 18.50 -31.31 -18.20
CA GLY K 114 18.54 -31.52 -16.77
C GLY K 114 18.99 -32.92 -16.37
N ASN K 115 18.50 -33.95 -17.08
CA ASN K 115 18.73 -35.33 -16.64
C ASN K 115 19.54 -36.17 -17.63
N VAL K 116 19.54 -35.87 -18.92
CA VAL K 116 20.12 -36.76 -19.92
C VAL K 116 21.62 -36.95 -19.73
N PHE K 117 22.35 -35.90 -19.31
CA PHE K 117 23.78 -36.02 -19.14
C PHE K 117 24.17 -36.98 -18.02
N GLY K 118 23.34 -37.12 -17.00
CA GLY K 118 23.67 -37.99 -15.89
C GLY K 118 23.49 -39.47 -16.18
N PHE K 119 22.87 -39.78 -17.32
CA PHE K 119 22.58 -41.15 -17.66
C PHE K 119 23.87 -41.91 -17.96
N LYS K 120 23.92 -43.18 -17.52
CA LYS K 120 25.16 -43.95 -17.54
C LYS K 120 25.58 -44.40 -18.94
N ALA K 121 24.64 -44.71 -19.83
CA ALA K 121 24.99 -45.28 -21.12
C ALA K 121 25.58 -44.29 -22.09
N LEU K 122 25.88 -43.06 -21.66
CA LEU K 122 26.49 -42.06 -22.52
C LEU K 122 27.85 -41.66 -21.96
N ARG K 123 28.87 -41.62 -22.84
CA ARG K 123 30.20 -41.22 -22.40
C ARG K 123 30.50 -39.77 -22.78
N HIS K 124 30.19 -39.39 -24.01
CA HIS K 124 30.37 -38.02 -24.48
C HIS K 124 29.07 -37.53 -25.09
N LEU K 125 28.61 -36.36 -24.64
CA LEU K 125 27.36 -35.79 -25.13
C LEU K 125 27.55 -34.29 -25.26
N ARG K 126 26.91 -33.70 -26.28
CA ARG K 126 27.05 -32.27 -26.55
C ARG K 126 25.79 -31.78 -27.25
N LEU K 127 25.10 -30.83 -26.61
CA LEU K 127 23.92 -30.21 -27.21
C LEU K 127 24.36 -29.12 -28.19
N GLU K 128 24.02 -29.28 -29.46
CA GLU K 128 24.52 -28.38 -30.50
C GLU K 128 23.51 -27.31 -30.90
N ASP K 129 22.32 -27.72 -31.36
CA ASP K 129 21.35 -26.75 -31.86
C ASP K 129 19.96 -27.17 -31.45
N ILE K 130 19.07 -26.18 -31.34
CA ILE K 130 17.66 -26.40 -31.05
C ILE K 130 16.84 -25.51 -31.96
N ARG K 131 15.86 -26.09 -32.65
CA ARG K 131 14.97 -25.36 -33.54
C ARG K 131 13.79 -24.84 -32.73
N PHE K 132 13.81 -23.54 -32.40
CA PHE K 132 12.67 -23.09 -31.61
C PHE K 132 11.49 -22.74 -32.51
N PRO K 133 10.32 -23.34 -32.26
CA PRO K 133 9.14 -23.03 -33.06
C PRO K 133 8.64 -21.62 -32.81
N MET K 134 7.99 -21.05 -33.84
CA MET K 134 7.48 -19.69 -33.76
C MET K 134 6.42 -19.53 -32.67
N ALA K 135 5.54 -20.52 -32.51
CA ALA K 135 4.52 -20.43 -31.47
C ALA K 135 5.14 -20.30 -30.09
N PHE K 136 6.26 -20.97 -29.84
CA PHE K 136 6.99 -20.82 -28.59
C PHE K 136 7.78 -19.52 -28.54
N ILE K 137 8.26 -19.05 -29.69
CA ILE K 137 9.03 -17.81 -29.73
C ILE K 137 8.16 -16.62 -29.34
N LYS K 138 6.92 -16.59 -29.85
CA LYS K 138 6.05 -15.44 -29.67
C LYS K 138 5.75 -15.12 -28.21
N THR K 139 5.64 -16.13 -27.35
CA THR K 139 5.31 -15.89 -25.95
C THR K 139 6.47 -15.31 -25.15
N CYS K 140 7.70 -15.53 -25.58
CA CYS K 140 8.86 -15.01 -24.88
C CYS K 140 8.93 -13.50 -25.00
N PRO K 141 9.35 -12.81 -23.93
CA PRO K 141 9.39 -11.34 -24.00
C PRO K 141 10.36 -10.81 -25.04
N GLY K 142 11.47 -11.49 -25.28
CA GLY K 142 12.46 -11.01 -26.22
C GLY K 142 13.19 -9.80 -25.69
N PRO K 143 14.04 -9.20 -26.53
CA PRO K 143 14.78 -8.00 -26.10
C PRO K 143 13.82 -6.88 -25.73
N PRO K 144 14.08 -6.17 -24.63
CA PRO K 144 13.21 -5.04 -24.27
C PRO K 144 13.23 -3.92 -25.31
N ASN K 145 14.38 -3.65 -25.91
CA ASN K 145 14.47 -2.63 -26.95
C ASN K 145 14.89 -3.24 -28.27
N GLY K 146 15.97 -4.00 -28.27
CA GLY K 146 16.54 -4.55 -29.49
C GLY K 146 17.48 -3.55 -30.16
N ILE K 147 18.03 -4.01 -31.28
CA ILE K 147 19.04 -3.21 -31.99
C ILE K 147 18.42 -1.91 -32.51
N CYS K 148 17.29 -2.03 -33.21
CA CYS K 148 16.70 -0.86 -33.85
C CYS K 148 16.28 0.21 -32.85
N VAL K 149 15.62 -0.20 -31.76
CA VAL K 149 15.20 0.76 -30.75
C VAL K 149 16.42 1.38 -30.05
N GLU K 150 17.45 0.58 -29.76
CA GLU K 150 18.63 1.13 -29.12
C GLU K 150 19.29 2.19 -29.99
N ARG K 151 19.44 1.90 -31.29
CA ARG K 151 20.01 2.90 -32.21
C ARG K 151 19.12 4.12 -32.32
N ASP K 152 17.79 3.94 -32.34
CA ASP K 152 16.89 5.08 -32.47
C ASP K 152 16.97 5.97 -31.23
N ARG K 153 17.04 5.37 -30.04
CA ARG K 153 17.08 6.17 -28.81
C ARG K 153 18.43 6.83 -28.60
N MET K 154 19.53 6.14 -28.91
CA MET K 154 20.85 6.69 -28.67
C MET K 154 21.34 7.60 -29.80
N ASN K 155 20.63 7.67 -30.92
CA ASN K 155 20.96 8.55 -32.02
C ASN K 155 22.38 8.30 -32.55
N LYS K 156 22.76 7.02 -32.59
CA LYS K 156 24.05 6.59 -33.12
C LYS K 156 23.79 5.62 -34.26
N TYR K 157 24.25 5.96 -35.45
CA TYR K 157 23.98 5.18 -36.65
C TYR K 157 25.25 4.98 -37.46
N GLY K 158 25.28 3.86 -38.20
CA GLY K 158 26.27 3.66 -39.23
C GLY K 158 27.66 3.25 -38.77
N ARG K 159 27.87 3.05 -37.48
CA ARG K 159 29.19 2.71 -36.98
C ARG K 159 29.02 1.85 -35.74
N PRO K 160 29.81 0.78 -35.61
CA PRO K 160 29.79 0.00 -34.37
C PRO K 160 30.19 0.85 -33.17
N LEU K 161 29.46 0.67 -32.08
CA LEU K 161 29.66 1.47 -30.89
C LEU K 161 30.96 1.08 -30.18
N LEU K 162 31.44 1.98 -29.33
CA LEU K 162 32.70 1.80 -28.62
C LEU K 162 32.43 1.69 -27.13
N GLY K 163 33.27 0.93 -26.43
CA GLY K 163 33.13 0.76 -25.00
C GLY K 163 34.49 0.57 -24.35
N CYS K 164 34.50 0.74 -23.04
CA CYS K 164 35.73 0.57 -22.26
C CYS K 164 35.38 -0.01 -20.90
N THR K 165 36.32 -0.75 -20.34
CA THR K 165 36.17 -1.37 -19.02
C THR K 165 37.04 -0.60 -18.03
N ILE K 166 36.43 -0.20 -16.91
CA ILE K 166 37.15 0.60 -15.92
C ILE K 166 38.21 -0.27 -15.24
N LYS K 167 39.42 0.27 -15.16
CA LYS K 167 40.53 -0.39 -14.50
C LYS K 167 41.20 0.55 -13.51
N PRO K 168 41.75 0.02 -12.41
CA PRO K 168 41.81 -1.40 -11.99
C PRO K 168 40.46 -1.92 -11.55
N LYS K 169 40.25 -3.25 -11.59
CA LYS K 169 38.98 -3.81 -11.15
C LYS K 169 38.73 -3.54 -9.68
N LEU K 170 39.75 -3.68 -8.84
CA LEU K 170 39.60 -3.59 -7.38
C LEU K 170 40.44 -2.43 -6.86
N GLY K 171 39.84 -1.62 -5.99
CA GLY K 171 40.60 -0.62 -5.27
C GLY K 171 40.06 0.80 -5.34
N LEU K 172 39.46 1.16 -6.47
CA LEU K 172 39.00 2.53 -6.67
C LEU K 172 37.89 2.88 -5.69
N SER K 173 38.01 4.05 -5.07
CA SER K 173 36.98 4.54 -4.18
C SER K 173 35.81 5.11 -4.99
N GLY K 174 34.85 5.72 -4.27
CA GLY K 174 33.69 6.28 -4.94
C GLY K 174 34.04 7.41 -5.88
N LYS K 175 34.87 8.35 -5.44
CA LYS K 175 35.23 9.49 -6.27
C LYS K 175 36.23 9.12 -7.36
N ASN K 176 37.14 8.18 -7.08
CA ASN K 176 38.10 7.76 -8.08
C ASN K 176 37.43 7.07 -9.25
N TYR K 177 36.38 6.28 -9.00
CA TYR K 177 35.64 5.64 -10.08
C TYR K 177 35.04 6.68 -11.01
N GLY K 178 34.41 7.71 -10.44
CA GLY K 178 33.88 8.79 -11.26
C GLY K 178 34.95 9.57 -11.98
N ARG K 179 36.11 9.76 -11.34
CA ARG K 179 37.21 10.48 -11.97
C ARG K 179 37.74 9.72 -13.19
N VAL K 180 37.82 8.39 -13.09
CA VAL K 180 38.36 7.62 -14.21
C VAL K 180 37.28 7.37 -15.27
N VAL K 181 36.00 7.39 -14.89
CA VAL K 181 34.93 7.26 -15.87
C VAL K 181 34.84 8.53 -16.72
N TYR K 182 34.94 9.69 -16.07
CA TYR K 182 34.77 10.96 -16.78
C TYR K 182 35.83 11.16 -17.87
N GLU K 183 37.08 10.79 -17.59
CA GLU K 183 38.15 11.04 -18.54
C GLU K 183 38.00 10.19 -19.80
N CYS K 184 37.60 8.92 -19.65
CA CYS K 184 37.38 8.07 -20.82
C CYS K 184 36.23 8.57 -21.67
N LEU K 185 35.15 9.02 -21.03
CA LEU K 185 33.98 9.49 -21.78
C LEU K 185 34.27 10.77 -22.52
N ARG K 186 35.01 11.69 -21.90
CA ARG K 186 35.31 12.97 -22.53
C ARG K 186 36.30 12.86 -23.69
N GLY K 187 36.96 11.71 -23.83
CA GLY K 187 37.93 11.53 -24.91
C GLY K 187 37.34 11.07 -26.22
N GLY K 188 36.06 10.70 -26.22
CA GLY K 188 35.42 10.28 -27.45
C GLY K 188 34.53 9.06 -27.34
N LEU K 189 34.84 8.13 -26.44
CA LEU K 189 34.04 6.93 -26.30
C LEU K 189 32.63 7.28 -25.82
N ASP K 190 31.70 6.34 -26.02
CA ASP K 190 30.32 6.53 -25.62
C ASP K 190 29.80 5.50 -24.63
N PHE K 191 30.64 4.57 -24.19
CA PHE K 191 30.23 3.57 -23.21
C PHE K 191 31.41 3.24 -22.29
N THR K 192 31.09 3.09 -21.00
CA THR K 192 32.05 2.60 -20.02
C THR K 192 31.39 1.47 -19.23
N LYS K 193 32.20 0.46 -18.91
CA LYS K 193 31.70 -0.79 -18.36
C LYS K 193 32.06 -0.92 -16.88
N ASP K 194 31.12 -1.45 -16.11
CA ASP K 194 31.41 -1.85 -14.74
C ASP K 194 31.91 -3.29 -14.73
N ASP K 195 33.04 -3.52 -14.09
CA ASP K 195 33.57 -4.88 -14.01
C ASP K 195 32.64 -5.75 -13.18
N GLU K 196 32.62 -7.04 -13.50
CA GLU K 196 31.73 -7.97 -12.82
C GLU K 196 32.08 -8.11 -11.34
N ASN K 197 33.33 -7.83 -10.97
CA ASN K 197 33.72 -7.91 -9.56
C ASN K 197 33.03 -6.85 -8.71
N ILE K 198 32.72 -5.70 -9.29
CA ILE K 198 32.11 -4.60 -8.54
C ILE K 198 30.60 -4.78 -8.53
N ASN K 199 30.08 -5.32 -7.43
CA ASN K 199 28.64 -5.34 -7.19
C ASN K 199 28.32 -4.46 -6.00
N SER K 200 28.94 -4.77 -4.86
CA SER K 200 28.93 -3.91 -3.69
C SER K 200 30.12 -4.26 -2.80
N GLN K 201 31.20 -3.49 -2.88
CA GLN K 201 32.40 -3.83 -2.15
C GLN K 201 32.54 -2.96 -0.89
N PRO K 202 33.20 -3.49 0.14
CA PRO K 202 33.42 -2.68 1.36
C PRO K 202 34.18 -1.39 1.09
N PHE K 203 35.15 -1.42 0.18
CA PHE K 203 35.92 -0.21 -0.13
C PHE K 203 35.17 0.74 -1.05
N GLN K 204 34.13 0.27 -1.74
CA GLN K 204 33.35 1.12 -2.62
C GLN K 204 31.90 0.65 -2.66
N ARG K 205 31.04 1.29 -1.87
CA ARG K 205 29.65 0.87 -1.79
C ARG K 205 28.91 1.23 -3.07
N TRP K 206 27.86 0.45 -3.34
CA TRP K 206 27.10 0.62 -4.58
C TRP K 206 26.27 1.90 -4.57
N GLN K 207 25.84 2.36 -3.39
CA GLN K 207 25.15 3.63 -3.31
C GLN K 207 26.05 4.82 -3.61
N ASN K 208 27.36 4.67 -3.46
CA ASN K 208 28.31 5.72 -3.81
C ASN K 208 28.83 5.54 -5.23
N ARG K 209 28.98 4.30 -5.69
CA ARG K 209 29.34 4.07 -7.08
C ARG K 209 28.27 4.59 -8.02
N PHE K 210 26.99 4.36 -7.70
CA PHE K 210 25.91 4.88 -8.53
C PHE K 210 25.89 6.40 -8.52
N GLU K 211 26.10 7.01 -7.36
CA GLU K 211 26.02 8.46 -7.25
C GLU K 211 27.18 9.15 -7.94
N PHE K 212 28.41 8.64 -7.78
CA PHE K 212 29.57 9.32 -8.34
C PHE K 212 29.76 9.02 -9.82
N VAL K 213 29.10 8.00 -10.35
CA VAL K 213 29.07 7.80 -11.79
C VAL K 213 28.06 8.75 -12.43
N ALA K 214 27.05 9.16 -11.68
CA ALA K 214 25.97 9.98 -12.21
C ALA K 214 26.46 11.33 -12.74
N GLU K 215 27.52 11.90 -12.15
CA GLU K 215 28.02 13.17 -12.66
C GLU K 215 29.03 12.99 -13.78
N ALA K 216 29.89 11.97 -13.70
CA ALA K 216 30.86 11.74 -14.76
C ALA K 216 30.18 11.56 -16.11
N VAL K 217 29.12 10.75 -16.16
CA VAL K 217 28.35 10.63 -17.39
C VAL K 217 27.69 11.96 -17.74
N ALA K 218 27.05 12.60 -16.75
CA ALA K 218 26.31 13.83 -17.03
C ALA K 218 27.22 15.02 -17.34
N LEU K 219 28.47 14.99 -16.89
CA LEU K 219 29.38 16.10 -17.16
C LEU K 219 30.13 15.94 -18.48
N ALA K 220 30.50 14.72 -18.86
CA ALA K 220 31.13 14.48 -20.14
C ALA K 220 30.12 14.42 -21.30
N GLN K 221 28.84 14.28 -21.00
CA GLN K 221 27.82 14.29 -22.05
C GLN K 221 27.60 15.69 -22.59
N GLN K 222 27.54 16.70 -21.72
CA GLN K 222 27.30 18.06 -22.15
C GLN K 222 28.53 18.67 -22.83
N GLU K 223 29.73 18.19 -22.50
CA GLU K 223 30.94 18.75 -23.09
C GLU K 223 31.11 18.35 -24.54
N THR K 224 30.84 17.08 -24.88
CA THR K 224 31.01 16.60 -26.25
C THR K 224 29.75 16.78 -27.09
N GLY K 225 28.59 16.91 -26.47
CA GLY K 225 27.34 16.97 -27.21
C GLY K 225 26.79 15.63 -27.62
N GLU K 226 27.35 14.53 -27.13
CA GLU K 226 26.90 13.19 -27.46
C GLU K 226 26.38 12.50 -26.21
N LYS K 227 25.35 11.67 -26.39
CA LYS K 227 24.82 10.90 -25.28
C LYS K 227 25.76 9.74 -24.95
N LYS K 228 26.12 9.64 -23.68
CA LYS K 228 27.04 8.62 -23.21
C LYS K 228 26.38 7.80 -22.11
N GLY K 229 26.81 6.55 -21.99
CA GLY K 229 26.23 5.65 -21.02
C GLY K 229 27.29 4.93 -20.22
N HIS K 230 26.86 4.35 -19.11
CA HIS K 230 27.75 3.61 -18.23
C HIS K 230 26.95 2.51 -17.57
N TYR K 231 27.27 1.25 -17.88
CA TYR K 231 26.55 0.12 -17.33
C TYR K 231 26.81 0.03 -15.83
N LEU K 232 25.74 0.07 -15.04
CA LEU K 232 25.84 -0.14 -13.60
C LEU K 232 25.44 -1.58 -13.29
N ASN K 233 26.35 -2.32 -12.65
CA ASN K 233 26.13 -3.73 -12.38
C ASN K 233 25.03 -3.87 -11.34
N CYS K 234 23.95 -4.56 -11.71
CA CYS K 234 22.82 -4.79 -10.82
C CYS K 234 22.72 -6.24 -10.36
N THR K 235 23.79 -7.02 -10.51
CA THR K 235 23.81 -8.38 -10.00
C THR K 235 23.72 -8.36 -8.48
N ALA K 236 22.80 -9.16 -7.93
CA ALA K 236 22.48 -9.10 -6.51
C ALA K 236 22.26 -10.52 -5.99
N ALA K 237 22.37 -10.68 -4.68
CA ALA K 237 22.14 -11.96 -4.02
C ALA K 237 20.66 -12.30 -3.90
N THR K 238 19.79 -11.30 -3.86
CA THR K 238 18.35 -11.49 -3.74
C THR K 238 17.64 -10.62 -4.77
N PRO K 239 16.53 -11.11 -5.33
CA PRO K 239 15.81 -10.30 -6.33
C PRO K 239 15.28 -8.99 -5.77
N GLU K 240 15.07 -8.88 -4.47
CA GLU K 240 14.66 -7.61 -3.89
C GLU K 240 15.73 -6.54 -4.03
N GLU K 241 17.01 -6.94 -3.89
CA GLU K 241 18.11 -5.99 -4.00
C GLU K 241 18.35 -5.58 -5.45
N MET K 242 18.24 -6.52 -6.39
CA MET K 242 18.49 -6.21 -7.79
C MET K 242 17.44 -5.22 -8.32
N TYR K 243 16.18 -5.39 -7.91
CA TYR K 243 15.16 -4.41 -8.26
C TYR K 243 15.46 -3.06 -7.64
N GLU K 244 15.95 -3.05 -6.39
CA GLU K 244 16.31 -1.79 -5.75
C GLU K 244 17.41 -1.07 -6.51
N ARG K 245 18.47 -1.80 -6.91
CA ARG K 245 19.55 -1.18 -7.66
C ARG K 245 19.08 -0.69 -9.02
N ALA K 246 18.25 -1.48 -9.69
CA ALA K 246 17.74 -1.06 -11.00
C ALA K 246 16.88 0.19 -10.89
N GLU K 247 16.00 0.24 -9.89
CA GLU K 247 15.18 1.43 -9.69
C GLU K 247 16.01 2.65 -9.30
N PHE K 248 17.02 2.47 -8.45
CA PHE K 248 17.89 3.58 -8.09
C PHE K 248 18.66 4.10 -9.30
N ALA K 249 19.10 3.19 -10.16
CA ALA K 249 19.70 3.60 -11.43
C ALA K 249 18.71 4.38 -12.28
N LYS K 250 17.45 3.96 -12.30
CA LYS K 250 16.43 4.68 -13.07
C LYS K 250 16.21 6.08 -12.53
N GLU K 251 16.14 6.24 -11.20
CA GLU K 251 15.92 7.57 -10.63
C GLU K 251 17.08 8.51 -10.91
N LEU K 252 18.29 7.98 -11.06
CA LEU K 252 19.44 8.78 -11.45
C LEU K 252 19.40 9.20 -12.91
N GLY K 253 18.48 8.65 -13.70
CA GLY K 253 18.40 8.99 -15.10
C GLY K 253 19.39 8.26 -15.98
N GLN K 254 20.02 7.18 -15.47
CA GLN K 254 20.96 6.42 -16.26
C GLN K 254 20.23 5.61 -17.33
N PRO K 255 20.77 5.51 -18.54
CA PRO K 255 20.04 4.88 -19.64
C PRO K 255 20.17 3.38 -19.71
N ILE K 256 21.27 2.82 -19.19
CA ILE K 256 21.58 1.41 -19.41
C ILE K 256 22.15 0.81 -18.14
N ILE K 257 21.89 -0.49 -17.94
CA ILE K 257 22.39 -1.23 -16.79
C ILE K 257 23.08 -2.50 -17.26
N MET K 258 23.57 -3.31 -16.33
CA MET K 258 24.29 -4.53 -16.66
C MET K 258 23.84 -5.64 -15.71
N HIS K 259 23.88 -6.88 -16.21
CA HIS K 259 23.40 -8.01 -15.43
C HIS K 259 24.11 -9.27 -15.90
N ASP K 260 24.34 -10.19 -14.96
CA ASP K 260 24.98 -11.47 -15.23
C ASP K 260 23.91 -12.55 -15.17
N TYR K 261 23.58 -13.14 -16.32
CA TYR K 261 22.45 -14.06 -16.35
C TYR K 261 22.86 -15.51 -16.11
N ILE K 262 24.05 -15.92 -16.56
CA ILE K 262 24.44 -17.31 -16.40
C ILE K 262 24.51 -17.69 -14.92
N THR K 263 25.18 -16.87 -14.11
CA THR K 263 25.27 -17.13 -12.68
C THR K 263 24.14 -16.51 -11.89
N GLY K 264 23.59 -15.39 -12.37
CA GLY K 264 22.47 -14.75 -11.69
C GLY K 264 21.13 -15.42 -11.89
N GLY K 265 21.05 -16.39 -12.79
CA GLY K 265 19.80 -17.12 -12.95
C GLY K 265 18.95 -16.58 -14.08
N PHE K 266 18.44 -17.51 -14.91
CA PHE K 266 17.53 -17.12 -15.97
C PHE K 266 16.24 -16.54 -15.41
N THR K 267 15.80 -17.02 -14.24
CA THR K 267 14.61 -16.43 -13.61
C THR K 267 14.82 -14.96 -13.28
N ALA K 268 15.94 -14.65 -12.64
CA ALA K 268 16.24 -13.26 -12.30
C ALA K 268 16.43 -12.41 -13.56
N ASN K 269 17.09 -12.98 -14.57
CA ASN K 269 17.32 -12.23 -15.82
C ASN K 269 16.00 -11.91 -16.50
N THR K 270 15.07 -12.88 -16.55
CA THR K 270 13.76 -12.65 -17.13
C THR K 270 12.94 -11.66 -16.32
N GLY K 271 13.01 -11.73 -14.99
CA GLY K 271 12.33 -10.73 -14.19
C GLY K 271 12.86 -9.34 -14.44
N LEU K 272 14.18 -9.20 -14.57
CA LEU K 272 14.77 -7.90 -14.89
C LEU K 272 14.47 -7.50 -16.33
N SER K 273 14.44 -8.48 -17.24
CA SER K 273 14.19 -8.17 -18.65
C SER K 273 12.81 -7.56 -18.86
N LYS K 274 11.79 -8.09 -18.19
CA LYS K 274 10.46 -7.51 -18.24
C LYS K 274 10.37 -6.18 -17.50
N TRP K 275 11.15 -6.01 -16.43
CA TRP K 275 11.20 -4.73 -15.73
C TRP K 275 11.79 -3.63 -16.61
N CYS K 276 12.82 -3.96 -17.39
CA CYS K 276 13.46 -2.96 -18.25
C CYS K 276 12.53 -2.45 -19.35
N ARG K 277 11.66 -3.31 -19.88
CA ARG K 277 10.76 -2.88 -20.96
C ARG K 277 9.75 -1.85 -20.47
N LYS K 278 9.21 -2.04 -19.27
CA LYS K 278 8.18 -1.13 -18.77
C LYS K 278 8.74 0.19 -18.27
N ASN K 279 10.04 0.26 -18.00
CA ASN K 279 10.67 1.48 -17.55
C ASN K 279 11.54 2.14 -18.61
N GLY K 280 11.57 1.60 -19.82
CA GLY K 280 12.34 2.19 -20.90
C GLY K 280 13.85 2.18 -20.66
N MET K 281 14.37 1.05 -20.20
CA MET K 281 15.78 0.91 -19.90
C MET K 281 16.45 -0.03 -20.90
N LEU K 282 17.74 0.19 -21.10
CA LEU K 282 18.58 -0.67 -21.92
C LEU K 282 19.39 -1.60 -21.03
N LEU K 283 19.70 -2.79 -21.56
CA LEU K 283 20.31 -3.85 -20.77
C LEU K 283 21.58 -4.33 -21.46
N HIS K 284 22.55 -4.76 -20.65
CA HIS K 284 23.76 -5.40 -21.12
C HIS K 284 23.97 -6.67 -20.33
N ILE K 285 24.57 -7.69 -20.96
CA ILE K 285 24.70 -9.01 -20.38
C ILE K 285 26.16 -9.43 -20.44
N HIS K 286 26.62 -10.13 -19.40
CA HIS K 286 27.98 -10.65 -19.32
C HIS K 286 27.91 -12.16 -19.17
N ARG K 287 28.83 -12.87 -19.82
CA ARG K 287 28.86 -14.33 -19.78
C ARG K 287 29.90 -14.83 -18.77
N ALA K 288 29.44 -14.98 -17.53
CA ALA K 288 30.32 -15.40 -16.45
C ALA K 288 30.53 -16.91 -16.47
N MET K 289 31.77 -17.33 -16.21
CA MET K 289 32.19 -18.73 -16.08
C MET K 289 31.67 -19.61 -17.23
N HIS K 290 31.44 -19.00 -18.39
CA HIS K 290 30.98 -19.74 -19.56
C HIS K 290 31.98 -20.81 -20.00
N ALA K 291 33.28 -20.57 -19.82
CA ALA K 291 34.30 -21.51 -20.27
C ALA K 291 34.26 -22.83 -19.53
N VAL K 292 33.54 -22.92 -18.41
CA VAL K 292 33.40 -24.19 -17.71
C VAL K 292 32.61 -25.18 -18.57
N ILE K 293 31.59 -24.70 -19.28
CA ILE K 293 30.67 -25.59 -19.98
C ILE K 293 31.09 -25.83 -21.42
N ASP K 294 31.17 -24.77 -22.23
CA ASP K 294 31.27 -24.91 -23.68
C ASP K 294 32.69 -25.02 -24.20
N ARG K 295 33.71 -24.96 -23.34
CA ARG K 295 35.08 -24.93 -23.83
C ARG K 295 35.48 -26.22 -24.55
N HIS K 296 35.08 -27.36 -24.02
CA HIS K 296 35.59 -28.61 -24.59
C HIS K 296 34.65 -29.14 -25.65
N PRO K 297 35.17 -29.74 -26.72
CA PRO K 297 34.33 -30.06 -27.89
C PRO K 297 33.55 -31.36 -27.79
N LYS K 298 33.64 -32.09 -26.67
CA LYS K 298 32.90 -33.33 -26.53
C LYS K 298 31.99 -33.37 -25.32
N HIS K 299 31.97 -32.33 -24.49
CA HIS K 299 31.15 -32.29 -23.29
C HIS K 299 30.45 -30.94 -23.19
N GLY K 300 29.28 -30.94 -22.55
CA GLY K 300 28.58 -29.72 -22.26
C GLY K 300 27.61 -29.29 -23.35
N ILE K 301 27.36 -27.98 -23.39
CA ILE K 301 26.44 -27.38 -24.33
C ILE K 301 27.17 -26.28 -25.09
N HIS K 302 26.88 -26.16 -26.38
CA HIS K 302 27.46 -25.10 -27.18
C HIS K 302 26.93 -23.73 -26.73
N PHE K 303 27.79 -22.72 -26.85
CA PHE K 303 27.40 -21.36 -26.49
C PHE K 303 26.26 -20.84 -27.36
N ARG K 304 26.08 -21.41 -28.54
CA ARG K 304 25.02 -20.98 -29.45
C ARG K 304 23.63 -21.18 -28.84
N VAL K 305 23.41 -22.33 -28.21
CA VAL K 305 22.11 -22.60 -27.58
C VAL K 305 21.84 -21.59 -26.49
N LEU K 306 22.85 -21.28 -25.67
CA LEU K 306 22.71 -20.23 -24.67
C LEU K 306 22.44 -18.87 -25.28
N ALA K 307 23.03 -18.55 -26.44
CA ALA K 307 22.73 -17.29 -27.11
C ALA K 307 21.28 -17.23 -27.55
N LYS K 308 20.75 -18.31 -28.13
CA LYS K 308 19.35 -18.34 -28.51
C LYS K 308 18.44 -18.21 -27.29
N CYS K 309 18.78 -18.91 -26.21
CA CYS K 309 17.99 -18.82 -24.99
C CYS K 309 18.00 -17.40 -24.43
N LEU K 310 19.15 -16.74 -24.43
CA LEU K 310 19.22 -15.36 -23.97
C LEU K 310 18.40 -14.44 -24.85
N ARG K 311 18.50 -14.60 -26.17
CA ARG K 311 17.71 -13.78 -27.08
C ARG K 311 16.22 -13.94 -26.83
N LEU K 312 15.77 -15.16 -26.56
CA LEU K 312 14.38 -15.35 -26.17
C LEU K 312 14.08 -14.68 -24.83
N SER K 313 14.99 -14.81 -23.87
CA SER K 313 14.74 -14.29 -22.53
C SER K 313 14.73 -12.76 -22.50
N GLY K 314 15.71 -12.14 -23.13
CA GLY K 314 15.79 -10.69 -23.14
C GLY K 314 17.23 -10.23 -23.23
N GLY K 315 17.41 -8.93 -23.00
CA GLY K 315 18.73 -8.32 -23.09
C GLY K 315 19.01 -7.78 -24.47
N ASP K 316 19.77 -6.69 -24.54
CA ASP K 316 20.07 -6.04 -25.81
C ASP K 316 21.50 -6.26 -26.28
N GLN K 317 22.41 -6.63 -25.38
CA GLN K 317 23.80 -6.88 -25.75
C GLN K 317 24.27 -8.19 -25.13
N LEU K 318 25.34 -8.74 -25.71
CA LEU K 318 25.89 -10.01 -25.26
C LEU K 318 27.38 -10.04 -25.57
N HIS K 319 28.19 -10.46 -24.62
CA HIS K 319 29.61 -10.65 -24.88
C HIS K 319 29.81 -11.79 -25.86
N THR K 320 30.76 -11.62 -26.77
CA THR K 320 31.08 -12.68 -27.73
C THR K 320 32.53 -13.12 -27.57
N GLY K 321 33.44 -12.16 -27.43
CA GLY K 321 34.84 -12.43 -27.22
C GLY K 321 35.50 -13.21 -28.34
N THR K 322 36.80 -13.45 -28.16
CA THR K 322 37.58 -12.93 -27.05
C THR K 322 38.74 -12.09 -27.59
N VAL K 323 38.97 -12.21 -28.89
CA VAL K 323 39.87 -11.36 -29.66
C VAL K 323 41.28 -11.33 -29.05
N VAL K 324 41.87 -12.49 -28.82
CA VAL K 324 43.31 -12.58 -28.58
C VAL K 324 43.91 -13.72 -29.39
N GLY K 325 44.34 -13.44 -30.62
CA GLY K 325 43.99 -12.23 -31.35
C GLY K 325 42.58 -12.37 -31.89
N LYS K 326 42.16 -13.62 -32.07
CA LYS K 326 40.79 -13.99 -32.37
C LYS K 326 40.50 -15.32 -31.70
N LEU K 327 39.22 -15.61 -31.50
CA LEU K 327 38.84 -16.88 -30.87
C LEU K 327 39.20 -18.08 -31.73
N GLU K 328 38.86 -18.04 -33.02
CA GLU K 328 39.10 -19.12 -33.99
C GLU K 328 38.25 -20.34 -33.65
N ASP K 330 37.57 -20.91 -34.66
CA ASP K 330 37.60 -20.46 -36.05
C ASP K 330 36.61 -19.33 -36.31
N ARG K 331 36.86 -18.56 -37.38
CA ARG K 331 35.99 -17.44 -37.70
C ARG K 331 34.62 -17.88 -38.19
N GLN K 332 34.55 -19.00 -38.93
CA GLN K 332 33.27 -19.46 -39.47
C GLN K 332 32.28 -19.80 -38.36
N THR K 333 32.76 -20.48 -37.32
CA THR K 333 31.87 -20.87 -36.22
C THR K 333 31.37 -19.64 -35.46
N THR K 334 32.24 -18.64 -35.27
CA THR K 334 31.83 -17.45 -34.54
C THR K 334 30.67 -16.74 -35.23
N LEU K 335 30.74 -16.58 -36.56
CA LEU K 335 29.62 -16.02 -37.30
C LEU K 335 28.44 -16.97 -37.35
N GLY K 336 28.63 -18.24 -36.98
CA GLY K 336 27.53 -19.19 -36.99
C GLY K 336 26.43 -18.81 -36.01
N PHE K 337 26.81 -18.38 -34.81
CA PHE K 337 25.84 -17.92 -33.82
C PHE K 337 25.66 -16.41 -33.82
N ILE K 338 26.55 -15.67 -34.48
CA ILE K 338 26.34 -14.23 -34.65
C ILE K 338 25.09 -13.97 -35.48
N ASP K 339 24.92 -14.74 -36.56
CA ASP K 339 23.72 -14.60 -37.39
C ASP K 339 22.46 -14.89 -36.60
N GLN K 340 22.54 -15.81 -35.64
CA GLN K 340 21.39 -16.10 -34.79
C GLN K 340 21.07 -14.96 -33.83
N LEU K 341 22.06 -14.15 -33.47
CA LEU K 341 21.84 -13.04 -32.56
C LEU K 341 21.39 -11.77 -33.24
N ARG K 342 21.48 -11.69 -34.57
CA ARG K 342 21.19 -10.45 -35.27
C ARG K 342 20.13 -10.57 -36.35
N GLU K 343 20.13 -11.66 -37.12
CA GLU K 343 19.24 -11.75 -38.27
C GLU K 343 17.81 -12.09 -37.84
N SER K 344 16.92 -12.11 -38.83
CA SER K 344 15.53 -12.51 -38.62
C SER K 344 15.24 -13.90 -39.18
N PHE K 345 15.99 -14.34 -40.19
CA PHE K 345 15.90 -15.68 -40.74
C PHE K 345 17.30 -16.22 -40.95
N ILE K 346 17.53 -17.45 -40.53
CA ILE K 346 18.83 -18.10 -40.64
C ILE K 346 18.64 -19.44 -41.34
N PRO K 347 19.16 -19.61 -42.56
CA PRO K 347 19.02 -20.91 -43.24
C PRO K 347 19.95 -21.96 -42.66
N GLU K 348 19.79 -23.20 -43.11
CA GLU K 348 20.60 -24.32 -42.63
C GLU K 348 21.90 -24.37 -43.43
N ASP K 349 23.03 -24.27 -42.73
CA ASP K 349 24.35 -24.38 -43.34
C ASP K 349 25.27 -25.13 -42.40
N ARG K 350 25.85 -26.22 -42.89
CA ARG K 350 26.73 -27.05 -42.07
C ARG K 350 28.11 -26.42 -41.87
N SER K 351 28.56 -25.58 -42.79
CA SER K 351 29.88 -24.97 -42.66
C SER K 351 29.99 -24.13 -41.40
N ARG K 352 28.96 -23.33 -41.11
CA ARG K 352 28.92 -22.54 -39.89
C ARG K 352 28.25 -23.30 -38.75
N GLY K 353 27.92 -24.56 -38.95
CA GLY K 353 27.33 -25.36 -37.88
C GLY K 353 25.87 -25.09 -37.62
N ASN K 354 25.15 -24.50 -38.57
CA ASN K 354 23.72 -24.26 -38.44
C ASN K 354 22.99 -25.51 -38.93
N PHE K 355 22.43 -26.27 -37.99
CA PHE K 355 21.84 -27.57 -38.31
C PHE K 355 20.36 -27.48 -38.71
N PHE K 356 19.66 -26.41 -38.35
CA PHE K 356 18.23 -26.32 -38.56
C PHE K 356 17.88 -24.95 -39.14
N ASP K 357 16.72 -24.91 -39.82
CA ASP K 357 16.18 -23.65 -40.30
C ASP K 357 15.36 -23.00 -39.20
N GLN K 358 15.90 -21.92 -38.62
CA GLN K 358 15.27 -21.22 -37.51
C GLN K 358 14.67 -19.93 -38.02
N ASP K 359 13.40 -19.69 -37.71
CA ASP K 359 12.69 -18.48 -38.09
C ASP K 359 12.32 -17.71 -36.83
N TRP K 360 12.75 -16.45 -36.75
CA TRP K 360 12.53 -15.63 -35.56
C TRP K 360 11.36 -14.67 -35.70
N GLY K 361 10.60 -14.76 -36.79
CA GLY K 361 9.45 -13.90 -36.98
C GLY K 361 9.77 -12.43 -37.00
N SER K 362 9.34 -11.70 -35.97
CA SER K 362 9.53 -10.26 -35.88
C SER K 362 10.18 -9.86 -34.57
N MET K 363 10.94 -10.76 -33.96
CA MET K 363 11.63 -10.44 -32.71
C MET K 363 12.87 -9.62 -33.02
N PRO K 364 13.03 -8.45 -32.40
CA PRO K 364 14.19 -7.59 -32.72
C PRO K 364 15.50 -8.26 -32.34
N GLY K 365 16.55 -7.89 -33.08
CA GLY K 365 17.86 -8.47 -32.89
C GLY K 365 18.54 -8.00 -31.62
N VAL K 366 19.69 -8.61 -31.35
CA VAL K 366 20.48 -8.35 -30.17
C VAL K 366 21.88 -7.93 -30.60
N PHE K 367 22.36 -6.83 -30.03
CA PHE K 367 23.72 -6.37 -30.31
C PHE K 367 24.75 -7.42 -29.91
N ALA K 368 25.73 -7.65 -30.78
CA ALA K 368 26.81 -8.59 -30.52
C ALA K 368 28.04 -7.79 -30.12
N VAL K 369 28.50 -7.99 -28.89
CA VAL K 369 29.57 -7.18 -28.32
C VAL K 369 30.84 -8.03 -28.25
N ALA K 370 31.94 -7.49 -28.75
CA ALA K 370 33.24 -8.14 -28.70
C ALA K 370 34.17 -7.36 -27.77
N SER K 371 35.07 -8.08 -27.12
CA SER K 371 35.98 -7.47 -26.16
C SER K 371 37.20 -8.38 -26.00
N GLY K 372 37.99 -8.12 -24.96
CA GLY K 372 39.14 -8.93 -24.64
C GLY K 372 40.43 -8.52 -25.33
N GLY K 373 40.82 -7.25 -25.15
CA GLY K 373 42.14 -6.81 -25.58
C GLY K 373 42.25 -6.32 -27.00
N ILE K 374 41.34 -5.45 -27.45
CA ILE K 374 41.46 -4.84 -28.76
C ILE K 374 42.47 -3.70 -28.69
N HIS K 375 43.39 -3.66 -29.65
CA HIS K 375 44.40 -2.63 -29.72
C HIS K 375 44.36 -1.99 -31.10
N VAL K 376 45.33 -1.11 -31.37
CA VAL K 376 45.23 -0.17 -32.48
C VAL K 376 45.19 -0.86 -33.85
N TRP K 377 45.77 -2.06 -33.97
CA TRP K 377 45.81 -2.73 -35.27
C TRP K 377 44.65 -3.71 -35.49
N HIS K 378 43.63 -3.70 -34.65
CA HIS K 378 42.57 -4.71 -34.72
C HIS K 378 41.25 -4.21 -35.27
N MET K 379 40.96 -2.92 -35.19
CA MET K 379 39.71 -2.41 -35.77
C MET K 379 39.56 -2.73 -37.25
N PRO K 380 40.59 -2.59 -38.11
CA PRO K 380 40.41 -2.96 -39.53
C PRO K 380 39.99 -4.40 -39.73
N ALA K 381 40.46 -5.32 -38.89
CA ALA K 381 40.06 -6.72 -39.01
C ALA K 381 38.84 -7.06 -38.17
N LEU K 382 38.26 -6.09 -37.45
CA LEU K 382 37.09 -6.33 -36.62
C LEU K 382 35.82 -5.66 -37.14
N VAL K 383 35.93 -4.73 -38.09
CA VAL K 383 34.75 -4.10 -38.65
C VAL K 383 34.09 -4.98 -39.71
N ALA K 384 34.87 -5.53 -40.64
CA ALA K 384 34.31 -6.41 -41.66
C ALA K 384 33.78 -7.70 -41.06
N ILE K 385 34.49 -8.27 -40.09
CA ILE K 385 34.06 -9.51 -39.45
C ILE K 385 32.76 -9.31 -38.67
N PHE K 386 32.66 -8.23 -37.91
CA PHE K 386 31.50 -8.01 -37.03
C PHE K 386 30.44 -7.10 -37.63
N GLY K 387 30.64 -6.60 -38.85
CA GLY K 387 29.65 -5.75 -39.47
C GLY K 387 29.55 -4.39 -38.79
N ASP K 388 28.32 -3.86 -38.78
CA ASP K 388 28.06 -2.57 -38.17
C ASP K 388 27.25 -2.66 -36.90
N ASP K 389 26.62 -3.80 -36.63
CA ASP K 389 25.82 -3.99 -35.41
C ASP K 389 26.66 -4.70 -34.34
N SER K 390 27.64 -3.97 -33.82
CA SER K 390 28.57 -4.53 -32.84
C SER K 390 29.06 -3.43 -31.91
N VAL K 391 29.63 -3.85 -30.78
CA VAL K 391 30.22 -2.95 -29.80
C VAL K 391 31.60 -3.49 -29.43
N LEU K 392 32.60 -2.62 -29.45
CA LEU K 392 33.97 -2.98 -29.11
C LEU K 392 34.30 -2.40 -27.73
N GLN K 393 34.78 -3.25 -26.83
CA GLN K 393 35.05 -2.88 -25.45
C GLN K 393 36.50 -3.21 -25.12
N PHE K 394 37.27 -2.18 -24.77
CA PHE K 394 38.68 -2.35 -24.42
C PHE K 394 38.88 -2.26 -22.91
N GLY K 395 39.77 -3.10 -22.39
CA GLY K 395 40.17 -2.97 -21.00
C GLY K 395 41.43 -2.14 -20.86
N GLY K 396 42.45 -2.49 -21.65
CA GLY K 396 43.71 -1.76 -21.61
C GLY K 396 43.98 -0.97 -22.88
N GLY K 397 43.17 -1.19 -23.92
CA GLY K 397 43.39 -0.48 -25.16
C GLY K 397 43.25 1.03 -25.01
N THR K 398 42.23 1.47 -24.28
CA THR K 398 42.07 2.89 -24.00
C THR K 398 42.98 3.33 -22.87
N HIS K 399 43.15 2.49 -21.85
CA HIS K 399 43.88 2.90 -20.66
C HIS K 399 45.38 2.66 -20.78
N GLY K 400 45.82 2.02 -21.85
CA GLY K 400 47.24 1.74 -22.02
C GLY K 400 47.99 2.85 -22.72
N HIS K 401 47.27 3.89 -23.14
CA HIS K 401 47.82 5.02 -23.86
C HIS K 401 48.72 5.84 -22.95
N PRO K 402 49.96 6.12 -23.40
CA PRO K 402 50.93 6.81 -22.53
C PRO K 402 50.47 8.18 -22.05
N TRP K 403 49.60 8.84 -22.81
CA TRP K 403 49.13 10.17 -22.46
C TRP K 403 47.88 10.15 -21.58
N GLY K 404 47.40 8.97 -21.17
CA GLY K 404 46.34 8.87 -20.20
C GLY K 404 45.16 8.11 -20.75
N SER K 405 44.00 8.34 -20.14
CA SER K 405 42.77 7.68 -20.54
C SER K 405 41.90 8.52 -21.47
N ALA K 406 42.02 9.84 -21.40
CA ALA K 406 41.28 10.71 -22.32
C ALA K 406 41.89 10.72 -23.70
N ALA K 407 43.21 10.72 -23.80
CA ALA K 407 43.87 10.61 -25.10
C ALA K 407 43.72 9.23 -25.71
N GLY K 408 43.57 8.19 -24.87
CA GLY K 408 43.36 6.86 -25.40
C GLY K 408 42.05 6.74 -26.17
N ALA K 409 41.00 7.37 -25.66
CA ALA K 409 39.71 7.36 -26.36
C ALA K 409 39.81 8.04 -27.72
N ALA K 410 40.51 9.18 -27.80
CA ALA K 410 40.71 9.86 -29.07
C ALA K 410 41.64 9.09 -29.99
N ALA K 411 42.44 8.17 -29.45
CA ALA K 411 43.27 7.31 -30.27
C ALA K 411 42.48 6.21 -30.97
N ASN K 412 41.40 5.74 -30.35
CA ASN K 412 40.56 4.73 -30.98
C ASN K 412 39.48 5.36 -31.85
N ARG K 413 38.86 6.45 -31.38
CA ARG K 413 37.75 7.05 -32.12
C ARG K 413 38.18 7.52 -33.50
N VAL K 414 39.35 8.15 -33.60
CA VAL K 414 39.87 8.54 -34.91
C VAL K 414 40.25 7.32 -35.73
N ALA K 415 40.87 6.33 -35.09
CA ALA K 415 41.29 5.12 -35.80
C ALA K 415 40.11 4.26 -36.25
N LEU K 416 38.96 4.39 -35.58
CA LEU K 416 37.82 3.54 -35.93
C LEU K 416 37.05 4.12 -37.10
N GLU K 417 36.74 5.41 -37.05
CA GLU K 417 36.00 6.04 -38.14
C GLU K 417 36.80 6.07 -39.43
N ALA K 418 38.13 6.04 -39.35
CA ALA K 418 38.94 5.87 -40.55
C ALA K 418 38.67 4.53 -41.23
N CYS K 419 38.55 3.46 -40.43
CA CYS K 419 38.19 2.16 -40.99
C CYS K 419 36.82 2.20 -41.65
N VAL K 420 35.86 2.89 -41.03
CA VAL K 420 34.53 2.99 -41.61
C VAL K 420 34.58 3.71 -42.94
N LYS K 421 35.21 4.89 -42.96
CA LYS K 421 35.27 5.66 -44.20
C LYS K 421 36.11 4.97 -45.27
N ALA K 422 37.01 4.07 -44.88
CA ALA K 422 37.69 3.22 -45.86
C ALA K 422 36.85 2.03 -46.30
N ARG K 423 35.85 1.65 -45.52
CA ARG K 423 34.98 0.55 -45.93
C ARG K 423 33.90 1.04 -46.90
N ASN K 424 33.28 2.19 -46.61
CA ASN K 424 32.28 2.74 -47.51
C ASN K 424 32.92 3.20 -48.81
N ALA K 425 34.24 3.40 -48.80
CA ALA K 425 34.96 3.82 -50.00
C ALA K 425 35.24 2.64 -50.92
N GLY K 426 34.88 1.43 -50.47
CA GLY K 426 35.14 0.23 -51.23
C GLY K 426 36.54 -0.32 -51.10
N ARG K 427 37.38 0.30 -50.26
CA ARG K 427 38.73 -0.19 -50.06
C ARG K 427 38.72 -1.44 -49.18
N GLU K 428 39.84 -2.15 -49.21
CA GLU K 428 39.99 -3.41 -48.47
C GLU K 428 40.60 -3.07 -47.11
N ILE K 429 39.75 -3.01 -46.08
CA ILE K 429 40.21 -2.62 -44.76
C ILE K 429 41.14 -3.67 -44.16
N GLU K 430 40.84 -4.95 -44.41
CA GLU K 430 41.68 -6.03 -43.90
C GLU K 430 42.94 -6.25 -44.73
N LYS K 431 43.04 -5.62 -45.89
CA LYS K 431 44.21 -5.75 -46.75
C LYS K 431 45.03 -4.47 -46.87
N GLU K 432 44.41 -3.30 -46.70
CA GLU K 432 45.09 -2.02 -46.73
C GLU K 432 45.20 -1.38 -45.35
N SER K 433 45.38 -2.20 -44.31
CA SER K 433 45.32 -1.69 -42.94
C SER K 433 46.36 -0.60 -42.69
N ARG K 434 47.59 -0.81 -43.13
CA ARG K 434 48.65 0.17 -42.92
C ARG K 434 48.34 1.49 -43.61
N ASP K 435 47.88 1.45 -44.86
CA ASP K 435 47.57 2.65 -45.62
C ASP K 435 46.21 3.24 -45.25
N ILE K 436 45.44 2.56 -44.39
CA ILE K 436 44.22 3.17 -43.88
C ILE K 436 44.44 3.83 -42.52
N LEU K 437 45.21 3.21 -41.63
CA LEU K 437 45.46 3.76 -40.31
C LEU K 437 46.59 4.78 -40.29
N MET K 438 47.69 4.49 -41.00
CA MET K 438 48.82 5.42 -41.01
C MET K 438 48.47 6.73 -41.69
N GLU K 439 47.73 6.67 -42.80
CA GLU K 439 47.34 7.89 -43.50
C GLU K 439 46.29 8.69 -42.76
N ALA K 440 45.59 8.07 -41.80
CA ALA K 440 44.62 8.81 -40.99
C ALA K 440 45.26 9.43 -39.76
N ALA K 441 46.41 8.90 -39.34
CA ALA K 441 47.14 9.48 -38.21
C ALA K 441 47.77 10.82 -38.54
N LYS K 442 47.86 11.17 -39.82
CA LYS K 442 48.48 12.44 -40.23
C LYS K 442 47.65 13.65 -39.80
N HIS K 443 46.40 13.46 -39.40
CA HIS K 443 45.53 14.56 -39.01
C HIS K 443 45.12 14.43 -37.55
N SER K 444 45.75 13.50 -36.82
CA SER K 444 45.46 13.29 -35.40
C SER K 444 46.69 12.74 -34.71
N PRO K 445 47.42 13.57 -33.95
CA PRO K 445 48.65 13.10 -33.30
C PRO K 445 48.44 11.99 -32.27
N GLU K 446 47.24 11.84 -31.72
CA GLU K 446 46.98 10.78 -30.76
C GLU K 446 47.13 9.41 -31.40
N LEU K 447 46.50 9.19 -32.55
CA LEU K 447 46.70 7.93 -33.28
C LEU K 447 48.13 7.80 -33.77
N ALA K 448 48.76 8.94 -34.12
CA ALA K 448 50.12 8.90 -34.64
C ALA K 448 51.11 8.32 -33.62
N ILE K 449 50.79 8.40 -32.33
CA ILE K 449 51.63 7.77 -31.33
C ILE K 449 51.03 6.45 -30.83
N ALA K 450 49.70 6.31 -30.83
CA ALA K 450 49.09 5.05 -30.48
C ALA K 450 49.54 3.92 -31.40
N LEU K 451 49.78 4.24 -32.67
CA LEU K 451 50.35 3.26 -33.59
C LEU K 451 51.77 2.86 -33.18
N GLU K 452 52.59 3.82 -32.73
CA GLU K 452 53.94 3.50 -32.32
C GLU K 452 53.98 2.69 -31.02
N THR K 453 53.01 2.89 -30.14
CA THR K 453 53.02 2.20 -28.85
C THR K 453 52.78 0.71 -29.00
N TRP K 454 51.61 0.33 -29.53
CA TRP K 454 51.26 -1.09 -29.69
C TRP K 454 51.61 -1.59 -31.09
N LYS K 455 52.91 -1.52 -31.39
CA LYS K 455 53.42 -2.01 -32.66
C LYS K 455 53.62 -3.52 -32.59
N GLU K 456 53.23 -4.22 -33.66
CA GLU K 456 52.65 -3.59 -34.84
C GLU K 456 51.43 -4.37 -35.33
N THR L 6 50.42 21.92 -26.50
CA THR L 6 51.28 21.19 -25.59
C THR L 6 51.05 19.68 -25.70
N VAL L 7 52.05 18.90 -25.28
CA VAL L 7 51.98 17.44 -25.32
C VAL L 7 52.46 16.89 -23.99
N GLY L 8 51.74 15.92 -23.45
CA GLY L 8 50.52 15.39 -24.05
C GLY L 8 49.29 15.74 -23.24
N ASP L 9 48.44 16.59 -23.81
CA ASP L 9 47.23 17.08 -23.14
C ASP L 9 46.13 17.21 -24.18
N TYR L 10 45.23 16.24 -24.20
CA TYR L 10 44.09 16.28 -25.12
C TYR L 10 42.95 17.09 -24.50
N GLN L 11 42.41 18.02 -25.28
CA GLN L 11 41.31 18.88 -24.83
C GLN L 11 39.99 18.28 -25.30
N THR L 12 38.94 18.49 -24.51
CA THR L 12 37.61 18.04 -24.90
C THR L 12 37.08 18.88 -26.06
N VAL L 13 36.59 18.20 -27.09
CA VAL L 13 36.09 18.84 -28.30
C VAL L 13 34.69 18.33 -28.59
N ALA L 14 33.93 19.10 -29.35
CA ALA L 14 32.53 18.78 -29.61
C ALA L 14 32.36 18.20 -31.02
N THR L 15 31.76 17.02 -31.09
CA THR L 15 31.34 16.40 -32.34
C THR L 15 29.93 15.87 -32.15
N LEU L 16 29.12 15.88 -33.21
CA LEU L 16 27.70 15.61 -33.00
C LEU L 16 27.43 14.12 -32.91
N GLU L 17 27.63 13.37 -33.99
CA GLU L 17 27.57 11.91 -33.89
C GLU L 17 28.77 11.19 -34.51
N THR L 18 29.11 11.53 -35.75
CA THR L 18 30.03 10.71 -36.54
C THR L 18 30.85 11.58 -37.48
N PHE L 19 32.06 11.10 -37.81
CA PHE L 19 32.99 11.75 -38.72
C PHE L 19 33.38 13.16 -38.29
N GLY L 20 33.04 13.55 -37.06
CA GLY L 20 33.47 14.84 -36.57
C GLY L 20 34.92 14.86 -36.14
N PHE L 21 35.43 13.72 -35.65
CA PHE L 21 36.84 13.62 -35.29
C PHE L 21 37.77 13.74 -36.48
N LEU L 22 37.25 13.52 -37.69
CA LEU L 22 38.00 13.66 -38.93
C LEU L 22 37.80 15.06 -39.51
N PRO L 23 38.74 15.53 -40.32
CA PRO L 23 38.58 16.82 -40.99
C PRO L 23 37.37 16.81 -41.90
N PRO L 24 36.86 17.98 -42.28
CA PRO L 24 35.66 18.01 -43.13
C PRO L 24 35.88 17.28 -44.44
N MET L 25 34.83 16.59 -44.89
CA MET L 25 34.92 15.74 -46.06
C MET L 25 35.11 16.56 -47.32
N THR L 26 36.01 16.10 -48.18
CA THR L 26 36.22 16.72 -49.47
C THR L 26 35.16 16.26 -50.46
N GLN L 27 35.02 17.03 -51.55
CA GLN L 27 33.91 16.81 -52.48
C GLN L 27 33.94 15.41 -53.09
N ASP L 28 35.12 14.94 -53.48
CA ASP L 28 35.21 13.61 -54.10
C ASP L 28 34.83 12.52 -53.12
N GLU L 29 35.15 12.69 -51.83
CA GLU L 29 34.74 11.71 -50.83
C GLU L 29 33.23 11.73 -50.63
N ILE L 30 32.61 12.90 -50.75
CA ILE L 30 31.16 12.98 -50.74
C ILE L 30 30.57 12.20 -51.90
N TYR L 31 31.23 12.26 -53.06
CA TYR L 31 30.79 11.49 -54.22
C TYR L 31 30.79 9.99 -53.90
N ASP L 32 31.87 9.52 -53.26
CA ASP L 32 31.96 8.10 -52.91
C ASP L 32 30.92 7.70 -51.88
N GLN L 33 30.71 8.51 -50.84
CA GLN L 33 29.69 8.17 -49.85
C GLN L 33 28.30 8.16 -50.46
N ILE L 34 28.02 9.08 -51.38
CA ILE L 34 26.72 9.11 -52.03
C ILE L 34 26.56 7.91 -52.96
N ALA L 35 27.63 7.51 -53.63
CA ALA L 35 27.58 6.28 -54.42
C ALA L 35 27.28 5.08 -53.54
N TYR L 36 27.91 5.02 -52.36
CA TYR L 36 27.65 3.92 -51.44
C TYR L 36 26.19 3.90 -50.98
N ILE L 37 25.66 5.05 -50.58
CA ILE L 37 24.30 5.09 -50.06
C ILE L 37 23.30 4.77 -51.17
N ILE L 38 23.61 5.16 -52.41
CA ILE L 38 22.75 4.79 -53.54
C ILE L 38 22.83 3.29 -53.79
N ALA L 39 24.03 2.71 -53.74
CA ALA L 39 24.20 1.29 -53.99
C ALA L 39 23.55 0.42 -52.92
N GLN L 40 23.49 0.88 -51.67
CA GLN L 40 22.81 0.11 -50.63
C GLN L 40 21.30 0.16 -50.75
N GLY L 41 20.76 1.00 -51.61
CA GLY L 41 19.33 1.07 -51.83
C GLY L 41 18.55 1.89 -50.83
N TRP L 42 19.22 2.75 -50.07
CA TRP L 42 18.53 3.56 -49.06
C TRP L 42 17.93 4.81 -49.70
N SER L 43 17.22 5.58 -48.87
CA SER L 43 16.57 6.80 -49.32
C SER L 43 17.34 8.01 -48.79
N PRO L 44 17.97 8.80 -49.66
CA PRO L 44 18.72 9.97 -49.20
C PRO L 44 17.81 11.05 -48.65
N LEU L 45 18.41 11.94 -47.86
CA LEU L 45 17.67 13.05 -47.24
C LEU L 45 18.67 14.11 -46.81
N ILE L 46 18.29 15.37 -46.97
CA ILE L 46 19.11 16.52 -46.57
C ILE L 46 18.39 17.24 -45.44
N GLU L 47 19.08 17.40 -44.31
CA GLU L 47 18.52 18.05 -43.13
C GLU L 47 19.40 19.23 -42.72
N HIS L 48 18.86 20.08 -41.86
CA HIS L 48 19.57 21.26 -41.40
C HIS L 48 18.96 21.78 -40.11
N VAL L 49 19.83 22.25 -39.21
CA VAL L 49 19.42 22.87 -37.95
C VAL L 49 20.41 23.97 -37.59
N HIS L 50 19.94 24.88 -36.75
CA HIS L 50 20.83 25.89 -36.16
C HIS L 50 21.75 25.21 -35.15
N PRO L 51 23.07 25.40 -35.25
CA PRO L 51 23.99 24.75 -34.31
C PRO L 51 23.66 24.98 -32.84
N SER L 52 22.88 26.02 -32.50
CA SER L 52 22.44 26.18 -31.12
C SER L 52 21.44 25.08 -30.74
N ARG L 53 20.65 24.62 -31.69
CA ARG L 53 19.66 23.57 -31.46
C ARG L 53 20.17 22.23 -31.98
N SER L 54 21.47 21.99 -31.86
CA SER L 54 22.08 20.79 -32.44
C SER L 54 21.58 19.51 -31.80
N MET L 55 20.98 19.57 -30.60
CA MET L 55 20.51 18.38 -29.91
C MET L 55 19.04 18.08 -30.18
N ALA L 56 18.41 18.84 -31.08
CA ALA L 56 17.03 18.59 -31.44
C ALA L 56 16.89 17.23 -32.12
N THR L 57 15.84 16.50 -31.72
CA THR L 57 15.62 15.15 -32.24
C THR L 57 15.30 15.15 -33.73
N TYR L 58 14.45 16.06 -34.19
CA TYR L 58 13.99 16.07 -35.58
C TYR L 58 14.44 17.37 -36.24
N TRP L 59 15.18 17.24 -37.34
CA TRP L 59 15.66 18.39 -38.08
C TRP L 59 14.62 18.84 -39.11
N SER L 60 15.01 19.73 -40.01
CA SER L 60 14.13 20.23 -41.05
C SER L 60 14.50 19.60 -42.38
N TYR L 61 13.51 19.04 -43.07
CA TYR L 61 13.75 18.31 -44.30
C TYR L 61 14.07 19.27 -45.45
N TRP L 62 14.80 18.76 -46.44
CA TRP L 62 15.11 19.52 -47.64
C TRP L 62 15.37 18.59 -48.82
N LYS L 63 14.39 18.43 -49.69
CA LYS L 63 13.05 18.98 -49.57
C LYS L 63 12.15 17.88 -49.05
N LEU L 64 12.25 16.74 -49.69
CA LEU L 64 11.66 15.48 -49.29
C LEU L 64 12.66 14.39 -49.62
N PRO L 65 12.61 13.25 -48.94
CA PRO L 65 13.55 12.16 -49.26
C PRO L 65 13.47 11.75 -50.72
N PHE L 66 14.65 11.65 -51.34
CA PHE L 66 14.74 11.31 -52.77
C PHE L 66 14.47 9.82 -52.93
N PHE L 67 13.19 9.47 -52.79
CA PHE L 67 12.77 8.08 -52.81
C PHE L 67 13.05 7.47 -54.18
N GLY L 68 13.78 6.35 -54.19
CA GLY L 68 14.15 5.71 -55.43
C GLY L 68 15.02 6.55 -56.35
N GLU L 69 16.02 7.23 -55.78
CA GLU L 69 16.94 8.05 -56.55
C GLU L 69 18.16 7.22 -56.92
N LYS L 70 18.47 7.15 -58.22
CA LYS L 70 19.49 6.25 -58.73
C LYS L 70 20.69 6.99 -59.33
N ASP L 71 20.74 8.31 -59.19
CA ASP L 71 21.85 9.09 -59.73
C ASP L 71 22.27 10.13 -58.70
N LEU L 72 23.58 10.26 -58.50
CA LEU L 72 24.13 11.23 -57.57
C LEU L 72 24.13 12.65 -58.13
N GLY L 73 23.97 12.81 -59.44
CA GLY L 73 24.04 14.12 -60.09
C GLY L 73 23.00 15.13 -59.66
N VAL L 74 21.91 14.67 -59.05
CA VAL L 74 20.92 15.58 -58.47
C VAL L 74 21.16 15.80 -56.99
N ILE L 75 21.67 14.78 -56.30
CA ILE L 75 21.96 14.89 -54.87
C ILE L 75 23.05 15.92 -54.63
N VAL L 76 24.13 15.86 -55.39
CA VAL L 76 25.26 16.78 -55.17
C VAL L 76 24.94 18.20 -55.61
N SER L 77 23.77 18.43 -56.19
CA SER L 77 23.35 19.79 -56.51
C SER L 77 22.34 20.34 -55.51
N GLU L 78 21.56 19.48 -54.86
CA GLU L 78 20.61 19.94 -53.85
C GLU L 78 21.26 20.17 -52.50
N LEU L 79 22.46 19.65 -52.26
CA LEU L 79 23.19 19.92 -51.03
C LEU L 79 23.68 21.35 -50.96
N GLU L 80 24.10 21.91 -52.09
CA GLU L 80 24.48 23.32 -52.16
C GLU L 80 23.28 24.25 -52.13
N ALA L 81 22.12 23.80 -52.60
CA ALA L 81 20.93 24.64 -52.54
C ALA L 81 20.52 24.92 -51.09
N CYS L 82 20.47 23.87 -50.26
CA CYS L 82 20.16 24.06 -48.85
C CYS L 82 21.22 24.88 -48.15
N HIS L 83 22.49 24.66 -48.47
CA HIS L 83 23.57 25.40 -47.83
C HIS L 83 23.53 26.88 -48.20
N ARG L 84 23.17 27.19 -49.45
CA ARG L 84 23.02 28.58 -49.85
C ARG L 84 21.80 29.21 -49.20
N ALA L 85 20.70 28.45 -49.08
CA ALA L 85 19.52 28.95 -48.40
C ALA L 85 19.75 29.10 -46.91
N TYR L 86 20.56 28.24 -46.31
CA TYR L 86 20.85 28.27 -44.88
C TYR L 86 22.35 28.21 -44.67
N PRO L 87 23.05 29.33 -44.87
CA PRO L 87 24.51 29.34 -44.76
C PRO L 87 25.05 29.20 -43.35
N ASP L 88 24.23 29.37 -42.32
CA ASP L 88 24.67 29.29 -40.94
C ASP L 88 24.02 28.11 -40.22
N HIS L 89 23.91 26.97 -40.91
CA HIS L 89 23.28 25.78 -40.36
C HIS L 89 24.10 24.56 -40.72
N HIS L 90 24.06 23.55 -39.85
CA HIS L 90 24.62 22.25 -40.19
C HIS L 90 23.80 21.59 -41.28
N VAL L 91 24.45 20.76 -42.09
CA VAL L 91 23.79 20.04 -43.18
C VAL L 91 24.04 18.55 -42.96
N ARG L 92 22.96 17.79 -42.87
CA ARG L 92 23.06 16.35 -42.61
C ARG L 92 22.56 15.55 -43.81
N LEU L 93 23.27 14.45 -44.09
CA LEU L 93 22.92 13.54 -45.17
C LEU L 93 22.64 12.16 -44.58
N VAL L 94 21.43 11.66 -44.77
CA VAL L 94 20.98 10.44 -44.13
C VAL L 94 20.42 9.50 -45.20
N GLY L 95 20.44 8.20 -44.90
CA GLY L 95 19.83 7.21 -45.75
C GLY L 95 18.77 6.39 -45.04
N TYR L 96 17.53 6.49 -45.52
CA TYR L 96 16.42 5.77 -44.89
C TYR L 96 16.35 4.35 -45.41
N ASP L 97 16.37 3.39 -44.49
CA ASP L 97 16.26 1.98 -44.82
C ASP L 97 14.79 1.58 -44.72
N ALA L 98 14.22 1.15 -45.85
CA ALA L 98 12.79 0.85 -45.91
C ALA L 98 12.41 -0.44 -45.19
N TYR L 99 13.32 -1.41 -45.11
CA TYR L 99 12.96 -2.70 -44.51
C TYR L 99 13.04 -2.70 -43.00
N THR L 100 14.19 -2.32 -42.43
CA THR L 100 14.39 -2.40 -40.99
C THR L 100 14.00 -1.12 -40.26
N GLN L 101 13.50 -0.10 -40.98
CA GLN L 101 13.11 1.18 -40.38
C GLN L 101 14.26 1.85 -39.64
N SER L 102 15.48 1.65 -40.12
CA SER L 102 16.68 2.23 -39.51
C SER L 102 17.34 3.16 -40.50
N GLN L 103 18.51 3.68 -40.12
CA GLN L 103 19.26 4.61 -40.94
C GLN L 103 20.70 4.12 -41.03
N GLY L 104 21.11 3.71 -42.23
CA GLY L 104 22.41 3.09 -42.42
C GLY L 104 23.59 4.04 -42.46
N ALA L 105 23.34 5.33 -42.62
CA ALA L 105 24.41 6.32 -42.62
C ALA L 105 23.82 7.67 -42.20
N CYS L 106 24.44 8.28 -41.20
CA CYS L 106 23.98 9.56 -40.68
C CYS L 106 25.17 10.47 -40.37
N PHE L 107 25.58 11.29 -41.34
CA PHE L 107 26.77 12.11 -41.20
C PHE L 107 26.50 13.53 -41.68
N VAL L 108 27.16 14.49 -41.04
CA VAL L 108 27.03 15.89 -41.43
C VAL L 108 28.05 16.20 -42.52
N VAL L 109 27.57 16.75 -43.62
CA VAL L 109 28.42 17.11 -44.75
C VAL L 109 29.10 18.46 -44.53
N PHE L 110 28.32 19.49 -44.24
CA PHE L 110 28.84 20.83 -44.02
C PHE L 110 28.72 21.20 -42.54
N GLU L 111 29.83 21.64 -41.95
CA GLU L 111 29.90 21.87 -40.52
C GLU L 111 29.22 23.16 -40.07
N GLY L 112 28.81 24.02 -41.00
CA GLY L 112 28.16 25.26 -40.61
C GLY L 112 29.09 26.45 -40.61
N ARG L 113 28.93 27.33 -41.59
CA ARG L 113 29.76 28.53 -41.71
C ARG L 113 29.51 29.49 -40.55
N GLU M 11 -51.42 -16.15 -21.20
CA GLU M 11 -50.39 -15.57 -22.05
C GLU M 11 -50.98 -15.15 -23.39
N TYR M 12 -51.73 -14.05 -23.38
CA TYR M 12 -52.38 -13.54 -24.58
C TYR M 12 -52.08 -12.06 -24.75
N ARG M 13 -51.47 -11.47 -23.73
CA ARG M 13 -51.09 -10.05 -23.70
C ARG M 13 -52.29 -9.12 -23.76
N ASP M 14 -52.08 -7.92 -24.30
CA ASP M 14 -52.98 -6.77 -24.24
C ASP M 14 -53.01 -6.14 -22.85
N THR M 15 -52.31 -6.73 -21.88
CA THR M 15 -52.09 -6.11 -20.58
C THR M 15 -50.97 -5.09 -20.61
N TYR M 16 -50.07 -5.16 -21.59
CA TYR M 16 -49.02 -4.18 -21.78
C TYR M 16 -49.43 -3.08 -22.76
N TRP M 17 -50.55 -3.26 -23.46
CA TRP M 17 -51.06 -2.26 -24.40
C TRP M 17 -52.01 -1.36 -23.61
N THR M 18 -51.50 -0.18 -23.22
CA THR M 18 -52.25 0.79 -22.44
C THR M 18 -52.37 2.08 -23.25
N PRO M 19 -53.45 2.26 -24.02
CA PRO M 19 -53.59 3.50 -24.81
C PRO M 19 -53.93 4.73 -23.97
N ASP M 20 -54.20 4.57 -22.68
CA ASP M 20 -54.59 5.67 -21.82
C ASP M 20 -53.49 6.12 -20.87
N TYR M 21 -52.36 5.42 -20.84
CA TYR M 21 -51.29 5.77 -19.91
C TYR M 21 -50.61 7.07 -20.32
N VAL M 22 -50.23 7.86 -19.33
CA VAL M 22 -49.51 9.11 -19.56
C VAL M 22 -48.09 8.95 -19.04
N PRO M 23 -47.08 9.17 -19.87
CA PRO M 23 -45.69 9.00 -19.41
C PRO M 23 -45.34 9.96 -18.29
N LEU M 24 -44.55 9.48 -17.34
CA LEU M 24 -44.05 10.32 -16.26
C LEU M 24 -42.65 10.82 -16.61
N ASP M 25 -42.27 11.93 -15.99
CA ASP M 25 -40.98 12.57 -16.23
C ASP M 25 -39.81 11.68 -15.84
N THR M 26 -39.99 10.77 -14.88
CA THR M 26 -38.95 9.86 -14.45
C THR M 26 -38.89 8.58 -15.29
N ASP M 27 -39.88 8.36 -16.16
CA ASP M 27 -39.90 7.14 -16.95
C ASP M 27 -38.86 7.20 -18.07
N LEU M 28 -38.79 6.11 -18.84
CA LEU M 28 -37.88 5.98 -19.97
C LEU M 28 -38.71 5.58 -21.18
N LEU M 29 -38.84 6.50 -22.14
CA LEU M 29 -39.64 6.27 -23.32
C LEU M 29 -38.74 5.88 -24.50
N ALA M 30 -39.33 5.16 -25.44
CA ALA M 30 -38.58 4.69 -26.61
C ALA M 30 -39.53 4.52 -27.78
N CYS M 31 -38.97 4.54 -28.99
CA CYS M 31 -39.72 4.39 -30.22
C CYS M 31 -39.20 3.19 -30.99
N PHE M 32 -40.10 2.29 -31.36
CA PHE M 32 -39.76 1.10 -32.13
C PHE M 32 -40.48 1.14 -33.47
N LYS M 33 -39.73 1.06 -34.55
CA LYS M 33 -40.29 0.91 -35.90
C LYS M 33 -40.28 -0.58 -36.21
N CYS M 34 -41.37 -1.26 -35.88
CA CYS M 34 -41.41 -2.72 -35.92
C CYS M 34 -42.48 -3.19 -36.89
N THR M 35 -42.24 -4.36 -37.47
CA THR M 35 -43.21 -5.04 -38.32
C THR M 35 -42.99 -6.54 -38.17
N GLY M 36 -44.07 -7.26 -37.87
CA GLY M 36 -44.00 -8.67 -37.56
C GLY M 36 -44.72 -9.54 -38.59
N GLN M 37 -45.28 -10.64 -38.09
CA GLN M 37 -45.98 -11.58 -38.93
C GLN M 37 -47.26 -10.97 -39.50
N GLU M 38 -47.64 -11.42 -40.68
CA GLU M 38 -48.84 -10.92 -41.35
C GLU M 38 -50.08 -11.43 -40.66
N GLY M 39 -51.06 -10.54 -40.46
CA GLY M 39 -52.33 -10.93 -39.90
C GLY M 39 -52.54 -10.49 -38.46
N VAL M 40 -51.46 -10.45 -37.68
CA VAL M 40 -51.58 -10.09 -36.26
C VAL M 40 -51.91 -8.60 -36.15
N PRO M 41 -52.68 -8.19 -35.14
CA PRO M 41 -52.93 -6.75 -34.96
C PRO M 41 -51.68 -6.01 -34.53
N LYS M 42 -51.65 -4.72 -34.87
CA LYS M 42 -50.51 -3.88 -34.52
C LYS M 42 -50.38 -3.70 -33.01
N GLU M 43 -51.51 -3.67 -32.29
CA GLU M 43 -51.46 -3.50 -30.85
C GLU M 43 -50.89 -4.74 -30.16
N GLU M 44 -51.27 -5.93 -30.62
CA GLU M 44 -50.81 -7.16 -29.98
C GLU M 44 -49.30 -7.31 -30.07
N VAL M 45 -48.73 -7.07 -31.26
CA VAL M 45 -47.28 -7.17 -31.41
C VAL M 45 -46.57 -6.06 -30.63
N ALA M 46 -47.17 -4.87 -30.56
CA ALA M 46 -46.60 -3.82 -29.72
C ALA M 46 -46.58 -4.23 -28.25
N ALA M 47 -47.67 -4.85 -27.76
CA ALA M 47 -47.68 -5.37 -26.40
C ALA M 47 -46.62 -6.45 -26.23
N ALA M 48 -46.41 -7.27 -27.26
CA ALA M 48 -45.39 -8.31 -27.19
C ALA M 48 -43.98 -7.72 -27.03
N VAL M 49 -43.65 -6.71 -27.84
CA VAL M 49 -42.34 -6.08 -27.71
C VAL M 49 -42.22 -5.32 -26.40
N ALA M 50 -43.34 -4.80 -25.89
CA ALA M 50 -43.32 -4.14 -24.58
C ALA M 50 -43.02 -5.12 -23.47
N ALA M 51 -43.62 -6.31 -23.51
CA ALA M 51 -43.43 -7.30 -22.45
C ALA M 51 -42.05 -7.95 -22.54
N GLU M 52 -41.62 -8.29 -23.75
CA GLU M 52 -40.34 -8.97 -23.93
C GLU M 52 -39.15 -8.10 -23.57
N SER M 53 -39.30 -6.78 -23.58
CA SER M 53 -38.20 -5.86 -23.30
C SER M 53 -38.10 -5.50 -21.83
N SER M 54 -39.16 -5.67 -21.05
CA SER M 54 -39.14 -5.25 -19.66
C SER M 54 -39.28 -6.42 -18.69
N THR M 55 -40.33 -7.23 -18.85
CA THR M 55 -40.64 -8.26 -17.88
C THR M 55 -40.59 -9.67 -18.44
N GLY M 56 -40.99 -9.89 -19.69
CA GLY M 56 -41.01 -11.22 -20.25
C GLY M 56 -41.90 -12.17 -19.47
N THR M 57 -43.19 -11.86 -19.44
CA THR M 57 -44.15 -12.53 -18.57
C THR M 57 -45.53 -12.21 -19.15
N TRP M 58 -46.55 -12.96 -18.74
CA TRP M 58 -46.76 -13.92 -17.66
C TRP M 58 -46.67 -15.38 -18.08
N SER M 59 -45.81 -16.13 -17.38
CA SER M 59 -45.85 -17.58 -17.43
C SER M 59 -46.87 -18.10 -16.43
N THR M 60 -46.85 -19.40 -16.14
CA THR M 60 -47.71 -19.99 -15.12
C THR M 60 -46.82 -20.46 -13.98
N VAL M 61 -46.52 -19.54 -13.06
CA VAL M 61 -45.60 -19.80 -11.96
C VAL M 61 -46.22 -19.29 -10.66
N TRP M 62 -46.09 -20.10 -9.61
CA TRP M 62 -46.52 -19.65 -8.28
C TRP M 62 -45.70 -18.48 -7.78
N SER M 63 -44.40 -18.46 -8.10
CA SER M 63 -43.53 -17.39 -7.62
C SER M 63 -43.88 -16.04 -8.21
N GLU M 64 -44.71 -16.00 -9.25
CA GLU M 64 -45.07 -14.74 -9.88
C GLU M 64 -46.16 -13.98 -9.15
N LEU M 65 -46.73 -14.54 -8.08
CA LEU M 65 -47.73 -13.84 -7.30
C LEU M 65 -47.17 -13.23 -6.01
N LEU M 66 -45.88 -13.38 -5.76
CA LEU M 66 -45.24 -12.74 -4.61
C LEU M 66 -44.89 -11.28 -4.84
N VAL M 67 -44.91 -10.82 -6.09
CA VAL M 67 -44.49 -9.46 -6.44
C VAL M 67 -45.60 -8.80 -7.24
N ASP M 68 -45.91 -7.56 -6.88
CA ASP M 68 -46.88 -6.75 -7.61
C ASP M 68 -46.23 -6.30 -8.93
N LEU M 69 -46.29 -7.16 -9.93
CA LEU M 69 -45.56 -6.97 -11.19
C LEU M 69 -46.15 -5.86 -12.06
N ASP M 70 -47.34 -5.36 -11.73
CA ASP M 70 -47.94 -4.29 -12.53
C ASP M 70 -47.19 -2.96 -12.38
N PHE M 71 -46.31 -2.82 -11.39
CA PHE M 71 -45.52 -1.61 -11.25
C PHE M 71 -44.20 -1.69 -12.00
N TYR M 72 -43.67 -2.89 -12.20
CA TYR M 72 -42.42 -3.08 -12.95
C TYR M 72 -42.66 -3.28 -14.44
N LYS M 73 -43.92 -3.41 -14.86
CA LYS M 73 -44.21 -3.68 -16.26
C LYS M 73 -43.91 -2.47 -17.14
N GLY M 74 -43.33 -2.74 -18.29
CA GLY M 74 -43.10 -1.73 -19.32
C GLY M 74 -44.21 -1.76 -20.35
N ARG M 75 -45.03 -0.70 -20.35
CA ARG M 75 -46.24 -0.65 -21.14
C ARG M 75 -46.00 0.10 -22.45
N CYS M 76 -46.85 -0.16 -23.43
CA CYS M 76 -46.87 0.58 -24.69
C CYS M 76 -48.05 1.54 -24.64
N TYR M 77 -47.80 2.82 -24.88
CA TYR M 77 -48.81 3.85 -24.66
C TYR M 77 -49.26 4.55 -25.94
N ARG M 78 -48.54 4.39 -27.05
CA ARG M 78 -48.92 5.05 -28.29
C ARG M 78 -48.57 4.17 -29.47
N ILE M 79 -49.48 4.09 -30.44
CA ILE M 79 -49.25 3.40 -31.69
C ILE M 79 -49.40 4.40 -32.83
N GLU M 80 -48.36 4.53 -33.64
CA GLU M 80 -48.37 5.41 -34.80
C GLU M 80 -47.88 4.63 -36.02
N ASP M 81 -48.51 4.91 -37.16
CA ASP M 81 -48.18 4.21 -38.40
C ASP M 81 -47.11 4.98 -39.16
N VAL M 82 -46.09 4.27 -39.60
CA VAL M 82 -44.97 4.89 -40.33
C VAL M 82 -45.46 5.38 -41.69
N PRO M 83 -45.20 6.63 -42.07
CA PRO M 83 -45.61 7.10 -43.40
C PRO M 83 -44.67 6.55 -44.47
N GLY M 84 -45.26 6.06 -45.55
CA GLY M 84 -44.50 5.41 -46.61
C GLY M 84 -44.51 3.90 -46.56
N ASP M 85 -45.23 3.30 -45.62
CA ASP M 85 -45.34 1.86 -45.51
C ASP M 85 -46.69 1.53 -44.88
N LYS M 86 -47.13 0.29 -45.07
CA LYS M 86 -48.44 -0.15 -44.59
C LYS M 86 -48.38 -1.07 -43.38
N GLU M 87 -47.40 -1.98 -43.34
CA GLU M 87 -47.33 -2.94 -42.24
C GLU M 87 -46.42 -2.47 -41.11
N ALA M 88 -45.53 -1.53 -41.36
CA ALA M 88 -44.63 -1.01 -40.34
C ALA M 88 -45.31 0.13 -39.57
N PHE M 89 -44.88 0.31 -38.32
CA PHE M 89 -45.51 1.29 -37.45
C PHE M 89 -44.54 1.65 -36.33
N TYR M 90 -44.83 2.77 -35.67
CA TYR M 90 -44.07 3.25 -34.52
C TYR M 90 -44.73 2.75 -33.25
N ALA M 91 -43.95 2.10 -32.39
CA ALA M 91 -44.41 1.61 -31.10
C ALA M 91 -43.72 2.41 -30.00
N PHE M 92 -44.50 3.17 -29.25
CA PHE M 92 -43.99 3.97 -28.15
C PHE M 92 -44.21 3.22 -26.84
N ILE M 93 -43.13 2.99 -26.10
CA ILE M 93 -43.16 2.16 -24.90
C ILE M 93 -42.55 2.95 -23.75
N ALA M 94 -43.18 2.87 -22.59
CA ALA M 94 -42.72 3.55 -21.38
C ALA M 94 -42.27 2.53 -20.34
N TYR M 95 -41.10 2.77 -19.74
CA TYR M 95 -40.54 1.89 -18.73
C TYR M 95 -40.43 2.62 -17.40
N PRO M 96 -40.68 1.94 -16.28
CA PRO M 96 -40.42 2.56 -14.98
C PRO M 96 -38.94 2.81 -14.76
N LEU M 97 -38.65 3.85 -13.98
CA LEU M 97 -37.27 4.25 -13.71
C LEU M 97 -36.51 3.25 -12.84
N ASP M 98 -37.19 2.54 -11.94
CA ASP M 98 -36.52 1.68 -10.98
C ASP M 98 -36.00 0.37 -11.58
N LEU M 99 -36.33 0.07 -12.83
CA LEU M 99 -35.86 -1.17 -13.45
C LEU M 99 -34.38 -1.14 -13.81
N PHE M 100 -33.74 0.02 -13.80
CA PHE M 100 -32.37 0.15 -14.26
C PHE M 100 -31.51 0.81 -13.19
N GLU M 101 -30.22 0.46 -13.19
CA GLU M 101 -29.27 1.00 -12.23
C GLU M 101 -29.01 2.48 -12.51
N GLU M 102 -28.71 3.20 -11.43
CA GLU M 102 -28.41 4.62 -11.54
C GLU M 102 -27.02 4.82 -12.14
N GLY M 103 -26.92 5.70 -13.14
CA GLY M 103 -25.64 6.00 -13.73
C GLY M 103 -25.01 4.87 -14.51
N SER M 104 -25.79 3.88 -14.92
CA SER M 104 -25.28 2.72 -15.65
C SER M 104 -25.93 2.69 -17.03
N VAL M 105 -25.12 2.91 -18.06
CA VAL M 105 -25.62 2.82 -19.43
C VAL M 105 -25.56 1.40 -19.96
N THR M 106 -24.62 0.58 -19.46
CA THR M 106 -24.57 -0.82 -19.87
C THR M 106 -25.80 -1.59 -19.39
N ASN M 107 -26.37 -1.18 -18.25
CA ASN M 107 -27.52 -1.89 -17.70
C ASN M 107 -28.77 -1.63 -18.52
N VAL M 108 -29.03 -0.38 -18.90
CA VAL M 108 -30.23 -0.08 -19.67
C VAL M 108 -30.14 -0.67 -21.07
N LEU M 109 -28.94 -0.66 -21.67
CA LEU M 109 -28.77 -1.29 -22.97
C LEU M 109 -29.08 -2.78 -22.94
N THR M 110 -28.59 -3.47 -21.91
CA THR M 110 -28.87 -4.90 -21.77
C THR M 110 -30.34 -5.15 -21.48
N SER M 111 -30.96 -4.29 -20.67
CA SER M 111 -32.37 -4.46 -20.33
C SER M 111 -33.25 -4.26 -21.55
N LEU M 112 -32.91 -3.30 -22.40
CA LEU M 112 -33.78 -2.92 -23.51
C LEU M 112 -33.71 -3.93 -24.65
N VAL M 113 -32.53 -4.09 -25.24
CA VAL M 113 -32.39 -4.86 -26.48
C VAL M 113 -31.60 -6.14 -26.24
N GLY M 114 -31.39 -6.49 -24.97
CA GLY M 114 -30.63 -7.69 -24.67
C GLY M 114 -31.31 -8.97 -25.15
N ASN M 115 -32.63 -9.02 -25.09
CA ASN M 115 -33.36 -10.23 -25.46
C ASN M 115 -34.45 -10.00 -26.50
N VAL M 116 -35.07 -8.81 -26.57
CA VAL M 116 -36.19 -8.57 -27.47
C VAL M 116 -35.82 -8.82 -28.93
N PHE M 117 -34.56 -8.59 -29.30
CA PHE M 117 -34.14 -8.88 -30.67
C PHE M 117 -34.16 -10.38 -30.98
N GLY M 118 -34.08 -11.23 -29.96
CA GLY M 118 -34.14 -12.67 -30.16
C GLY M 118 -35.56 -13.19 -30.28
N PHE M 119 -36.54 -12.31 -30.12
CA PHE M 119 -37.94 -12.72 -30.19
C PHE M 119 -38.30 -13.08 -31.63
N LYS M 120 -39.11 -14.13 -31.78
CA LYS M 120 -39.32 -14.73 -33.10
C LYS M 120 -40.47 -14.10 -33.86
N ALA M 121 -41.41 -13.43 -33.19
CA ALA M 121 -42.58 -12.89 -33.87
C ALA M 121 -42.31 -11.54 -34.54
N LEU M 122 -41.10 -11.02 -34.45
CA LEU M 122 -40.75 -9.73 -35.04
C LEU M 122 -39.78 -9.95 -36.19
N ARG M 123 -40.16 -9.47 -37.38
CA ARG M 123 -39.30 -9.59 -38.54
C ARG M 123 -38.26 -8.47 -38.59
N HIS M 124 -38.70 -7.22 -38.56
CA HIS M 124 -37.82 -6.07 -38.58
C HIS M 124 -38.16 -5.18 -37.39
N LEU M 125 -37.16 -4.90 -36.55
CA LEU M 125 -37.34 -4.02 -35.40
C LEU M 125 -36.12 -3.11 -35.32
N ARG M 126 -36.36 -1.82 -35.08
CA ARG M 126 -35.30 -0.82 -35.08
C ARG M 126 -35.60 0.24 -34.04
N LEU M 127 -34.76 0.30 -33.00
CA LEU M 127 -34.87 1.33 -31.98
C LEU M 127 -34.35 2.65 -32.55
N GLU M 128 -35.12 3.72 -32.38
CA GLU M 128 -34.79 5.01 -32.97
C GLU M 128 -34.38 6.05 -31.94
N ASP M 129 -35.19 6.27 -30.91
CA ASP M 129 -34.95 7.36 -29.98
C ASP M 129 -35.34 6.92 -28.58
N ILE M 130 -34.72 7.56 -27.59
CA ILE M 130 -35.02 7.32 -26.19
C ILE M 130 -35.19 8.66 -25.49
N ARG M 131 -36.12 8.73 -24.54
CA ARG M 131 -36.32 9.93 -23.74
C ARG M 131 -35.76 9.68 -22.35
N PHE M 132 -34.49 10.03 -22.14
CA PHE M 132 -33.94 9.74 -20.82
C PHE M 132 -34.53 10.70 -19.79
N PRO M 133 -34.90 10.19 -18.62
CA PRO M 133 -35.38 11.06 -17.54
C PRO M 133 -34.25 11.88 -16.94
N MET M 134 -34.61 13.10 -16.55
CA MET M 134 -33.64 14.04 -15.99
C MET M 134 -32.98 13.50 -14.73
N ALA M 135 -33.73 12.78 -13.89
CA ALA M 135 -33.14 12.18 -12.71
C ALA M 135 -32.06 11.16 -13.07
N PHE M 136 -32.31 10.33 -14.08
CA PHE M 136 -31.28 9.41 -14.55
C PHE M 136 -30.11 10.16 -15.17
N ILE M 137 -30.37 11.31 -15.79
CA ILE M 137 -29.30 12.12 -16.34
C ILE M 137 -28.38 12.61 -15.24
N LYS M 138 -28.94 13.08 -14.13
CA LYS M 138 -28.13 13.56 -13.02
C LYS M 138 -27.37 12.46 -12.31
N THR M 139 -27.83 11.22 -12.37
CA THR M 139 -27.11 10.10 -11.76
C THR M 139 -25.97 9.59 -12.64
N CYS M 140 -25.87 10.05 -13.88
CA CYS M 140 -24.85 9.59 -14.81
C CYS M 140 -23.64 10.51 -14.77
N PRO M 141 -22.46 9.99 -15.11
CA PRO M 141 -21.26 10.85 -15.07
C PRO M 141 -21.28 11.98 -16.08
N GLY M 142 -21.70 11.70 -17.32
CA GLY M 142 -21.73 12.71 -18.35
C GLY M 142 -20.35 12.96 -18.92
N PRO M 143 -20.25 13.87 -19.88
CA PRO M 143 -18.96 14.22 -20.46
C PRO M 143 -18.02 14.75 -19.40
N PRO M 144 -16.73 14.39 -19.47
CA PRO M 144 -15.79 14.89 -18.44
C PRO M 144 -15.60 16.39 -18.49
N ASN M 145 -15.41 16.97 -19.68
CA ASN M 145 -15.14 18.40 -19.78
C ASN M 145 -16.25 19.15 -20.52
N GLY M 146 -16.54 18.75 -21.76
CA GLY M 146 -17.49 19.46 -22.59
C GLY M 146 -16.81 20.39 -23.57
N ILE M 147 -17.63 21.26 -24.17
CA ILE M 147 -17.13 22.15 -25.22
C ILE M 147 -16.48 23.39 -24.60
N CYS M 148 -17.21 24.07 -23.72
CA CYS M 148 -16.70 25.30 -23.12
C CYS M 148 -15.43 25.06 -22.33
N VAL M 149 -15.34 23.92 -21.64
CA VAL M 149 -14.11 23.61 -20.90
C VAL M 149 -12.94 23.43 -21.86
N GLU M 150 -13.15 22.74 -22.99
CA GLU M 150 -12.07 22.61 -23.98
C GLU M 150 -11.66 23.97 -24.51
N ARG M 151 -12.62 24.86 -24.79
CA ARG M 151 -12.28 26.19 -25.25
C ARG M 151 -11.46 26.94 -24.21
N ASP M 152 -11.83 26.83 -22.94
CA ASP M 152 -11.12 27.54 -21.88
C ASP M 152 -9.70 27.03 -21.72
N ARG M 153 -9.54 25.70 -21.66
CA ARG M 153 -8.21 25.14 -21.44
C ARG M 153 -7.30 25.31 -22.64
N MET M 154 -7.82 25.14 -23.86
CA MET M 154 -6.98 25.16 -25.04
C MET M 154 -6.74 26.56 -25.60
N ASN M 155 -7.46 27.57 -25.11
CA ASN M 155 -7.33 28.95 -25.57
C ASN M 155 -7.54 29.05 -27.08
N LYS M 156 -8.57 28.38 -27.57
CA LYS M 156 -8.95 28.42 -28.98
C LYS M 156 -10.43 28.77 -29.05
N TYR M 157 -10.74 29.87 -29.74
CA TYR M 157 -12.10 30.39 -29.79
C TYR M 157 -12.45 30.80 -31.21
N GLY M 158 -13.75 30.73 -31.52
CA GLY M 158 -14.28 31.32 -32.73
C GLY M 158 -14.04 30.58 -34.02
N ARG M 159 -13.48 29.37 -33.98
CA ARG M 159 -13.26 28.61 -35.20
C ARG M 159 -13.33 27.13 -34.88
N PRO M 160 -13.75 26.31 -35.83
CA PRO M 160 -13.68 24.86 -35.64
C PRO M 160 -12.24 24.37 -35.68
N LEU M 161 -11.96 23.36 -34.86
CA LEU M 161 -10.63 22.79 -34.77
C LEU M 161 -10.36 21.89 -35.97
N LEU M 162 -9.07 21.62 -36.19
CA LEU M 162 -8.61 20.81 -37.31
C LEU M 162 -7.91 19.57 -36.77
N GLY M 163 -7.86 18.52 -37.60
CA GLY M 163 -7.17 17.31 -37.24
C GLY M 163 -6.58 16.64 -38.47
N CYS M 164 -5.84 15.57 -38.22
CA CYS M 164 -5.28 14.77 -39.29
C CYS M 164 -5.05 13.36 -38.77
N THR M 165 -4.94 12.41 -39.69
CA THR M 165 -4.73 11.01 -39.36
C THR M 165 -3.39 10.58 -39.93
N ILE M 166 -2.55 9.99 -39.08
CA ILE M 166 -1.20 9.62 -39.50
C ILE M 166 -1.28 8.44 -40.46
N LYS M 167 -0.65 8.58 -41.62
CA LYS M 167 -0.60 7.54 -42.63
C LYS M 167 0.83 7.38 -43.13
N PRO M 168 1.23 6.15 -43.49
CA PRO M 168 0.47 4.89 -43.50
C PRO M 168 0.13 4.38 -42.11
N LYS M 169 -0.94 3.58 -42.02
CA LYS M 169 -1.34 3.03 -40.72
C LYS M 169 -0.30 2.06 -40.18
N LEU M 170 0.18 1.13 -41.01
CA LEU M 170 1.02 0.03 -40.56
C LEU M 170 2.42 0.21 -41.13
N GLY M 171 3.44 -0.01 -40.29
CA GLY M 171 4.80 -0.05 -40.76
C GLY M 171 5.75 0.97 -40.14
N LEU M 172 5.24 2.15 -39.83
CA LEU M 172 6.10 3.22 -39.32
C LEU M 172 6.56 2.91 -37.90
N SER M 173 7.87 3.04 -37.67
CA SER M 173 8.44 2.83 -36.35
C SER M 173 8.16 4.04 -35.45
N GLY M 174 8.64 3.95 -34.21
CA GLY M 174 8.38 5.00 -33.25
C GLY M 174 8.96 6.34 -33.64
N LYS M 175 10.23 6.36 -34.08
CA LYS M 175 10.87 7.61 -34.47
C LYS M 175 10.24 8.22 -35.71
N ASN M 176 9.98 7.41 -36.73
CA ASN M 176 9.31 7.92 -37.93
C ASN M 176 7.89 8.37 -37.63
N TYR M 177 7.22 7.71 -36.68
CA TYR M 177 5.88 8.13 -36.29
C TYR M 177 5.88 9.55 -35.74
N GLY M 178 6.80 9.83 -34.82
CA GLY M 178 6.94 11.18 -34.31
C GLY M 178 7.40 12.17 -35.36
N ARG M 179 8.28 11.73 -36.26
CA ARG M 179 8.74 12.60 -37.35
C ARG M 179 7.57 13.03 -38.22
N VAL M 180 6.67 12.10 -38.54
CA VAL M 180 5.49 12.43 -39.34
C VAL M 180 4.53 13.30 -38.53
N VAL M 181 4.36 13.00 -37.24
CA VAL M 181 3.45 13.79 -36.41
C VAL M 181 3.93 15.23 -36.31
N TYR M 182 5.24 15.43 -36.12
CA TYR M 182 5.78 16.78 -36.04
C TYR M 182 5.54 17.56 -37.33
N GLU M 183 5.57 16.88 -38.48
CA GLU M 183 5.36 17.56 -39.75
C GLU M 183 3.95 18.11 -39.87
N CYS M 184 2.94 17.28 -39.59
CA CYS M 184 1.56 17.72 -39.74
C CYS M 184 1.19 18.80 -38.72
N LEU M 185 1.64 18.64 -37.48
CA LEU M 185 1.28 19.60 -36.43
C LEU M 185 1.87 20.98 -36.72
N ARG M 186 3.13 21.03 -37.13
CA ARG M 186 3.81 22.31 -37.31
C ARG M 186 3.31 23.10 -38.52
N GLY M 187 2.53 22.48 -39.40
CA GLY M 187 2.09 23.17 -40.61
C GLY M 187 0.83 23.98 -40.44
N GLY M 188 0.17 23.84 -39.28
CA GLY M 188 -1.05 24.58 -39.04
C GLY M 188 -2.10 23.77 -38.32
N LEU M 189 -2.06 22.44 -38.48
CA LEU M 189 -2.98 21.58 -37.78
C LEU M 189 -2.70 21.62 -36.28
N ASP M 190 -3.75 21.39 -35.49
CA ASP M 190 -3.62 21.41 -34.04
C ASP M 190 -3.73 20.04 -33.39
N PHE M 191 -4.23 19.03 -34.10
CA PHE M 191 -4.31 17.66 -33.59
C PHE M 191 -3.93 16.68 -34.68
N THR M 192 -3.29 15.59 -34.26
CA THR M 192 -3.00 14.47 -35.13
C THR M 192 -3.50 13.20 -34.47
N LYS M 193 -3.96 12.26 -35.29
CA LYS M 193 -4.75 11.13 -34.81
C LYS M 193 -3.98 9.83 -34.94
N ASP M 194 -4.07 8.99 -33.90
CA ASP M 194 -3.63 7.62 -34.00
C ASP M 194 -4.82 6.74 -34.36
N ASP M 195 -4.76 6.10 -35.53
CA ASP M 195 -5.88 5.35 -36.06
C ASP M 195 -6.13 4.11 -35.21
N GLU M 196 -7.37 3.62 -35.23
CA GLU M 196 -7.84 2.60 -34.30
C GLU M 196 -7.07 1.29 -34.40
N ASN M 197 -6.44 1.02 -35.55
CA ASN M 197 -5.72 -0.24 -35.72
C ASN M 197 -4.46 -0.30 -34.86
N ILE M 198 -3.97 0.84 -34.38
CA ILE M 198 -2.69 0.91 -33.69
C ILE M 198 -2.92 0.81 -32.19
N ASN M 199 -2.68 -0.36 -31.61
CA ASN M 199 -2.69 -0.48 -30.15
C ASN M 199 -1.32 -0.85 -29.60
N SER M 200 -0.81 -2.01 -30.01
CA SER M 200 0.54 -2.44 -29.64
C SER M 200 1.05 -3.50 -30.62
N GLN M 201 1.90 -3.11 -31.55
CA GLN M 201 2.37 -4.05 -32.55
C GLN M 201 3.82 -4.44 -32.31
N PRO M 202 4.24 -5.62 -32.78
CA PRO M 202 5.64 -6.03 -32.59
C PRO M 202 6.65 -5.07 -33.20
N PHE M 203 6.30 -4.43 -34.32
CA PHE M 203 7.20 -3.47 -34.94
C PHE M 203 7.15 -2.10 -34.27
N GLN M 204 6.20 -1.87 -33.38
CA GLN M 204 6.09 -0.58 -32.69
C GLN M 204 5.39 -0.76 -31.35
N ARG M 205 6.17 -0.75 -30.27
CA ARG M 205 5.59 -0.91 -28.95
C ARG M 205 4.86 0.35 -28.51
N TRP M 206 3.98 0.19 -27.52
CA TRP M 206 3.24 1.33 -27.00
C TRP M 206 4.11 2.23 -26.14
N GLN M 207 5.18 1.70 -25.56
CA GLN M 207 6.11 2.54 -24.81
C GLN M 207 7.02 3.36 -25.71
N ASN M 208 7.43 2.82 -26.87
CA ASN M 208 8.30 3.55 -27.78
C ASN M 208 7.56 4.61 -28.57
N ARG M 209 6.34 4.32 -29.02
CA ARG M 209 5.55 5.31 -29.73
C ARG M 209 5.19 6.48 -28.83
N PHE M 210 4.85 6.21 -27.56
CA PHE M 210 4.41 7.27 -26.67
C PHE M 210 5.54 8.27 -26.41
N GLU M 211 6.77 7.79 -26.23
CA GLU M 211 7.87 8.67 -25.86
C GLU M 211 8.37 9.50 -27.03
N PHE M 212 8.43 8.92 -28.24
CA PHE M 212 8.91 9.69 -29.39
C PHE M 212 7.85 10.63 -29.95
N VAL M 213 6.57 10.28 -29.83
CA VAL M 213 5.51 11.23 -30.18
C VAL M 213 5.50 12.40 -29.22
N ALA M 214 5.79 12.14 -27.94
CA ALA M 214 5.82 13.19 -26.94
C ALA M 214 6.82 14.29 -27.26
N GLU M 215 7.99 13.92 -27.79
CA GLU M 215 8.96 14.92 -28.22
C GLU M 215 8.46 15.77 -29.37
N ALA M 216 7.77 15.16 -30.34
CA ALA M 216 7.27 15.93 -31.48
C ALA M 216 6.17 16.90 -31.08
N VAL M 217 5.32 16.53 -30.12
CA VAL M 217 4.24 17.41 -29.69
C VAL M 217 4.80 18.66 -29.04
N ALA M 218 5.79 18.50 -28.15
CA ALA M 218 6.38 19.65 -27.47
C ALA M 218 7.28 20.46 -28.38
N LEU M 219 8.06 19.81 -29.25
CA LEU M 219 8.96 20.52 -30.15
C LEU M 219 8.23 21.39 -31.16
N ALA M 220 7.04 20.97 -31.61
CA ALA M 220 6.24 21.77 -32.52
C ALA M 220 5.42 22.84 -31.82
N GLN M 221 5.10 22.63 -30.54
CA GLN M 221 4.31 23.62 -29.80
C GLN M 221 5.07 24.92 -29.62
N GLN M 222 6.38 24.85 -29.31
CA GLN M 222 7.16 26.06 -29.09
C GLN M 222 7.44 26.80 -30.40
N GLU M 223 7.60 26.07 -31.51
CA GLU M 223 7.85 26.72 -32.79
C GLU M 223 6.63 27.46 -33.32
N THR M 224 5.46 26.82 -33.28
CA THR M 224 4.25 27.43 -33.80
C THR M 224 3.67 28.51 -32.90
N GLY M 225 3.90 28.42 -31.59
CA GLY M 225 3.32 29.35 -30.65
C GLY M 225 1.89 29.06 -30.27
N GLU M 226 1.38 27.88 -30.59
CA GLU M 226 0.02 27.48 -30.26
C GLU M 226 0.04 26.13 -29.57
N LYS M 227 -0.95 25.89 -28.72
CA LYS M 227 -1.07 24.61 -28.04
C LYS M 227 -1.52 23.54 -29.01
N LYS M 228 -0.74 22.47 -29.11
CA LYS M 228 -1.02 21.36 -30.00
C LYS M 228 -1.02 20.06 -29.22
N GLY M 229 -1.86 19.12 -29.67
CA GLY M 229 -2.00 17.85 -29.02
C GLY M 229 -2.09 16.73 -30.03
N HIS M 230 -1.92 15.50 -29.54
CA HIS M 230 -1.96 14.32 -30.39
C HIS M 230 -2.67 13.22 -29.63
N TYR M 231 -3.79 12.74 -30.18
CA TYR M 231 -4.55 11.66 -29.54
C TYR M 231 -3.69 10.41 -29.46
N LEU M 232 -3.60 9.82 -28.27
CA LEU M 232 -2.93 8.54 -28.09
C LEU M 232 -3.97 7.44 -27.92
N ASN M 233 -3.86 6.39 -28.71
CA ASN M 233 -4.78 5.26 -28.62
C ASN M 233 -4.42 4.41 -27.42
N CYS M 234 -5.30 4.39 -26.42
CA CYS M 234 -5.09 3.63 -25.19
C CYS M 234 -5.95 2.38 -25.13
N THR M 235 -6.43 1.89 -26.27
CA THR M 235 -7.23 0.68 -26.29
C THR M 235 -6.34 -0.54 -26.02
N ALA M 236 -6.82 -1.43 -25.16
CA ALA M 236 -6.06 -2.62 -24.79
C ALA M 236 -7.04 -3.77 -24.60
N ALA M 237 -6.50 -4.93 -24.24
CA ALA M 237 -7.32 -6.13 -24.04
C ALA M 237 -7.74 -6.33 -22.58
N THR M 238 -7.10 -5.66 -21.65
CA THR M 238 -7.36 -5.80 -20.23
C THR M 238 -7.46 -4.43 -19.61
N PRO M 239 -8.47 -4.20 -18.75
CA PRO M 239 -8.72 -2.84 -18.23
C PRO M 239 -7.53 -2.22 -17.51
N GLU M 240 -6.73 -3.01 -16.78
CA GLU M 240 -5.61 -2.40 -16.07
C GLU M 240 -4.53 -1.92 -17.03
N GLU M 241 -4.37 -2.59 -18.18
CA GLU M 241 -3.40 -2.13 -19.17
C GLU M 241 -3.84 -0.82 -19.82
N MET M 242 -5.15 -0.55 -19.84
CA MET M 242 -5.62 0.77 -20.25
C MET M 242 -5.12 1.84 -19.29
N TYR M 243 -5.23 1.57 -17.99
CA TYR M 243 -4.82 2.54 -16.98
C TYR M 243 -3.32 2.76 -16.98
N GLU M 244 -2.54 1.71 -17.21
CA GLU M 244 -1.09 1.87 -17.29
C GLU M 244 -0.70 2.80 -18.42
N ARG M 245 -1.28 2.59 -19.61
CA ARG M 245 -1.01 3.48 -20.73
C ARG M 245 -1.47 4.90 -20.44
N ALA M 246 -2.62 5.05 -19.77
CA ALA M 246 -3.11 6.39 -19.44
C ALA M 246 -2.16 7.13 -18.50
N GLU M 247 -1.67 6.45 -17.46
CA GLU M 247 -0.74 7.10 -16.55
C GLU M 247 0.61 7.37 -17.20
N PHE M 248 1.07 6.48 -18.08
CA PHE M 248 2.31 6.75 -18.82
C PHE M 248 2.13 7.96 -19.72
N ALA M 249 0.96 8.10 -20.33
CA ALA M 249 0.67 9.29 -21.12
C ALA M 249 0.66 10.55 -20.27
N LYS M 250 0.06 10.49 -19.09
CA LYS M 250 0.09 11.64 -18.19
C LYS M 250 1.52 12.01 -17.80
N GLU M 251 2.35 11.02 -17.49
CA GLU M 251 3.72 11.31 -17.09
C GLU M 251 4.48 12.02 -18.20
N LEU M 252 4.27 11.62 -19.45
CA LEU M 252 4.83 12.34 -20.58
C LEU M 252 4.15 13.69 -20.81
N GLY M 253 3.00 13.94 -20.20
CA GLY M 253 2.35 15.23 -20.29
C GLY M 253 1.45 15.45 -21.49
N GLN M 254 0.97 14.37 -22.13
CA GLN M 254 0.04 14.63 -23.21
C GLN M 254 -1.36 14.92 -22.67
N PRO M 255 -2.08 15.87 -23.31
CA PRO M 255 -3.35 16.32 -22.74
C PRO M 255 -4.57 15.50 -23.17
N ILE M 256 -4.52 14.83 -24.32
CA ILE M 256 -5.69 14.20 -24.89
C ILE M 256 -5.38 12.75 -25.26
N ILE M 257 -6.38 11.88 -25.09
CA ILE M 257 -6.26 10.46 -25.41
C ILE M 257 -7.45 10.02 -26.25
N MET M 258 -7.46 8.76 -26.67
CA MET M 258 -8.54 8.21 -27.47
C MET M 258 -8.94 6.85 -26.90
N HIS M 259 -10.21 6.51 -27.10
CA HIS M 259 -10.73 5.20 -26.69
C HIS M 259 -11.81 4.78 -27.67
N ASP M 260 -11.87 3.48 -27.94
CA ASP M 260 -12.84 2.90 -28.86
C ASP M 260 -13.93 2.22 -28.03
N TYR M 261 -15.15 2.76 -28.10
CA TYR M 261 -16.17 2.38 -27.13
C TYR M 261 -17.01 1.19 -27.59
N ILE M 262 -17.34 1.08 -28.88
CA ILE M 262 -18.17 -0.04 -29.32
C ILE M 262 -17.43 -1.37 -29.16
N THR M 263 -16.17 -1.42 -29.60
CA THR M 263 -15.38 -2.65 -29.46
C THR M 263 -14.67 -2.73 -28.13
N GLY M 264 -14.64 -1.65 -27.36
CA GLY M 264 -14.02 -1.66 -26.05
C GLY M 264 -14.97 -1.86 -24.89
N GLY M 265 -16.27 -1.79 -25.13
CA GLY M 265 -17.24 -1.99 -24.06
C GLY M 265 -17.58 -0.71 -23.33
N PHE M 266 -18.87 -0.52 -23.09
CA PHE M 266 -19.33 0.64 -22.33
C PHE M 266 -18.80 0.60 -20.90
N THR M 267 -18.56 -0.59 -20.35
CA THR M 267 -17.98 -0.69 -19.02
C THR M 267 -16.59 -0.05 -18.97
N ALA M 268 -15.72 -0.44 -19.91
CA ALA M 268 -14.39 0.15 -19.97
C ALA M 268 -14.47 1.64 -20.32
N ASN M 269 -15.40 2.01 -21.19
CA ASN M 269 -15.54 3.43 -21.55
C ASN M 269 -15.91 4.27 -20.34
N THR M 270 -16.84 3.79 -19.52
CA THR M 270 -17.21 4.51 -18.30
C THR M 270 -16.08 4.48 -17.27
N GLY M 271 -15.34 3.38 -17.19
CA GLY M 271 -14.19 3.34 -16.30
C GLY M 271 -13.15 4.38 -16.65
N LEU M 272 -12.88 4.55 -17.95
CA LEU M 272 -11.95 5.59 -18.37
C LEU M 272 -12.60 6.97 -18.31
N SER M 273 -13.92 7.04 -18.50
CA SER M 273 -14.60 8.33 -18.48
C SER M 273 -14.51 9.01 -17.12
N LYS M 274 -14.73 8.26 -16.04
CA LYS M 274 -14.60 8.82 -14.70
C LYS M 274 -13.15 8.98 -14.28
N TRP M 275 -12.23 8.20 -14.87
CA TRP M 275 -10.82 8.40 -14.60
C TRP M 275 -10.32 9.72 -15.16
N CYS M 276 -10.83 10.13 -16.31
CA CYS M 276 -10.41 11.39 -16.93
C CYS M 276 -10.84 12.61 -16.11
N ARG M 277 -12.01 12.56 -15.47
CA ARG M 277 -12.48 13.70 -14.70
C ARG M 277 -11.57 14.01 -13.52
N LYS M 278 -11.08 12.97 -12.84
CA LYS M 278 -10.17 13.19 -11.71
C LYS M 278 -8.74 13.42 -12.16
N ASN M 279 -8.43 13.20 -13.42
CA ASN M 279 -7.12 13.54 -13.98
C ASN M 279 -7.16 14.73 -14.92
N GLY M 280 -8.35 15.20 -15.29
CA GLY M 280 -8.49 16.40 -16.08
C GLY M 280 -7.92 16.34 -17.49
N MET M 281 -8.19 15.25 -18.21
CA MET M 281 -7.81 15.12 -19.60
C MET M 281 -9.04 15.23 -20.49
N LEU M 282 -8.81 15.17 -21.80
CA LEU M 282 -9.87 15.18 -22.79
C LEU M 282 -9.96 13.82 -23.47
N LEU M 283 -11.19 13.38 -23.74
CA LEU M 283 -11.44 12.05 -24.28
C LEU M 283 -12.12 12.19 -25.64
N HIS M 284 -11.52 11.56 -26.66
CA HIS M 284 -12.03 11.56 -28.01
C HIS M 284 -12.37 10.12 -28.39
N ILE M 285 -13.59 9.91 -28.90
CA ILE M 285 -14.15 8.58 -29.08
C ILE M 285 -14.37 8.33 -30.57
N HIS M 286 -13.96 7.15 -31.03
CA HIS M 286 -14.15 6.72 -32.40
C HIS M 286 -15.26 5.67 -32.44
N ARG M 287 -16.21 5.84 -33.35
CA ARG M 287 -17.33 4.91 -33.52
C ARG M 287 -16.89 3.69 -34.34
N ALA M 288 -15.98 2.93 -33.77
CA ALA M 288 -15.48 1.73 -34.43
C ALA M 288 -16.60 0.70 -34.58
N MET M 289 -16.59 -0.02 -35.71
CA MET M 289 -17.52 -1.12 -35.97
C MET M 289 -18.97 -0.62 -35.96
N HIS M 290 -19.15 0.68 -36.21
CA HIS M 290 -20.48 1.28 -36.19
C HIS M 290 -21.40 0.70 -37.27
N ALA M 291 -20.86 0.43 -38.46
CA ALA M 291 -21.69 -0.01 -39.59
C ALA M 291 -22.31 -1.38 -39.37
N VAL M 292 -21.88 -2.11 -38.34
CA VAL M 292 -22.47 -3.41 -38.06
C VAL M 292 -23.95 -3.27 -37.70
N ILE M 293 -24.29 -2.25 -36.93
CA ILE M 293 -25.62 -2.15 -36.35
C ILE M 293 -26.46 -1.08 -37.03
N ASP M 294 -25.90 0.10 -37.27
CA ASP M 294 -26.71 1.25 -37.67
C ASP M 294 -26.86 1.40 -39.19
N ARG M 295 -26.20 0.56 -39.98
CA ARG M 295 -26.19 0.75 -41.42
C ARG M 295 -27.56 0.48 -42.06
N HIS M 296 -28.17 -0.65 -41.72
CA HIS M 296 -29.37 -1.06 -42.46
C HIS M 296 -30.60 -0.38 -41.87
N PRO M 297 -31.56 0.03 -42.71
CA PRO M 297 -32.63 0.90 -42.23
C PRO M 297 -33.77 0.21 -41.50
N LYS M 298 -33.73 -1.12 -41.33
CA LYS M 298 -34.82 -1.82 -40.68
C LYS M 298 -34.36 -2.81 -39.61
N HIS M 299 -33.06 -2.91 -39.35
CA HIS M 299 -32.54 -3.88 -38.38
C HIS M 299 -31.56 -3.18 -37.45
N GLY M 300 -31.55 -3.62 -36.20
CA GLY M 300 -30.59 -3.14 -35.22
C GLY M 300 -31.07 -1.90 -34.49
N ILE M 301 -30.09 -1.09 -34.09
CA ILE M 301 -30.33 0.17 -33.38
C ILE M 301 -29.62 1.29 -34.12
N HIS M 302 -30.29 2.43 -34.21
CA HIS M 302 -29.70 3.58 -34.90
C HIS M 302 -28.49 4.11 -34.13
N PHE M 303 -27.70 4.92 -34.82
CA PHE M 303 -26.50 5.50 -34.20
C PHE M 303 -26.84 6.66 -33.28
N ARG M 304 -28.03 7.26 -33.45
CA ARG M 304 -28.44 8.36 -32.56
C ARG M 304 -28.59 7.88 -31.12
N VAL M 305 -29.17 6.70 -30.94
CA VAL M 305 -29.23 6.10 -29.60
C VAL M 305 -27.83 5.90 -29.05
N LEU M 306 -26.91 5.41 -29.89
CA LEU M 306 -25.51 5.31 -29.50
C LEU M 306 -24.88 6.66 -29.20
N ALA M 307 -25.26 7.71 -29.93
CA ALA M 307 -24.76 9.04 -29.60
C ALA M 307 -25.22 9.50 -28.22
N LYS M 308 -26.49 9.27 -27.89
CA LYS M 308 -27.00 9.63 -26.57
C LYS M 308 -26.29 8.83 -25.48
N CYS M 309 -26.12 7.53 -25.71
CA CYS M 309 -25.43 6.69 -24.72
C CYS M 309 -23.97 7.11 -24.55
N LEU M 310 -23.32 7.53 -25.63
CA LEU M 310 -21.95 8.02 -25.53
C LEU M 310 -21.91 9.33 -24.76
N ARG M 311 -22.85 10.22 -25.02
CA ARG M 311 -22.89 11.49 -24.29
C ARG M 311 -23.08 11.26 -22.79
N LEU M 312 -23.97 10.35 -22.41
CA LEU M 312 -24.15 10.08 -20.99
C LEU M 312 -22.96 9.33 -20.39
N SER M 313 -22.37 8.40 -21.13
CA SER M 313 -21.30 7.58 -20.57
C SER M 313 -20.02 8.38 -20.38
N GLY M 314 -19.67 9.22 -21.33
CA GLY M 314 -18.48 10.04 -21.24
C GLY M 314 -17.88 10.26 -22.61
N GLY M 315 -16.80 11.04 -22.63
CA GLY M 315 -16.18 11.42 -23.88
C GLY M 315 -16.61 12.81 -24.31
N ASP M 316 -15.72 13.53 -24.99
CA ASP M 316 -15.97 14.90 -25.40
C ASP M 316 -16.10 15.08 -26.89
N GLN M 317 -15.54 14.17 -27.69
CA GLN M 317 -15.65 14.20 -29.14
C GLN M 317 -16.02 12.81 -29.64
N LEU M 318 -16.73 12.77 -30.77
CA LEU M 318 -17.20 11.52 -31.35
C LEU M 318 -17.09 11.57 -32.86
N HIS M 319 -16.59 10.48 -33.44
CA HIS M 319 -16.58 10.36 -34.89
C HIS M 319 -18.00 10.32 -35.43
N THR M 320 -18.25 11.08 -36.49
CA THR M 320 -19.57 11.07 -37.11
C THR M 320 -19.46 10.75 -38.60
N GLY M 321 -18.44 11.31 -39.26
CA GLY M 321 -18.25 11.09 -40.68
C GLY M 321 -19.47 11.46 -41.52
N THR M 322 -19.45 10.98 -42.76
CA THR M 322 -18.34 10.24 -43.34
C THR M 322 -17.81 11.05 -44.52
N VAL M 323 -18.63 11.99 -44.97
CA VAL M 323 -18.27 13.01 -45.96
C VAL M 323 -17.70 12.36 -47.22
N VAL M 324 -18.41 11.37 -47.77
CA VAL M 324 -18.14 10.92 -49.14
C VAL M 324 -19.44 10.85 -49.95
N GLY M 325 -19.79 11.96 -50.61
CA GLY M 325 -19.25 13.28 -50.37
C GLY M 325 -19.87 13.82 -49.09
N LYS M 326 -21.01 13.24 -48.74
CA LYS M 326 -21.62 13.40 -47.42
C LYS M 326 -22.31 12.09 -47.08
N LEU M 327 -22.55 11.89 -45.77
CA LEU M 327 -23.19 10.66 -45.33
C LEU M 327 -24.62 10.54 -45.85
N GLU M 328 -25.36 11.65 -45.86
CA GLU M 328 -26.74 11.74 -46.34
C GLU M 328 -27.70 11.01 -45.40
N ASP M 330 -28.87 11.61 -45.14
CA ASP M 330 -29.25 12.93 -45.64
C ASP M 330 -28.91 14.00 -44.62
N ARG M 331 -29.00 15.27 -45.03
CA ARG M 331 -28.68 16.37 -44.13
C ARG M 331 -29.65 16.48 -42.96
N GLN M 332 -30.94 16.24 -43.20
CA GLN M 332 -31.93 16.42 -42.14
C GLN M 332 -31.69 15.46 -40.98
N THR M 333 -31.42 14.19 -41.28
CA THR M 333 -31.26 13.20 -40.21
C THR M 333 -29.89 13.33 -39.54
N THR M 334 -28.85 13.66 -40.32
CA THR M 334 -27.51 13.78 -39.75
C THR M 334 -27.45 14.90 -38.73
N LEU M 335 -28.08 16.03 -39.02
CA LEU M 335 -28.18 17.11 -38.03
C LEU M 335 -29.17 16.79 -36.92
N GLY M 336 -29.97 15.72 -37.09
CA GLY M 336 -30.93 15.38 -36.06
C GLY M 336 -30.28 14.98 -34.75
N PHE M 337 -29.24 14.16 -34.82
CA PHE M 337 -28.52 13.73 -33.63
C PHE M 337 -27.35 14.62 -33.28
N ILE M 338 -27.11 15.69 -34.05
CA ILE M 338 -26.08 16.65 -33.67
C ILE M 338 -26.60 17.57 -32.57
N ASP M 339 -27.86 17.99 -32.68
CA ASP M 339 -28.45 18.84 -31.64
C ASP M 339 -28.53 18.10 -30.31
N GLN M 340 -28.67 16.77 -30.34
CA GLN M 340 -28.68 15.98 -29.12
C GLN M 340 -27.29 15.82 -28.53
N LEU M 341 -26.24 16.19 -29.27
CA LEU M 341 -24.88 16.02 -28.79
C LEU M 341 -24.25 17.33 -28.31
N ARG M 342 -24.85 18.47 -28.62
CA ARG M 342 -24.26 19.76 -28.27
C ARG M 342 -25.18 20.64 -27.45
N GLU M 343 -26.47 20.66 -27.74
CA GLU M 343 -27.38 21.59 -27.09
C GLU M 343 -27.89 21.02 -25.77
N SER M 344 -28.57 21.88 -25.01
CA SER M 344 -29.13 21.50 -23.72
C SER M 344 -30.58 21.03 -23.80
N PHE M 345 -31.38 21.64 -24.66
CA PHE M 345 -32.77 21.24 -24.83
C PHE M 345 -33.11 21.24 -26.32
N ILE M 346 -33.63 20.13 -26.80
CA ILE M 346 -33.93 19.93 -28.21
C ILE M 346 -35.44 19.80 -28.38
N PRO M 347 -36.06 20.52 -29.31
CA PRO M 347 -37.51 20.39 -29.49
C PRO M 347 -37.88 19.09 -30.20
N GLU M 348 -39.19 18.81 -30.28
CA GLU M 348 -39.69 17.60 -30.91
C GLU M 348 -40.05 17.91 -32.36
N ASP M 349 -39.28 17.37 -33.30
CA ASP M 349 -39.50 17.58 -34.71
C ASP M 349 -39.34 16.25 -35.44
N ARG M 350 -40.39 15.82 -36.14
CA ARG M 350 -40.35 14.55 -36.85
C ARG M 350 -39.57 14.63 -38.15
N SER M 351 -39.41 15.84 -38.72
CA SER M 351 -38.63 15.97 -39.95
C SER M 351 -37.18 15.56 -39.73
N ARG M 352 -36.58 15.99 -38.62
CA ARG M 352 -35.24 15.57 -38.26
C ARG M 352 -35.25 14.29 -37.43
N GLY M 353 -36.42 13.71 -37.17
CA GLY M 353 -36.50 12.47 -36.43
C GLY M 353 -36.39 12.60 -34.94
N ASN M 354 -36.67 13.78 -34.39
CA ASN M 354 -36.66 14.01 -32.95
C ASN M 354 -38.04 13.64 -32.40
N PHE M 355 -38.21 12.36 -32.06
CA PHE M 355 -39.49 11.86 -31.57
C PHE M 355 -39.86 12.39 -30.20
N PHE M 356 -38.88 12.75 -29.37
CA PHE M 356 -39.13 13.14 -27.99
C PHE M 356 -38.39 14.43 -27.66
N ASP M 357 -39.00 15.23 -26.79
CA ASP M 357 -38.35 16.42 -26.27
C ASP M 357 -37.26 16.00 -25.29
N GLN M 358 -36.01 16.31 -25.61
CA GLN M 358 -34.87 15.91 -24.80
C GLN M 358 -34.30 17.15 -24.11
N ASP M 359 -34.24 17.11 -22.78
CA ASP M 359 -33.69 18.19 -21.98
C ASP M 359 -32.51 17.67 -21.18
N TRP M 360 -31.34 18.29 -21.36
CA TRP M 360 -30.13 17.88 -20.67
C TRP M 360 -29.82 18.72 -19.45
N GLY M 361 -30.66 19.69 -19.13
CA GLY M 361 -30.41 20.57 -18.00
C GLY M 361 -29.16 21.42 -18.19
N SER M 362 -28.11 21.12 -17.43
CA SER M 362 -26.86 21.89 -17.48
C SER M 362 -25.66 20.99 -17.74
N MET M 363 -25.88 19.84 -18.39
CA MET M 363 -24.76 18.96 -18.70
C MET M 363 -23.96 19.50 -19.87
N PRO M 364 -22.64 19.40 -19.85
CA PRO M 364 -21.84 19.86 -21.00
C PRO M 364 -22.11 19.02 -22.24
N GLY M 365 -21.92 19.65 -23.39
CA GLY M 365 -22.14 18.99 -24.66
C GLY M 365 -20.95 18.20 -25.14
N VAL M 366 -21.06 17.71 -26.37
CA VAL M 366 -20.04 16.87 -26.99
C VAL M 366 -19.70 17.44 -28.36
N PHE M 367 -18.41 17.54 -28.66
CA PHE M 367 -17.97 18.04 -29.95
C PHE M 367 -18.36 17.09 -31.06
N ALA M 368 -18.71 17.66 -32.22
CA ALA M 368 -19.07 16.89 -33.41
C ALA M 368 -17.88 16.88 -34.36
N VAL M 369 -17.44 15.69 -34.75
CA VAL M 369 -16.20 15.54 -35.52
C VAL M 369 -16.55 15.03 -36.92
N ALA M 370 -15.91 15.61 -37.93
CA ALA M 370 -16.04 15.17 -39.31
C ALA M 370 -14.75 14.51 -39.78
N SER M 371 -14.88 13.62 -40.77
CA SER M 371 -13.75 12.86 -41.26
C SER M 371 -14.10 12.28 -42.63
N GLY M 372 -13.25 11.37 -43.11
CA GLY M 372 -13.52 10.64 -44.33
C GLY M 372 -13.40 11.42 -45.63
N GLY M 373 -12.18 11.82 -45.98
CA GLY M 373 -11.93 12.37 -47.29
C GLY M 373 -12.26 13.84 -47.48
N ILE M 374 -12.15 14.65 -46.44
CA ILE M 374 -12.38 16.07 -46.56
C ILE M 374 -11.21 16.71 -47.28
N HIS M 375 -11.51 17.56 -48.27
CA HIS M 375 -10.48 18.26 -49.03
C HIS M 375 -10.89 19.72 -49.17
N VAL M 376 -10.06 20.49 -49.88
CA VAL M 376 -10.14 21.94 -49.83
C VAL M 376 -11.44 22.52 -50.37
N TRP M 377 -11.97 21.99 -51.48
CA TRP M 377 -13.21 22.50 -52.03
C TRP M 377 -14.44 22.11 -51.22
N HIS M 378 -14.31 21.13 -50.33
CA HIS M 378 -15.40 20.77 -49.42
C HIS M 378 -15.43 21.65 -48.18
N MET M 379 -14.48 22.58 -48.03
CA MET M 379 -14.43 23.41 -46.83
C MET M 379 -15.67 24.29 -46.67
N PRO M 380 -16.11 25.07 -47.67
CA PRO M 380 -17.33 25.86 -47.47
C PRO M 380 -18.57 25.02 -47.27
N ALA M 381 -18.59 23.78 -47.76
CA ALA M 381 -19.74 22.90 -47.59
C ALA M 381 -19.80 22.25 -46.21
N LEU M 382 -18.72 22.33 -45.43
CA LEU M 382 -18.68 21.74 -44.10
C LEU M 382 -18.78 22.77 -42.98
N VAL M 383 -18.66 24.05 -43.29
CA VAL M 383 -18.73 25.09 -42.26
C VAL M 383 -20.17 25.50 -41.98
N ALA M 384 -20.97 25.74 -43.02
CA ALA M 384 -22.35 26.17 -42.83
C ALA M 384 -23.22 25.09 -42.21
N ILE M 385 -22.84 23.82 -42.37
CA ILE M 385 -23.66 22.72 -41.89
C ILE M 385 -23.42 22.43 -40.41
N PHE M 386 -22.15 22.29 -39.99
CA PHE M 386 -21.83 21.87 -38.64
C PHE M 386 -21.82 23.01 -37.63
N GLY M 387 -21.49 24.23 -38.05
CA GLY M 387 -21.42 25.34 -37.12
C GLY M 387 -20.01 25.62 -36.65
N ASP M 388 -19.92 26.15 -35.42
CA ASP M 388 -18.64 26.56 -34.86
C ASP M 388 -18.01 25.50 -33.97
N ASP M 389 -18.82 24.61 -33.39
CA ASP M 389 -18.30 23.58 -32.49
C ASP M 389 -18.13 22.25 -33.23
N SER M 390 -17.05 22.18 -34.01
CA SER M 390 -16.78 21.00 -34.82
C SER M 390 -15.28 20.79 -34.94
N VAL M 391 -14.90 19.57 -35.33
CA VAL M 391 -13.51 19.19 -35.55
C VAL M 391 -13.44 18.43 -36.88
N LEU M 392 -12.47 18.78 -37.70
CA LEU M 392 -12.32 18.22 -39.04
C LEU M 392 -10.94 17.60 -39.17
N GLN M 393 -10.89 16.33 -39.58
CA GLN M 393 -9.63 15.60 -39.73
C GLN M 393 -9.55 15.05 -41.16
N PHE M 394 -8.34 14.97 -41.69
CA PHE M 394 -8.11 14.46 -43.03
C PHE M 394 -7.11 13.30 -42.99
N GLY M 395 -7.37 12.28 -43.79
CA GLY M 395 -6.43 11.18 -43.92
C GLY M 395 -5.45 11.40 -45.05
N GLY M 396 -5.97 11.69 -46.24
CA GLY M 396 -5.13 11.99 -47.38
C GLY M 396 -5.26 13.43 -47.83
N GLY M 397 -6.21 14.16 -47.23
CA GLY M 397 -6.37 15.55 -47.58
C GLY M 397 -5.15 16.39 -47.24
N THR M 398 -4.50 16.08 -46.12
CA THR M 398 -3.27 16.77 -45.74
C THR M 398 -2.05 16.11 -46.37
N HIS M 399 -2.06 14.77 -46.42
CA HIS M 399 -0.88 14.05 -46.90
C HIS M 399 -0.86 13.91 -48.42
N GLY M 400 -1.90 14.39 -49.10
CA GLY M 400 -1.96 14.26 -50.55
C GLY M 400 -1.35 15.41 -51.30
N HIS M 401 -0.70 16.32 -50.58
CA HIS M 401 -0.07 17.45 -51.25
C HIS M 401 1.29 17.04 -51.81
N PRO M 402 1.53 17.28 -53.11
CA PRO M 402 2.77 16.83 -53.74
C PRO M 402 4.04 17.38 -53.07
N TRP M 403 3.94 18.56 -52.48
CA TRP M 403 5.09 19.22 -51.88
C TRP M 403 5.31 18.85 -50.42
N GLY M 404 4.51 17.94 -49.87
CA GLY M 404 4.74 17.42 -48.54
C GLY M 404 3.48 17.44 -47.72
N SER M 405 3.65 17.29 -46.40
CA SER M 405 2.53 17.25 -45.47
C SER M 405 2.42 18.50 -44.62
N ALA M 406 3.53 19.04 -44.11
CA ALA M 406 3.51 20.28 -43.36
C ALA M 406 2.98 21.44 -44.19
N ALA M 407 3.44 21.55 -45.45
CA ALA M 407 2.93 22.59 -46.33
C ALA M 407 1.47 22.38 -46.67
N GLY M 408 1.01 21.13 -46.75
CA GLY M 408 -0.39 20.87 -46.99
C GLY M 408 -1.28 21.34 -45.85
N ALA M 409 -0.78 21.24 -44.62
CA ALA M 409 -1.54 21.70 -43.47
C ALA M 409 -1.80 23.20 -43.53
N ALA M 410 -0.82 23.99 -43.97
CA ALA M 410 -1.00 25.43 -44.10
C ALA M 410 -2.09 25.78 -45.11
N ALA M 411 -2.16 25.07 -46.23
CA ALA M 411 -3.20 25.31 -47.23
C ALA M 411 -4.60 25.08 -46.67
N ASN M 412 -4.79 24.00 -45.90
CA ASN M 412 -6.09 23.77 -45.27
C ASN M 412 -6.37 24.81 -44.18
N ARG M 413 -5.34 25.21 -43.43
CA ARG M 413 -5.52 26.28 -42.46
C ARG M 413 -5.93 27.59 -43.12
N VAL M 414 -5.31 27.92 -44.26
CA VAL M 414 -5.70 29.10 -45.01
C VAL M 414 -7.11 28.95 -45.56
N ALA M 415 -7.48 27.74 -45.97
CA ALA M 415 -8.79 27.50 -46.56
C ALA M 415 -9.93 27.70 -45.57
N LEU M 416 -9.81 27.17 -44.37
CA LEU M 416 -10.91 27.25 -43.41
C LEU M 416 -11.05 28.66 -42.85
N GLU M 417 -9.94 29.31 -42.50
CA GLU M 417 -10.01 30.64 -41.91
C GLU M 417 -10.61 31.66 -42.85
N ALA M 418 -10.29 31.60 -44.15
CA ALA M 418 -10.93 32.48 -45.12
C ALA M 418 -12.43 32.21 -45.22
N CYS M 419 -12.82 30.93 -45.21
CA CYS M 419 -14.24 30.58 -45.25
C CYS M 419 -14.98 31.12 -44.03
N VAL M 420 -14.38 30.97 -42.84
CA VAL M 420 -15.00 31.50 -41.63
C VAL M 420 -15.11 33.02 -41.72
N LYS M 421 -14.00 33.68 -42.10
CA LYS M 421 -13.99 35.14 -42.22
C LYS M 421 -15.04 35.64 -43.19
N ALA M 422 -15.30 34.91 -44.27
CA ALA M 422 -16.41 35.25 -45.15
C ALA M 422 -17.76 34.92 -44.54
N ARG M 423 -17.82 33.93 -43.65
CA ARG M 423 -19.08 33.60 -42.98
C ARG M 423 -19.48 34.70 -41.99
N ASN M 424 -18.51 35.25 -41.25
CA ASN M 424 -18.81 36.34 -40.34
C ASN M 424 -19.31 37.56 -41.09
N ALA M 425 -18.87 37.72 -42.34
CA ALA M 425 -19.20 38.89 -43.14
C ALA M 425 -20.63 38.83 -43.65
N GLY M 426 -21.29 37.70 -43.46
CA GLY M 426 -22.62 37.48 -44.01
C GLY M 426 -22.64 36.94 -45.42
N ARG M 427 -21.48 36.81 -46.06
CA ARG M 427 -21.39 36.24 -47.40
C ARG M 427 -21.77 34.75 -47.36
N GLU M 428 -22.32 34.28 -48.47
CA GLU M 428 -22.82 32.91 -48.57
C GLU M 428 -21.66 32.01 -48.96
N ILE M 429 -21.14 31.26 -47.99
CA ILE M 429 -19.98 30.41 -48.23
C ILE M 429 -20.36 29.25 -49.15
N GLU M 430 -21.57 28.71 -49.00
CA GLU M 430 -22.00 27.55 -49.77
C GLU M 430 -22.27 27.89 -51.23
N LYS M 431 -22.41 29.16 -51.58
CA LYS M 431 -22.67 29.56 -52.96
C LYS M 431 -21.55 30.37 -53.59
N GLU M 432 -20.72 31.04 -52.79
CA GLU M 432 -19.60 31.83 -53.29
C GLU M 432 -18.26 31.13 -53.09
N SER M 433 -18.25 29.79 -53.19
CA SER M 433 -17.05 29.04 -52.86
C SER M 433 -15.88 29.39 -53.77
N ARG M 434 -16.12 29.48 -55.09
CA ARG M 434 -15.04 29.68 -56.04
C ARG M 434 -14.31 31.00 -55.82
N ASP M 435 -15.04 32.10 -55.64
CA ASP M 435 -14.42 33.39 -55.41
C ASP M 435 -13.68 33.47 -54.07
N ILE M 436 -14.25 32.89 -53.00
CA ILE M 436 -13.55 32.86 -51.73
C ILE M 436 -12.26 32.05 -51.79
N LEU M 437 -12.28 30.89 -52.42
CA LEU M 437 -11.08 30.06 -52.55
C LEU M 437 -10.04 30.68 -53.48
N MET M 438 -10.49 31.38 -54.54
CA MET M 438 -9.53 32.04 -55.44
C MET M 438 -8.88 33.24 -54.78
N GLU M 439 -9.65 34.04 -54.03
CA GLU M 439 -9.09 35.23 -53.40
C GLU M 439 -8.29 34.91 -52.15
N ALA M 440 -8.41 33.68 -51.63
CA ALA M 440 -7.60 33.29 -50.48
C ALA M 440 -6.24 32.76 -50.91
N ALA M 441 -6.17 32.07 -52.06
CA ALA M 441 -4.91 31.58 -52.57
C ALA M 441 -4.02 32.68 -53.14
N LYS M 442 -4.57 33.88 -53.35
CA LYS M 442 -3.79 35.00 -53.87
C LYS M 442 -2.66 35.41 -52.94
N HIS M 443 -2.86 35.32 -51.63
CA HIS M 443 -1.81 35.63 -50.66
C HIS M 443 -1.32 34.36 -49.96
N SER M 444 -1.45 33.22 -50.63
CA SER M 444 -0.97 31.95 -50.09
C SER M 444 -0.58 31.03 -51.24
N PRO M 445 0.71 30.90 -51.54
CA PRO M 445 1.13 30.05 -52.66
C PRO M 445 0.84 28.57 -52.48
N GLU M 446 0.75 28.09 -51.24
CA GLU M 446 0.48 26.66 -51.02
C GLU M 446 -0.96 26.31 -51.34
N LEU M 447 -1.91 27.16 -50.91
CA LEU M 447 -3.31 26.94 -51.27
C LEU M 447 -3.50 27.03 -52.78
N ALA M 448 -2.69 27.84 -53.46
CA ALA M 448 -2.80 27.93 -54.92
C ALA M 448 -2.55 26.60 -55.60
N ILE M 449 -1.45 25.92 -55.26
CA ILE M 449 -1.18 24.60 -55.83
C ILE M 449 -2.14 23.55 -55.28
N ALA M 450 -2.55 23.64 -54.02
CA ALA M 450 -3.51 22.68 -53.47
C ALA M 450 -4.83 22.72 -54.23
N LEU M 451 -5.31 23.91 -54.57
CA LEU M 451 -6.57 24.02 -55.31
C LEU M 451 -6.47 23.43 -56.72
N GLU M 452 -5.33 23.60 -57.39
CA GLU M 452 -5.16 23.00 -58.71
C GLU M 452 -4.99 21.50 -58.65
N THR M 453 -4.36 20.99 -57.58
CA THR M 453 -4.16 19.56 -57.43
C THR M 453 -5.49 18.83 -57.31
N TRP M 454 -6.36 19.31 -56.42
CA TRP M 454 -7.68 18.71 -56.24
C TRP M 454 -8.74 19.52 -57.02
N LYS M 455 -8.49 19.64 -58.32
CA LYS M 455 -9.38 20.36 -59.21
C LYS M 455 -10.38 19.40 -59.85
N GLU M 456 -11.67 19.62 -59.58
CA GLU M 456 -12.12 20.66 -58.66
C GLU M 456 -13.18 20.12 -57.71
N THR N 6 12.20 29.97 -52.41
CA THR N 6 12.45 28.54 -52.49
C THR N 6 11.16 27.75 -52.27
N VAL N 7 10.70 27.07 -53.31
CA VAL N 7 9.47 26.29 -53.27
C VAL N 7 9.76 24.87 -53.74
N GLY N 8 9.21 23.90 -53.02
CA GLY N 8 8.39 24.12 -51.84
C GLY N 8 9.14 23.81 -50.56
N ASP N 9 9.59 24.86 -49.88
CA ASP N 9 10.37 24.74 -48.64
C ASP N 9 9.67 25.56 -47.57
N TYR N 10 8.82 24.91 -46.80
CA TYR N 10 8.01 25.61 -45.80
C TYR N 10 8.81 25.82 -44.52
N GLN N 11 8.80 27.05 -44.03
CA GLN N 11 9.42 27.40 -42.75
C GLN N 11 8.32 27.63 -41.72
N THR N 12 8.54 27.13 -40.51
CA THR N 12 7.55 27.29 -39.45
C THR N 12 7.32 28.76 -39.16
N VAL N 13 6.04 29.16 -39.09
CA VAL N 13 5.65 30.53 -38.87
C VAL N 13 4.88 30.63 -37.55
N ALA N 14 5.15 31.68 -36.79
CA ALA N 14 4.51 31.86 -35.50
C ALA N 14 3.21 32.66 -35.65
N THR N 15 2.08 31.96 -35.57
CA THR N 15 0.77 32.60 -35.56
C THR N 15 0.20 32.45 -34.15
N LEU N 16 -0.62 33.42 -33.75
CA LEU N 16 -0.92 33.52 -32.32
C LEU N 16 -2.01 32.54 -31.89
N GLU N 17 -3.26 32.77 -32.29
CA GLU N 17 -4.26 31.72 -32.18
C GLU N 17 -5.05 31.52 -33.47
N THR N 18 -5.59 32.61 -34.00
CA THR N 18 -6.58 32.55 -35.07
C THR N 18 -6.31 33.63 -36.12
N PHE N 19 -6.69 33.33 -37.36
CA PHE N 19 -6.54 34.24 -38.49
C PHE N 19 -5.08 34.68 -38.69
N GLY N 20 -4.14 33.90 -38.16
CA GLY N 20 -2.73 34.25 -38.30
C GLY N 20 -2.18 34.02 -39.69
N PHE N 21 -2.79 33.11 -40.45
CA PHE N 21 -2.32 32.84 -41.80
C PHE N 21 -2.95 33.76 -42.84
N LEU N 22 -3.88 34.61 -42.43
CA LEU N 22 -4.49 35.60 -43.28
C LEU N 22 -3.81 36.96 -43.10
N PRO N 23 -3.84 37.81 -44.12
CA PRO N 23 -3.20 39.13 -44.00
C PRO N 23 -3.91 39.98 -42.97
N PRO N 24 -3.22 40.97 -42.40
CA PRO N 24 -3.87 41.85 -41.42
C PRO N 24 -5.10 42.52 -42.00
N MET N 25 -6.15 42.57 -41.19
CA MET N 25 -7.44 43.07 -41.64
C MET N 25 -7.39 44.56 -41.93
N THR N 26 -8.02 44.95 -43.02
CA THR N 26 -8.14 46.36 -43.38
C THR N 26 -9.23 47.03 -42.54
N GLN N 27 -9.27 48.35 -42.60
CA GLN N 27 -10.27 49.10 -41.85
C GLN N 27 -11.69 48.69 -42.24
N ASP N 28 -11.89 48.33 -43.50
CA ASP N 28 -13.18 47.78 -43.92
C ASP N 28 -13.46 46.44 -43.24
N GLU N 29 -12.44 45.58 -43.15
CA GLU N 29 -12.65 44.25 -42.58
C GLU N 29 -13.01 44.32 -41.10
N ILE N 30 -12.31 45.15 -40.33
CA ILE N 30 -12.56 45.23 -38.89
C ILE N 30 -13.96 45.74 -38.63
N TYR N 31 -14.43 46.67 -39.45
CA TYR N 31 -15.81 47.16 -39.32
C TYR N 31 -16.80 46.01 -39.50
N ASP N 32 -16.57 45.16 -40.49
CA ASP N 32 -17.44 44.02 -40.72
C ASP N 32 -17.39 43.01 -39.56
N GLN N 33 -16.20 42.75 -39.03
CA GLN N 33 -16.08 41.82 -37.90
C GLN N 33 -16.82 42.34 -36.68
N ILE N 34 -16.66 43.64 -36.36
CA ILE N 34 -17.34 44.19 -35.19
C ILE N 34 -18.85 44.24 -35.43
N ALA N 35 -19.26 44.48 -36.68
CA ALA N 35 -20.68 44.42 -37.00
C ALA N 35 -21.24 43.01 -36.76
N TYR N 36 -20.50 41.98 -37.16
CA TYR N 36 -20.92 40.61 -36.89
C TYR N 36 -21.00 40.35 -35.40
N ILE N 37 -20.00 40.81 -34.64
CA ILE N 37 -19.98 40.58 -33.20
C ILE N 37 -21.18 41.25 -32.54
N ILE N 38 -21.51 42.47 -32.98
CA ILE N 38 -22.69 43.15 -32.46
C ILE N 38 -23.96 42.40 -32.83
N ALA N 39 -24.04 41.90 -34.07
CA ALA N 39 -25.21 41.18 -34.53
C ALA N 39 -25.46 39.88 -33.77
N GLN N 40 -24.41 39.14 -33.42
CA GLN N 40 -24.58 37.90 -32.67
C GLN N 40 -24.98 38.13 -31.22
N GLY N 41 -24.93 39.37 -30.74
CA GLY N 41 -25.32 39.67 -29.38
C GLY N 41 -24.24 39.50 -28.33
N TRP N 42 -22.99 39.28 -28.74
CA TRP N 42 -21.92 39.09 -27.79
C TRP N 42 -21.42 40.42 -27.24
N SER N 43 -20.43 40.35 -26.35
CA SER N 43 -19.91 41.53 -25.68
C SER N 43 -18.48 41.79 -26.10
N PRO N 44 -18.18 42.92 -26.74
CA PRO N 44 -16.80 43.21 -27.13
C PRO N 44 -15.91 43.45 -25.93
N LEU N 45 -14.62 43.12 -26.10
CA LEU N 45 -13.64 43.29 -25.04
C LEU N 45 -12.26 43.38 -25.67
N ILE N 46 -11.42 44.28 -25.15
CA ILE N 46 -10.11 44.57 -25.71
C ILE N 46 -9.04 44.15 -24.72
N GLU N 47 -8.00 43.47 -25.23
CA GLU N 47 -6.88 43.01 -24.43
C GLU N 47 -5.57 43.42 -25.09
N HIS N 48 -4.50 43.45 -24.28
CA HIS N 48 -3.18 43.78 -24.78
C HIS N 48 -2.13 43.20 -23.83
N VAL N 49 -1.08 42.64 -24.43
CA VAL N 49 0.04 42.08 -23.68
C VAL N 49 1.34 42.38 -24.40
N HIS N 50 2.44 42.08 -23.73
CA HIS N 50 3.76 42.25 -24.32
C HIS N 50 4.02 41.12 -25.32
N PRO N 51 4.75 41.38 -26.41
CA PRO N 51 5.05 40.29 -27.37
C PRO N 51 5.76 39.10 -26.75
N SER N 52 6.63 39.33 -25.76
CA SER N 52 7.27 38.20 -25.07
C SER N 52 6.32 37.57 -24.07
N ARG N 53 5.16 38.18 -23.84
CA ARG N 53 4.16 37.62 -22.93
C ARG N 53 2.91 37.22 -23.70
N SER N 54 3.09 36.69 -24.91
CA SER N 54 1.94 36.40 -25.77
C SER N 54 1.23 35.10 -25.41
N MET N 55 1.86 34.26 -24.57
CA MET N 55 1.26 32.99 -24.17
C MET N 55 0.66 33.05 -22.77
N ALA N 56 0.56 34.24 -22.19
CA ALA N 56 -0.01 34.38 -20.86
C ALA N 56 -1.47 33.95 -20.85
N THR N 57 -1.87 33.32 -19.74
CA THR N 57 -3.24 32.85 -19.60
C THR N 57 -4.24 34.00 -19.57
N TYR N 58 -3.91 35.10 -18.89
CA TYR N 58 -4.80 36.24 -18.77
C TYR N 58 -4.11 37.48 -19.33
N TRP N 59 -4.81 38.22 -20.19
CA TRP N 59 -4.31 39.46 -20.75
C TRP N 59 -4.72 40.64 -19.89
N SER N 60 -4.57 41.86 -20.40
CA SER N 60 -4.89 43.07 -19.66
C SER N 60 -6.12 43.73 -20.27
N TYR N 61 -7.17 43.90 -19.46
CA TYR N 61 -8.39 44.54 -19.92
C TYR N 61 -8.12 46.00 -20.27
N TRP N 62 -8.91 46.53 -21.20
CA TRP N 62 -8.82 47.94 -21.56
C TRP N 62 -10.14 48.42 -22.15
N LYS N 63 -10.96 49.10 -21.34
CA LYS N 63 -10.77 49.24 -19.90
C LYS N 63 -11.64 48.19 -19.20
N LEU N 64 -12.93 48.22 -19.52
CA LEU N 64 -13.93 47.30 -19.02
C LEU N 64 -14.71 46.76 -20.20
N PRO N 65 -15.30 45.57 -20.08
CA PRO N 65 -16.08 45.01 -21.18
C PRO N 65 -17.24 45.92 -21.55
N PHE N 66 -17.49 46.04 -22.86
CA PHE N 66 -18.55 46.89 -23.38
C PHE N 66 -19.84 46.07 -23.46
N PHE N 67 -20.42 45.82 -22.29
CA PHE N 67 -21.64 45.03 -22.20
C PHE N 67 -22.82 45.82 -22.75
N GLY N 68 -23.42 45.32 -23.81
CA GLY N 68 -24.63 45.93 -24.37
C GLY N 68 -24.44 47.28 -25.01
N GLU N 69 -23.36 47.49 -25.77
CA GLU N 69 -23.19 48.66 -26.61
C GLU N 69 -23.57 48.31 -28.03
N LYS N 70 -24.43 49.13 -28.63
CA LYS N 70 -24.94 48.89 -29.97
C LYS N 70 -24.38 49.89 -30.99
N ASP N 71 -23.21 50.45 -30.72
CA ASP N 71 -22.56 51.39 -31.63
C ASP N 71 -21.17 50.86 -31.93
N LEU N 72 -20.88 50.64 -33.22
CA LEU N 72 -19.60 50.12 -33.66
C LEU N 72 -18.60 51.21 -34.00
N GLY N 73 -19.00 52.48 -33.92
CA GLY N 73 -18.11 53.59 -34.23
C GLY N 73 -17.23 54.05 -33.10
N VAL N 74 -17.48 53.61 -31.87
CA VAL N 74 -16.68 54.01 -30.71
C VAL N 74 -15.61 52.98 -30.39
N ILE N 75 -15.92 51.70 -30.59
CA ILE N 75 -14.95 50.64 -30.29
C ILE N 75 -13.74 50.74 -31.20
N VAL N 76 -13.95 51.01 -32.49
CA VAL N 76 -12.82 51.15 -33.40
C VAL N 76 -11.96 52.35 -33.06
N SER N 77 -12.55 53.46 -32.58
CA SER N 77 -11.77 54.56 -32.06
C SER N 77 -11.15 54.27 -30.70
N GLU N 78 -11.76 53.38 -29.92
CA GLU N 78 -11.14 52.90 -28.70
C GLU N 78 -10.19 51.74 -28.95
N LEU N 79 -10.23 51.15 -30.15
CA LEU N 79 -9.19 50.22 -30.58
C LEU N 79 -7.92 50.96 -31.01
N GLU N 80 -8.02 52.27 -31.19
CA GLU N 80 -6.85 53.09 -31.50
C GLU N 80 -6.15 53.60 -30.24
N ALA N 81 -6.91 53.87 -29.17
CA ALA N 81 -6.31 54.38 -27.95
C ALA N 81 -5.34 53.36 -27.34
N CYS N 82 -5.73 52.08 -27.31
CA CYS N 82 -4.84 51.06 -26.79
C CYS N 82 -3.62 50.89 -27.68
N HIS N 83 -3.76 51.17 -28.98
CA HIS N 83 -2.62 51.05 -29.88
C HIS N 83 -1.64 52.20 -29.69
N ARG N 84 -2.15 53.42 -29.53
CA ARG N 84 -1.25 54.57 -29.38
C ARG N 84 -0.63 54.60 -27.99
N ALA N 85 -1.38 54.18 -26.96
CA ALA N 85 -0.82 54.16 -25.61
C ALA N 85 0.15 53.01 -25.41
N TYR N 86 -0.03 51.92 -26.17
CA TYR N 86 0.86 50.76 -26.10
C TYR N 86 1.25 50.37 -27.51
N PRO N 87 2.18 51.11 -28.12
CA PRO N 87 2.57 50.82 -29.51
C PRO N 87 3.30 49.50 -29.71
N ASP N 88 3.88 48.93 -28.65
CA ASP N 88 4.60 47.66 -28.74
C ASP N 88 3.85 46.55 -28.03
N HIS N 89 2.52 46.55 -28.11
CA HIS N 89 1.69 45.53 -27.50
C HIS N 89 0.67 45.01 -28.51
N HIS N 90 0.50 43.70 -28.53
CA HIS N 90 -0.53 43.11 -29.38
C HIS N 90 -1.91 43.56 -28.92
N VAL N 91 -2.77 43.92 -29.87
CA VAL N 91 -4.09 44.45 -29.57
C VAL N 91 -5.12 43.45 -30.06
N ARG N 92 -5.70 42.70 -29.13
CA ARG N 92 -6.71 41.72 -29.44
C ARG N 92 -8.11 42.28 -29.20
N LEU N 93 -9.08 41.72 -29.92
CA LEU N 93 -10.50 42.05 -29.73
C LEU N 93 -11.23 40.75 -29.45
N VAL N 94 -11.97 40.71 -28.34
CA VAL N 94 -12.61 39.49 -27.88
C VAL N 94 -14.12 39.72 -27.78
N GLY N 95 -14.86 38.70 -28.20
CA GLY N 95 -16.31 38.70 -28.03
C GLY N 95 -16.72 37.81 -26.88
N TYR N 96 -17.53 38.35 -25.96
CA TYR N 96 -17.88 37.62 -24.76
C TYR N 96 -19.32 37.13 -24.83
N ASP N 97 -19.52 35.87 -24.48
CA ASP N 97 -20.86 35.28 -24.38
C ASP N 97 -21.18 35.06 -22.91
N ALA N 98 -22.30 35.62 -22.46
CA ALA N 98 -22.68 35.55 -21.06
C ALA N 98 -23.45 34.29 -20.70
N TYR N 99 -24.30 33.81 -21.61
CA TYR N 99 -25.14 32.65 -21.30
C TYR N 99 -24.33 31.35 -21.25
N THR N 100 -23.47 31.12 -22.23
CA THR N 100 -22.68 29.89 -22.27
C THR N 100 -21.34 30.00 -21.58
N GLN N 101 -20.98 31.19 -21.07
CA GLN N 101 -19.69 31.44 -20.44
C GLN N 101 -18.53 31.08 -21.35
N SER N 102 -18.65 31.38 -22.63
CA SER N 102 -17.62 31.10 -23.62
C SER N 102 -17.31 32.39 -24.39
N GLN N 103 -16.50 32.27 -25.43
CA GLN N 103 -16.11 33.40 -26.26
C GLN N 103 -16.52 33.12 -27.70
N GLY N 104 -17.30 34.04 -28.28
CA GLY N 104 -17.78 33.88 -29.63
C GLY N 104 -16.79 34.23 -30.72
N ALA N 105 -15.84 35.13 -30.45
CA ALA N 105 -14.85 35.52 -31.42
C ALA N 105 -13.61 36.02 -30.70
N CYS N 106 -12.46 35.47 -31.06
CA CYS N 106 -11.20 35.84 -30.42
C CYS N 106 -10.09 35.90 -31.46
N PHE N 107 -9.81 37.10 -31.96
CA PHE N 107 -8.81 37.28 -33.00
C PHE N 107 -8.01 38.54 -32.72
N VAL N 108 -6.69 38.46 -32.94
CA VAL N 108 -5.83 39.61 -32.74
C VAL N 108 -5.99 40.57 -33.91
N VAL N 109 -6.25 41.84 -33.59
CA VAL N 109 -6.45 42.87 -34.61
C VAL N 109 -5.13 43.52 -35.01
N PHE N 110 -4.36 43.97 -34.03
CA PHE N 110 -3.07 44.62 -34.28
C PHE N 110 -1.95 43.72 -33.81
N GLU N 111 -0.96 43.51 -34.67
CA GLU N 111 0.15 42.61 -34.39
C GLU N 111 1.12 43.16 -33.36
N GLY N 112 1.24 44.48 -33.22
CA GLY N 112 2.18 45.05 -32.29
C GLY N 112 3.42 45.60 -32.98
N ARG N 113 3.53 46.92 -33.06
CA ARG N 113 4.64 47.56 -33.75
C ARG N 113 5.94 47.45 -32.95
N GLU O 11 -35.56 12.05 45.25
CA GLU O 11 -35.45 12.83 44.02
C GLU O 11 -35.97 14.25 44.22
N TYR O 12 -35.16 15.08 44.85
CA TYR O 12 -35.54 16.47 45.12
C TYR O 12 -34.36 17.38 44.79
N ARG O 13 -33.24 16.78 44.38
CA ARG O 13 -31.99 17.49 44.14
C ARG O 13 -31.48 18.10 45.44
N ASP O 14 -30.76 19.23 45.33
CA ASP O 14 -30.06 19.92 46.42
C ASP O 14 -28.80 19.19 46.84
N THR O 15 -28.53 18.01 46.29
CA THR O 15 -27.24 17.35 46.46
C THR O 15 -26.23 17.79 45.41
N TYR O 16 -26.66 18.57 44.42
CA TYR O 16 -25.76 19.14 43.42
C TYR O 16 -25.41 20.59 43.71
N TRP O 17 -26.05 21.20 44.71
CA TRP O 17 -25.79 22.59 45.10
C TRP O 17 -24.97 22.57 46.39
N THR O 18 -23.68 22.85 46.25
CA THR O 18 -22.77 22.97 47.39
C THR O 18 -22.27 24.40 47.44
N PRO O 19 -22.85 25.26 48.30
CA PRO O 19 -22.48 26.68 48.30
C PRO O 19 -21.08 26.96 48.83
N ASP O 20 -20.41 25.98 49.42
CA ASP O 20 -19.12 26.21 50.07
C ASP O 20 -17.92 25.69 49.28
N TYR O 21 -18.13 24.77 48.34
CA TYR O 21 -17.02 24.18 47.61
C TYR O 21 -16.36 25.21 46.69
N VAL O 22 -15.04 25.11 46.55
CA VAL O 22 -14.28 25.94 45.62
C VAL O 22 -13.67 25.03 44.56
N PRO O 23 -13.97 25.24 43.28
CA PRO O 23 -13.43 24.35 42.24
C PRO O 23 -11.91 24.41 42.17
N LEU O 24 -11.31 23.29 41.77
CA LEU O 24 -9.86 23.23 41.62
C LEU O 24 -9.44 23.89 40.31
N ASP O 25 -8.16 23.75 40.00
CA ASP O 25 -7.59 24.29 38.77
C ASP O 25 -7.97 23.44 37.56
N THR O 26 -8.09 22.12 37.71
CA THR O 26 -8.35 21.21 36.61
C THR O 26 -9.83 21.01 36.32
N ASP O 27 -10.71 21.76 36.96
CA ASP O 27 -12.14 21.56 36.79
C ASP O 27 -12.69 22.45 35.68
N LEU O 28 -13.52 21.84 34.82
CA LEU O 28 -14.23 22.56 33.76
C LEU O 28 -15.36 23.34 34.38
N LEU O 29 -15.27 24.67 34.32
CA LEU O 29 -16.34 25.52 34.81
C LEU O 29 -17.34 25.78 33.69
N ALA O 30 -18.45 26.43 34.06
CA ALA O 30 -19.49 26.78 33.10
C ALA O 30 -20.36 27.87 33.68
N CYS O 31 -20.91 28.70 32.81
CA CYS O 31 -21.82 29.76 33.21
C CYS O 31 -23.11 29.63 32.40
N PHE O 32 -24.24 29.53 33.11
CA PHE O 32 -25.54 29.40 32.47
C PHE O 32 -26.45 30.50 32.96
N LYS O 33 -27.00 31.27 32.03
CA LYS O 33 -28.01 32.28 32.34
C LYS O 33 -29.37 31.61 32.23
N CYS O 34 -29.93 31.22 33.38
CA CYS O 34 -31.10 30.34 33.41
C CYS O 34 -32.29 31.07 34.00
N THR O 35 -33.47 30.67 33.56
CA THR O 35 -34.73 31.15 34.10
C THR O 35 -35.65 29.95 34.31
N GLY O 36 -36.12 29.78 35.54
CA GLY O 36 -36.95 28.65 35.89
C GLY O 36 -38.42 29.01 35.97
N GLN O 37 -39.21 28.01 36.34
CA GLN O 37 -40.64 28.22 36.51
C GLN O 37 -40.91 29.10 37.72
N GLU O 38 -42.13 29.61 37.81
CA GLU O 38 -42.53 30.47 38.91
C GLU O 38 -42.57 29.68 40.21
N GLY O 39 -42.09 30.29 41.29
CA GLY O 39 -42.19 29.69 42.60
C GLY O 39 -40.98 28.88 43.02
N VAL O 40 -40.35 28.19 42.07
CA VAL O 40 -39.22 27.32 42.44
C VAL O 40 -38.04 28.16 42.89
N PRO O 41 -37.30 27.74 43.90
CA PRO O 41 -36.13 28.53 44.34
C PRO O 41 -34.99 28.45 43.32
N LYS O 42 -34.07 29.41 43.45
CA LYS O 42 -32.98 29.53 42.49
C LYS O 42 -31.97 28.41 42.62
N GLU O 43 -31.71 27.95 43.85
CA GLU O 43 -30.73 26.87 44.04
C GLU O 43 -31.23 25.56 43.42
N GLU O 44 -32.53 25.30 43.51
CA GLU O 44 -33.09 24.05 43.02
C GLU O 44 -32.96 23.94 41.50
N VAL O 45 -33.33 25.00 40.77
CA VAL O 45 -33.21 24.96 39.32
C VAL O 45 -31.74 24.92 38.90
N ALA O 46 -30.86 25.61 39.62
CA ALA O 46 -29.43 25.50 39.35
C ALA O 46 -28.93 24.09 39.58
N ALA O 47 -29.41 23.44 40.64
CA ALA O 47 -29.04 22.04 40.87
C ALA O 47 -29.54 21.15 39.74
N ALA O 48 -30.76 21.40 39.25
CA ALA O 48 -31.28 20.63 38.13
C ALA O 48 -30.44 20.84 36.87
N VAL O 49 -30.02 22.07 36.61
CA VAL O 49 -29.16 22.33 35.45
C VAL O 49 -27.83 21.61 35.60
N ALA O 50 -27.25 21.64 36.79
CA ALA O 50 -25.98 20.95 37.02
C ALA O 50 -26.14 19.44 36.84
N ALA O 51 -27.24 18.88 37.33
CA ALA O 51 -27.44 17.43 37.25
C ALA O 51 -27.77 16.99 35.82
N GLU O 52 -28.59 17.77 35.12
CA GLU O 52 -28.99 17.42 33.76
C GLU O 52 -27.82 17.32 32.79
N SER O 53 -26.87 18.24 32.85
CA SER O 53 -25.72 18.23 31.95
C SER O 53 -24.60 17.33 32.44
N SER O 54 -24.73 16.76 33.65
CA SER O 54 -23.67 15.92 34.20
C SER O 54 -24.14 14.48 34.35
N THR O 55 -25.25 14.27 35.05
CA THR O 55 -25.66 12.91 35.40
C THR O 55 -27.10 12.57 34.98
N GLY O 56 -28.05 13.48 35.16
CA GLY O 56 -29.44 13.15 34.90
C GLY O 56 -29.94 12.03 35.80
N THR O 57 -29.79 12.20 37.10
CA THR O 57 -30.02 11.15 38.09
C THR O 57 -30.39 11.91 39.37
N TRP O 58 -30.80 11.19 40.42
CA TRP O 58 -30.88 9.80 40.88
C TRP O 58 -32.24 9.13 40.66
N SER O 59 -32.23 8.03 39.90
CA SER O 59 -33.40 7.19 39.75
C SER O 59 -33.35 6.04 40.76
N THR O 60 -34.37 5.18 40.76
CA THR O 60 -34.43 4.03 41.66
C THR O 60 -33.79 2.85 40.94
N VAL O 61 -32.47 2.80 40.96
CA VAL O 61 -31.70 1.81 40.19
C VAL O 61 -30.70 1.12 41.10
N TRP O 62 -30.65 -0.21 40.99
CA TRP O 62 -29.63 -0.99 41.68
C TRP O 62 -28.24 -0.72 41.11
N SER O 63 -28.14 -0.49 39.80
CA SER O 63 -26.84 -0.34 39.16
C SER O 63 -26.14 0.95 39.57
N GLU O 64 -26.88 1.91 40.13
CA GLU O 64 -26.27 3.18 40.52
C GLU O 64 -25.50 3.10 41.82
N LEU O 65 -25.51 1.96 42.51
CA LEU O 65 -24.71 1.76 43.71
C LEU O 65 -23.36 1.14 43.43
N LEU O 66 -23.08 0.78 42.17
CA LEU O 66 -21.78 0.23 41.80
C LEU O 66 -20.71 1.30 41.61
N VAL O 67 -21.08 2.56 41.52
CA VAL O 67 -20.16 3.65 41.21
C VAL O 67 -20.33 4.76 42.24
N ASP O 68 -19.22 5.26 42.75
CA ASP O 68 -19.24 6.39 43.68
C ASP O 68 -19.64 7.63 42.89
N LEU O 69 -20.91 8.01 43.01
CA LEU O 69 -21.47 9.14 42.27
C LEU O 69 -20.95 10.49 42.77
N ASP O 70 -20.50 10.56 44.03
CA ASP O 70 -20.06 11.83 44.60
C ASP O 70 -18.75 12.33 44.01
N PHE O 71 -18.06 11.52 43.21
CA PHE O 71 -16.80 11.93 42.61
C PHE O 71 -16.98 12.52 41.21
N TYR O 72 -17.81 11.91 40.38
CA TYR O 72 -17.99 12.34 38.99
C TYR O 72 -19.12 13.35 38.82
N LYS O 73 -19.90 13.61 39.86
CA LYS O 73 -21.05 14.50 39.73
C LYS O 73 -20.59 15.95 39.53
N GLY O 74 -21.35 16.69 38.74
CA GLY O 74 -21.12 18.10 38.51
C GLY O 74 -22.00 18.94 39.42
N ARG O 75 -21.37 19.89 40.12
CA ARG O 75 -22.04 20.66 41.16
C ARG O 75 -22.04 22.14 40.80
N CYS O 76 -22.99 22.87 41.40
CA CYS O 76 -23.11 24.32 41.24
C CYS O 76 -22.62 24.95 42.54
N TYR O 77 -21.74 25.94 42.42
CA TYR O 77 -21.06 26.48 43.60
C TYR O 77 -21.39 27.94 43.91
N ARG O 78 -22.17 28.63 43.08
CA ARG O 78 -22.42 30.05 43.30
C ARG O 78 -23.61 30.50 42.49
N ILE O 79 -24.33 31.49 43.01
CA ILE O 79 -25.49 32.08 42.36
C ILE O 79 -25.40 33.58 42.54
N GLU O 80 -25.15 34.29 41.44
CA GLU O 80 -24.99 35.74 41.49
C GLU O 80 -25.91 36.37 40.45
N ASP O 81 -26.68 37.35 40.90
CA ASP O 81 -27.83 37.85 40.17
C ASP O 81 -27.43 38.61 38.92
N VAL O 82 -28.22 38.45 37.87
CA VAL O 82 -28.04 39.18 36.61
C VAL O 82 -28.38 40.65 36.84
N PRO O 83 -27.50 41.58 36.46
CA PRO O 83 -27.80 43.01 36.67
C PRO O 83 -28.78 43.50 35.62
N GLY O 84 -29.88 44.09 36.09
CA GLY O 84 -30.91 44.61 35.22
C GLY O 84 -32.11 43.71 35.02
N ASP O 85 -32.15 42.55 35.69
CA ASP O 85 -33.25 41.62 35.55
C ASP O 85 -33.57 41.04 36.92
N LYS O 86 -34.80 40.56 37.08
CA LYS O 86 -35.29 40.07 38.37
C LYS O 86 -35.50 38.56 38.39
N GLU O 87 -35.98 37.97 37.30
CA GLU O 87 -36.27 36.54 37.28
C GLU O 87 -35.12 35.72 36.72
N ALA O 88 -34.02 36.35 36.30
CA ALA O 88 -32.89 35.64 35.70
C ALA O 88 -31.68 35.68 36.63
N PHE O 89 -30.72 34.80 36.35
CA PHE O 89 -29.50 34.71 37.12
C PHE O 89 -28.51 33.81 36.41
N TYR O 90 -27.31 33.68 36.98
CA TYR O 90 -26.27 32.81 36.47
C TYR O 90 -26.16 31.58 37.37
N ALA O 91 -25.75 30.45 36.78
CA ALA O 91 -25.57 29.20 37.49
C ALA O 91 -24.18 28.66 37.18
N PHE O 92 -23.22 28.96 38.04
CA PHE O 92 -21.85 28.54 37.86
C PHE O 92 -21.72 27.08 38.26
N ILE O 93 -21.27 26.23 37.35
CA ILE O 93 -21.19 24.80 37.56
C ILE O 93 -19.78 24.33 37.24
N ALA O 94 -19.24 23.45 38.08
CA ALA O 94 -17.91 22.90 37.90
C ALA O 94 -18.00 21.41 37.64
N TYR O 95 -17.20 20.92 36.68
CA TYR O 95 -17.21 19.53 36.28
C TYR O 95 -15.83 18.92 36.46
N PRO O 96 -15.73 17.74 37.08
CA PRO O 96 -14.43 17.07 37.17
C PRO O 96 -13.90 16.72 35.78
N LEU O 97 -12.57 16.72 35.66
CA LEU O 97 -11.92 16.49 34.38
C LEU O 97 -12.13 15.09 33.82
N ASP O 98 -12.43 14.10 34.67
CA ASP O 98 -12.59 12.73 34.22
C ASP O 98 -13.77 12.52 33.30
N LEU O 99 -14.69 13.48 33.21
CA LEU O 99 -15.89 13.32 32.39
C LEU O 99 -15.64 13.64 30.92
N PHE O 100 -14.47 14.15 30.56
CA PHE O 100 -14.22 14.67 29.23
C PHE O 100 -13.01 14.00 28.61
N GLU O 101 -13.13 13.73 27.31
CA GLU O 101 -12.06 13.09 26.55
C GLU O 101 -10.96 14.09 26.22
N GLU O 102 -9.72 13.59 26.20
CA GLU O 102 -8.57 14.42 25.89
C GLU O 102 -8.51 14.70 24.40
N GLY O 103 -8.30 15.97 24.05
CA GLY O 103 -8.17 16.36 22.66
C GLY O 103 -9.39 16.12 21.81
N SER O 104 -10.58 16.18 22.39
CA SER O 104 -11.83 15.98 21.66
C SER O 104 -12.78 17.12 21.99
N VAL O 105 -12.96 18.03 21.03
CA VAL O 105 -13.87 19.16 21.22
C VAL O 105 -15.33 18.76 21.03
N THR O 106 -15.60 17.71 20.26
CA THR O 106 -16.98 17.25 20.10
C THR O 106 -17.53 16.68 21.40
N ASN O 107 -16.70 15.95 22.15
CA ASN O 107 -17.17 15.28 23.36
C ASN O 107 -17.61 16.28 24.42
N VAL O 108 -16.88 17.37 24.61
CA VAL O 108 -17.24 18.33 25.65
C VAL O 108 -18.54 19.04 25.31
N LEU O 109 -18.77 19.34 24.02
CA LEU O 109 -20.00 20.02 23.63
C LEU O 109 -21.23 19.16 23.87
N THR O 110 -21.17 17.88 23.48
CA THR O 110 -22.31 17.00 23.73
C THR O 110 -22.42 16.67 25.21
N SER O 111 -21.31 16.77 25.95
CA SER O 111 -21.36 16.56 27.39
C SER O 111 -22.10 17.70 28.09
N LEU O 112 -21.85 18.94 27.64
CA LEU O 112 -22.42 20.09 28.34
C LEU O 112 -23.82 20.42 27.84
N VAL O 113 -23.95 20.72 26.54
CA VAL O 113 -25.22 21.22 26.01
C VAL O 113 -25.91 20.15 25.20
N GLY O 114 -25.48 18.90 25.33
CA GLY O 114 -26.09 17.82 24.57
C GLY O 114 -27.53 17.55 24.99
N ASN O 115 -27.84 17.68 26.28
CA ASN O 115 -29.14 17.29 26.79
C ASN O 115 -29.85 18.38 27.61
N VAL O 116 -29.13 19.29 28.26
CA VAL O 116 -29.74 20.22 29.21
C VAL O 116 -30.81 21.09 28.57
N PHE O 117 -30.62 21.51 27.32
CA PHE O 117 -31.59 22.39 26.67
C PHE O 117 -32.95 21.71 26.49
N GLY O 118 -32.99 20.39 26.39
CA GLY O 118 -34.23 19.68 26.20
C GLY O 118 -35.03 19.47 27.47
N PHE O 119 -34.47 19.84 28.62
CA PHE O 119 -35.14 19.63 29.89
C PHE O 119 -36.36 20.54 29.99
N LYS O 120 -37.35 20.11 30.79
CA LYS O 120 -38.65 20.77 30.78
C LYS O 120 -38.77 21.92 31.77
N ALA O 121 -38.18 21.79 32.96
CA ALA O 121 -38.41 22.77 34.02
C ALA O 121 -37.79 24.13 33.75
N LEU O 122 -36.93 24.24 32.74
CA LEU O 122 -36.32 25.52 32.38
C LEU O 122 -36.96 26.06 31.12
N ARG O 123 -37.10 27.39 31.05
CA ARG O 123 -37.70 28.01 29.87
C ARG O 123 -36.65 28.60 28.94
N HIS O 124 -35.69 29.34 29.49
CA HIS O 124 -34.65 29.97 28.72
C HIS O 124 -33.30 29.64 29.33
N LEU O 125 -32.33 29.30 28.47
CA LEU O 125 -31.00 28.95 28.91
C LEU O 125 -29.98 29.47 27.90
N ARG O 126 -28.93 30.12 28.40
CA ARG O 126 -27.90 30.70 27.54
C ARG O 126 -26.54 30.44 28.15
N LEU O 127 -25.77 29.55 27.52
CA LEU O 127 -24.38 29.33 27.89
C LEU O 127 -23.57 30.57 27.54
N GLU O 128 -22.98 31.20 28.56
CA GLU O 128 -22.24 32.45 28.36
C GLU O 128 -20.73 32.25 28.34
N ASP O 129 -20.17 31.49 29.27
CA ASP O 129 -18.72 31.37 29.35
C ASP O 129 -18.34 30.01 29.92
N ILE O 130 -17.19 29.51 29.48
CA ILE O 130 -16.63 28.25 29.96
C ILE O 130 -15.15 28.47 30.23
N ARG O 131 -14.69 28.04 31.40
CA ARG O 131 -13.28 28.12 31.77
C ARG O 131 -12.59 26.80 31.42
N PHE O 132 -11.55 26.87 30.61
CA PHE O 132 -10.90 25.58 30.39
C PHE O 132 -9.61 25.51 31.20
N PRO O 133 -9.28 24.35 31.75
CA PRO O 133 -8.04 24.22 32.52
C PRO O 133 -6.85 23.91 31.62
N MET O 134 -5.66 24.20 32.16
CA MET O 134 -4.43 23.99 31.40
C MET O 134 -4.26 22.53 30.99
N ALA O 135 -4.64 21.58 31.85
CA ALA O 135 -4.48 20.18 31.52
C ALA O 135 -5.29 19.79 30.28
N PHE O 136 -6.53 20.27 30.18
CA PHE O 136 -7.35 19.92 29.03
C PHE O 136 -6.98 20.75 27.80
N ILE O 137 -6.57 22.01 28.00
CA ILE O 137 -6.16 22.84 26.89
C ILE O 137 -4.92 22.26 26.21
N LYS O 138 -3.98 21.74 27.00
CA LYS O 138 -2.77 21.15 26.46
C LYS O 138 -3.04 19.90 25.62
N THR O 139 -4.16 19.21 25.85
CA THR O 139 -4.52 18.05 25.05
C THR O 139 -5.07 18.41 23.69
N CYS O 140 -5.60 19.61 23.52
CA CYS O 140 -6.15 20.04 22.24
C CYS O 140 -5.04 20.43 21.28
N PRO O 141 -5.25 20.26 19.97
CA PRO O 141 -4.19 20.62 19.02
C PRO O 141 -3.94 22.10 18.93
N GLY O 142 -5.00 22.92 18.94
CA GLY O 142 -4.85 24.35 18.79
C GLY O 142 -4.61 24.73 17.34
N PRO O 143 -4.31 26.00 17.11
CA PRO O 143 -4.10 26.48 15.73
C PRO O 143 -2.94 25.76 15.07
N PRO O 144 -3.05 25.47 13.76
CA PRO O 144 -1.95 24.79 13.08
C PRO O 144 -0.69 25.63 12.96
N ASN O 145 -0.82 26.91 12.64
CA ASN O 145 0.35 27.77 12.53
C ASN O 145 0.31 28.90 13.55
N GLY O 146 -0.82 29.59 13.64
CA GLY O 146 -0.95 30.72 14.53
C GLY O 146 -0.64 32.04 13.82
N ILE O 147 -0.91 33.12 14.55
CA ILE O 147 -0.74 34.46 13.99
C ILE O 147 0.71 34.73 13.65
N CYS O 148 1.61 34.48 14.61
CA CYS O 148 3.02 34.79 14.41
C CYS O 148 3.63 33.99 13.27
N VAL O 149 3.32 32.69 13.21
CA VAL O 149 3.84 31.87 12.12
C VAL O 149 3.25 32.31 10.78
N GLU O 150 1.97 32.68 10.75
CA GLU O 150 1.38 33.16 9.50
C GLU O 150 2.08 34.42 9.02
N ARG O 151 2.33 35.37 9.93
CA ARG O 151 3.05 36.57 9.56
C ARG O 151 4.47 36.25 9.09
N ASP O 152 5.14 35.32 9.76
CA ASP O 152 6.52 34.99 9.40
C ASP O 152 6.56 34.38 7.99
N ARG O 153 5.62 33.46 7.70
CA ARG O 153 5.61 32.82 6.40
C ARG O 153 5.10 33.75 5.30
N MET O 154 4.35 34.79 5.66
CA MET O 154 3.85 35.73 4.67
C MET O 154 4.69 37.00 4.56
N ASN O 155 5.59 37.24 5.51
CA ASN O 155 6.46 38.41 5.50
C ASN O 155 5.67 39.71 5.43
N LYS O 156 4.54 39.74 6.17
CA LYS O 156 3.69 40.92 6.29
C LYS O 156 3.63 41.29 7.76
N TYR O 157 4.28 42.39 8.12
CA TYR O 157 4.44 42.78 9.51
C TYR O 157 3.91 44.20 9.73
N GLY O 158 3.34 44.42 10.91
CA GLY O 158 2.99 45.74 11.36
C GLY O 158 1.76 46.36 10.75
N ARG O 159 0.98 45.61 9.99
CA ARG O 159 -0.23 46.14 9.39
C ARG O 159 -1.28 45.05 9.33
N PRO O 160 -2.55 45.39 9.51
CA PRO O 160 -3.62 44.41 9.26
C PRO O 160 -3.70 44.05 7.79
N LEU O 161 -4.09 42.81 7.54
CA LEU O 161 -4.21 42.33 6.17
C LEU O 161 -5.56 42.73 5.58
N LEU O 162 -5.68 42.57 4.26
CA LEU O 162 -6.87 42.95 3.52
C LEU O 162 -7.38 41.75 2.73
N GLY O 163 -8.68 41.74 2.44
CA GLY O 163 -9.29 40.64 1.72
C GLY O 163 -10.44 41.11 0.88
N CYS O 164 -10.89 40.21 -0.02
CA CYS O 164 -12.01 40.50 -0.89
C CYS O 164 -12.80 39.22 -1.11
N THR O 165 -14.09 39.38 -1.41
CA THR O 165 -14.98 38.27 -1.72
C THR O 165 -15.39 38.38 -3.19
N ILE O 166 -15.22 37.28 -3.93
CA ILE O 166 -15.49 37.29 -5.37
C ILE O 166 -16.99 37.44 -5.59
N LYS O 167 -17.36 38.35 -6.50
CA LYS O 167 -18.73 38.55 -6.92
C LYS O 167 -18.80 38.54 -8.44
N PRO O 168 -19.90 38.02 -9.02
CA PRO O 168 -21.11 37.47 -8.38
C PRO O 168 -20.86 36.13 -7.70
N LYS O 169 -21.68 35.78 -6.71
CA LYS O 169 -21.52 34.48 -6.05
C LYS O 169 -21.79 33.34 -7.01
N LEU O 170 -22.81 33.47 -7.85
CA LEU O 170 -23.26 32.37 -8.71
C LEU O 170 -23.08 32.78 -10.17
N GLY O 171 -22.44 31.90 -10.95
CA GLY O 171 -22.42 32.08 -12.38
C GLY O 171 -21.05 32.04 -13.06
N LEU O 172 -20.03 32.57 -12.41
CA LEU O 172 -18.72 32.68 -13.05
C LEU O 172 -18.15 31.30 -13.37
N SER O 173 -17.58 31.19 -14.57
CA SER O 173 -17.05 29.91 -15.03
C SER O 173 -15.65 29.67 -14.47
N GLY O 174 -14.99 28.64 -15.00
CA GLY O 174 -13.66 28.29 -14.52
C GLY O 174 -12.59 29.27 -14.94
N LYS O 175 -12.82 30.01 -16.03
CA LYS O 175 -11.85 31.00 -16.48
C LYS O 175 -12.22 32.40 -16.02
N ASN O 176 -13.51 32.72 -15.99
CA ASN O 176 -13.92 34.02 -15.48
C ASN O 176 -13.58 34.17 -14.01
N TYR O 177 -13.62 33.08 -13.24
CA TYR O 177 -13.24 33.14 -11.84
C TYR O 177 -11.78 33.56 -11.68
N GLY O 178 -10.90 32.95 -12.47
CA GLY O 178 -9.51 33.37 -12.46
C GLY O 178 -9.31 34.79 -12.97
N ARG O 179 -10.11 35.18 -13.96
CA ARG O 179 -10.04 36.54 -14.49
C ARG O 179 -10.38 37.57 -13.42
N VAL O 180 -11.42 37.31 -12.64
CA VAL O 180 -11.80 38.28 -11.61
C VAL O 180 -10.89 38.17 -10.39
N VAL O 181 -10.26 37.01 -10.17
CA VAL O 181 -9.28 36.90 -9.10
C VAL O 181 -8.04 37.71 -9.46
N TYR O 182 -7.59 37.61 -10.71
CA TYR O 182 -6.32 38.21 -11.10
C TYR O 182 -6.30 39.73 -10.91
N GLU O 183 -7.38 40.42 -11.30
CA GLU O 183 -7.40 41.88 -11.17
C GLU O 183 -7.40 42.31 -9.70
N CYS O 184 -8.15 41.59 -8.85
CA CYS O 184 -8.21 41.94 -7.44
C CYS O 184 -6.84 41.79 -6.79
N LEU O 185 -6.11 40.73 -7.14
CA LEU O 185 -4.80 40.51 -6.53
C LEU O 185 -3.74 41.43 -7.14
N ARG O 186 -3.93 41.81 -8.40
CA ARG O 186 -2.97 42.73 -9.04
C ARG O 186 -3.28 44.18 -8.73
N GLY O 187 -4.39 44.47 -8.07
CA GLY O 187 -4.77 45.83 -7.77
C GLY O 187 -4.20 46.37 -6.48
N GLY O 188 -3.63 45.48 -5.66
CA GLY O 188 -3.09 45.91 -4.38
C GLY O 188 -3.44 45.02 -3.21
N LEU O 189 -4.50 44.24 -3.33
CA LEU O 189 -4.87 43.32 -2.25
C LEU O 189 -3.86 42.17 -2.17
N ASP O 190 -4.07 41.30 -1.20
CA ASP O 190 -3.27 40.09 -1.05
C ASP O 190 -4.10 38.84 -0.80
N PHE O 191 -5.35 38.97 -0.36
CA PHE O 191 -6.20 37.82 -0.05
C PHE O 191 -7.53 37.98 -0.78
N THR O 192 -8.01 36.86 -1.32
CA THR O 192 -9.32 36.80 -1.96
C THR O 192 -10.06 35.58 -1.44
N LYS O 193 -11.39 35.71 -1.35
CA LYS O 193 -12.22 34.71 -0.68
C LYS O 193 -13.15 34.01 -1.66
N ASP O 194 -13.17 32.69 -1.58
CA ASP O 194 -14.22 31.91 -2.22
C ASP O 194 -15.45 31.91 -1.32
N ASP O 195 -16.59 32.34 -1.86
CA ASP O 195 -17.77 32.47 -1.03
C ASP O 195 -18.27 31.10 -0.57
N GLU O 196 -19.05 31.11 0.51
CA GLU O 196 -19.43 29.86 1.18
C GLU O 196 -20.28 28.96 0.30
N ASN O 197 -21.04 29.53 -0.64
CA ASN O 197 -21.92 28.70 -1.46
C ASN O 197 -21.16 27.87 -2.48
N ILE O 198 -19.89 28.20 -2.73
CA ILE O 198 -19.12 27.55 -3.78
C ILE O 198 -18.42 26.32 -3.20
N ASN O 199 -18.98 25.13 -3.47
CA ASN O 199 -18.28 23.90 -3.14
C ASN O 199 -17.94 23.13 -4.40
N SER O 200 -18.96 22.76 -5.18
CA SER O 200 -18.77 22.16 -6.50
C SER O 200 -20.04 22.33 -7.32
N GLN O 201 -20.06 23.28 -8.23
CA GLN O 201 -21.31 23.60 -8.91
C GLN O 201 -21.36 22.97 -10.31
N PRO O 202 -22.57 22.61 -10.77
CA PRO O 202 -22.68 22.10 -12.15
C PRO O 202 -22.20 23.08 -13.20
N PHE O 203 -22.43 24.37 -13.00
CA PHE O 203 -21.96 25.39 -13.93
C PHE O 203 -20.49 25.72 -13.75
N GLN O 204 -19.87 25.26 -12.66
CA GLN O 204 -18.45 25.50 -12.41
C GLN O 204 -17.85 24.35 -11.62
N ARG O 205 -17.22 23.41 -12.32
CA ARG O 205 -16.61 22.28 -11.63
C ARG O 205 -15.40 22.73 -10.83
N TRP O 206 -15.24 22.11 -9.65
CA TRP O 206 -14.19 22.53 -8.73
C TRP O 206 -12.80 22.20 -9.24
N GLN O 207 -12.63 21.11 -10.01
CA GLN O 207 -11.33 20.77 -10.55
C GLN O 207 -10.81 21.81 -11.54
N ASN O 208 -11.68 22.64 -12.10
CA ASN O 208 -11.25 23.68 -13.03
C ASN O 208 -11.10 25.03 -12.33
N ARG O 209 -11.81 25.24 -11.23
CA ARG O 209 -11.61 26.44 -10.43
C ARG O 209 -10.22 26.47 -9.81
N PHE O 210 -9.73 25.30 -9.36
CA PHE O 210 -8.43 25.25 -8.70
C PHE O 210 -7.29 25.52 -9.68
N GLU O 211 -7.40 24.98 -10.90
CA GLU O 211 -6.30 25.11 -11.86
C GLU O 211 -6.13 26.52 -12.40
N PHE O 212 -7.23 27.27 -12.54
CA PHE O 212 -7.12 28.62 -13.05
C PHE O 212 -6.80 29.64 -11.97
N VAL O 213 -7.25 29.43 -10.74
CA VAL O 213 -6.91 30.34 -9.66
C VAL O 213 -5.44 30.23 -9.31
N ALA O 214 -4.85 29.04 -9.45
CA ALA O 214 -3.42 28.89 -9.18
C ALA O 214 -2.56 29.64 -10.19
N GLU O 215 -3.09 29.93 -11.38
CA GLU O 215 -2.38 30.73 -12.35
C GLU O 215 -2.61 32.22 -12.16
N ALA O 216 -3.85 32.62 -11.83
CA ALA O 216 -4.11 34.03 -11.54
C ALA O 216 -3.33 34.50 -10.31
N VAL O 217 -3.25 33.67 -9.28
CA VAL O 217 -2.48 34.04 -8.10
C VAL O 217 -1.00 34.15 -8.43
N ALA O 218 -0.47 33.15 -9.15
CA ALA O 218 0.95 33.15 -9.49
C ALA O 218 1.32 34.27 -10.45
N LEU O 219 0.47 34.57 -11.43
CA LEU O 219 0.75 35.64 -12.37
C LEU O 219 0.72 37.02 -11.73
N ALA O 220 -0.20 37.25 -10.80
CA ALA O 220 -0.25 38.52 -10.07
C ALA O 220 0.84 38.62 -9.02
N GLN O 221 1.32 37.49 -8.48
CA GLN O 221 2.37 37.53 -7.47
C GLN O 221 3.69 38.02 -8.04
N GLN O 222 4.09 37.53 -9.21
CA GLN O 222 5.37 37.94 -9.79
C GLN O 222 5.33 39.37 -10.31
N GLU O 223 4.15 39.94 -10.49
CA GLU O 223 4.04 41.30 -11.01
C GLU O 223 4.16 42.35 -9.91
N THR O 224 3.39 42.20 -8.82
CA THR O 224 3.42 43.17 -7.74
C THR O 224 4.58 42.94 -6.77
N GLY O 225 5.22 41.78 -6.84
CA GLY O 225 6.32 41.47 -5.94
C GLY O 225 5.92 41.10 -4.53
N GLU O 226 4.63 40.93 -4.27
CA GLU O 226 4.14 40.57 -2.94
C GLU O 226 3.54 39.17 -2.99
N LYS O 227 3.79 38.40 -1.94
CA LYS O 227 3.17 37.09 -1.81
C LYS O 227 1.68 37.23 -1.54
N LYS O 228 0.87 36.50 -2.30
CA LYS O 228 -0.58 36.62 -2.24
C LYS O 228 -1.19 35.24 -2.06
N GLY O 229 -2.48 35.23 -1.69
CA GLY O 229 -3.17 33.98 -1.45
C GLY O 229 -4.63 34.08 -1.83
N HIS O 230 -5.27 32.92 -1.91
CA HIS O 230 -6.69 32.82 -2.24
C HIS O 230 -7.23 31.56 -1.59
N TYR O 231 -8.35 31.70 -0.88
CA TYR O 231 -8.93 30.57 -0.16
C TYR O 231 -9.74 29.71 -1.11
N LEU O 232 -9.51 28.40 -1.09
CA LEU O 232 -10.35 27.47 -1.82
C LEU O 232 -11.25 26.73 -0.84
N ASN O 233 -12.55 26.80 -1.06
CA ASN O 233 -13.52 26.19 -0.18
C ASN O 233 -13.43 24.67 -0.32
N CYS O 234 -12.79 24.03 0.67
CA CYS O 234 -12.59 22.59 0.65
C CYS O 234 -13.70 21.83 1.36
N THR O 235 -14.82 22.48 1.63
CA THR O 235 -15.96 21.80 2.24
C THR O 235 -16.53 20.80 1.24
N ALA O 236 -16.81 19.59 1.72
CA ALA O 236 -17.28 18.51 0.86
C ALA O 236 -18.38 17.76 1.59
N ALA O 237 -18.88 16.70 0.96
CA ALA O 237 -19.95 15.90 1.54
C ALA O 237 -19.46 14.73 2.37
N THR O 238 -18.25 14.26 2.12
CA THR O 238 -17.65 13.14 2.83
C THR O 238 -16.22 13.48 3.21
N PRO O 239 -15.72 12.95 4.32
CA PRO O 239 -14.33 13.25 4.71
C PRO O 239 -13.30 12.70 3.74
N GLU O 240 -13.68 11.74 2.89
CA GLU O 240 -12.74 11.25 1.89
C GLU O 240 -12.42 12.31 0.85
N GLU O 241 -13.41 13.09 0.44
CA GLU O 241 -13.20 14.09 -0.60
C GLU O 241 -12.49 15.32 -0.07
N MET O 242 -12.70 15.66 1.21
CA MET O 242 -12.10 16.87 1.77
C MET O 242 -10.58 16.80 1.74
N TYR O 243 -10.01 15.67 2.15
CA TYR O 243 -8.57 15.51 2.08
C TYR O 243 -8.07 15.53 0.64
N GLU O 244 -8.85 14.99 -0.29
CA GLU O 244 -8.43 14.99 -1.69
C GLU O 244 -8.38 16.42 -2.23
N ARG O 245 -9.39 17.23 -1.91
CA ARG O 245 -9.36 18.63 -2.33
C ARG O 245 -8.20 19.38 -1.66
N ALA O 246 -7.95 19.10 -0.39
CA ALA O 246 -6.83 19.75 0.30
C ALA O 246 -5.51 19.39 -0.37
N GLU O 247 -5.32 18.12 -0.71
CA GLU O 247 -4.11 17.70 -1.42
C GLU O 247 -4.00 18.33 -2.80
N PHE O 248 -5.12 18.42 -3.53
CA PHE O 248 -5.09 19.06 -4.84
C PHE O 248 -4.70 20.52 -4.73
N ALA O 249 -5.21 21.21 -3.71
CA ALA O 249 -4.79 22.58 -3.46
C ALA O 249 -3.30 22.65 -3.11
N LYS O 250 -2.82 21.69 -2.32
CA LYS O 250 -1.41 21.69 -1.93
C LYS O 250 -0.48 21.51 -3.12
N GLU O 251 -0.81 20.59 -4.04
CA GLU O 251 0.06 20.35 -5.18
C GLU O 251 0.07 21.53 -6.15
N LEU O 252 -0.92 22.41 -6.06
CA LEU O 252 -0.96 23.60 -6.89
C LEU O 252 -0.22 24.78 -6.28
N GLY O 253 0.43 24.60 -5.13
CA GLY O 253 1.12 25.68 -4.48
C GLY O 253 0.23 26.68 -3.77
N GLN O 254 -0.98 26.26 -3.38
CA GLN O 254 -1.88 27.15 -2.67
C GLN O 254 -1.46 27.27 -1.21
N PRO O 255 -1.29 28.49 -0.71
CA PRO O 255 -0.79 28.66 0.66
C PRO O 255 -1.86 28.57 1.73
N ILE O 256 -3.12 28.82 1.37
CA ILE O 256 -4.20 28.91 2.35
C ILE O 256 -5.48 28.35 1.75
N ILE O 257 -6.29 27.72 2.61
CA ILE O 257 -7.57 27.16 2.20
C ILE O 257 -8.67 27.68 3.13
N MET O 258 -9.92 27.29 2.86
CA MET O 258 -11.04 27.74 3.67
C MET O 258 -11.90 26.54 4.03
N HIS O 259 -12.52 26.60 5.21
CA HIS O 259 -13.37 25.52 5.69
C HIS O 259 -14.48 26.11 6.54
N ASP O 260 -15.60 25.40 6.61
CA ASP O 260 -16.78 25.83 7.35
C ASP O 260 -16.98 24.87 8.52
N TYR O 261 -16.85 25.38 9.74
CA TYR O 261 -16.86 24.49 10.90
C TYR O 261 -18.27 24.22 11.43
N ILE O 262 -19.15 25.22 11.43
CA ILE O 262 -20.50 25.01 11.97
C ILE O 262 -21.27 24.02 11.10
N THR O 263 -21.22 24.17 9.78
CA THR O 263 -21.90 23.26 8.88
C THR O 263 -21.18 21.93 8.71
N GLY O 264 -19.85 21.95 8.71
CA GLY O 264 -19.07 20.74 8.54
C GLY O 264 -18.90 19.88 9.77
N GLY O 265 -19.21 20.42 10.94
CA GLY O 265 -19.08 19.64 12.16
C GLY O 265 -17.72 19.80 12.81
N PHE O 266 -17.72 19.72 14.14
CA PHE O 266 -16.47 19.87 14.89
C PHE O 266 -15.53 18.71 14.64
N THR O 267 -16.05 17.50 14.41
CA THR O 267 -15.19 16.37 14.08
C THR O 267 -14.41 16.64 12.80
N ALA O 268 -15.10 17.07 11.74
CA ALA O 268 -14.42 17.39 10.49
C ALA O 268 -13.48 18.57 10.66
N ASN O 269 -13.90 19.59 11.42
CA ASN O 269 -13.05 20.76 11.62
C ASN O 269 -11.74 20.38 12.31
N THR O 270 -11.82 19.53 13.34
CA THR O 270 -10.62 19.07 14.02
C THR O 270 -9.77 18.16 13.14
N GLY O 271 -10.40 17.29 12.35
CA GLY O 271 -9.65 16.45 11.43
C GLY O 271 -8.87 17.26 10.42
N LEU O 272 -9.48 18.30 9.85
CA LEU O 272 -8.76 19.15 8.92
C LEU O 272 -7.73 20.01 9.64
N SER O 273 -8.03 20.43 10.87
CA SER O 273 -7.10 21.26 11.63
C SER O 273 -5.79 20.53 11.91
N LYS O 274 -5.85 19.21 12.10
CA LYS O 274 -4.64 18.43 12.34
C LYS O 274 -3.90 18.07 11.07
N TRP O 275 -4.59 17.96 9.94
CA TRP O 275 -3.91 17.66 8.68
C TRP O 275 -3.07 18.85 8.20
N CYS O 276 -3.54 20.07 8.44
CA CYS O 276 -2.86 21.27 7.93
C CYS O 276 -1.47 21.45 8.52
N ARG O 277 -1.28 21.15 9.81
CA ARG O 277 0.03 21.30 10.41
C ARG O 277 1.03 20.32 9.83
N LYS O 278 0.59 19.12 9.46
CA LYS O 278 1.48 18.11 8.92
C LYS O 278 1.97 18.45 7.52
N ASN O 279 1.35 19.43 6.85
CA ASN O 279 1.75 19.83 5.51
C ASN O 279 2.10 21.31 5.42
N GLY O 280 2.14 22.04 6.54
CA GLY O 280 2.52 23.44 6.53
C GLY O 280 1.57 24.33 5.75
N MET O 281 0.27 24.17 5.95
CA MET O 281 -0.73 24.94 5.23
C MET O 281 -1.64 25.68 6.22
N LEU O 282 -1.93 26.93 5.90
CA LEU O 282 -2.84 27.76 6.69
C LEU O 282 -4.29 27.37 6.42
N LEU O 283 -5.20 28.01 7.14
CA LEU O 283 -6.62 27.64 7.08
C LEU O 283 -7.45 28.82 7.53
N HIS O 284 -8.53 29.10 6.80
CA HIS O 284 -9.49 30.14 7.13
C HIS O 284 -10.84 29.49 7.45
N ILE O 285 -11.55 30.03 8.44
CA ILE O 285 -12.80 29.46 8.92
C ILE O 285 -13.92 30.47 8.72
N HIS O 286 -15.08 29.99 8.29
CA HIS O 286 -16.27 30.81 8.12
C HIS O 286 -17.37 30.32 9.06
N ARG O 287 -18.01 31.25 9.75
CA ARG O 287 -19.02 30.93 10.76
C ARG O 287 -20.44 31.03 10.19
N ALA O 288 -20.75 30.14 9.25
CA ALA O 288 -22.07 30.12 8.64
C ALA O 288 -23.12 29.64 9.65
N MET O 289 -24.36 30.12 9.46
CA MET O 289 -25.51 29.75 10.29
C MET O 289 -25.31 30.21 11.74
N HIS O 290 -24.36 31.12 11.96
CA HIS O 290 -24.07 31.60 13.30
C HIS O 290 -25.27 32.29 13.95
N ALA O 291 -26.02 33.08 13.18
CA ALA O 291 -27.17 33.80 13.72
C ALA O 291 -28.32 32.90 14.11
N VAL O 292 -28.27 31.62 13.75
CA VAL O 292 -29.33 30.69 14.15
C VAL O 292 -29.33 30.49 15.66
N ILE O 293 -28.15 30.49 16.27
CA ILE O 293 -28.01 30.14 17.68
C ILE O 293 -27.76 31.37 18.54
N ASP O 294 -26.67 32.09 18.29
CA ASP O 294 -26.18 33.12 19.19
C ASP O 294 -26.93 34.44 19.09
N ARG O 295 -27.79 34.62 18.09
CA ARG O 295 -28.42 35.92 17.87
C ARG O 295 -29.33 36.32 19.03
N HIS O 296 -30.07 35.37 19.59
CA HIS O 296 -31.06 35.72 20.60
C HIS O 296 -30.40 35.85 21.97
N PRO O 297 -30.68 36.92 22.71
CA PRO O 297 -29.94 37.18 23.97
C PRO O 297 -30.39 36.35 25.15
N LYS O 298 -31.25 35.34 24.96
CA LYS O 298 -31.69 34.50 26.06
C LYS O 298 -31.53 33.01 25.79
N HIS O 299 -31.26 32.61 24.55
CA HIS O 299 -31.37 31.23 24.14
C HIS O 299 -30.14 30.82 23.35
N GLY O 300 -29.87 29.52 23.32
CA GLY O 300 -28.74 28.98 22.59
C GLY O 300 -27.44 29.10 23.32
N ILE O 301 -26.36 29.19 22.54
CA ILE O 301 -25.00 29.30 23.06
C ILE O 301 -24.37 30.56 22.50
N HIS O 302 -23.75 31.33 23.38
CA HIS O 302 -23.05 32.55 22.97
C HIS O 302 -21.92 32.20 22.01
N PHE O 303 -21.72 33.09 21.02
CA PHE O 303 -20.68 32.89 20.02
C PHE O 303 -19.28 32.83 20.64
N ARG O 304 -19.10 33.42 21.81
CA ARG O 304 -17.80 33.41 22.49
C ARG O 304 -17.36 32.00 22.81
N VAL O 305 -18.29 31.17 23.30
CA VAL O 305 -17.97 29.77 23.58
C VAL O 305 -17.53 29.06 22.31
N LEU O 306 -18.22 29.30 21.20
CA LEU O 306 -17.81 28.75 19.91
C LEU O 306 -16.43 29.22 19.49
N ALA O 307 -16.09 30.49 19.71
CA ALA O 307 -14.76 30.97 19.39
C ALA O 307 -13.69 30.27 20.22
N LYS O 308 -13.94 30.10 21.52
CA LYS O 308 -12.99 29.38 22.37
C LYS O 308 -12.83 27.93 21.91
N CYS O 309 -13.94 27.25 21.62
CA CYS O 309 -13.87 25.87 21.18
C CYS O 309 -13.15 25.73 19.85
N LEU O 310 -13.35 26.68 18.94
CA LEU O 310 -12.66 26.61 17.65
C LEU O 310 -11.17 26.87 17.82
N ARG O 311 -10.81 27.84 18.66
CA ARG O 311 -9.40 28.08 18.94
C ARG O 311 -8.74 26.85 19.53
N LEU O 312 -9.46 26.14 20.41
CA LEU O 312 -8.96 24.85 20.89
C LEU O 312 -8.81 23.84 19.75
N SER O 313 -9.81 23.78 18.87
CA SER O 313 -9.78 22.80 17.78
C SER O 313 -8.71 23.14 16.75
N GLY O 314 -8.65 24.38 16.29
CA GLY O 314 -7.67 24.78 15.30
C GLY O 314 -8.19 25.92 14.46
N GLY O 315 -7.46 26.19 13.38
CA GLY O 315 -7.80 27.30 12.49
C GLY O 315 -7.07 28.57 12.87
N ASP O 316 -6.79 29.41 11.88
CA ASP O 316 -6.05 30.64 12.11
C ASP O 316 -6.87 31.90 11.92
N GLN O 317 -8.01 31.82 11.24
CA GLN O 317 -8.82 32.99 10.93
C GLN O 317 -10.28 32.72 11.28
N LEU O 318 -11.04 33.79 11.46
CA LEU O 318 -12.43 33.69 11.90
C LEU O 318 -13.18 34.95 11.53
N HIS O 319 -14.37 34.78 10.94
CA HIS O 319 -15.22 35.91 10.63
C HIS O 319 -15.90 36.42 11.88
N THR O 320 -15.80 37.73 12.12
CA THR O 320 -16.39 38.32 13.31
C THR O 320 -17.59 39.19 12.94
N GLY O 321 -17.42 40.03 11.93
CA GLY O 321 -18.52 40.87 11.47
C GLY O 321 -19.00 41.84 12.54
N THR O 322 -20.08 42.53 12.20
CA THR O 322 -20.76 42.42 10.91
C THR O 322 -20.51 43.68 10.09
N VAL O 323 -19.99 44.70 10.77
CA VAL O 323 -19.53 45.95 10.18
C VAL O 323 -20.59 46.58 9.28
N VAL O 324 -21.84 46.63 9.74
CA VAL O 324 -22.82 47.55 9.17
C VAL O 324 -23.62 48.23 10.28
N GLY O 325 -23.13 49.38 10.76
CA GLY O 325 -21.79 49.89 10.53
C GLY O 325 -20.83 49.09 11.38
N LYS O 326 -21.37 48.47 12.43
CA LYS O 326 -20.70 47.39 13.15
C LYS O 326 -21.77 46.59 13.88
N LEU O 327 -21.39 45.38 14.32
CA LEU O 327 -22.36 44.48 14.92
C LEU O 327 -22.94 45.06 16.21
N GLU O 328 -22.08 45.62 17.07
CA GLU O 328 -22.48 46.28 18.32
C GLU O 328 -22.98 45.27 19.35
N ASP O 330 -22.67 45.50 20.62
CA ASP O 330 -21.91 46.64 21.14
C ASP O 330 -20.41 46.39 21.05
N ARG O 331 -19.63 47.47 21.12
CA ARG O 331 -18.17 47.36 21.02
C ARG O 331 -17.58 46.55 22.17
N GLN O 332 -18.04 46.79 23.40
CA GLN O 332 -17.44 46.13 24.56
C GLN O 332 -17.63 44.62 24.50
N THR O 333 -18.83 44.17 24.11
CA THR O 333 -19.07 42.73 24.00
C THR O 333 -18.24 42.12 22.88
N THR O 334 -18.16 42.79 21.73
CA THR O 334 -17.37 42.26 20.63
C THR O 334 -15.90 42.17 20.98
N LEU O 335 -15.35 43.22 21.63
CA LEU O 335 -13.99 43.15 22.11
C LEU O 335 -13.80 42.11 23.21
N GLY O 336 -14.91 41.67 23.84
CA GLY O 336 -14.79 40.66 24.88
C GLY O 336 -14.20 39.36 24.37
N PHE O 337 -14.71 38.86 23.24
CA PHE O 337 -14.21 37.64 22.64
C PHE O 337 -13.12 37.89 21.59
N ILE O 338 -12.81 39.15 21.29
CA ILE O 338 -11.66 39.44 20.44
C ILE O 338 -10.37 39.14 21.19
N ASP O 339 -10.30 39.51 22.47
CA ASP O 339 -9.13 39.24 23.27
C ASP O 339 -8.90 37.74 23.44
N GLN O 340 -9.97 36.98 23.64
CA GLN O 340 -9.84 35.54 23.85
C GLN O 340 -9.30 34.82 22.63
N LEU O 341 -9.44 35.38 21.43
CA LEU O 341 -8.88 34.77 20.25
C LEU O 341 -7.41 35.12 20.04
N ARG O 342 -6.90 36.12 20.73
CA ARG O 342 -5.53 36.60 20.53
C ARG O 342 -4.67 36.54 21.77
N GLU O 343 -5.19 36.95 22.93
CA GLU O 343 -4.38 37.08 24.12
C GLU O 343 -3.98 35.72 24.68
N SER O 344 -2.88 35.69 25.42
CA SER O 344 -2.43 34.49 26.10
C SER O 344 -3.06 34.31 27.47
N PHE O 345 -3.27 35.40 28.21
CA PHE O 345 -4.01 35.38 29.46
C PHE O 345 -4.98 36.56 29.45
N ILE O 346 -6.23 36.29 29.82
CA ILE O 346 -7.29 37.29 29.78
C ILE O 346 -7.79 37.53 31.20
N PRO O 347 -7.67 38.75 31.73
CA PRO O 347 -8.30 39.03 33.03
C PRO O 347 -9.81 39.02 32.92
N GLU O 348 -10.50 38.66 34.00
CA GLU O 348 -11.95 38.59 34.01
C GLU O 348 -12.52 40.00 34.07
N ASP O 349 -13.62 40.22 33.35
CA ASP O 349 -14.25 41.53 33.28
C ASP O 349 -15.72 41.35 32.95
N ARG O 350 -16.61 41.92 33.76
CA ARG O 350 -18.04 41.84 33.51
C ARG O 350 -18.50 42.85 32.46
N SER O 351 -17.77 43.96 32.30
CA SER O 351 -18.11 44.91 31.24
C SER O 351 -17.94 44.27 29.86
N ARG O 352 -16.86 43.52 29.66
CA ARG O 352 -16.64 42.78 28.44
C ARG O 352 -17.27 41.40 28.46
N GLY O 353 -17.95 41.05 29.55
CA GLY O 353 -18.63 39.77 29.63
C GLY O 353 -17.73 38.58 29.87
N ASN O 354 -16.54 38.78 30.39
CA ASN O 354 -15.63 37.69 30.74
C ASN O 354 -15.91 37.30 32.18
N PHE O 355 -16.41 36.08 32.38
CA PHE O 355 -16.86 35.61 33.68
C PHE O 355 -15.80 34.85 34.45
N PHE O 356 -14.78 34.32 33.77
CA PHE O 356 -13.80 33.44 34.38
C PHE O 356 -12.39 33.85 33.96
N ASP O 357 -11.42 33.49 34.79
CA ASP O 357 -10.01 33.73 34.47
C ASP O 357 -9.52 32.64 33.53
N GLN O 358 -9.20 33.02 32.30
CA GLN O 358 -8.80 32.08 31.26
C GLN O 358 -7.32 32.25 30.96
N ASP O 359 -6.56 31.16 31.08
CA ASP O 359 -5.15 31.14 30.75
C ASP O 359 -4.91 30.09 29.67
N TRP O 360 -4.40 30.52 28.52
CA TRP O 360 -4.19 29.64 27.38
C TRP O 360 -2.80 29.00 27.37
N GLY O 361 -1.97 29.29 28.35
CA GLY O 361 -0.62 28.73 28.37
C GLY O 361 0.26 29.21 27.24
N SER O 362 0.56 28.33 26.29
CA SER O 362 1.47 28.63 25.20
C SER O 362 0.83 28.37 23.84
N MET O 363 -0.50 28.42 23.77
CA MET O 363 -1.18 28.28 22.48
C MET O 363 -1.18 29.61 21.74
N PRO O 364 -0.71 29.65 20.50
CA PRO O 364 -0.68 30.92 19.77
C PRO O 364 -2.06 31.47 19.51
N GLY O 365 -2.10 32.73 19.05
CA GLY O 365 -3.34 33.42 18.81
C GLY O 365 -3.98 33.06 17.48
N VAL O 366 -5.20 33.54 17.31
CA VAL O 366 -5.99 33.32 16.09
C VAL O 366 -6.40 34.67 15.53
N PHE O 367 -6.16 34.86 14.23
CA PHE O 367 -6.50 36.13 13.59
C PHE O 367 -7.99 36.41 13.69
N ALA O 368 -8.33 37.66 13.96
CA ALA O 368 -9.71 38.12 14.01
C ALA O 368 -10.01 38.86 12.71
N VAL O 369 -10.92 38.32 11.91
CA VAL O 369 -11.19 38.83 10.57
C VAL O 369 -12.56 39.49 10.57
N ALA O 370 -12.63 40.72 10.05
CA ALA O 370 -13.88 41.44 9.93
C ALA O 370 -14.32 41.49 8.46
N SER O 371 -15.64 41.48 8.25
CA SER O 371 -16.20 41.48 6.90
C SER O 371 -17.63 41.99 6.97
N GLY O 372 -18.31 41.93 5.83
CA GLY O 372 -19.71 42.32 5.75
C GLY O 372 -19.98 43.78 5.44
N GLY O 373 -19.44 44.28 4.34
CA GLY O 373 -19.81 45.59 3.85
C GLY O 373 -18.95 46.75 4.31
N ILE O 374 -17.63 46.63 4.21
CA ILE O 374 -16.74 47.73 4.56
C ILE O 374 -16.45 48.57 3.34
N HIS O 375 -16.37 49.89 3.54
CA HIS O 375 -15.93 50.82 2.51
C HIS O 375 -14.92 51.77 3.13
N VAL O 376 -14.48 52.75 2.34
CA VAL O 376 -13.29 53.52 2.70
C VAL O 376 -13.51 54.40 3.93
N TRP O 377 -14.75 54.78 4.23
CA TRP O 377 -15.01 55.59 5.43
C TRP O 377 -15.11 54.75 6.70
N HIS O 378 -15.13 53.43 6.59
CA HIS O 378 -15.15 52.56 7.76
C HIS O 378 -13.74 52.14 8.21
N MET O 379 -12.71 52.50 7.46
CA MET O 379 -11.35 52.18 7.87
C MET O 379 -10.95 52.84 9.18
N PRO O 380 -11.19 54.14 9.41
CA PRO O 380 -10.86 54.72 10.72
C PRO O 380 -11.61 54.09 11.88
N ALA O 381 -12.79 53.54 11.64
CA ALA O 381 -13.55 52.89 12.71
C ALA O 381 -13.26 51.40 12.82
N LEU O 382 -12.42 50.85 11.95
CA LEU O 382 -12.06 49.44 11.99
C LEU O 382 -10.64 49.19 12.45
N VAL O 383 -9.74 50.15 12.26
CA VAL O 383 -8.36 49.98 12.72
C VAL O 383 -8.22 50.37 14.19
N ALA O 384 -8.95 51.40 14.63
CA ALA O 384 -8.88 51.82 16.03
C ALA O 384 -9.51 50.82 16.97
N ILE O 385 -10.26 49.85 16.44
CA ILE O 385 -10.95 48.89 17.30
C ILE O 385 -10.24 47.54 17.32
N PHE O 386 -9.88 47.01 16.14
CA PHE O 386 -9.37 45.66 16.05
C PHE O 386 -7.86 45.55 16.29
N GLY O 387 -7.09 46.57 15.93
CA GLY O 387 -5.65 46.49 16.08
C GLY O 387 -4.95 45.97 14.84
N ASP O 388 -3.66 45.68 15.00
CA ASP O 388 -2.83 45.24 13.88
C ASP O 388 -3.03 43.77 13.52
N ASP O 389 -3.60 42.98 14.43
CA ASP O 389 -3.75 41.55 14.20
C ASP O 389 -5.16 41.23 13.69
N SER O 390 -5.44 41.71 12.48
CA SER O 390 -6.78 41.62 11.91
C SER O 390 -6.71 41.57 10.39
N VAL O 391 -7.80 41.11 9.78
CA VAL O 391 -7.96 41.06 8.33
C VAL O 391 -9.32 41.65 7.98
N LEU O 392 -9.32 42.56 7.00
CA LEU O 392 -10.54 43.18 6.51
C LEU O 392 -10.88 42.61 5.14
N GLN O 393 -12.14 42.24 4.95
CA GLN O 393 -12.58 41.55 3.74
C GLN O 393 -13.84 42.23 3.20
N PHE O 394 -13.70 42.98 2.12
CA PHE O 394 -14.82 43.62 1.45
C PHE O 394 -15.46 42.66 0.46
N GLY O 395 -16.78 42.80 0.27
CA GLY O 395 -17.45 42.07 -0.78
C GLY O 395 -17.57 42.89 -2.06
N GLY O 396 -18.07 44.12 -1.93
CA GLY O 396 -18.25 44.98 -3.07
C GLY O 396 -17.39 46.23 -3.04
N GLY O 397 -16.73 46.48 -1.91
CA GLY O 397 -15.91 47.67 -1.79
C GLY O 397 -14.77 47.71 -2.79
N THR O 398 -14.06 46.59 -2.95
CA THR O 398 -13.01 46.49 -3.96
C THR O 398 -13.60 46.56 -5.36
N HIS O 399 -14.73 45.89 -5.57
CA HIS O 399 -15.31 45.79 -6.90
C HIS O 399 -16.25 46.95 -7.23
N GLY O 400 -16.51 47.84 -6.28
CA GLY O 400 -17.46 48.91 -6.49
C GLY O 400 -16.86 50.17 -7.10
N HIS O 401 -15.56 50.13 -7.40
CA HIS O 401 -14.84 51.25 -7.98
C HIS O 401 -15.27 51.47 -9.43
N PRO O 402 -15.58 52.72 -9.81
CA PRO O 402 -16.03 53.00 -11.18
C PRO O 402 -15.05 52.53 -12.25
N TRP O 403 -13.76 52.55 -11.96
CA TRP O 403 -12.74 52.19 -12.94
C TRP O 403 -12.43 50.70 -12.96
N GLY O 404 -13.25 49.87 -12.33
CA GLY O 404 -13.13 48.43 -12.43
C GLY O 404 -12.81 47.80 -11.10
N SER O 405 -12.20 46.62 -11.15
CA SER O 405 -11.84 45.88 -9.95
C SER O 405 -10.39 46.05 -9.54
N ALA O 406 -9.47 46.18 -10.49
CA ALA O 406 -8.06 46.41 -10.18
C ALA O 406 -7.84 47.78 -9.55
N ALA O 407 -8.54 48.81 -10.04
CA ALA O 407 -8.43 50.13 -9.46
C ALA O 407 -9.09 50.22 -8.09
N GLY O 408 -10.00 49.30 -7.77
CA GLY O 408 -10.64 49.32 -6.47
C GLY O 408 -9.68 49.04 -5.33
N ALA O 409 -8.79 48.06 -5.52
CA ALA O 409 -7.84 47.70 -4.47
C ALA O 409 -6.85 48.83 -4.22
N ALA O 410 -6.53 49.62 -5.25
CA ALA O 410 -5.63 50.75 -5.06
C ALA O 410 -6.26 51.84 -4.20
N ALA O 411 -7.59 51.92 -4.15
CA ALA O 411 -8.26 52.90 -3.31
C ALA O 411 -8.26 52.50 -1.84
N ASN O 412 -8.19 51.21 -1.54
CA ASN O 412 -8.25 50.76 -0.15
C ASN O 412 -6.85 50.51 0.41
N ARG O 413 -5.93 50.00 -0.42
CA ARG O 413 -4.56 49.79 0.04
C ARG O 413 -3.90 51.09 0.44
N VAL O 414 -4.14 52.16 -0.32
CA VAL O 414 -3.67 53.49 0.09
C VAL O 414 -4.36 53.93 1.37
N ALA O 415 -5.68 53.70 1.47
CA ALA O 415 -6.42 54.09 2.65
C ALA O 415 -6.00 53.32 3.89
N LEU O 416 -5.71 52.02 3.74
CA LEU O 416 -5.26 51.22 4.88
C LEU O 416 -3.97 51.77 5.45
N GLU O 417 -2.96 51.98 4.59
CA GLU O 417 -1.67 52.49 5.06
C GLU O 417 -1.75 53.93 5.54
N ALA O 418 -2.75 54.69 5.08
CA ALA O 418 -2.92 56.06 5.57
C ALA O 418 -3.26 56.08 7.05
N CYS O 419 -4.26 55.30 7.47
CA CYS O 419 -4.63 55.23 8.88
C CYS O 419 -3.50 54.67 9.73
N VAL O 420 -2.81 53.63 9.24
CA VAL O 420 -1.69 53.05 9.97
C VAL O 420 -0.61 54.10 10.19
N LYS O 421 -0.20 54.78 9.11
CA LYS O 421 0.84 55.79 9.20
C LYS O 421 0.44 56.95 10.11
N ALA O 422 -0.82 57.39 10.04
CA ALA O 422 -1.30 58.43 10.95
C ALA O 422 -1.43 57.94 12.38
N ARG O 423 -1.45 56.62 12.60
CA ARG O 423 -1.58 56.12 13.97
C ARG O 423 -0.24 56.07 14.67
N ASN O 424 0.84 55.74 13.95
CA ASN O 424 2.17 55.68 14.58
C ASN O 424 2.58 57.05 15.09
N ALA O 425 2.10 58.11 14.46
CA ALA O 425 2.44 59.47 14.87
C ALA O 425 1.65 59.88 16.11
N GLY O 426 0.75 59.01 16.56
CA GLY O 426 -0.06 59.28 17.73
C GLY O 426 -1.31 60.11 17.47
N ARG O 427 -1.61 60.42 16.21
CA ARG O 427 -2.80 61.19 15.89
C ARG O 427 -4.06 60.40 16.23
N GLU O 428 -5.13 61.14 16.53
CA GLU O 428 -6.44 60.56 16.82
C GLU O 428 -7.08 60.19 15.48
N ILE O 429 -6.90 58.93 15.07
CA ILE O 429 -7.34 58.52 13.74
C ILE O 429 -8.86 58.56 13.64
N GLU O 430 -9.56 58.14 14.70
CA GLU O 430 -11.01 58.06 14.69
C GLU O 430 -11.68 59.43 14.67
N LYS O 431 -10.96 60.51 14.96
CA LYS O 431 -11.54 61.83 14.98
C LYS O 431 -11.09 62.71 13.81
N GLU O 432 -9.88 62.51 13.30
CA GLU O 432 -9.37 63.24 12.15
C GLU O 432 -9.53 62.45 10.85
N SER O 433 -10.59 61.64 10.75
CA SER O 433 -10.74 60.73 9.62
C SER O 433 -10.79 61.48 8.30
N ARG O 434 -11.56 62.56 8.22
CA ARG O 434 -11.67 63.31 6.97
C ARG O 434 -10.33 63.88 6.53
N ASP O 435 -9.57 64.48 7.44
CA ASP O 435 -8.28 65.06 7.10
C ASP O 435 -7.21 64.01 6.87
N ILE O 436 -7.35 62.82 7.47
CA ILE O 436 -6.44 61.72 7.15
C ILE O 436 -6.71 61.16 5.76
N LEU O 437 -7.98 61.00 5.38
CA LEU O 437 -8.35 60.40 4.11
C LEU O 437 -8.18 61.35 2.93
N MET O 438 -8.74 62.56 3.00
CA MET O 438 -8.70 63.46 1.86
C MET O 438 -7.28 63.92 1.55
N GLU O 439 -6.44 64.11 2.58
CA GLU O 439 -5.06 64.50 2.35
C GLU O 439 -4.25 63.42 1.64
N ALA O 440 -4.54 62.15 1.91
CA ALA O 440 -3.85 61.08 1.19
C ALA O 440 -4.35 60.95 -0.24
N ALA O 441 -5.55 61.45 -0.53
CA ALA O 441 -6.07 61.42 -1.88
C ALA O 441 -5.39 62.42 -2.80
N LYS O 442 -4.71 63.43 -2.24
CA LYS O 442 -3.99 64.39 -3.06
C LYS O 442 -2.82 63.76 -3.82
N HIS O 443 -2.34 62.59 -3.39
CA HIS O 443 -1.28 61.89 -4.08
C HIS O 443 -1.78 60.57 -4.65
N SER O 444 -3.11 60.38 -4.67
CA SER O 444 -3.71 59.16 -5.21
C SER O 444 -5.03 59.49 -5.87
N PRO O 445 -5.06 59.63 -7.20
CA PRO O 445 -6.31 59.98 -7.89
C PRO O 445 -7.41 58.93 -7.77
N GLU O 446 -7.06 57.66 -7.54
CA GLU O 446 -8.08 56.63 -7.38
C GLU O 446 -8.90 56.86 -6.13
N LEU O 447 -8.25 57.15 -5.00
CA LEU O 447 -8.99 57.48 -3.78
C LEU O 447 -9.72 58.81 -3.92
N ALA O 448 -9.18 59.74 -4.72
CA ALA O 448 -9.87 61.01 -4.95
C ALA O 448 -11.25 60.79 -5.56
N ILE O 449 -11.40 59.76 -6.39
CA ILE O 449 -12.72 59.41 -6.91
C ILE O 449 -13.50 58.51 -5.96
N ALA O 450 -12.82 57.56 -5.31
CA ALA O 450 -13.51 56.68 -4.37
C ALA O 450 -14.18 57.46 -3.24
N LEU O 451 -13.61 58.60 -2.85
CA LEU O 451 -14.21 59.42 -1.83
C LEU O 451 -15.51 60.08 -2.29
N GLU O 452 -15.55 60.59 -3.52
CA GLU O 452 -16.78 61.22 -4.01
C GLU O 452 -17.82 60.20 -4.43
N THR O 453 -17.41 58.96 -4.69
CA THR O 453 -18.39 57.91 -4.96
C THR O 453 -19.14 57.51 -3.68
N TRP O 454 -18.40 57.10 -2.66
CA TRP O 454 -19.01 56.67 -1.40
C TRP O 454 -19.14 57.85 -0.42
N LYS O 455 -19.78 58.90 -0.90
CA LYS O 455 -20.01 60.10 -0.10
C LYS O 455 -21.37 60.02 0.59
N GLU O 456 -21.35 60.01 1.92
CA GLU O 456 -20.11 60.02 2.71
C GLU O 456 -20.22 59.06 3.88
N THR P 6 -4.62 58.07 -19.65
CA THR P 6 -5.27 56.77 -19.79
C THR P 6 -6.08 56.43 -18.55
N VAL P 7 -7.32 56.92 -18.50
CA VAL P 7 -8.24 56.69 -17.40
C VAL P 7 -9.49 56.02 -17.95
N GLY P 8 -9.97 54.99 -17.26
CA GLY P 8 -9.36 54.45 -16.05
C GLY P 8 -8.55 53.19 -16.32
N ASP P 9 -7.24 53.33 -16.32
CA ASP P 9 -6.32 52.22 -16.60
C ASP P 9 -5.30 52.16 -15.46
N TYR P 10 -5.47 51.19 -14.56
CA TYR P 10 -4.53 50.97 -13.48
C TYR P 10 -3.47 49.97 -13.91
N GLN P 11 -2.21 50.34 -13.74
CA GLN P 11 -1.08 49.49 -14.08
C GLN P 11 -0.49 48.89 -12.82
N THR P 12 -0.10 47.62 -12.88
CA THR P 12 0.49 46.94 -11.73
C THR P 12 1.81 47.59 -11.34
N VAL P 13 2.02 47.77 -10.05
CA VAL P 13 3.22 48.41 -9.51
C VAL P 13 3.83 47.49 -8.46
N ALA P 14 5.17 47.47 -8.41
CA ALA P 14 5.87 46.61 -7.48
C ALA P 14 6.17 47.34 -6.18
N THR P 15 5.52 46.93 -5.10
CA THR P 15 5.77 47.45 -3.76
C THR P 15 6.36 46.35 -2.91
N LEU P 16 7.21 46.72 -1.96
CA LEU P 16 7.98 45.71 -1.25
C LEU P 16 7.17 45.06 -0.13
N GLU P 17 6.89 45.79 0.94
CA GLU P 17 5.95 45.31 1.95
C GLU P 17 4.81 46.30 2.21
N THR P 18 5.18 47.54 2.57
CA THR P 18 4.21 48.51 3.07
C THR P 18 4.70 49.92 2.74
N PHE P 19 3.76 50.87 2.74
CA PHE P 19 4.02 52.28 2.46
C PHE P 19 4.55 52.53 1.05
N GLY P 20 4.56 51.49 0.21
CA GLY P 20 4.95 51.68 -1.17
C GLY P 20 3.91 52.41 -1.99
N PHE P 21 2.63 52.29 -1.61
CA PHE P 21 1.55 52.95 -2.33
C PHE P 21 1.55 54.46 -2.13
N LEU P 22 2.26 54.97 -1.13
CA LEU P 22 2.38 56.39 -0.84
C LEU P 22 3.74 56.91 -1.29
N PRO P 23 3.86 58.22 -1.52
CA PRO P 23 5.16 58.80 -1.90
C PRO P 23 6.21 58.56 -0.83
N PRO P 24 7.49 58.67 -1.17
CA PRO P 24 8.55 58.41 -0.18
C PRO P 24 8.44 59.34 1.01
N MET P 25 8.78 58.81 2.18
CA MET P 25 8.67 59.56 3.43
C MET P 25 9.76 60.61 3.52
N THR P 26 9.35 61.83 3.87
CA THR P 26 10.28 62.90 4.14
C THR P 26 10.94 62.67 5.50
N GLN P 27 12.13 63.25 5.70
CA GLN P 27 12.89 63.02 6.92
C GLN P 27 12.06 63.30 8.17
N ASP P 28 11.14 64.27 8.10
CA ASP P 28 10.32 64.61 9.26
C ASP P 28 9.46 63.44 9.71
N GLU P 29 8.89 62.68 8.78
CA GLU P 29 8.07 61.51 9.15
C GLU P 29 8.91 60.45 9.84
N ILE P 30 10.20 60.38 9.50
CA ILE P 30 11.05 59.31 10.02
C ILE P 30 11.25 59.46 11.52
N TYR P 31 11.37 60.70 12.00
CA TYR P 31 11.41 60.92 13.44
C TYR P 31 10.15 60.37 14.12
N ASP P 32 9.00 60.61 13.52
CA ASP P 32 7.75 60.11 14.10
C ASP P 32 7.70 58.59 14.12
N GLN P 33 8.11 57.93 13.03
CA GLN P 33 8.10 56.47 13.01
C GLN P 33 9.08 55.89 14.03
N ILE P 34 10.27 56.48 14.12
CA ILE P 34 11.27 56.01 15.08
C ILE P 34 10.78 56.25 16.50
N ALA P 35 10.10 57.37 16.74
CA ALA P 35 9.53 57.63 18.07
C ALA P 35 8.46 56.60 18.41
N TYR P 36 7.63 56.23 17.43
CA TYR P 36 6.65 55.17 17.66
C TYR P 36 7.34 53.86 18.03
N ILE P 37 8.39 53.49 17.28
CA ILE P 37 9.10 52.25 17.56
C ILE P 37 9.72 52.28 18.95
N ILE P 38 10.30 53.40 19.33
CA ILE P 38 10.93 53.53 20.65
C ILE P 38 9.88 53.46 21.75
N ALA P 39 8.77 54.17 21.60
CA ALA P 39 7.72 54.20 22.60
C ALA P 39 7.03 52.85 22.77
N GLN P 40 6.94 52.05 21.72
CA GLN P 40 6.42 50.69 21.86
C GLN P 40 7.40 49.77 22.56
N GLY P 41 8.63 50.21 22.80
CA GLY P 41 9.62 49.41 23.50
C GLY P 41 10.37 48.41 22.65
N TRP P 42 10.25 48.48 21.32
CA TRP P 42 10.89 47.52 20.45
C TRP P 42 12.36 47.88 20.24
N SER P 43 13.00 47.16 19.31
CA SER P 43 14.41 47.35 19.03
C SER P 43 14.61 47.64 17.55
N PRO P 44 15.13 48.81 17.19
CA PRO P 44 15.23 49.19 15.77
C PRO P 44 16.18 48.29 14.99
N LEU P 45 16.09 48.42 13.67
CA LEU P 45 16.95 47.66 12.75
C LEU P 45 17.19 48.48 11.50
N ILE P 46 18.35 48.27 10.88
CA ILE P 46 18.66 48.80 9.55
C ILE P 46 19.18 47.67 8.69
N GLU P 47 18.56 47.46 7.53
CA GLU P 47 18.89 46.36 6.65
C GLU P 47 19.12 46.86 5.23
N HIS P 48 19.91 46.11 4.48
CA HIS P 48 20.22 46.48 3.09
C HIS P 48 20.31 45.22 2.24
N VAL P 49 19.69 45.28 1.06
CA VAL P 49 19.78 44.23 0.05
C VAL P 49 19.78 44.87 -1.32
N HIS P 50 20.38 44.15 -2.28
CA HIS P 50 20.34 44.59 -3.67
C HIS P 50 18.93 44.44 -4.22
N PRO P 51 18.49 45.33 -5.12
CA PRO P 51 17.12 45.22 -5.65
C PRO P 51 16.81 43.91 -6.34
N SER P 52 17.81 43.24 -6.93
CA SER P 52 17.57 41.97 -7.61
C SER P 52 17.12 40.89 -6.63
N ARG P 53 17.72 40.84 -5.45
CA ARG P 53 17.38 39.83 -4.45
C ARG P 53 16.45 40.39 -3.40
N SER P 54 15.57 41.32 -3.79
CA SER P 54 14.67 41.96 -2.84
C SER P 54 13.59 41.02 -2.32
N MET P 55 13.38 39.87 -2.98
CA MET P 55 12.36 38.92 -2.57
C MET P 55 12.89 37.86 -1.60
N ALA P 56 14.15 37.96 -1.21
CA ALA P 56 14.72 37.00 -0.28
C ALA P 56 14.07 37.11 1.10
N THR P 57 14.06 36.00 1.82
CA THR P 57 13.44 35.95 3.15
C THR P 57 14.19 36.80 4.16
N TYR P 58 15.54 36.74 4.17
CA TYR P 58 16.34 37.44 5.16
C TYR P 58 17.21 38.47 4.46
N TRP P 59 17.21 39.70 5.00
CA TRP P 59 18.08 40.75 4.50
C TRP P 59 19.42 40.70 5.25
N SER P 60 20.22 41.75 5.14
CA SER P 60 21.52 41.81 5.81
C SER P 60 21.49 42.91 6.87
N TYR P 61 22.04 42.62 8.04
CA TYR P 61 22.04 43.58 9.14
C TYR P 61 23.02 44.72 8.87
N TRP P 62 22.73 45.87 9.46
CA TRP P 62 23.67 46.98 9.50
C TRP P 62 23.40 47.82 10.75
N LYS P 63 24.18 47.61 11.80
CA LYS P 63 25.17 46.54 11.87
C LYS P 63 24.61 45.45 12.79
N LEU P 64 24.01 45.89 13.89
CA LEU P 64 23.35 45.05 14.87
C LEU P 64 22.11 45.76 15.35
N PRO P 65 21.08 45.04 15.79
CA PRO P 65 19.85 45.72 16.23
C PRO P 65 20.08 46.44 17.55
N PHE P 66 19.61 47.69 17.60
CA PHE P 66 19.91 48.60 18.71
C PHE P 66 18.98 48.28 19.88
N PHE P 67 19.40 47.30 20.68
CA PHE P 67 18.64 46.91 21.86
C PHE P 67 18.69 48.03 22.90
N GLY P 68 17.53 48.38 23.45
CA GLY P 68 17.46 49.44 24.45
C GLY P 68 17.89 50.80 23.95
N GLU P 69 17.53 51.15 22.72
CA GLU P 69 17.85 52.45 22.15
C GLU P 69 16.64 53.37 22.29
N LYS P 70 16.72 54.32 23.20
CA LYS P 70 15.60 55.19 23.55
C LYS P 70 15.80 56.62 23.10
N ASP P 71 16.70 56.86 22.15
CA ASP P 71 16.92 58.20 21.59
C ASP P 71 16.84 58.10 20.08
N LEU P 72 16.01 58.94 19.48
CA LEU P 72 15.79 58.94 18.03
C LEU P 72 16.86 59.71 17.27
N GLY P 73 17.74 60.43 17.96
CA GLY P 73 18.76 61.22 17.30
C GLY P 73 19.93 60.43 16.75
N VAL P 74 20.07 59.16 17.11
CA VAL P 74 21.17 58.33 16.62
C VAL P 74 20.72 57.41 15.50
N ILE P 75 19.44 57.02 15.49
CA ILE P 75 18.94 56.16 14.43
C ILE P 75 18.86 56.92 13.10
N VAL P 76 18.47 58.19 13.14
CA VAL P 76 18.43 58.98 11.91
C VAL P 76 19.81 59.20 11.33
N SER P 77 20.84 59.35 12.17
CA SER P 77 22.21 59.46 11.68
C SER P 77 22.79 58.14 11.23
N GLU P 78 22.42 57.04 11.87
CA GLU P 78 22.84 55.72 11.42
C GLU P 78 22.11 55.26 10.17
N LEU P 79 21.01 55.92 9.81
CA LEU P 79 20.32 55.63 8.55
C LEU P 79 21.10 56.09 7.34
N GLU P 80 21.71 57.29 7.43
CA GLU P 80 22.48 57.81 6.31
C GLU P 80 23.81 57.10 6.11
N ALA P 81 24.37 56.50 7.16
CA ALA P 81 25.60 55.73 7.00
C ALA P 81 25.38 54.52 6.10
N CYS P 82 24.29 53.78 6.34
CA CYS P 82 23.94 52.67 5.47
C CYS P 82 23.67 53.12 4.04
N HIS P 83 22.93 54.24 3.89
CA HIS P 83 22.58 54.72 2.56
C HIS P 83 23.81 55.14 1.78
N ARG P 84 24.74 55.86 2.42
CA ARG P 84 25.94 56.29 1.72
C ARG P 84 26.88 55.11 1.45
N ALA P 85 26.95 54.16 2.37
CA ALA P 85 27.77 52.98 2.13
C ALA P 85 27.16 52.09 1.06
N TYR P 86 25.84 52.09 0.94
CA TYR P 86 25.12 51.27 -0.04
C TYR P 86 24.15 52.15 -0.81
N PRO P 87 24.65 52.91 -1.79
CA PRO P 87 23.76 53.78 -2.57
C PRO P 87 22.86 53.06 -3.55
N ASP P 88 22.99 51.74 -3.66
CA ASP P 88 22.15 50.95 -4.56
C ASP P 88 21.53 49.75 -3.83
N HIS P 89 21.11 49.97 -2.59
CA HIS P 89 20.49 48.93 -1.78
C HIS P 89 19.23 49.47 -1.10
N HIS P 90 18.25 48.60 -0.92
CA HIS P 90 17.02 48.99 -0.24
C HIS P 90 17.25 48.99 1.27
N VAL P 91 16.75 50.03 1.93
CA VAL P 91 16.98 50.24 3.36
C VAL P 91 15.65 50.11 4.08
N ARG P 92 15.59 49.19 5.04
CA ARG P 92 14.37 48.92 5.78
C ARG P 92 14.52 49.33 7.25
N LEU P 93 13.39 49.67 7.87
CA LEU P 93 13.34 50.04 9.27
C LEU P 93 12.36 49.13 9.98
N VAL P 94 12.85 48.40 11.00
CA VAL P 94 12.06 47.41 11.70
C VAL P 94 12.39 47.44 13.19
N GLY P 95 11.34 47.38 14.01
CA GLY P 95 11.52 47.27 15.44
C GLY P 95 11.29 45.86 15.95
N TYR P 96 12.27 45.31 16.65
CA TYR P 96 12.14 43.95 17.19
C TYR P 96 11.26 43.93 18.43
N ASP P 97 10.19 43.17 18.37
CA ASP P 97 9.35 42.91 19.53
C ASP P 97 9.87 41.67 20.23
N ALA P 98 10.43 41.86 21.42
CA ALA P 98 11.12 40.78 22.13
C ALA P 98 10.17 39.78 22.77
N TYR P 99 9.01 40.23 23.27
CA TYR P 99 8.18 39.35 24.08
C TYR P 99 7.37 38.35 23.24
N THR P 100 6.69 38.83 22.20
CA THR P 100 5.98 37.91 21.32
C THR P 100 6.86 37.37 20.19
N GLN P 101 8.12 37.80 20.13
CA GLN P 101 9.08 37.35 19.14
C GLN P 101 8.61 37.61 17.71
N SER P 102 7.96 38.75 17.50
CA SER P 102 7.46 39.15 16.19
C SER P 102 8.02 40.53 15.86
N GLN P 103 7.52 41.13 14.78
CA GLN P 103 7.93 42.45 14.35
C GLN P 103 6.72 43.37 14.35
N GLY P 104 6.86 44.52 15.00
CA GLY P 104 5.77 45.45 15.12
C GLY P 104 5.63 46.47 14.02
N ALA P 105 6.67 46.67 13.22
CA ALA P 105 6.63 47.62 12.12
C ALA P 105 7.60 47.15 11.04
N CYS P 106 7.15 47.25 9.79
CA CYS P 106 7.97 46.83 8.66
C CYS P 106 7.70 47.70 7.44
N PHE P 107 8.66 48.55 7.09
CA PHE P 107 8.55 49.41 5.93
C PHE P 107 9.94 49.83 5.47
N VAL P 108 10.09 50.00 4.15
CA VAL P 108 11.37 50.43 3.59
C VAL P 108 11.44 51.95 3.63
N VAL P 109 12.52 52.47 4.20
CA VAL P 109 12.74 53.91 4.31
C VAL P 109 13.33 54.48 3.03
N PHE P 110 14.53 54.05 2.66
CA PHE P 110 15.18 54.49 1.45
C PHE P 110 15.10 53.39 0.41
N GLU P 111 14.56 53.70 -0.76
CA GLU P 111 14.23 52.70 -1.75
C GLU P 111 15.44 52.19 -2.54
N GLY P 112 16.58 52.88 -2.47
CA GLY P 112 17.73 52.45 -3.22
C GLY P 112 17.89 53.21 -4.52
N ARG P 113 18.88 54.09 -4.57
CA ARG P 113 19.10 54.92 -5.75
C ARG P 113 19.64 54.09 -6.92
C1 CAP Q . -42.55 -22.07 -19.68
C2 CAP Q . -42.24 -20.95 -20.67
C3 CAP Q . -40.74 -20.86 -20.94
C4 CAP Q . -40.30 -19.44 -21.26
C5 CAP Q . -38.80 -19.40 -21.54
C CAP Q . -42.96 -21.23 -21.98
O1 CAP Q . -43.94 -22.14 -19.49
O2 CAP Q . -42.70 -19.69 -20.12
O3 CAP Q . -40.03 -21.34 -19.82
O4 CAP Q . -41.00 -18.95 -22.37
O5 CAP Q . -38.11 -20.18 -20.59
O6 CAP Q . -43.24 -22.41 -22.30
O7 CAP Q . -43.29 -20.30 -22.74
P1 CAP Q . -44.57 -23.06 -18.33
P2 CAP Q . -36.74 -19.67 -19.93
O1P CAP Q . -44.06 -24.47 -18.52
O2P CAP Q . -44.13 -22.54 -16.98
O3P CAP Q . -46.08 -23.04 -18.42
O4P CAP Q . -35.61 -19.89 -20.91
O5P CAP Q . -36.49 -20.48 -18.67
O6P CAP Q . -36.85 -18.20 -19.60
MG MG R . -34.07 -15.18 -20.80
MG MG S . -12.05 3.31 -44.77
C1 CAP T . 17.96 -21.00 43.72
C2 CAP T . 18.93 -19.86 43.42
C3 CAP T . 18.17 -18.60 43.02
C4 CAP T . 18.98 -17.73 42.07
C5 CAP T . 18.16 -16.51 41.64
C CAP T . 19.76 -19.57 44.66
O1 CAP T . 18.68 -22.11 44.21
O2 CAP T . 19.80 -20.26 42.33
O3 CAP T . 16.95 -18.97 42.40
O4 CAP T . 20.16 -17.30 42.69
O5 CAP T . 16.84 -16.91 41.34
O6 CAP T . 20.90 -19.10 44.56
O7 CAP T . 19.30 -19.81 45.79
P1 CAP T . 17.96 -23.54 44.34
P2 CAP T . 16.20 -16.63 39.90
O1P CAP T . 17.75 -24.13 42.97
O2P CAP T . 16.63 -23.33 45.02
O3P CAP T . 18.82 -24.47 45.18
O4P CAP T . 17.22 -16.94 38.84
O5P CAP T . 15.80 -15.18 39.80
O6P CAP T . 14.97 -17.51 39.74
MG MG U . 18.53 -12.98 35.54
MG MG V . 25.11 21.41 24.49
C1 CAP W . 45.98 -4.13 -23.27
C2 CAP W . 45.74 -5.46 -22.56
C3 CAP W . 44.33 -5.96 -22.83
C4 CAP W . 43.85 -6.95 -21.78
C5 CAP W . 42.38 -7.31 -22.01
C CAP W . 46.75 -6.47 -23.08
O1 CAP W . 47.31 -3.73 -23.08
O2 CAP W . 45.93 -5.28 -21.13
O3 CAP W . 43.45 -4.86 -22.87
O4 CAP W . 44.63 -8.13 -21.81
O5 CAP W . 41.66 -6.16 -22.37
O6 CAP W . 47.20 -6.37 -24.24
O7 CAP W . 47.13 -7.42 -22.36
P1 CAP W . 47.69 -2.17 -23.14
P2 CAP W . 40.44 -5.63 -21.47
O1P CAP W . 49.19 -2.01 -23.27
O2P CAP W . 47.20 -1.49 -21.88
O3P CAP W . 47.01 -1.56 -24.34
O4P CAP W . 39.20 -6.44 -21.77
O5P CAP W . 40.18 -4.17 -21.81
O6P CAP W . 40.80 -5.81 -20.02
MG MG X . 39.40 -6.82 -18.35
C1 CAP Y . -7.62 11.77 -50.02
C2 CAP Y . -8.47 10.53 -49.79
C3 CAP Y . -9.08 10.55 -48.39
C4 CAP Y . -9.35 9.15 -47.85
C5 CAP Y . -10.06 9.25 -46.49
C CAP Y . -9.60 10.52 -50.81
O1 CAP Y . -7.20 11.82 -51.37
O2 CAP Y . -7.65 9.34 -49.94
O3 CAP Y . -8.21 11.23 -47.51
O4 CAP Y . -10.16 8.42 -48.74
O5 CAP Y . -9.49 10.29 -45.74
O6 CAP Y . -10.11 9.43 -51.19
O7 CAP Y . -10.03 11.59 -51.28
P1 CAP Y . -6.12 12.91 -51.84
P2 CAP Y . -8.93 10.04 -44.25
O1P CAP Y . -6.05 12.95 -53.35
O2P CAP Y . -4.77 12.57 -51.27
O3P CAP Y . -6.56 14.27 -51.33
O4P CAP Y . -8.31 8.67 -44.18
O5P CAP Y . -10.07 10.12 -43.26
O6P CAP Y . -7.90 11.11 -43.94
C1 CAP Z . -21.04 47.66 -1.17
C2 CAP Z . -22.07 46.63 -0.73
C3 CAP Z . -21.52 45.79 0.42
C4 CAP Z . -22.23 44.44 0.51
C5 CAP Z . -21.53 43.52 1.51
C CAP Z . -23.31 47.37 -0.27
O1 CAP Z . -21.57 48.42 -2.24
O2 CAP Z . -22.41 45.77 -1.85
O3 CAP Z . -20.14 45.58 0.23
O4 CAP Z . -23.57 44.62 0.90
O5 CAP Z . -20.14 43.53 1.29
O6 CAP Z . -24.43 46.81 -0.29
O7 CAP Z . -23.22 48.55 0.14
P1 CAP Z . -20.64 49.48 -3.02
P2 CAP Z . -19.32 42.15 1.18
O1P CAP Z . -19.58 48.74 -3.80
O2P CAP Z . -19.99 50.38 -2.00
O3P CAP Z . -21.49 50.30 -3.97
O4P CAP Z . -20.14 41.14 0.40
O5P CAP Z . -19.05 41.61 2.56
O6P CAP Z . -18.00 42.43 0.48
#